data_8JYZ
#
_entry.id   8JYZ
#
_cell.length_a   1.00
_cell.length_b   1.00
_cell.length_c   1.00
_cell.angle_alpha   90.00
_cell.angle_beta   90.00
_cell.angle_gamma   90.00
#
_symmetry.space_group_name_H-M   'P 1'
#
loop_
_entity.id
_entity.type
_entity.pdbx_description
1 polymer 'Gasdermin-like protein rcd-1-1'
2 polymer 'Gasdermin-like protein rcd-1-2'
#
loop_
_entity_poly.entity_id
_entity_poly.type
_entity_poly.pdbx_seq_one_letter_code
_entity_poly.pdbx_strand_id
1 'polypeptide(L)'
;SGRPMDKCWFTLDNAHYPPPSLDSMRSGHPISPASLGHLIPSLAHLDQIINAKAIEPFPATMDIHGPTIIEDFKWDHSHE
YSLSLGGKVPIPLAPAGVPFVDLNVGLGGAFSRSVANYWEFDRLERYIMQPTRSYVQKCIERDEVKRWIAKNKSMMMMGR
WEVYMITGIIVARGGGRKKKEKTTGKEFSVEVTVEVPLIVEAGPGGKRNTARQKTWGTSQTGDFVWAVRLAKITKSGLHS
DWKMETVFGKTSSFRGQKAIF
;
A,C,E,G,I,K,M,O,Q,S,V
2 'polypeptide(L)'
;SGRPMDNEEWFPLKQTHYPPPTIPSMKTGHPTGPISIGHIIPDLRHLDNVINCKGFEPFPPNMDVFTAHYEQCHFGDHLN
SEFVVQAKAAAPIENIVPGVDVTGSAGLHHTNITSDRWEYDSVVEYAVYPTRQYIDRLLESKEVRQYIQKSKKLLGGWCV
YMVTGIMVARGGGRNVTSEEKGAGVSGNVGFQVPGIGEFAPEVGWDTKTKTKVNAHHTTDFVCAIRLVKIAKSGLRSSWT
MKKVTREF
;
B,D,F,H,J,L,N,P,R,T,W
#
# COMPACT_ATOMS: atom_id res chain seq x y z
CA MET A 5 -2.88 40.93 -77.17
C MET A 5 -3.83 41.96 -76.55
N ASP A 6 -3.72 42.14 -75.24
CA ASP A 6 -4.57 43.07 -74.50
C ASP A 6 -3.80 44.24 -73.90
N LYS A 7 -2.58 44.00 -73.42
CA LYS A 7 -1.78 45.03 -72.78
C LYS A 7 -0.94 45.77 -73.83
N CYS A 8 -0.92 47.09 -73.74
CA CYS A 8 -0.23 47.92 -74.72
C CYS A 8 0.54 49.05 -74.04
N TRP A 9 1.23 48.74 -72.94
CA TRP A 9 2.04 49.72 -72.23
C TRP A 9 3.46 49.19 -72.11
N PHE A 10 4.41 49.93 -72.68
CA PHE A 10 5.82 49.55 -72.67
C PHE A 10 6.58 50.39 -71.66
N THR A 11 7.29 49.73 -70.75
CA THR A 11 8.03 50.41 -69.70
C THR A 11 9.40 50.86 -70.19
N LEU A 12 9.86 51.98 -69.66
CA LEU A 12 11.16 52.54 -70.02
C LEU A 12 12.25 51.98 -69.14
N ASP A 13 13.46 51.93 -69.69
CA ASP A 13 14.64 51.46 -68.97
C ASP A 13 15.43 52.61 -68.33
N ASN A 14 15.00 53.85 -68.52
CA ASN A 14 15.68 55.02 -67.97
C ASN A 14 14.68 55.81 -67.13
N ALA A 15 15.09 56.19 -65.92
CA ALA A 15 14.20 56.84 -64.97
C ALA A 15 14.61 58.28 -64.66
N HIS A 16 15.54 58.85 -65.43
CA HIS A 16 16.01 60.20 -65.17
C HIS A 16 15.25 61.27 -65.97
N TYR A 17 14.27 60.88 -66.77
CA TYR A 17 13.47 61.86 -67.50
C TYR A 17 12.53 62.58 -66.54
N PRO A 18 12.58 63.92 -66.46
CA PRO A 18 11.66 64.63 -65.59
C PRO A 18 10.24 64.54 -66.10
N PRO A 19 9.25 64.58 -65.22
CA PRO A 19 7.85 64.48 -65.66
C PRO A 19 7.37 65.79 -66.25
N PRO A 20 6.73 65.75 -67.42
CA PRO A 20 6.20 66.99 -68.02
C PRO A 20 5.06 67.57 -67.19
N SER A 21 4.92 68.88 -67.25
CA SER A 21 3.85 69.59 -66.57
C SER A 21 2.62 69.68 -67.47
N LEU A 22 1.46 69.90 -66.84
CA LEU A 22 0.20 69.93 -67.58
C LEU A 22 0.17 71.09 -68.57
N ASP A 23 0.64 72.27 -68.15
CA ASP A 23 0.68 73.41 -69.07
C ASP A 23 1.71 73.20 -70.16
N SER A 24 2.86 72.61 -69.82
CA SER A 24 3.90 72.38 -70.81
C SER A 24 3.45 71.37 -71.86
N MET A 25 2.80 70.29 -71.43
CA MET A 25 2.36 69.27 -72.39
C MET A 25 1.20 69.78 -73.25
N ARG A 26 0.35 70.66 -72.71
CA ARG A 26 -0.66 71.30 -73.54
C ARG A 26 -0.03 72.20 -74.59
N SER A 27 1.01 72.94 -74.20
CA SER A 27 1.74 73.78 -75.14
C SER A 27 2.72 73.00 -76.00
N GLY A 28 2.89 71.72 -75.74
CA GLY A 28 3.81 70.89 -76.51
C GLY A 28 5.28 71.24 -76.31
N HIS A 29 5.67 71.57 -75.10
CA HIS A 29 7.07 71.87 -74.82
C HIS A 29 7.85 70.57 -74.62
N PRO A 30 8.86 70.28 -75.44
CA PRO A 30 9.63 69.04 -75.27
C PRO A 30 10.70 69.17 -74.19
N ILE A 31 10.25 69.31 -72.95
CA ILE A 31 11.18 69.37 -71.82
C ILE A 31 11.95 68.06 -71.69
N SER A 32 11.25 66.94 -71.82
CA SER A 32 11.86 65.62 -71.77
C SER A 32 11.82 64.96 -73.15
N PRO A 33 12.79 64.08 -73.45
CA PRO A 33 12.72 63.35 -74.72
C PRO A 33 11.46 62.51 -74.87
N ALA A 34 10.93 61.97 -73.78
CA ALA A 34 9.70 61.18 -73.82
C ALA A 34 8.53 62.09 -73.51
N SER A 35 7.83 62.52 -74.56
CA SER A 35 6.66 63.38 -74.41
C SER A 35 5.73 63.17 -75.59
N LEU A 36 4.48 63.59 -75.41
CA LEU A 36 3.47 63.42 -76.45
C LEU A 36 3.81 64.28 -77.67
N GLY A 37 3.58 63.73 -78.85
CA GLY A 37 3.84 64.41 -80.10
C GLY A 37 5.18 64.09 -80.73
N HIS A 38 6.07 63.42 -80.01
CA HIS A 38 7.38 63.08 -80.56
C HIS A 38 7.27 61.87 -81.49
N LEU A 39 8.22 61.79 -82.42
CA LEU A 39 8.32 60.67 -83.35
C LEU A 39 9.68 60.03 -83.18
N ILE A 40 9.70 58.70 -83.00
CA ILE A 40 10.94 57.97 -82.82
C ILE A 40 10.98 56.79 -83.80
N PRO A 41 12.14 56.46 -84.35
CA PRO A 41 12.21 55.26 -85.20
C PRO A 41 11.87 53.98 -84.48
N SER A 42 12.21 53.88 -83.20
CA SER A 42 11.93 52.68 -82.42
C SER A 42 11.94 53.04 -80.94
N LEU A 43 11.44 52.13 -80.12
CA LEU A 43 11.41 52.35 -78.68
C LEU A 43 12.82 52.44 -78.10
N ALA A 44 13.73 51.59 -78.58
CA ALA A 44 15.11 51.61 -78.09
C ALA A 44 15.87 52.85 -78.53
N HIS A 45 15.34 53.62 -79.46
CA HIS A 45 15.97 54.84 -79.96
C HIS A 45 15.14 56.06 -79.60
N LEU A 46 14.68 56.12 -78.34
CA LEU A 46 13.84 57.23 -77.90
C LEU A 46 14.59 58.56 -77.95
N ASP A 47 15.90 58.55 -77.69
CA ASP A 47 16.68 59.77 -77.72
C ASP A 47 16.81 60.34 -79.13
N GLN A 48 16.56 59.53 -80.16
CA GLN A 48 16.64 59.98 -81.55
C GLN A 48 15.25 60.48 -81.99
N ILE A 49 14.91 61.67 -81.49
CA ILE A 49 13.63 62.28 -81.82
C ILE A 49 13.69 62.85 -83.23
N ILE A 50 12.72 62.46 -84.07
CA ILE A 50 12.68 62.96 -85.43
C ILE A 50 12.31 64.45 -85.45
N ASN A 51 11.37 64.84 -84.60
CA ASN A 51 10.94 66.24 -84.55
C ASN A 51 12.04 67.12 -83.99
N ALA A 52 12.31 68.24 -84.65
CA ALA A 52 13.34 69.18 -84.23
C ALA A 52 12.73 70.33 -83.44
N LYS A 53 12.16 69.97 -82.29
CA LYS A 53 11.53 70.93 -81.37
C LYS A 53 10.46 71.77 -82.07
N ALA A 54 9.69 71.12 -82.95
CA ALA A 54 8.59 71.76 -83.67
C ALA A 54 7.36 70.88 -83.52
N ILE A 55 6.61 71.07 -82.44
CA ILE A 55 5.42 70.28 -82.17
C ILE A 55 4.22 70.96 -82.81
N GLU A 56 3.45 70.20 -83.58
CA GLU A 56 2.25 70.74 -84.20
C GLU A 56 1.26 71.18 -83.12
N PRO A 57 0.71 72.39 -83.21
CA PRO A 57 -0.24 72.83 -82.19
C PRO A 57 -1.46 71.93 -82.10
N PHE A 58 -1.93 71.69 -80.89
CA PHE A 58 -3.09 70.85 -80.67
C PHE A 58 -4.36 71.62 -81.01
N PRO A 59 -5.19 71.14 -81.93
CA PRO A 59 -6.46 71.82 -82.21
C PRO A 59 -7.44 71.66 -81.06
N ALA A 60 -8.58 72.34 -81.19
CA ALA A 60 -9.62 72.27 -80.17
C ALA A 60 -10.21 70.89 -80.02
N THR A 61 -10.08 70.03 -81.03
CA THR A 61 -10.61 68.67 -80.96
C THR A 61 -9.67 67.70 -80.27
N MET A 62 -8.46 68.14 -79.91
CA MET A 62 -7.49 67.27 -79.25
C MET A 62 -7.52 67.52 -77.74
N ASP A 63 -7.70 66.44 -76.98
CA ASP A 63 -7.73 66.50 -75.53
C ASP A 63 -6.77 65.48 -74.95
N ILE A 64 -6.31 65.76 -73.73
CA ILE A 64 -5.38 64.87 -73.04
C ILE A 64 -6.18 63.93 -72.14
N HIS A 65 -7.50 64.01 -72.26
CA HIS A 65 -8.44 63.17 -71.49
C HIS A 65 -8.22 63.46 -70.01
N GLY A 66 -8.11 62.46 -69.14
CA GLY A 66 -7.98 62.69 -67.72
C GLY A 66 -6.86 61.91 -67.09
N PRO A 67 -6.41 62.35 -65.91
CA PRO A 67 -5.33 61.65 -65.17
C PRO A 67 -5.81 60.41 -64.43
N THR A 68 -5.85 59.29 -65.14
CA THR A 68 -6.25 58.02 -64.54
C THR A 68 -5.19 57.58 -63.53
N ILE A 69 -5.60 57.48 -62.26
CA ILE A 69 -4.68 57.23 -61.16
C ILE A 69 -4.77 55.78 -60.74
N ILE A 70 -3.61 55.16 -60.51
CA ILE A 70 -3.50 53.79 -60.04
C ILE A 70 -2.74 53.79 -58.72
N GLU A 71 -3.30 53.16 -57.70
CA GLU A 71 -2.69 53.13 -56.37
C GLU A 71 -2.36 51.70 -55.98
N ASP A 72 -1.33 51.56 -55.15
CA ASP A 72 -0.90 50.28 -54.59
C ASP A 72 -0.64 49.25 -55.69
N PHE A 73 0.28 49.60 -56.58
CA PHE A 73 0.64 48.76 -57.72
C PHE A 73 1.85 47.90 -57.33
N LYS A 74 1.60 46.64 -57.04
CA LYS A 74 2.64 45.67 -56.69
C LYS A 74 2.53 44.48 -57.62
N TRP A 75 3.61 44.17 -58.33
CA TRP A 75 3.61 43.04 -59.25
C TRP A 75 4.92 42.26 -59.09
N ASP A 76 4.81 40.94 -59.15
CA ASP A 76 5.93 40.03 -59.00
C ASP A 76 6.04 39.17 -60.26
N HIS A 77 7.26 39.00 -60.76
CA HIS A 77 7.50 38.23 -61.98
C HIS A 77 8.78 37.43 -61.80
N SER A 78 8.65 36.10 -61.77
CA SER A 78 9.79 35.19 -61.74
C SER A 78 9.84 34.44 -63.07
N HIS A 79 10.92 34.65 -63.84
CA HIS A 79 11.12 33.99 -65.11
C HIS A 79 12.37 33.14 -65.01
N GLU A 80 12.19 31.82 -64.90
CA GLU A 80 13.29 30.89 -64.75
C GLU A 80 13.16 29.79 -65.79
N TYR A 81 14.30 29.39 -66.35
CA TYR A 81 14.35 28.31 -67.32
C TYR A 81 15.66 27.56 -67.17
N SER A 82 15.68 26.33 -67.66
CA SER A 82 16.86 25.48 -67.55
C SER A 82 16.94 24.58 -68.78
N LEU A 83 18.02 24.70 -69.54
CA LEU A 83 18.27 23.85 -70.68
C LEU A 83 19.46 22.94 -70.42
N SER A 84 19.41 21.74 -70.99
CA SER A 84 20.50 20.78 -70.88
C SER A 84 20.61 20.00 -72.17
N LEU A 85 21.82 19.52 -72.45
CA LEU A 85 22.09 18.76 -73.65
C LEU A 85 23.25 17.81 -73.40
N GLY A 86 23.23 16.68 -74.08
CA GLY A 86 24.30 15.70 -73.95
C GLY A 86 24.80 15.20 -75.30
N GLY A 87 26.05 15.51 -75.62
CA GLY A 87 26.63 15.04 -76.87
C GLY A 87 27.71 14.00 -76.66
N LYS A 88 27.42 12.75 -77.01
CA LYS A 88 28.34 11.65 -76.83
C LYS A 88 28.74 11.10 -78.19
N VAL A 89 30.04 11.08 -78.47
CA VAL A 89 30.58 10.59 -79.73
C VAL A 89 31.56 9.46 -79.40
N PRO A 90 31.54 8.35 -80.14
CA PRO A 90 32.48 7.25 -79.90
C PRO A 90 33.88 7.54 -80.43
N LEU A 103 36.89 3.96 -78.63
CA LEU A 103 36.81 5.34 -78.19
C LEU A 103 35.41 5.69 -77.71
N ASN A 104 35.32 6.52 -76.68
CA ASN A 104 34.04 6.98 -76.18
C ASN A 104 34.25 8.29 -75.42
N VAL A 105 33.55 9.34 -75.85
CA VAL A 105 33.64 10.66 -75.23
C VAL A 105 32.23 11.19 -75.01
N GLY A 106 31.94 11.62 -73.80
CA GLY A 106 30.64 12.18 -73.46
C GLY A 106 30.78 13.60 -72.98
N LEU A 107 29.81 14.44 -73.37
CA LEU A 107 29.79 15.85 -72.99
C LEU A 107 28.43 16.17 -72.39
N GLY A 108 28.44 16.78 -71.21
CA GLY A 108 27.21 17.20 -70.57
C GLY A 108 27.18 18.69 -70.29
N GLY A 109 26.26 19.41 -70.95
CA GLY A 109 26.17 20.84 -70.78
C GLY A 109 24.82 21.30 -70.28
N ALA A 110 24.81 21.94 -69.11
CA ALA A 110 23.58 22.45 -68.52
C ALA A 110 23.70 23.95 -68.28
N PHE A 111 22.63 24.68 -68.57
CA PHE A 111 22.59 26.12 -68.40
C PHE A 111 21.27 26.50 -67.77
N SER A 112 21.32 27.04 -66.56
CA SER A 112 20.14 27.47 -65.83
C SER A 112 20.21 28.95 -65.55
N ARG A 113 19.17 29.69 -65.95
CA ARG A 113 19.08 31.12 -65.72
C ARG A 113 17.74 31.43 -65.08
N SER A 114 17.78 32.13 -63.94
CA SER A 114 16.58 32.55 -63.24
C SER A 114 16.65 34.06 -63.00
N VAL A 115 15.59 34.77 -63.38
CA VAL A 115 15.48 36.21 -63.19
C VAL A 115 14.20 36.49 -62.44
N ALA A 116 14.32 37.03 -61.23
CA ALA A 116 13.17 37.32 -60.38
C ALA A 116 13.09 38.82 -60.17
N ASN A 117 11.96 39.42 -60.57
CA ASN A 117 11.72 40.83 -60.41
C ASN A 117 10.57 41.06 -59.44
N TYR A 118 10.70 42.12 -58.63
CA TYR A 118 9.67 42.47 -57.66
C TYR A 118 9.62 43.99 -57.56
N TRP A 119 8.51 44.58 -58.01
CA TRP A 119 8.35 46.02 -58.03
C TRP A 119 7.14 46.40 -57.17
N GLU A 120 7.27 47.52 -56.46
CA GLU A 120 6.15 48.10 -55.71
C GLU A 120 6.12 49.59 -55.95
N PHE A 121 4.94 50.11 -56.27
CA PHE A 121 4.75 51.54 -56.50
C PHE A 121 3.49 52.00 -55.79
N ASP A 122 3.49 53.27 -55.38
CA ASP A 122 2.37 53.80 -54.61
C ASP A 122 1.35 54.53 -55.48
N ARG A 123 1.79 55.37 -56.40
CA ARG A 123 0.89 56.14 -57.24
C ARG A 123 1.41 56.22 -58.66
N LEU A 124 0.56 55.88 -59.62
CA LEU A 124 0.85 56.04 -61.04
C LEU A 124 -0.26 56.87 -61.67
N GLU A 125 0.12 57.72 -62.62
CA GLU A 125 -0.81 58.66 -63.23
C GLU A 125 -0.75 58.54 -64.74
N ARG A 126 -1.91 58.37 -65.38
CA ARG A 126 -2.00 58.08 -66.80
C ARG A 126 -2.49 59.30 -67.57
N TYR A 127 -1.84 59.60 -68.68
CA TYR A 127 -2.30 60.61 -69.62
C TYR A 127 -2.30 60.01 -71.03
N ILE A 128 -3.34 60.31 -71.79
CA ILE A 128 -3.55 59.66 -73.09
C ILE A 128 -4.27 60.63 -74.01
N MET A 129 -3.90 60.59 -75.30
CA MET A 129 -4.56 61.38 -76.32
C MET A 129 -4.80 60.49 -77.55
N GLN A 130 -5.82 60.86 -78.33
CA GLN A 130 -6.21 60.08 -79.50
C GLN A 130 -5.82 60.82 -80.77
N PRO A 131 -4.84 60.33 -81.54
CA PRO A 131 -4.47 61.00 -82.78
C PRO A 131 -5.59 60.93 -83.82
N THR A 132 -5.62 61.94 -84.68
CA THR A 132 -6.60 62.03 -85.76
C THR A 132 -5.89 61.98 -87.11
N ARG A 133 -6.67 61.70 -88.16
CA ARG A 133 -6.11 61.61 -89.50
C ARG A 133 -5.50 62.93 -89.95
N SER A 134 -6.20 64.05 -89.69
CA SER A 134 -5.69 65.35 -90.11
C SER A 134 -4.40 65.71 -89.39
N TYR A 135 -4.35 65.46 -88.07
CA TYR A 135 -3.17 65.84 -87.30
C TYR A 135 -1.93 65.05 -87.74
N VAL A 136 -2.09 63.75 -87.96
CA VAL A 136 -0.96 62.93 -88.40
C VAL A 136 -0.50 63.35 -89.79
N GLN A 137 -1.46 63.65 -90.67
CA GLN A 137 -1.11 64.10 -92.01
C GLN A 137 -0.35 65.42 -91.98
N LYS A 138 -0.75 66.33 -91.09
CA LYS A 138 -0.02 67.58 -90.92
C LYS A 138 1.40 67.32 -90.41
N CYS A 139 1.55 66.39 -89.46
CA CYS A 139 2.88 66.07 -88.94
C CYS A 139 3.77 65.43 -90.01
N ILE A 140 3.20 64.53 -90.82
CA ILE A 140 4.00 63.82 -91.82
C ILE A 140 4.43 64.70 -92.97
N GLU A 141 3.82 65.88 -93.12
CA GLU A 141 4.18 66.82 -94.18
C GLU A 141 5.26 67.81 -93.76
N ARG A 142 5.79 67.69 -92.56
CA ARG A 142 6.85 68.58 -92.11
C ARG A 142 8.12 68.35 -92.91
N ASP A 143 8.93 69.40 -93.04
CA ASP A 143 10.17 69.30 -93.80
C ASP A 143 11.16 68.36 -93.13
N GLU A 144 11.22 68.36 -91.80
CA GLU A 144 12.14 67.49 -91.09
C GLU A 144 11.82 66.02 -91.35
N VAL A 145 10.54 65.67 -91.33
CA VAL A 145 10.14 64.29 -91.61
C VAL A 145 10.43 63.93 -93.07
N LYS A 146 10.19 64.87 -93.98
CA LYS A 146 10.51 64.63 -95.38
C LYS A 146 12.01 64.42 -95.58
N ARG A 147 12.84 65.19 -94.88
CA ARG A 147 14.27 64.98 -94.93
C ARG A 147 14.64 63.61 -94.37
N TRP A 148 14.03 63.22 -93.26
CA TRP A 148 14.37 61.95 -92.63
C TRP A 148 14.00 60.76 -93.53
N ILE A 149 12.82 60.81 -94.14
CA ILE A 149 12.44 59.72 -95.04
C ILE A 149 13.29 59.76 -96.31
N ALA A 150 13.78 60.94 -96.69
CA ALA A 150 14.69 61.03 -97.83
C ALA A 150 16.06 60.44 -97.52
N LYS A 151 16.42 60.33 -96.24
CA LYS A 151 17.67 59.68 -95.86
C LYS A 151 17.67 58.19 -96.18
N ASN A 152 16.48 57.58 -96.30
CA ASN A 152 16.41 56.17 -96.60
C ASN A 152 16.93 55.89 -98.01
N LYS A 153 17.77 54.87 -98.14
CA LYS A 153 18.39 54.51 -99.42
C LYS A 153 18.38 52.98 -99.54
N SER A 154 17.30 52.45 -100.12
CA SER A 154 17.16 51.01 -100.34
C SER A 154 16.03 50.79 -101.34
N MET A 155 15.96 49.57 -101.85
CA MET A 155 14.92 49.19 -102.80
C MET A 155 13.77 48.42 -102.17
N MET A 156 14.05 47.60 -101.16
CA MET A 156 12.99 46.87 -100.49
C MET A 156 12.02 47.80 -99.79
N MET A 157 12.54 48.83 -99.13
CA MET A 157 11.71 49.84 -98.47
C MET A 157 11.48 51.04 -99.41
N MET A 158 10.78 50.75 -100.51
CA MET A 158 10.46 51.75 -101.53
C MET A 158 9.37 52.67 -100.98
N GLY A 159 9.80 53.64 -100.19
CA GLY A 159 8.86 54.52 -99.51
C GLY A 159 8.30 53.97 -98.23
N ARG A 160 8.87 52.89 -97.70
CA ARG A 160 8.35 52.24 -96.51
C ARG A 160 8.89 52.96 -95.27
N TRP A 161 8.02 53.73 -94.61
CA TRP A 161 8.38 54.43 -93.39
C TRP A 161 7.70 53.75 -92.20
N GLU A 162 8.49 53.46 -91.16
CA GLU A 162 7.98 52.82 -89.95
C GLU A 162 8.41 53.70 -88.77
N VAL A 163 7.57 54.67 -88.42
CA VAL A 163 7.84 55.60 -87.33
C VAL A 163 6.80 55.38 -86.23
N TYR A 164 7.22 55.60 -84.99
CA TYR A 164 6.36 55.46 -83.82
C TYR A 164 6.14 56.83 -83.21
N MET A 165 4.88 57.14 -82.89
CA MET A 165 4.51 58.40 -82.26
C MET A 165 4.08 58.14 -80.82
N ILE A 166 4.61 58.95 -79.90
CA ILE A 166 4.25 58.81 -78.49
C ILE A 166 2.81 59.28 -78.31
N THR A 167 1.94 58.37 -77.85
CA THR A 167 0.53 58.66 -77.70
C THR A 167 0.08 58.76 -76.24
N GLY A 168 0.68 57.99 -75.34
CA GLY A 168 0.29 58.04 -73.94
C GLY A 168 1.52 57.90 -73.05
N ILE A 169 1.43 58.52 -71.89
CA ILE A 169 2.50 58.48 -70.89
C ILE A 169 1.88 58.23 -69.52
N ILE A 170 2.52 57.36 -68.74
CA ILE A 170 2.14 57.13 -67.34
C ILE A 170 3.34 57.49 -66.47
N VAL A 171 3.08 58.30 -65.45
CA VAL A 171 4.13 58.90 -64.63
C VAL A 171 4.00 58.39 -63.21
N ALA A 172 5.12 57.91 -62.64
CA ALA A 172 5.15 57.51 -61.24
C ALA A 172 5.37 58.73 -60.36
N ARG A 173 4.58 58.83 -59.29
CA ARG A 173 4.63 59.97 -58.38
C ARG A 173 4.95 59.44 -56.98
N GLY A 174 6.24 59.36 -56.67
CA GLY A 174 6.68 58.90 -55.36
C GLY A 174 7.70 57.79 -55.43
N GLY A 175 8.21 57.50 -56.62
CA GLY A 175 9.19 56.45 -56.77
C GLY A 175 8.61 55.08 -56.50
N GLY A 176 9.47 54.17 -56.04
CA GLY A 176 9.05 52.82 -55.75
C GLY A 176 10.23 51.97 -55.35
N ARG A 177 9.90 50.76 -54.89
CA ARG A 177 10.90 49.80 -54.43
C ARG A 177 11.08 48.71 -55.47
N LYS A 178 12.32 48.47 -55.88
CA LYS A 178 12.65 47.49 -56.90
C LYS A 178 13.61 46.46 -56.33
N LYS A 179 13.37 45.19 -56.66
CA LYS A 179 14.26 44.10 -56.31
C LYS A 179 14.48 43.23 -57.55
N LYS A 180 15.73 42.98 -57.89
CA LYS A 180 16.07 42.13 -59.02
C LYS A 180 17.11 41.11 -58.59
N GLU A 181 16.89 39.86 -58.96
CA GLU A 181 17.80 38.76 -58.64
C GLU A 181 18.07 37.97 -59.91
N LYS A 182 19.34 37.66 -60.15
CA LYS A 182 19.76 36.93 -61.34
C LYS A 182 20.65 35.78 -60.92
N THR A 183 20.23 34.56 -61.22
CA THR A 183 21.01 33.35 -60.95
C THR A 183 21.40 32.71 -62.27
N THR A 184 22.70 32.43 -62.42
CA THR A 184 23.23 31.80 -63.63
C THR A 184 24.08 30.61 -63.22
N GLY A 185 23.66 29.42 -63.64
CA GLY A 185 24.42 28.21 -63.36
C GLY A 185 24.82 27.49 -64.63
N LYS A 186 26.12 27.40 -64.87
CA LYS A 186 26.66 26.75 -66.07
C LYS A 186 27.52 25.57 -65.63
N GLU A 187 27.07 24.36 -65.95
CA GLU A 187 27.81 23.14 -65.65
C GLU A 187 28.25 22.51 -66.97
N PHE A 188 29.56 22.35 -67.14
CA PHE A 188 30.13 21.82 -68.37
C PHE A 188 31.05 20.67 -67.99
N SER A 189 30.68 19.46 -68.40
CA SER A 189 31.43 18.26 -68.07
C SER A 189 31.77 17.49 -69.34
N VAL A 190 33.02 17.06 -69.44
CA VAL A 190 33.50 16.26 -70.57
C VAL A 190 34.18 15.02 -70.02
N GLU A 191 33.68 13.84 -70.39
CA GLU A 191 34.25 12.57 -69.99
C GLU A 191 34.92 11.94 -71.21
N VAL A 192 36.21 11.68 -71.10
CA VAL A 192 36.97 11.09 -72.21
C VAL A 192 37.48 9.70 -71.82
N PRO A 204 40.46 9.92 -68.49
CA PRO A 204 40.54 11.37 -68.64
C PRO A 204 39.17 12.04 -68.60
N GLY A 205 39.10 13.24 -68.04
CA GLY A 205 37.84 13.96 -67.95
C GLY A 205 37.93 15.25 -67.17
N GLY A 206 37.29 16.30 -67.68
CA GLY A 206 37.28 17.59 -67.00
C GLY A 206 35.89 18.17 -66.87
N LYS A 207 35.54 18.58 -65.65
CA LYS A 207 34.23 19.17 -65.36
C LYS A 207 34.43 20.49 -64.61
N ARG A 208 33.62 21.48 -64.96
CA ARG A 208 33.71 22.80 -64.35
C ARG A 208 32.32 23.38 -64.15
N ASN A 209 32.06 23.90 -62.95
CA ASN A 209 30.79 24.51 -62.61
C ASN A 209 31.01 25.98 -62.31
N THR A 210 30.22 26.84 -62.94
CA THR A 210 30.28 28.28 -62.73
C THR A 210 28.90 28.76 -62.27
N ALA A 211 28.79 29.11 -60.99
CA ALA A 211 27.54 29.56 -60.40
C ALA A 211 27.69 31.02 -59.98
N ARG A 212 26.82 31.87 -60.50
CA ARG A 212 26.81 33.29 -60.18
C ARG A 212 25.42 33.70 -59.72
N GLN A 213 25.38 34.55 -58.70
CA GLN A 213 24.11 35.00 -58.10
C GLN A 213 24.25 36.49 -57.80
N LYS A 214 23.61 37.31 -58.63
CA LYS A 214 23.67 38.77 -58.49
C LYS A 214 22.37 39.29 -57.91
N THR A 215 22.48 40.30 -57.05
CA THR A 215 21.33 40.91 -56.41
C THR A 215 21.41 42.42 -56.55
N TRP A 216 20.25 43.06 -56.64
CA TRP A 216 20.17 44.51 -56.77
C TRP A 216 18.85 44.98 -56.15
N GLY A 217 18.93 45.57 -54.97
CA GLY A 217 17.77 46.15 -54.30
C GLY A 217 17.88 47.67 -54.30
N THR A 218 16.77 48.33 -54.59
CA THR A 218 16.78 49.78 -54.76
C THR A 218 15.46 50.35 -54.26
N SER A 219 15.52 51.61 -53.81
CA SER A 219 14.34 52.38 -53.42
C SER A 219 14.40 53.71 -54.16
N GLN A 220 13.86 53.74 -55.37
CA GLN A 220 13.82 54.97 -56.16
C GLN A 220 12.90 55.99 -55.50
N THR A 221 13.35 57.23 -55.47
CA THR A 221 12.59 58.33 -54.89
C THR A 221 12.52 59.48 -55.89
N GLY A 222 11.32 60.01 -56.11
CA GLY A 222 11.14 61.14 -57.00
C GLY A 222 10.09 60.91 -58.07
N ASP A 223 9.64 62.00 -58.70
CA ASP A 223 8.65 61.93 -59.76
C ASP A 223 9.35 61.78 -61.11
N PHE A 224 8.90 60.83 -61.92
CA PHE A 224 9.52 60.55 -63.20
C PHE A 224 8.56 59.74 -64.06
N VAL A 225 8.72 59.87 -65.38
CA VAL A 225 7.90 59.11 -66.30
C VAL A 225 8.20 57.62 -66.15
N TRP A 226 7.16 56.79 -66.20
CA TRP A 226 7.29 55.37 -65.93
C TRP A 226 7.19 54.50 -67.17
N ALA A 227 6.21 54.76 -68.04
CA ALA A 227 6.05 53.98 -69.26
C ALA A 227 5.34 54.84 -70.30
N VAL A 228 5.42 54.41 -71.55
CA VAL A 228 4.84 55.13 -72.68
C VAL A 228 4.11 54.15 -73.58
N ARG A 229 3.05 54.66 -74.23
CA ARG A 229 2.30 53.90 -75.22
C ARG A 229 2.50 54.55 -76.58
N LEU A 230 2.88 53.73 -77.56
CA LEU A 230 3.18 54.22 -78.90
C LEU A 230 2.21 53.62 -79.91
N ALA A 231 1.92 54.39 -80.96
CA ALA A 231 1.08 53.95 -82.06
C ALA A 231 1.94 53.87 -83.32
N LYS A 232 2.02 52.68 -83.91
CA LYS A 232 2.86 52.46 -85.08
C LYS A 232 2.19 53.06 -86.32
N ILE A 233 2.98 53.80 -87.10
CA ILE A 233 2.53 54.37 -88.36
C ILE A 233 3.37 53.77 -89.47
N THR A 234 2.73 53.15 -90.45
CA THR A 234 3.41 52.48 -91.55
C THR A 234 2.81 52.90 -92.88
N LYS A 235 3.64 52.84 -93.92
CA LYS A 235 3.20 53.21 -95.27
C LYS A 235 4.10 52.48 -96.26
N SER A 236 3.55 51.47 -96.93
CA SER A 236 4.36 50.66 -97.86
C SER A 236 4.89 51.50 -99.00
N GLY A 237 4.07 52.39 -99.56
CA GLY A 237 4.51 53.23 -100.65
C GLY A 237 3.51 54.34 -100.89
N LEU A 238 3.85 55.20 -101.86
CA LEU A 238 2.97 56.31 -102.20
C LEU A 238 1.66 55.81 -102.82
N HIS A 239 1.68 54.66 -103.50
CA HIS A 239 0.46 54.11 -104.06
C HIS A 239 -0.53 53.72 -102.97
N SER A 240 -0.04 53.13 -101.89
CA SER A 240 -0.89 52.74 -100.77
C SER A 240 -1.08 53.91 -99.80
N ASP A 241 -2.10 53.79 -98.95
CA ASP A 241 -2.40 54.80 -97.96
C ASP A 241 -1.68 54.48 -96.65
N TRP A 242 -1.17 55.51 -95.99
CA TRP A 242 -0.47 55.32 -94.73
C TRP A 242 -1.45 54.95 -93.63
N LYS A 243 -1.13 53.92 -92.86
CA LYS A 243 -1.99 53.41 -91.82
C LYS A 243 -1.34 53.59 -90.46
N MET A 244 -2.18 53.65 -89.42
CA MET A 244 -1.72 53.76 -88.05
C MET A 244 -2.52 52.80 -87.17
N GLU A 245 -1.85 52.26 -86.16
CA GLU A 245 -2.49 51.33 -85.23
C GLU A 245 -1.68 51.27 -83.95
N THR A 246 -2.38 51.17 -82.83
CA THR A 246 -1.71 51.02 -81.54
C THR A 246 -1.03 49.66 -81.44
N VAL A 247 0.20 49.65 -80.94
CA VAL A 247 0.98 48.43 -80.85
C VAL A 247 0.51 47.61 -79.66
N PHE A 248 0.21 46.33 -79.90
CA PHE A 248 -0.20 45.40 -78.85
C PHE A 248 0.82 44.27 -78.76
N GLY A 249 0.98 43.73 -77.55
CA GLY A 249 1.92 42.66 -77.32
C GLY A 249 3.34 43.14 -77.16
N LYS A 250 4.18 42.89 -78.16
CA LYS A 250 5.56 43.33 -78.16
C LYS A 250 5.83 44.19 -79.39
N THR A 251 6.83 45.06 -79.26
CA THR A 251 7.19 45.94 -80.37
C THR A 251 7.89 45.16 -81.48
N SER A 252 7.93 45.77 -82.66
CA SER A 252 8.54 45.14 -83.83
C SER A 252 10.06 45.05 -83.74
N SER A 253 10.67 45.72 -82.77
CA SER A 253 12.13 45.69 -82.64
C SER A 253 12.60 44.31 -82.20
N PHE A 254 13.89 44.05 -82.40
CA PHE A 254 14.46 42.77 -82.05
C PHE A 254 14.43 42.54 -80.55
N ARG A 255 13.91 41.38 -80.15
CA ARG A 255 13.79 41.00 -78.74
C ARG A 255 13.04 42.07 -77.94
N GLY A 256 12.00 42.63 -78.55
CA GLY A 256 11.20 43.66 -77.91
C GLY A 256 10.52 43.19 -76.64
N GLN A 257 10.62 43.98 -75.58
CA GLN A 257 10.00 43.61 -74.31
C GLN A 257 8.48 43.67 -74.43
N LYS A 258 7.82 42.68 -73.82
CA LYS A 258 6.37 42.61 -73.87
C LYS A 258 5.75 43.65 -72.94
N ALA A 259 4.53 44.06 -73.26
CA ALA A 259 3.84 45.03 -72.43
C ALA A 259 3.58 44.48 -71.04
N ILE A 260 3.84 45.32 -70.03
CA ILE A 260 3.66 44.89 -68.65
C ILE A 260 2.17 44.80 -68.30
N PHE A 261 1.42 45.85 -68.58
CA PHE A 261 -0.01 45.87 -68.27
C PHE A 261 -0.75 46.91 -69.10
CA GLU B 8 -23.05 37.73 -75.17
C GLU B 8 -23.68 39.12 -75.20
N GLU B 9 -24.27 39.52 -74.07
CA GLU B 9 -24.95 40.81 -74.00
C GLU B 9 -23.97 41.97 -74.13
N TRP B 10 -22.79 41.86 -73.51
CA TRP B 10 -21.83 42.95 -73.48
C TRP B 10 -20.44 42.43 -73.77
N PHE B 11 -19.60 43.32 -74.30
CA PHE B 11 -18.19 43.01 -74.56
C PHE B 11 -17.32 43.75 -73.57
N PRO B 12 -16.69 43.07 -72.61
CA PRO B 12 -15.85 43.77 -71.63
C PRO B 12 -14.55 44.26 -72.27
N LEU B 13 -14.17 45.49 -71.92
CA LEU B 13 -12.92 46.07 -72.38
C LEU B 13 -11.84 45.87 -71.34
N LYS B 14 -10.70 45.30 -71.75
CA LYS B 14 -9.56 45.13 -70.86
C LYS B 14 -8.62 46.33 -70.94
N GLN B 15 -9.19 47.53 -70.80
CA GLN B 15 -8.44 48.78 -70.87
C GLN B 15 -9.00 49.74 -69.84
N THR B 16 -8.13 50.56 -69.24
CA THR B 16 -8.58 51.51 -68.19
C THR B 16 -8.02 52.91 -68.51
N HIS B 17 -7.61 53.14 -69.76
CA HIS B 17 -7.06 54.46 -70.16
C HIS B 17 -8.15 55.27 -70.87
N TYR B 18 -9.42 54.91 -70.64
CA TYR B 18 -10.55 55.64 -71.28
C TYR B 18 -11.43 56.26 -70.18
N PRO B 19 -11.34 57.59 -69.95
CA PRO B 19 -12.18 58.26 -68.96
C PRO B 19 -13.63 58.28 -69.40
N PRO B 20 -14.57 58.35 -68.46
CA PRO B 20 -15.99 58.34 -68.82
C PRO B 20 -16.45 59.70 -69.31
N PRO B 21 -17.38 59.73 -70.26
CA PRO B 21 -17.97 61.00 -70.67
C PRO B 21 -18.85 61.57 -69.58
N THR B 22 -18.99 62.90 -69.58
CA THR B 22 -19.87 63.55 -68.63
C THR B 22 -21.31 63.48 -69.11
N ILE B 23 -22.23 63.59 -68.15
CA ILE B 23 -23.66 63.48 -68.48
C ILE B 23 -24.13 64.58 -69.41
N PRO B 24 -23.82 65.86 -69.19
CA PRO B 24 -24.32 66.89 -70.13
C PRO B 24 -23.85 66.70 -71.56
N SER B 25 -22.64 66.20 -71.77
CA SER B 25 -22.10 65.97 -73.10
C SER B 25 -22.44 64.61 -73.67
N MET B 26 -23.19 63.79 -72.91
CA MET B 26 -23.53 62.45 -73.40
C MET B 26 -24.43 62.52 -74.63
N LYS B 27 -25.41 63.42 -74.63
CA LYS B 27 -26.42 63.47 -75.69
C LYS B 27 -26.45 64.82 -76.41
N THR B 28 -25.38 65.61 -76.30
CA THR B 28 -25.31 66.89 -76.97
C THR B 28 -24.79 66.81 -78.40
N GLY B 29 -24.32 65.64 -78.83
CA GLY B 29 -23.76 65.47 -80.15
C GLY B 29 -22.26 65.64 -80.23
N HIS B 30 -21.64 66.23 -79.21
CA HIS B 30 -20.19 66.43 -79.16
C HIS B 30 -19.68 65.82 -77.86
N PRO B 31 -19.32 64.54 -77.88
CA PRO B 31 -18.86 63.88 -76.66
C PRO B 31 -17.53 64.44 -76.17
N THR B 32 -17.34 64.37 -74.85
CA THR B 32 -16.12 64.82 -74.21
C THR B 32 -15.20 63.67 -73.79
N GLY B 33 -15.49 62.46 -74.25
CA GLY B 33 -14.69 61.31 -73.89
C GLY B 33 -14.23 60.52 -75.10
N PRO B 34 -13.23 59.66 -74.90
CA PRO B 34 -12.72 58.87 -76.04
C PRO B 34 -13.77 57.94 -76.64
N ILE B 35 -14.66 57.38 -75.82
CA ILE B 35 -15.70 56.48 -76.28
C ILE B 35 -17.04 56.94 -75.71
N SER B 36 -18.02 57.13 -76.59
CA SER B 36 -19.34 57.57 -76.18
C SER B 36 -20.36 57.03 -77.17
N ILE B 37 -21.63 57.07 -76.78
CA ILE B 37 -22.71 56.60 -77.63
C ILE B 37 -22.83 57.50 -78.85
N GLY B 38 -22.78 56.91 -80.03
CA GLY B 38 -22.84 57.65 -81.28
C GLY B 38 -21.58 57.55 -82.14
N HIS B 39 -20.56 56.82 -81.72
CA HIS B 39 -19.34 56.67 -82.50
C HIS B 39 -19.43 55.47 -83.42
N ILE B 40 -18.62 55.51 -84.48
CA ILE B 40 -18.52 54.42 -85.45
C ILE B 40 -17.07 53.99 -85.53
N ILE B 41 -16.83 52.69 -85.36
CA ILE B 41 -15.47 52.15 -85.41
C ILE B 41 -15.39 51.11 -86.51
N PRO B 42 -14.27 51.02 -87.24
CA PRO B 42 -14.14 49.99 -88.27
C PRO B 42 -14.21 48.57 -87.72
N ASP B 43 -13.69 48.34 -86.53
CA ASP B 43 -13.67 47.01 -85.94
C ASP B 43 -13.45 47.14 -84.44
N LEU B 44 -13.68 46.04 -83.73
CA LEU B 44 -13.48 46.03 -82.29
C LEU B 44 -12.01 46.27 -81.93
N ARG B 45 -11.09 45.64 -82.68
CA ARG B 45 -9.67 45.84 -82.41
C ARG B 45 -9.26 47.28 -82.65
N HIS B 46 -9.74 47.88 -83.74
CA HIS B 46 -9.45 49.28 -84.02
C HIS B 46 -10.43 50.18 -83.29
N LEU B 47 -10.52 50.02 -81.97
CA LEU B 47 -11.50 50.78 -81.18
C LEU B 47 -11.13 52.25 -81.04
N ASP B 48 -9.85 52.60 -81.17
CA ASP B 48 -9.39 53.97 -81.02
C ASP B 48 -9.51 54.79 -82.31
N ASN B 49 -9.92 54.17 -83.41
CA ASN B 49 -10.06 54.86 -84.70
C ASN B 49 -11.52 55.24 -84.88
N VAL B 50 -11.91 56.33 -84.23
CA VAL B 50 -13.28 56.84 -84.34
C VAL B 50 -13.45 57.52 -85.68
N ILE B 51 -14.37 57.01 -86.50
CA ILE B 51 -14.59 57.59 -87.82
C ILE B 51 -15.22 58.97 -87.71
N ASN B 52 -16.25 59.10 -86.86
CA ASN B 52 -16.93 60.38 -86.66
C ASN B 52 -16.28 61.15 -85.50
N CYS B 53 -15.01 61.49 -85.69
CA CYS B 53 -14.27 62.20 -84.65
C CYS B 53 -14.83 63.60 -84.41
N LYS B 54 -15.27 64.27 -85.49
CA LYS B 54 -15.78 65.63 -85.34
C LYS B 54 -17.03 65.66 -84.48
N GLY B 55 -17.95 64.72 -84.69
CA GLY B 55 -19.16 64.65 -83.91
C GLY B 55 -20.26 63.95 -84.68
N PHE B 56 -21.49 64.14 -84.20
CA PHE B 56 -22.65 63.50 -84.81
C PHE B 56 -23.88 64.34 -84.46
N GLU B 57 -24.98 64.04 -85.15
CA GLU B 57 -26.22 64.78 -84.95
C GLU B 57 -26.73 64.57 -83.54
N PRO B 58 -27.32 65.60 -82.91
CA PRO B 58 -27.89 65.42 -81.58
C PRO B 58 -29.07 64.45 -81.61
N PHE B 59 -29.29 63.79 -80.47
CA PHE B 59 -30.36 62.81 -80.38
C PHE B 59 -31.72 63.49 -80.53
N PRO B 60 -32.62 62.96 -81.35
CA PRO B 60 -33.97 63.53 -81.45
C PRO B 60 -34.73 63.37 -80.14
N PRO B 61 -35.77 64.16 -79.93
CA PRO B 61 -36.54 64.03 -78.68
C PRO B 61 -37.13 62.64 -78.46
N ASN B 62 -37.43 61.91 -79.53
CA ASN B 62 -37.90 60.54 -79.38
C ASN B 62 -36.82 59.67 -78.75
N MET B 63 -35.57 59.87 -79.16
CA MET B 63 -34.45 59.12 -78.57
C MET B 63 -34.29 59.47 -77.09
N ASP B 64 -33.99 58.45 -76.30
CA ASP B 64 -33.73 58.64 -74.87
C ASP B 64 -32.77 57.56 -74.41
N VAL B 65 -32.09 57.83 -73.30
CA VAL B 65 -31.11 56.93 -72.71
C VAL B 65 -31.70 56.30 -71.47
N PHE B 66 -31.59 54.98 -71.37
CA PHE B 66 -32.06 54.23 -70.21
C PHE B 66 -30.88 53.89 -69.32
N THR B 67 -31.03 54.13 -68.02
CA THR B 67 -29.96 53.96 -67.06
C THR B 67 -30.29 52.84 -66.08
N ALA B 68 -29.26 52.11 -65.66
CA ALA B 68 -29.37 51.06 -64.65
C ALA B 68 -28.24 51.21 -63.65
N HIS B 69 -28.48 50.73 -62.43
CA HIS B 69 -27.52 50.88 -61.34
C HIS B 69 -27.22 49.51 -60.74
N TYR B 70 -25.96 49.31 -60.35
CA TYR B 70 -25.51 48.06 -59.76
C TYR B 70 -24.55 48.38 -58.62
N GLU B 71 -24.62 47.59 -57.55
CA GLU B 71 -23.75 47.76 -56.39
C GLU B 71 -23.17 46.42 -55.98
N GLN B 72 -21.96 46.48 -55.39
CA GLN B 72 -21.24 45.28 -54.94
C GLN B 72 -21.08 44.26 -56.08
N CYS B 73 -20.84 44.75 -57.28
CA CYS B 73 -20.66 43.88 -58.44
C CYS B 73 -19.22 43.40 -58.51
N HIS B 74 -19.05 42.08 -58.62
CA HIS B 74 -17.73 41.48 -58.74
C HIS B 74 -17.74 40.43 -59.83
N PHE B 75 -16.58 40.18 -60.42
CA PHE B 75 -16.46 39.26 -61.55
C PHE B 75 -15.13 38.53 -61.45
N GLY B 76 -15.19 37.22 -61.28
CA GLY B 76 -13.98 36.41 -61.22
C GLY B 76 -14.08 35.19 -62.11
N ASP B 77 -12.99 34.89 -62.80
CA ASP B 77 -12.95 33.76 -63.71
C ASP B 77 -11.57 33.10 -63.68
N HIS B 78 -11.53 31.84 -64.10
CA HIS B 78 -10.31 31.06 -64.13
C HIS B 78 -10.20 30.36 -65.48
N LEU B 79 -8.99 29.89 -65.79
CA LEU B 79 -8.76 29.19 -67.05
C LEU B 79 -7.58 28.24 -66.87
N ASN B 80 -7.76 27.00 -67.29
CA ASN B 80 -6.70 26.00 -67.28
C ASN B 80 -6.59 25.38 -68.66
N SER B 81 -5.38 25.40 -69.22
CA SER B 81 -5.12 24.82 -70.53
C SER B 81 -3.89 23.92 -70.43
N GLU B 82 -4.08 22.63 -70.66
CA GLU B 82 -3.02 21.63 -70.54
C GLU B 82 -2.86 20.93 -71.88
N PHE B 83 -2.00 21.48 -72.75
CA PHE B 83 -1.69 20.87 -74.03
C PHE B 83 -0.54 19.90 -73.83
N VAL B 84 -0.84 18.60 -73.84
CA VAL B 84 0.14 17.55 -73.57
C VAL B 84 0.25 16.65 -74.78
N VAL B 85 1.49 16.44 -75.24
CA VAL B 85 1.79 15.54 -76.34
C VAL B 85 2.83 14.54 -75.87
N GLN B 86 2.48 13.25 -75.90
CA GLN B 86 3.38 12.18 -75.49
C GLN B 86 3.63 11.25 -76.66
N ALA B 87 4.91 10.95 -76.91
CA ALA B 87 5.30 10.07 -78.00
C ALA B 87 6.48 9.18 -77.60
N SER B 105 9.51 10.70 -81.05
CA SER B 105 10.26 10.62 -79.80
C SER B 105 10.45 11.98 -79.17
N ALA B 106 9.34 12.61 -78.77
CA ALA B 106 9.37 13.92 -78.16
C ALA B 106 8.23 14.05 -77.16
N GLY B 107 8.39 14.94 -76.19
CA GLY B 107 7.37 15.19 -75.20
C GLY B 107 7.14 16.68 -74.97
N LEU B 108 5.89 17.12 -75.13
CA LEU B 108 5.53 18.53 -74.99
C LEU B 108 4.49 18.67 -73.89
N HIS B 109 4.70 19.66 -73.02
CA HIS B 109 3.78 19.94 -71.92
C HIS B 109 3.63 21.46 -71.82
N HIS B 110 2.49 21.98 -72.26
CA HIS B 110 2.19 23.40 -72.19
C HIS B 110 1.03 23.58 -71.21
N THR B 111 1.31 24.15 -70.05
CA THR B 111 0.32 24.36 -69.00
C THR B 111 0.12 25.85 -68.80
N ASN B 112 -1.10 26.31 -69.04
CA ASN B 112 -1.47 27.71 -68.83
C ASN B 112 -2.53 27.78 -67.74
N ILE B 113 -2.26 28.58 -66.71
CA ILE B 113 -3.19 28.79 -65.61
C ILE B 113 -3.38 30.29 -65.46
N THR B 114 -4.61 30.77 -65.66
CA THR B 114 -4.94 32.18 -65.61
C THR B 114 -6.06 32.42 -64.60
N SER B 115 -5.91 33.45 -63.79
CA SER B 115 -6.91 33.82 -62.80
C SER B 115 -7.11 35.33 -62.82
N ASP B 116 -8.37 35.76 -62.95
CA ASP B 116 -8.71 37.17 -62.97
C ASP B 116 -9.83 37.43 -61.98
N ARG B 117 -9.72 38.54 -61.24
CA ARG B 117 -10.73 38.93 -60.28
C ARG B 117 -10.92 40.44 -60.32
N TRP B 118 -12.16 40.88 -60.51
CA TRP B 118 -12.52 42.28 -60.46
C TRP B 118 -13.58 42.48 -59.38
N GLU B 119 -13.33 43.42 -58.47
CA GLU B 119 -14.27 43.75 -57.41
C GLU B 119 -14.59 45.23 -57.50
N TYR B 120 -15.76 45.56 -58.04
CA TYR B 120 -16.18 46.94 -58.20
C TYR B 120 -16.87 47.42 -56.92
N ASP B 121 -17.35 48.66 -56.95
CA ASP B 121 -18.08 49.22 -55.82
C ASP B 121 -19.43 49.78 -56.27
N SER B 122 -19.46 50.35 -57.47
CA SER B 122 -20.68 50.89 -58.03
C SER B 122 -20.54 50.95 -59.54
N VAL B 123 -21.58 50.51 -60.25
CA VAL B 123 -21.58 50.44 -61.71
C VAL B 123 -22.86 51.06 -62.23
N VAL B 124 -22.74 51.85 -63.29
CA VAL B 124 -23.88 52.46 -63.96
C VAL B 124 -23.86 52.02 -65.43
N GLU B 125 -25.05 51.78 -65.99
CA GLU B 125 -25.18 51.29 -67.35
C GLU B 125 -26.13 52.19 -68.12
N TYR B 126 -25.67 52.66 -69.29
CA TYR B 126 -26.47 53.51 -70.17
C TYR B 126 -26.71 52.76 -71.47
N ALA B 127 -27.97 52.75 -71.93
CA ALA B 127 -28.33 52.06 -73.17
C ALA B 127 -29.26 52.93 -73.99
N VAL B 128 -29.26 52.68 -75.30
CA VAL B 128 -30.10 53.40 -76.25
C VAL B 128 -30.52 52.42 -77.35
N TYR B 129 -31.51 52.82 -78.14
CA TYR B 129 -32.00 52.01 -79.25
C TYR B 129 -32.00 52.84 -80.52
N PRO B 130 -31.44 52.33 -81.62
CA PRO B 130 -31.36 53.12 -82.85
C PRO B 130 -32.67 53.12 -83.62
N THR B 131 -32.69 53.94 -84.67
CA THR B 131 -33.82 54.04 -85.58
C THR B 131 -33.31 54.07 -87.00
N ARG B 132 -34.14 53.58 -87.94
CA ARG B 132 -33.74 53.49 -89.33
C ARG B 132 -33.39 54.86 -89.90
N GLN B 133 -34.23 55.87 -89.65
CA GLN B 133 -33.97 57.19 -90.19
C GLN B 133 -32.75 57.84 -89.54
N TYR B 134 -32.54 57.60 -88.24
CA TYR B 134 -31.40 58.19 -87.55
C TYR B 134 -30.08 57.62 -88.08
N ILE B 135 -30.04 56.32 -88.34
CA ILE B 135 -28.82 55.72 -88.90
C ILE B 135 -28.61 56.21 -90.32
N ASP B 136 -29.69 56.35 -91.09
CA ASP B 136 -29.56 56.83 -92.47
C ASP B 136 -29.01 58.25 -92.51
N ARG B 137 -29.49 59.14 -91.64
CA ARG B 137 -28.96 60.49 -91.60
C ARG B 137 -27.56 60.52 -91.00
N LEU B 138 -27.22 59.54 -90.16
CA LEU B 138 -25.86 59.45 -89.65
C LEU B 138 -24.88 59.07 -90.75
N LEU B 139 -25.30 58.19 -91.67
CA LEU B 139 -24.47 57.77 -92.78
C LEU B 139 -24.19 58.91 -93.76
N GLU B 140 -24.94 60.01 -93.68
CA GLU B 140 -24.73 61.17 -94.55
C GLU B 140 -23.67 62.12 -94.02
N SER B 141 -23.07 61.82 -92.87
CA SER B 141 -22.03 62.68 -92.32
C SER B 141 -20.79 62.65 -93.22
N LYS B 142 -20.03 63.75 -93.17
CA LYS B 142 -18.88 63.90 -94.06
C LYS B 142 -17.86 62.80 -93.85
N GLU B 143 -17.44 62.58 -92.60
CA GLU B 143 -16.46 61.54 -92.31
C GLU B 143 -17.03 60.15 -92.60
N VAL B 144 -18.30 59.93 -92.25
CA VAL B 144 -18.91 58.63 -92.49
C VAL B 144 -19.04 58.36 -93.98
N ARG B 145 -19.46 59.35 -94.75
CA ARG B 145 -19.63 59.14 -96.19
C ARG B 145 -18.27 58.95 -96.87
N GLN B 146 -17.24 59.64 -96.39
CA GLN B 146 -15.91 59.43 -96.95
C GLN B 146 -15.42 58.01 -96.71
N TYR B 147 -15.63 57.49 -95.49
CA TYR B 147 -15.17 56.14 -95.19
C TYR B 147 -15.93 55.10 -96.00
N ILE B 148 -17.25 55.24 -96.13
CA ILE B 148 -18.03 54.24 -96.84
C ILE B 148 -17.68 54.23 -98.33
N GLN B 149 -17.39 55.41 -98.89
CA GLN B 149 -16.93 55.47 -100.28
C GLN B 149 -15.59 54.77 -100.44
N LYS B 150 -14.66 55.00 -99.52
CA LYS B 150 -13.37 54.32 -99.58
C LYS B 150 -13.51 52.82 -99.41
N SER B 151 -14.37 52.39 -98.48
CA SER B 151 -14.59 50.96 -98.28
C SER B 151 -15.23 50.32 -99.50
N LYS B 152 -16.22 51.00 -100.10
CA LYS B 152 -16.86 50.46 -101.30
C LYS B 152 -15.87 50.41 -102.47
N LYS B 153 -15.02 51.43 -102.60
CA LYS B 153 -14.01 51.42 -103.66
C LYS B 153 -13.01 50.28 -103.46
N LEU B 154 -12.61 50.04 -102.21
CA LEU B 154 -11.62 49.01 -101.93
C LEU B 154 -12.26 47.64 -101.81
N LEU B 155 -13.25 47.50 -100.94
CA LEU B 155 -13.91 46.22 -100.68
C LEU B 155 -15.26 46.16 -101.39
N GLY B 156 -15.66 44.95 -101.76
CA GLY B 156 -16.94 44.78 -102.44
C GLY B 156 -18.12 45.13 -101.54
N GLY B 157 -18.08 44.70 -100.29
CA GLY B 157 -19.13 45.01 -99.34
C GLY B 157 -18.59 45.63 -98.07
N TRP B 158 -19.14 46.79 -97.70
CA TRP B 158 -18.67 47.51 -96.53
C TRP B 158 -19.40 47.03 -95.28
N CYS B 159 -18.73 47.16 -94.14
CA CYS B 159 -19.30 46.80 -92.86
C CYS B 159 -18.64 47.62 -91.77
N VAL B 160 -19.46 48.22 -90.89
CA VAL B 160 -18.98 49.05 -89.80
C VAL B 160 -19.71 48.65 -88.52
N TYR B 161 -19.24 49.20 -87.40
CA TYR B 161 -19.85 48.96 -86.10
C TYR B 161 -20.15 50.28 -85.42
N MET B 162 -21.21 50.29 -84.62
CA MET B 162 -21.61 51.47 -83.87
C MET B 162 -21.78 51.11 -82.40
N VAL B 163 -21.24 51.96 -81.53
CA VAL B 163 -21.37 51.76 -80.09
C VAL B 163 -22.78 52.17 -79.67
N THR B 164 -23.45 51.28 -78.93
CA THR B 164 -24.83 51.49 -78.51
C THR B 164 -24.94 51.86 -77.04
N GLY B 165 -24.33 51.08 -76.15
CA GLY B 165 -24.37 51.37 -74.74
C GLY B 165 -22.98 51.26 -74.13
N ILE B 166 -22.83 51.89 -72.97
CA ILE B 166 -21.58 51.89 -72.23
C ILE B 166 -21.87 51.61 -70.76
N MET B 167 -21.01 50.83 -70.13
CA MET B 167 -21.11 50.54 -68.70
C MET B 167 -19.92 51.19 -68.01
N VAL B 168 -20.20 52.05 -67.02
CA VAL B 168 -19.20 52.89 -66.39
C VAL B 168 -19.12 52.55 -64.92
N ALA B 169 -17.90 52.28 -64.43
CA ALA B 169 -17.69 52.06 -63.02
C ALA B 169 -17.57 53.40 -62.29
N ARG B 170 -17.75 53.35 -60.97
CA ARG B 170 -17.65 54.52 -60.11
C ARG B 170 -16.64 54.26 -59.02
N GLY B 171 -15.60 55.10 -58.95
CA GLY B 171 -14.58 54.95 -57.94
C GLY B 171 -13.59 53.83 -58.19
N GLY B 172 -13.63 53.20 -59.37
CA GLY B 172 -12.72 52.12 -59.67
C GLY B 172 -13.05 50.85 -58.91
N GLY B 173 -12.13 49.91 -58.97
CA GLY B 173 -12.28 48.65 -58.28
C GLY B 173 -10.98 47.88 -58.25
N ARG B 174 -10.87 47.01 -57.24
CA ARG B 174 -9.67 46.20 -57.07
C ARG B 174 -9.56 45.16 -58.18
N ASN B 175 -8.32 44.92 -58.64
CA ASN B 175 -8.05 43.94 -59.67
C ASN B 175 -6.90 43.06 -59.24
N VAL B 176 -7.06 41.75 -59.40
CA VAL B 176 -6.01 40.77 -59.10
C VAL B 176 -5.86 39.86 -60.31
N THR B 177 -4.64 39.73 -60.82
CA THR B 177 -4.36 38.90 -61.98
C THR B 177 -3.22 37.96 -61.63
N SER B 178 -3.39 36.68 -61.96
CA SER B 178 -2.38 35.66 -61.70
C SER B 178 -2.24 34.81 -62.95
N GLU B 179 -1.07 34.86 -63.58
CA GLU B 179 -0.78 34.12 -64.79
C GLU B 179 0.41 33.18 -64.55
N GLU B 180 0.29 31.94 -65.00
CA GLU B 180 1.34 30.95 -64.86
C GLU B 180 1.43 30.16 -66.15
N LYS B 181 2.57 30.27 -66.83
CA LYS B 181 2.80 29.60 -68.10
C LYS B 181 4.03 28.72 -67.98
N GLY B 182 3.83 27.40 -68.11
CA GLY B 182 4.93 26.46 -68.07
C GLY B 182 5.03 25.64 -69.34
N ALA B 183 6.15 25.76 -70.05
CA ALA B 183 6.37 25.04 -71.30
C ALA B 183 7.57 24.13 -71.13
N GLY B 184 7.35 22.82 -71.32
CA GLY B 184 8.43 21.85 -71.24
C GLY B 184 8.49 20.97 -72.47
N VAL B 185 9.59 21.07 -73.22
CA VAL B 185 9.80 20.28 -74.43
C VAL B 185 11.05 19.44 -74.24
N SER B 186 10.91 18.13 -74.40
CA SER B 186 12.02 17.19 -74.29
C SER B 186 12.10 16.40 -75.59
N GLY B 187 13.18 16.60 -76.34
CA GLY B 187 13.38 15.94 -77.62
C GLY B 187 14.54 14.96 -77.54
N ASN B 188 14.31 13.75 -78.00
CA ASN B 188 15.31 12.69 -78.02
C ASN B 188 15.66 12.37 -79.47
N VAL B 189 16.96 12.42 -79.77
CA VAL B 189 17.47 12.16 -81.12
C VAL B 189 18.34 10.91 -81.06
N GLY B 190 18.05 9.97 -81.96
CA GLY B 190 18.82 8.73 -82.01
C GLY B 190 19.02 8.21 -83.42
N PHE B 199 26.12 8.62 -81.38
CA PHE B 199 25.71 10.02 -81.34
C PHE B 199 24.20 10.13 -81.14
N ALA B 200 23.78 10.30 -79.89
CA ALA B 200 22.36 10.40 -79.53
C ALA B 200 22.16 11.63 -78.67
N PRO B 201 22.13 12.82 -79.28
CA PRO B 201 21.91 14.04 -78.50
C PRO B 201 20.50 14.12 -77.96
N GLU B 202 20.36 14.80 -76.82
CA GLU B 202 19.07 15.03 -76.19
C GLU B 202 18.95 16.50 -75.83
N VAL B 203 17.80 17.10 -76.12
CA VAL B 203 17.55 18.51 -75.86
C VAL B 203 16.38 18.62 -74.88
N GLY B 204 16.62 19.30 -73.77
CA GLY B 204 15.58 19.50 -72.78
C GLY B 204 15.39 20.96 -72.40
N TRP B 205 14.24 21.54 -72.74
CA TRP B 205 13.93 22.92 -72.43
C TRP B 205 12.76 22.96 -71.45
N ASP B 206 12.96 23.66 -70.33
CA ASP B 206 11.94 23.75 -69.28
C ASP B 206 11.87 25.21 -68.83
N THR B 207 10.88 25.93 -69.33
CA THR B 207 10.69 27.34 -68.98
C THR B 207 9.40 27.53 -68.19
N LYS B 208 9.44 28.45 -67.23
CA LYS B 208 8.29 28.76 -66.40
C LYS B 208 8.19 30.28 -66.24
N THR B 209 6.96 30.79 -66.25
CA THR B 209 6.72 32.22 -66.10
C THR B 209 5.58 32.44 -65.12
N LYS B 210 5.80 33.27 -64.12
CA LYS B 210 4.78 33.64 -63.14
C LYS B 210 4.61 35.15 -63.14
N THR B 211 3.36 35.60 -62.99
CA THR B 211 3.05 37.03 -62.97
C THR B 211 1.83 37.24 -62.09
N LYS B 212 2.01 37.98 -61.00
CA LYS B 212 0.93 38.34 -60.09
C LYS B 212 0.87 39.85 -59.99
N VAL B 213 -0.23 40.43 -60.45
CA VAL B 213 -0.40 41.89 -60.50
C VAL B 213 -1.58 42.27 -59.63
N ASN B 214 -1.35 43.19 -58.70
CA ASN B 214 -2.40 43.74 -57.84
C ASN B 214 -2.55 45.23 -58.16
N ALA B 215 -3.79 45.66 -58.42
CA ALA B 215 -4.06 47.04 -58.77
C ALA B 215 -5.28 47.53 -58.00
N HIS B 216 -5.22 48.80 -57.59
CA HIS B 216 -6.32 49.46 -56.87
C HIS B 216 -6.61 50.78 -57.57
N HIS B 217 -7.50 50.73 -58.57
CA HIS B 217 -7.91 51.93 -59.27
C HIS B 217 -8.83 52.78 -58.39
N THR B 218 -8.72 54.09 -58.55
CA THR B 218 -9.49 55.05 -57.76
C THR B 218 -10.06 56.14 -58.66
N THR B 219 -10.48 55.77 -59.86
CA THR B 219 -11.09 56.71 -60.79
C THR B 219 -12.05 55.97 -61.71
N ASP B 220 -12.97 56.73 -62.29
CA ASP B 220 -13.99 56.15 -63.15
C ASP B 220 -13.41 55.81 -64.53
N PHE B 221 -13.93 54.74 -65.12
CA PHE B 221 -13.50 54.30 -66.44
C PHE B 221 -14.59 53.46 -67.07
N VAL B 222 -14.50 53.32 -68.39
CA VAL B 222 -15.49 52.56 -69.16
C VAL B 222 -15.20 51.07 -69.04
N CYS B 223 -16.21 50.29 -68.71
CA CYS B 223 -16.05 48.85 -68.50
C CYS B 223 -16.36 48.05 -69.76
N ALA B 224 -17.58 48.18 -70.28
CA ALA B 224 -18.01 47.36 -71.41
C ALA B 224 -18.92 48.18 -72.32
N ILE B 225 -19.01 47.74 -73.57
CA ILE B 225 -19.82 48.41 -74.59
C ILE B 225 -20.61 47.38 -75.37
N ARG B 226 -21.66 47.84 -76.04
CA ARG B 226 -22.44 47.03 -76.96
C ARG B 226 -22.27 47.56 -78.37
N LEU B 227 -22.08 46.65 -79.32
CA LEU B 227 -21.79 46.98 -80.71
C LEU B 227 -22.93 46.52 -81.60
N VAL B 228 -23.35 47.40 -82.52
CA VAL B 228 -24.34 47.08 -83.53
C VAL B 228 -23.66 47.09 -84.89
N LYS B 229 -23.82 45.99 -85.64
CA LYS B 229 -23.12 45.80 -86.90
C LYS B 229 -24.00 46.27 -88.05
N ILE B 230 -23.45 47.18 -88.86
CA ILE B 230 -24.12 47.68 -90.05
C ILE B 230 -23.30 47.27 -91.26
N ALA B 231 -23.91 46.45 -92.13
CA ALA B 231 -23.23 45.93 -93.31
C ALA B 231 -24.14 46.02 -94.53
N LYS B 232 -23.51 46.09 -95.70
CA LYS B 232 -24.24 46.09 -96.97
C LYS B 232 -23.33 45.53 -98.05
N SER B 233 -23.85 44.56 -98.81
CA SER B 233 -23.08 43.93 -99.88
C SER B 233 -24.05 43.38 -100.91
N GLY B 234 -23.52 43.14 -102.10
CA GLY B 234 -24.35 42.62 -103.18
C GLY B 234 -25.32 43.62 -103.77
N LEU B 235 -25.01 44.91 -103.66
CA LEU B 235 -25.87 45.99 -104.19
C LEU B 235 -27.28 45.90 -103.58
N ARG B 236 -27.33 45.76 -102.25
CA ARG B 236 -28.60 45.71 -101.55
C ARG B 236 -29.28 47.07 -101.59
N SER B 237 -30.62 47.04 -101.63
CA SER B 237 -31.37 48.29 -101.64
C SER B 237 -31.16 49.09 -100.37
N SER B 238 -31.13 48.42 -99.22
CA SER B 238 -30.89 49.06 -97.94
C SER B 238 -29.89 48.24 -97.13
N TRP B 239 -29.19 48.91 -96.23
CA TRP B 239 -28.20 48.24 -95.40
C TRP B 239 -28.89 47.36 -94.36
N THR B 240 -28.11 46.46 -93.78
CA THR B 240 -28.60 45.49 -92.80
C THR B 240 -28.01 45.79 -91.44
N MET B 241 -28.85 45.77 -90.41
CA MET B 241 -28.45 46.01 -89.03
C MET B 241 -28.61 44.74 -88.22
N LYS B 242 -27.55 44.35 -87.51
CA LYS B 242 -27.55 43.12 -86.73
C LYS B 242 -26.87 43.37 -85.39
N LYS B 243 -27.04 42.42 -84.48
CA LYS B 243 -26.42 42.46 -83.16
C LYS B 243 -25.30 41.43 -83.10
N VAL B 244 -24.29 41.70 -82.28
CA VAL B 244 -23.12 40.86 -82.15
C VAL B 244 -23.01 40.40 -80.71
N THR B 245 -22.84 39.09 -80.52
CA THR B 245 -22.70 38.49 -79.20
C THR B 245 -21.45 37.61 -79.16
N ARG B 246 -20.84 37.52 -77.99
CA ARG B 246 -19.65 36.70 -77.80
C ARG B 246 -20.03 35.25 -77.51
CA MET C 5 -48.25 24.13 -68.77
C MET C 5 -49.11 24.98 -67.82
N ASP C 6 -48.52 25.42 -66.72
CA ASP C 6 -49.20 26.22 -65.72
C ASP C 6 -48.67 27.63 -65.59
N LYS C 7 -47.34 27.80 -65.72
CA LYS C 7 -46.71 29.11 -65.58
C LYS C 7 -46.68 29.83 -66.92
N CYS C 8 -47.04 31.11 -66.91
CA CYS C 8 -47.13 31.90 -68.14
C CYS C 8 -46.54 33.28 -67.94
N TRP C 9 -45.39 33.37 -67.27
CA TRP C 9 -44.70 34.64 -67.06
C TRP C 9 -43.28 34.52 -67.60
N PHE C 10 -42.94 35.36 -68.57
CA PHE C 10 -41.63 35.36 -69.19
C PHE C 10 -40.82 36.54 -68.69
N THR C 11 -39.61 36.26 -68.19
CA THR C 11 -38.75 37.29 -67.63
C THR C 11 -37.94 37.97 -68.72
N LEU C 12 -37.67 39.26 -68.51
CA LEU C 12 -36.90 40.05 -69.46
C LEU C 12 -35.41 39.96 -69.16
N ASP C 13 -34.60 40.12 -70.20
CA ASP C 13 -33.15 40.11 -70.08
C ASP C 13 -32.56 41.52 -69.95
N ASN C 14 -33.40 42.55 -69.96
CA ASN C 14 -32.95 43.93 -69.84
C ASN C 14 -33.68 44.59 -68.68
N ALA C 15 -32.93 45.27 -67.81
CA ALA C 15 -33.48 45.83 -66.59
C ALA C 15 -33.45 47.36 -66.57
N HIS C 16 -33.16 48.00 -67.70
CA HIS C 16 -33.08 49.45 -67.74
C HIS C 16 -34.40 50.12 -68.15
N TYR C 17 -35.46 49.35 -68.38
CA TYR C 17 -36.75 49.94 -68.70
C TYR C 17 -37.36 50.57 -67.46
N PRO C 18 -37.69 51.87 -67.47
CA PRO C 18 -38.33 52.46 -66.29
C PRO C 18 -39.73 51.92 -66.09
N PRO C 19 -40.20 51.86 -64.85
CA PRO C 19 -41.55 51.33 -64.59
C PRO C 19 -42.61 52.35 -64.95
N PRO C 20 -43.64 51.94 -65.69
CA PRO C 20 -44.73 52.86 -66.02
C PRO C 20 -45.52 53.27 -64.78
N SER C 21 -46.08 54.47 -64.83
CA SER C 21 -46.91 54.99 -63.77
C SER C 21 -48.38 54.59 -63.99
N LEU C 22 -49.15 54.62 -62.90
CA LEU C 22 -50.55 54.20 -62.98
C LEU C 22 -51.36 55.11 -63.90
N ASP C 23 -51.15 56.43 -63.79
CA ASP C 23 -51.87 57.35 -64.67
C ASP C 23 -51.39 57.22 -66.10
N SER C 24 -50.09 57.02 -66.32
CA SER C 24 -49.56 56.89 -67.67
C SER C 24 -50.08 55.62 -68.34
N MET C 25 -50.11 54.50 -67.61
CA MET C 25 -50.58 53.25 -68.21
C MET C 25 -52.08 53.29 -68.46
N ARG C 26 -52.84 53.99 -67.63
CA ARG C 26 -54.25 54.19 -67.91
C ARG C 26 -54.45 55.02 -69.17
N SER C 27 -53.64 56.06 -69.35
CA SER C 27 -53.68 56.88 -70.55
C SER C 27 -52.97 56.23 -71.73
N GLY C 28 -52.31 55.10 -71.52
CA GLY C 28 -51.61 54.41 -72.60
C GLY C 28 -50.40 55.16 -73.12
N HIS C 29 -49.64 55.80 -72.24
CA HIS C 29 -48.43 56.49 -72.66
C HIS C 29 -47.29 55.49 -72.79
N PRO C 30 -46.69 55.33 -73.97
CA PRO C 30 -45.57 54.37 -74.12
C PRO C 30 -44.24 54.96 -73.67
N ILE C 31 -44.13 55.20 -72.36
CA ILE C 31 -42.88 55.71 -71.81
C ILE C 31 -41.77 54.69 -71.99
N SER C 32 -42.06 53.42 -71.72
CA SER C 32 -41.11 52.33 -71.91
C SER C 32 -41.53 51.44 -73.07
N PRO C 33 -40.57 50.81 -73.75
CA PRO C 33 -40.94 49.86 -74.82
C PRO C 33 -41.82 48.71 -74.33
N ALA C 34 -41.64 48.27 -73.09
CA ALA C 34 -42.44 47.19 -72.52
C ALA C 34 -43.59 47.81 -71.75
N SER C 35 -44.77 47.85 -72.36
CA SER C 35 -45.96 48.40 -71.74
C SER C 35 -47.19 47.74 -72.33
N LEU C 36 -48.31 47.85 -71.62
CA LEU C 36 -49.55 47.25 -72.07
C LEU C 36 -50.06 47.93 -73.34
N GLY C 37 -50.59 47.13 -74.25
CA GLY C 37 -51.11 47.62 -75.51
C GLY C 37 -50.15 47.55 -76.67
N HIS C 38 -48.87 47.27 -76.42
CA HIS C 38 -47.90 47.18 -77.50
C HIS C 38 -48.00 45.83 -78.21
N LEU C 39 -47.59 45.83 -79.48
CA LEU C 39 -47.54 44.63 -80.29
C LEU C 39 -46.11 44.39 -80.75
N ILE C 40 -45.62 43.18 -80.54
CA ILE C 40 -44.25 42.83 -80.93
C ILE C 40 -44.28 41.55 -81.75
N PRO C 41 -43.43 41.42 -82.77
CA PRO C 41 -43.36 40.15 -83.51
C PRO C 41 -42.94 38.98 -82.65
N SER C 42 -42.07 39.20 -81.67
CA SER C 42 -41.60 38.13 -80.79
C SER C 42 -41.06 38.76 -79.52
N LEU C 43 -40.86 37.90 -78.50
CA LEU C 43 -40.34 38.37 -77.23
C LEU C 43 -38.92 38.92 -77.37
N ALA C 44 -38.08 38.26 -78.18
CA ALA C 44 -36.72 38.71 -78.39
C ALA C 44 -36.64 40.01 -79.18
N HIS C 45 -37.74 40.44 -79.80
CA HIS C 45 -37.79 41.67 -80.59
C HIS C 45 -38.71 42.68 -79.94
N LEU C 46 -38.59 42.84 -78.61
CA LEU C 46 -39.45 43.77 -77.88
C LEU C 46 -39.25 45.21 -78.33
N ASP C 47 -38.02 45.58 -78.70
CA ASP C 47 -37.77 46.94 -79.15
C ASP C 47 -38.43 47.25 -80.48
N GLN C 48 -38.84 46.23 -81.24
CA GLN C 48 -39.51 46.43 -82.52
C GLN C 48 -41.02 46.47 -82.30
N ILE C 49 -41.47 47.60 -81.74
CA ILE C 49 -42.89 47.79 -81.47
C ILE C 49 -43.62 48.09 -82.77
N ILE C 50 -44.68 47.32 -83.05
CA ILE C 50 -45.46 47.54 -84.26
C ILE C 50 -46.23 48.85 -84.17
N ASN C 51 -46.79 49.14 -83.00
CA ASN C 51 -47.57 50.37 -82.82
C ASN C 51 -46.66 51.59 -82.87
N ALA C 52 -47.08 52.60 -83.63
CA ALA C 52 -46.31 53.83 -83.78
C ALA C 52 -46.85 54.91 -82.83
N LYS C 53 -46.73 54.62 -81.53
CA LYS C 53 -47.16 55.55 -80.47
C LYS C 53 -48.63 55.94 -80.64
N ALA C 54 -49.45 54.97 -81.03
CA ALA C 54 -50.90 55.17 -81.19
C ALA C 54 -51.61 54.04 -80.45
N ILE C 55 -51.83 54.22 -79.15
CA ILE C 55 -52.48 53.22 -78.33
C ILE C 55 -53.99 53.45 -78.37
N GLU C 56 -54.74 52.38 -78.65
CA GLU C 56 -56.19 52.47 -78.67
C GLU C 56 -56.70 52.83 -77.28
N PRO C 57 -57.58 53.82 -77.15
CA PRO C 57 -58.09 54.19 -75.82
C PRO C 57 -58.81 53.03 -75.15
N PHE C 58 -58.61 52.90 -73.85
CA PHE C 58 -59.24 51.85 -73.08
C PHE C 58 -60.70 52.19 -72.83
N PRO C 59 -61.65 51.36 -73.24
CA PRO C 59 -63.06 51.63 -72.93
C PRO C 59 -63.35 51.43 -71.44
N ALA C 60 -64.58 51.76 -71.06
CA ALA C 60 -64.99 51.62 -69.68
C ALA C 60 -65.00 50.18 -69.20
N THR C 61 -65.07 49.21 -70.13
CA THR C 61 -65.07 47.81 -69.76
C THR C 61 -63.67 47.25 -69.53
N MET C 62 -62.63 48.03 -69.80
CA MET C 62 -61.25 47.58 -69.63
C MET C 62 -60.70 48.08 -68.29
N ASP C 63 -60.20 47.15 -67.49
CA ASP C 63 -59.62 47.46 -66.19
C ASP C 63 -58.23 46.85 -66.08
N ILE C 64 -57.41 47.45 -65.22
CA ILE C 64 -56.05 46.97 -65.00
C ILE C 64 -56.05 46.04 -63.80
N HIS C 65 -57.25 45.75 -63.29
CA HIS C 65 -57.45 44.85 -62.13
C HIS C 65 -56.72 45.46 -60.94
N GLY C 66 -55.94 44.69 -60.19
CA GLY C 66 -55.30 45.20 -59.00
C GLY C 66 -53.82 44.85 -58.92
N PRO C 67 -53.08 45.60 -58.11
CA PRO C 67 -51.63 45.36 -57.92
C PRO C 67 -51.33 44.18 -56.99
N THR C 68 -51.33 42.98 -57.55
CA THR C 68 -51.01 41.78 -56.78
C THR C 68 -49.55 41.82 -56.36
N ILE C 69 -49.32 41.86 -55.04
CA ILE C 69 -47.99 42.05 -54.48
C ILE C 69 -47.42 40.73 -54.00
N ILE C 70 -46.16 40.48 -54.31
CA ILE C 70 -45.43 39.29 -53.88
C ILE C 70 -44.23 39.73 -53.07
N GLU C 71 -44.06 39.17 -51.88
CA GLU C 71 -42.97 39.53 -50.98
C GLU C 71 -42.08 38.33 -50.72
N ASP C 72 -40.80 38.62 -50.46
CA ASP C 72 -39.80 37.61 -50.11
C ASP C 72 -39.74 36.50 -51.17
N PHE C 73 -39.44 36.91 -52.40
CA PHE C 73 -39.36 35.99 -53.53
C PHE C 73 -37.90 35.57 -53.71
N LYS C 74 -37.60 34.35 -53.28
CA LYS C 74 -36.27 33.76 -53.41
C LYS C 74 -36.39 32.43 -54.13
N TRP C 75 -35.67 32.30 -55.24
CA TRP C 75 -35.71 31.06 -56.01
C TRP C 75 -34.30 30.68 -56.44
N ASP C 76 -34.01 29.38 -56.38
CA ASP C 76 -32.71 28.83 -56.74
C ASP C 76 -32.89 27.81 -57.85
N HIS C 77 -32.02 27.88 -58.86
CA HIS C 77 -32.09 26.99 -60.02
C HIS C 77 -30.68 26.58 -60.42
N SER C 78 -30.37 25.30 -60.28
CA SER C 78 -29.11 24.74 -60.74
C SER C 78 -29.40 23.79 -61.90
N HIS C 79 -28.88 24.12 -63.08
CA HIS C 79 -29.06 23.32 -64.28
C HIS C 79 -27.69 22.85 -64.74
N GLU C 80 -27.38 21.58 -64.50
CA GLU C 80 -26.09 21.00 -64.83
C GLU C 80 -26.30 19.73 -65.64
N TYR C 81 -25.45 19.55 -66.65
CA TYR C 81 -25.50 18.36 -67.49
C TYR C 81 -24.08 18.01 -67.92
N SER C 82 -23.89 16.75 -68.31
CA SER C 82 -22.59 16.26 -68.72
C SER C 82 -22.78 15.21 -69.81
N LEU C 83 -22.20 15.46 -70.99
CA LEU C 83 -22.23 14.51 -72.08
C LEU C 83 -20.82 14.01 -72.36
N SER C 84 -20.74 12.75 -72.79
CA SER C 84 -19.46 12.14 -73.15
C SER C 84 -19.68 11.19 -74.31
N LEU C 85 -18.62 11.00 -75.10
CA LEU C 85 -18.67 10.12 -76.26
C LEU C 85 -17.28 9.56 -76.52
N GLY C 86 -17.25 8.36 -77.07
CA GLY C 86 -15.98 7.73 -77.41
C GLY C 86 -15.98 7.14 -78.81
N GLY C 87 -15.15 7.69 -79.69
CA GLY C 87 -15.05 7.17 -81.04
C GLY C 87 -13.72 6.50 -81.31
N LYS C 88 -13.73 5.18 -81.44
CA LYS C 88 -12.52 4.39 -81.65
C LYS C 88 -12.60 3.72 -83.01
N VAL C 89 -11.62 4.00 -83.87
CA VAL C 89 -11.54 3.44 -85.21
C VAL C 89 -10.22 2.68 -85.32
N PRO C 90 -10.21 1.48 -85.91
CA PRO C 90 -8.97 0.72 -86.09
C PRO C 90 -8.10 1.26 -87.23
N LEU C 103 -3.65 -1.04 -86.87
CA LEU C 103 -3.96 0.34 -86.51
C LEU C 103 -5.06 0.39 -85.45
N ASN C 104 -4.95 1.35 -84.53
CA ASN C 104 -5.96 1.55 -83.51
C ASN C 104 -5.87 2.98 -83.00
N VAL C 105 -6.98 3.72 -83.10
CA VAL C 105 -7.03 5.11 -82.65
C VAL C 105 -8.31 5.30 -81.83
N GLY C 106 -8.16 5.84 -80.64
CA GLY C 106 -9.30 6.10 -79.76
C GLY C 106 -9.42 7.58 -79.46
N LEU C 107 -10.66 8.06 -79.39
CA LEU C 107 -10.96 9.46 -79.11
C LEU C 107 -11.95 9.53 -77.97
N GLY C 108 -11.62 10.31 -76.94
CA GLY C 108 -12.53 10.51 -75.83
C GLY C 108 -12.90 11.97 -75.63
N GLY C 109 -14.18 12.30 -75.82
CA GLY C 109 -14.63 13.67 -75.70
C GLY C 109 -15.71 13.85 -74.65
N ALA C 110 -15.41 14.66 -73.64
CA ALA C 110 -16.35 14.93 -72.55
C ALA C 110 -16.62 16.44 -72.48
N PHE C 111 -17.88 16.80 -72.27
CA PHE C 111 -18.28 18.20 -72.17
C PHE C 111 -19.25 18.33 -71.01
N SER C 112 -18.86 19.08 -69.99
CA SER C 112 -19.68 19.30 -68.80
C SER C 112 -19.96 20.79 -68.67
N ARG C 113 -21.24 21.15 -68.57
CA ARG C 113 -21.67 22.52 -68.39
C ARG C 113 -22.63 22.60 -67.21
N SER C 114 -22.32 23.48 -66.26
CA SER C 114 -23.17 23.70 -65.09
C SER C 114 -23.47 25.18 -64.98
N VAL C 115 -24.76 25.52 -64.85
CA VAL C 115 -25.21 26.89 -64.70
C VAL C 115 -26.07 26.96 -63.45
N ALA C 116 -25.62 27.73 -62.46
CA ALA C 116 -26.32 27.87 -61.18
C ALA C 116 -26.77 29.31 -61.03
N ASN C 117 -28.08 29.51 -60.88
CA ASN C 117 -28.66 30.82 -60.70
C ASN C 117 -29.28 30.93 -59.32
N TYR C 118 -29.16 32.11 -58.71
CA TYR C 118 -29.73 32.35 -57.38
C TYR C 118 -30.20 33.79 -57.33
N TRP C 119 -31.51 33.99 -57.25
CA TRP C 119 -32.11 35.32 -57.25
C TRP C 119 -32.87 35.53 -55.95
N GLU C 120 -32.82 36.75 -55.43
CA GLU C 120 -33.61 37.14 -54.27
C GLU C 120 -34.22 38.52 -54.54
N PHE C 121 -35.52 38.64 -54.30
CA PHE C 121 -36.22 39.91 -54.48
C PHE C 121 -37.12 40.15 -53.28
N ASP C 122 -37.36 41.43 -52.98
CA ASP C 122 -38.13 41.80 -51.80
C ASP C 122 -39.60 42.07 -52.12
N ARG C 123 -39.88 42.81 -53.19
CA ARG C 123 -41.24 43.16 -53.54
C ARG C 123 -41.44 43.11 -55.05
N LEU C 124 -42.46 42.39 -55.49
CA LEU C 124 -42.88 42.36 -56.88
C LEU C 124 -44.35 42.74 -56.96
N GLU C 125 -44.70 43.49 -58.02
CA GLU C 125 -46.04 44.03 -58.17
C GLU C 125 -46.60 43.65 -59.54
N ARG C 126 -47.80 43.08 -59.55
CA ARG C 126 -48.40 42.51 -60.75
C ARG C 126 -49.52 43.41 -61.25
N TYR C 127 -49.54 43.67 -62.56
CA TYR C 127 -50.64 44.33 -63.22
C TYR C 127 -51.06 43.51 -64.43
N ILE C 128 -52.37 43.38 -64.64
CA ILE C 128 -52.90 42.49 -65.67
C ILE C 128 -54.21 43.06 -66.20
N MET C 129 -54.43 42.88 -67.50
CA MET C 129 -55.68 43.27 -68.14
C MET C 129 -56.14 42.14 -69.06
N GLN C 130 -57.44 42.09 -69.31
CA GLN C 130 -58.03 41.04 -70.13
C GLN C 130 -58.47 41.61 -71.47
N PRO C 131 -57.83 41.26 -72.58
CA PRO C 131 -58.26 41.76 -73.88
C PRO C 131 -59.62 41.22 -74.27
N THR C 132 -60.34 42.01 -75.07
CA THR C 132 -61.65 41.65 -75.57
C THR C 132 -61.62 41.55 -77.09
N ARG C 133 -62.64 40.89 -77.65
CA ARG C 133 -62.71 40.70 -79.09
C ARG C 133 -62.80 42.03 -79.82
N SER C 134 -63.62 42.96 -79.32
CA SER C 134 -63.78 44.25 -79.99
C SER C 134 -62.49 45.05 -79.96
N TYR C 135 -61.80 45.07 -78.82
CA TYR C 135 -60.59 45.88 -78.69
C TYR C 135 -59.48 45.36 -79.61
N VAL C 136 -59.31 44.04 -79.69
CA VAL C 136 -58.28 43.48 -80.56
C VAL C 136 -58.63 43.74 -82.02
N GLN C 137 -59.91 43.62 -82.38
CA GLN C 137 -60.32 43.90 -83.75
C GLN C 137 -60.07 45.35 -84.12
N LYS C 138 -60.32 46.27 -83.18
CA LYS C 138 -60.01 47.68 -83.43
C LYS C 138 -58.52 47.88 -83.63
N CYS C 139 -57.69 47.21 -82.82
CA CYS C 139 -56.24 47.34 -82.96
C CYS C 139 -55.75 46.76 -84.28
N ILE C 140 -56.29 45.62 -84.70
CA ILE C 140 -55.83 44.96 -85.92
C ILE C 140 -56.23 45.71 -87.19
N GLU C 141 -57.18 46.65 -87.09
CA GLU C 141 -57.62 47.43 -88.23
C GLU C 141 -56.83 48.72 -88.41
N ARG C 142 -55.82 48.97 -87.57
CA ARG C 142 -55.01 50.17 -87.71
C ARG C 142 -54.20 50.13 -89.00
N ASP C 143 -53.90 51.31 -89.54
CA ASP C 143 -53.14 51.40 -90.78
C ASP C 143 -51.72 50.88 -90.61
N GLU C 144 -51.11 51.14 -89.45
CA GLU C 144 -49.75 50.68 -89.22
C GLU C 144 -49.67 49.15 -89.23
N VAL C 145 -50.65 48.49 -88.61
CA VAL C 145 -50.67 47.03 -88.60
C VAL C 145 -50.94 46.50 -90.02
N LYS C 146 -51.82 47.17 -90.76
CA LYS C 146 -52.08 46.77 -92.13
C LYS C 146 -50.84 46.91 -92.99
N ARG C 147 -50.07 47.98 -92.78
CA ARG C 147 -48.80 48.14 -93.49
C ARG C 147 -47.82 47.03 -93.11
N TRP C 148 -47.74 46.71 -91.82
CA TRP C 148 -46.79 45.70 -91.37
C TRP C 148 -47.11 44.32 -91.94
N ILE C 149 -48.39 43.95 -91.93
CA ILE C 149 -48.77 42.66 -92.51
C ILE C 149 -48.59 42.69 -94.03
N ALA C 150 -48.72 43.86 -94.65
CA ALA C 150 -48.46 43.98 -96.08
C ALA C 150 -46.99 43.82 -96.41
N LYS C 151 -46.10 44.04 -95.43
CA LYS C 151 -44.67 43.82 -95.66
C LYS C 151 -44.34 42.34 -95.87
N ASN C 152 -45.21 41.44 -95.41
CA ASN C 152 -44.98 40.01 -95.57
C ASN C 152 -45.04 39.64 -97.05
N LYS C 153 -44.06 38.86 -97.51
CA LYS C 153 -43.98 38.44 -98.91
C LYS C 153 -43.57 36.96 -98.94
N SER C 154 -44.56 36.08 -98.94
CA SER C 154 -44.33 34.65 -99.01
C SER C 154 -45.64 33.96 -99.36
N MET C 155 -45.55 32.69 -99.72
CA MET C 155 -46.73 31.89 -100.07
C MET C 155 -47.18 30.99 -98.94
N MET C 156 -46.25 30.45 -98.14
CA MET C 156 -46.64 29.60 -97.01
C MET C 156 -47.46 30.38 -96.00
N MET C 157 -47.05 31.61 -95.70
CA MET C 157 -47.80 32.47 -94.77
C MET C 157 -48.76 33.37 -95.54
N MET C 158 -49.73 32.72 -96.18
CA MET C 158 -50.75 33.41 -96.98
C MET C 158 -51.73 34.10 -96.03
N GLY C 159 -51.33 35.28 -95.58
CA GLY C 159 -52.11 36.00 -94.58
C GLY C 159 -51.86 35.55 -93.16
N ARG C 160 -50.82 34.77 -92.91
CA ARG C 160 -50.53 34.24 -91.58
C ARG C 160 -49.78 35.29 -90.77
N TRP C 161 -50.47 35.91 -89.81
CA TRP C 161 -49.86 36.90 -88.93
C TRP C 161 -49.71 36.29 -87.54
N GLU C 162 -48.52 36.40 -86.97
CA GLU C 162 -48.21 35.89 -85.63
C GLU C 162 -47.62 37.05 -84.83
N VAL C 163 -48.49 37.81 -84.16
CA VAL C 163 -48.08 38.96 -83.37
C VAL C 163 -48.43 38.70 -81.91
N TYR C 164 -47.60 39.24 -81.02
CA TYR C 164 -47.79 39.09 -79.58
C TYR C 164 -48.14 40.45 -78.99
N MET C 165 -49.16 40.48 -78.14
CA MET C 165 -49.60 41.69 -77.46
C MET C 165 -49.27 41.60 -75.98
N ILE C 166 -48.68 42.66 -75.44
CA ILE C 166 -48.34 42.70 -74.03
C ILE C 166 -49.62 42.80 -73.21
N THR C 167 -49.87 41.80 -72.37
CA THR C 167 -51.11 41.75 -71.59
C THR C 167 -50.89 41.99 -70.09
N GLY C 168 -49.77 41.57 -69.55
CA GLY C 168 -49.50 41.77 -68.14
C GLY C 168 -48.04 42.11 -67.90
N ILE C 169 -47.80 42.89 -66.86
CA ILE C 169 -46.46 43.31 -66.47
C ILE C 169 -46.32 43.17 -64.97
N ILE C 170 -45.18 42.64 -64.53
CA ILE C 170 -44.82 42.58 -63.11
C ILE C 170 -43.55 43.39 -62.91
N VAL C 171 -43.57 44.27 -61.92
CA VAL C 171 -42.52 45.27 -61.71
C VAL C 171 -41.85 45.00 -60.37
N ALA C 172 -40.52 44.94 -60.37
CA ALA C 172 -39.77 44.82 -59.12
C ALA C 172 -39.60 46.19 -58.50
N ARG C 173 -39.82 46.28 -57.19
CA ARG C 173 -39.75 47.54 -56.45
C ARG C 173 -38.71 47.38 -55.35
N GLY C 174 -37.45 47.69 -55.66
CA GLY C 174 -36.39 47.60 -54.69
C GLY C 174 -35.20 46.80 -55.17
N GLY C 175 -35.19 46.43 -56.44
CA GLY C 175 -34.09 45.66 -56.99
C GLY C 175 -34.04 44.26 -56.42
N GLY C 176 -32.83 43.71 -56.38
CA GLY C 176 -32.65 42.36 -55.87
C GLY C 176 -31.21 41.93 -56.02
N ARG C 177 -30.91 40.79 -55.41
CA ARG C 177 -29.58 40.21 -55.42
C ARG C 177 -29.54 39.03 -56.37
N LYS C 178 -28.58 39.05 -57.30
CA LYS C 178 -28.43 38.02 -58.31
C LYS C 178 -27.05 37.39 -58.21
N LYS C 179 -27.00 36.06 -58.33
CA LYS C 179 -25.75 35.32 -58.39
C LYS C 179 -25.84 34.33 -59.55
N LYS C 180 -24.84 34.35 -60.42
CA LYS C 180 -24.78 33.42 -61.55
C LYS C 180 -23.38 32.80 -61.59
N GLU C 181 -23.34 31.49 -61.77
CA GLU C 181 -22.10 30.73 -61.86
C GLU C 181 -22.16 29.83 -63.07
N LYS C 182 -21.09 29.81 -63.86
CA LYS C 182 -21.02 29.02 -65.08
C LYS C 182 -19.73 28.22 -65.07
N THR C 183 -19.83 26.90 -65.08
CA THR C 183 -18.69 26.01 -65.15
C THR C 183 -18.71 25.25 -66.47
N THR C 184 -17.60 25.29 -67.20
CA THR C 184 -17.46 24.62 -68.48
C THR C 184 -16.20 23.77 -68.47
N GLY C 185 -16.36 22.46 -68.58
CA GLY C 185 -15.23 21.56 -68.64
C GLY C 185 -15.20 20.75 -69.91
N LYS C 186 -14.17 20.95 -70.73
CA LYS C 186 -14.03 20.25 -72.01
C LYS C 186 -12.75 19.44 -71.98
N GLU C 187 -12.89 18.11 -71.99
CA GLU C 187 -11.76 17.20 -72.01
C GLU C 187 -11.75 16.47 -73.35
N PHE C 188 -10.67 16.63 -74.11
CA PHE C 188 -10.54 16.05 -75.44
C PHE C 188 -9.24 15.26 -75.49
N SER C 189 -9.36 13.94 -75.61
CA SER C 189 -8.20 13.05 -75.62
C SER C 189 -8.23 12.18 -76.87
N VAL C 190 -7.07 12.07 -77.52
CA VAL C 190 -6.90 11.23 -78.71
C VAL C 190 -5.70 10.33 -78.48
N GLU C 191 -5.92 9.01 -78.52
CA GLU C 191 -4.87 8.03 -78.38
C GLU C 191 -4.63 7.38 -79.75
N VAL C 192 -3.40 7.48 -80.24
CA VAL C 192 -3.05 6.91 -81.53
C VAL C 192 -2.03 5.80 -81.37
N PRO C 204 1.87 7.38 -79.81
CA PRO C 204 1.42 8.74 -80.04
C PRO C 204 0.07 9.04 -79.41
N GLY C 205 -0.12 10.26 -78.92
CA GLY C 205 -1.38 10.64 -78.30
C GLY C 205 -1.38 12.03 -77.71
N GLY C 206 -2.46 12.77 -77.91
CA GLY C 206 -2.58 14.11 -77.36
C GLY C 206 -3.88 14.33 -76.62
N LYS C 207 -3.78 14.85 -75.40
CA LYS C 207 -4.95 15.13 -74.57
C LYS C 207 -4.87 16.57 -74.05
N ARG C 208 -6.01 17.24 -74.02
CA ARG C 208 -6.08 18.63 -73.58
C ARG C 208 -7.36 18.85 -72.78
N ASN C 209 -7.23 19.49 -71.63
CA ASN C 209 -8.36 19.81 -70.77
C ASN C 209 -8.49 21.32 -70.66
N THR C 210 -9.70 21.82 -70.90
CA THR C 210 -10.01 23.25 -70.81
C THR C 210 -11.12 23.43 -69.78
N ALA C 211 -10.78 23.96 -68.61
CA ALA C 211 -11.72 24.18 -67.52
C ALA C 211 -11.87 25.68 -67.29
N ARG C 212 -13.10 26.17 -67.38
CA ARG C 212 -13.41 27.57 -67.17
C ARG C 212 -14.52 27.69 -66.13
N GLN C 213 -14.38 28.67 -65.24
CA GLN C 213 -15.34 28.88 -64.15
C GLN C 213 -15.56 30.38 -64.01
N LYS C 214 -16.71 30.85 -64.49
CA LYS C 214 -17.05 32.27 -64.45
C LYS C 214 -18.07 32.54 -63.36
N THR C 215 -17.93 33.68 -62.69
CA THR C 215 -18.81 34.08 -61.61
C THR C 215 -19.27 35.52 -61.84
N TRP C 216 -20.50 35.80 -61.41
CA TRP C 216 -21.07 37.14 -61.55
C TRP C 216 -22.06 37.36 -60.42
N GLY C 217 -21.68 38.15 -59.43
CA GLY C 217 -22.56 38.53 -58.33
C GLY C 217 -22.93 40.00 -58.45
N THR C 218 -24.21 40.30 -58.23
CA THR C 218 -24.72 41.63 -58.44
C THR C 218 -25.80 41.93 -57.41
N SER C 219 -25.96 43.23 -57.09
CA SER C 219 -27.03 43.72 -56.24
C SER C 219 -27.70 44.87 -56.98
N GLN C 220 -28.70 44.54 -57.80
CA GLN C 220 -29.44 45.55 -58.53
C GLN C 220 -30.26 46.41 -57.57
N THR C 221 -30.25 47.71 -57.81
CA THR C 221 -30.99 48.66 -56.98
C THR C 221 -31.84 49.55 -57.89
N GLY C 222 -33.11 49.71 -57.54
CA GLY C 222 -34.00 50.57 -58.30
C GLY C 222 -35.27 49.89 -58.75
N ASP C 223 -36.26 50.69 -59.15
CA ASP C 223 -37.54 50.18 -59.63
C ASP C 223 -37.47 49.98 -61.14
N PHE C 224 -37.91 48.81 -61.60
CA PHE C 224 -37.84 48.47 -63.01
C PHE C 224 -38.78 47.30 -63.29
N VAL C 225 -39.25 47.23 -64.55
CA VAL C 225 -40.11 46.12 -64.94
C VAL C 225 -39.32 44.82 -64.88
N TRP C 226 -39.97 43.76 -64.40
CA TRP C 226 -39.31 42.49 -64.17
C TRP C 226 -39.66 41.41 -65.19
N ALA C 227 -40.93 41.25 -65.52
CA ALA C 227 -41.35 40.25 -66.48
C ALA C 227 -42.66 40.68 -67.10
N VAL C 228 -43.00 40.08 -68.24
CA VAL C 228 -44.19 40.41 -69.00
C VAL C 228 -44.90 39.13 -69.41
N ARG C 229 -46.23 39.22 -69.51
CA ARG C 229 -47.06 38.13 -70.01
C ARG C 229 -47.67 38.55 -71.33
N LEU C 230 -47.52 37.69 -72.35
CA LEU C 230 -47.99 37.99 -73.69
C LEU C 230 -49.06 36.99 -74.11
N ALA C 231 -49.99 37.46 -74.94
CA ALA C 231 -51.04 36.62 -75.51
C ALA C 231 -50.83 36.54 -77.01
N LYS C 232 -50.64 35.32 -77.52
CA LYS C 232 -50.38 35.12 -78.94
C LYS C 232 -51.65 35.29 -79.75
N ILE C 233 -51.55 36.05 -80.84
CA ILE C 233 -52.65 36.25 -81.78
C ILE C 233 -52.21 35.70 -83.12
N THR C 234 -53.01 34.76 -83.66
CA THR C 234 -52.68 34.10 -84.91
C THR C 234 -53.89 34.10 -85.83
N LYS C 235 -53.62 34.07 -87.14
CA LYS C 235 -54.67 34.07 -88.15
C LYS C 235 -54.11 33.42 -89.40
N SER C 236 -54.55 32.20 -89.70
CA SER C 236 -54.01 31.47 -90.85
C SER C 236 -54.30 32.21 -92.16
N GLY C 237 -55.52 32.73 -92.31
CA GLY C 237 -55.88 33.45 -93.52
C GLY C 237 -57.18 34.20 -93.31
N LEU C 238 -57.58 34.93 -94.36
CA LEU C 238 -58.81 35.69 -94.30
C LEU C 238 -60.03 34.77 -94.22
N HIS C 239 -59.94 33.56 -94.78
CA HIS C 239 -61.05 32.62 -94.69
C HIS C 239 -61.30 32.20 -93.25
N SER C 240 -60.24 31.96 -92.49
CA SER C 240 -60.36 31.58 -91.10
C SER C 240 -60.47 32.81 -90.20
N ASP C 241 -60.93 32.59 -88.97
CA ASP C 241 -61.07 33.65 -87.99
C ASP C 241 -59.80 33.77 -87.16
N TRP C 242 -59.41 35.00 -86.86
CA TRP C 242 -58.22 35.23 -86.06
C TRP C 242 -58.47 34.82 -84.61
N LYS C 243 -57.54 34.07 -84.04
CA LYS C 243 -57.66 33.55 -82.69
C LYS C 243 -56.58 34.14 -81.80
N MET C 244 -56.87 34.16 -80.50
CA MET C 244 -55.93 34.64 -79.50
C MET C 244 -55.93 33.68 -78.32
N GLU C 245 -54.77 33.52 -77.70
CA GLU C 245 -54.62 32.64 -76.54
C GLU C 245 -53.36 33.03 -75.78
N THR C 246 -53.44 32.96 -74.45
CA THR C 246 -52.28 33.22 -73.62
C THR C 246 -51.24 32.12 -73.79
N VAL C 247 -49.98 32.52 -73.91
CA VAL C 247 -48.89 31.57 -74.14
C VAL C 247 -48.53 30.89 -72.83
N PHE C 248 -48.49 29.55 -72.85
CA PHE C 248 -48.09 28.76 -71.70
C PHE C 248 -46.84 27.96 -72.04
N GLY C 249 -46.02 27.71 -71.01
CA GLY C 249 -44.80 26.98 -71.20
C GLY C 249 -43.66 27.82 -71.74
N LYS C 250 -43.30 27.63 -73.00
CA LYS C 250 -42.26 28.40 -73.66
C LYS C 250 -42.83 29.06 -74.91
N THR C 251 -42.20 30.17 -75.31
CA THR C 251 -42.65 30.89 -76.49
C THR C 251 -42.29 30.13 -77.75
N SER C 252 -42.95 30.50 -78.85
CA SER C 252 -42.73 29.85 -80.14
C SER C 252 -41.38 30.17 -80.76
N SER C 253 -40.66 31.14 -80.22
CA SER C 253 -39.35 31.50 -80.77
C SER C 253 -38.33 30.39 -80.54
N PHE C 254 -37.25 30.45 -81.31
CA PHE C 254 -36.21 29.44 -81.21
C PHE C 254 -35.53 29.48 -79.85
N ARG C 255 -35.43 28.32 -79.20
CA ARG C 255 -34.81 28.19 -77.89
C ARG C 255 -35.44 29.16 -76.89
N GLY C 256 -36.76 29.31 -76.96
CA GLY C 256 -37.48 30.20 -76.07
C GLY C 256 -37.36 29.81 -74.61
N GLN C 257 -37.08 30.78 -73.75
CA GLN C 257 -36.94 30.50 -72.33
C GLN C 257 -38.30 30.14 -71.73
N LYS C 258 -38.29 29.15 -70.85
CA LYS C 258 -39.52 28.70 -70.21
C LYS C 258 -39.96 29.69 -69.15
N ALA C 259 -41.27 29.71 -68.88
CA ALA C 259 -41.81 30.61 -67.87
C ALA C 259 -41.25 30.27 -66.49
N ILE C 260 -40.86 31.31 -65.75
CA ILE C 260 -40.29 31.11 -64.43
C ILE C 260 -41.37 30.71 -63.44
N PHE C 261 -42.46 31.47 -63.38
CA PHE C 261 -43.54 31.17 -62.43
C PHE C 261 -44.85 31.82 -62.88
CA GLU D 8 -63.51 16.29 -57.51
C GLU D 8 -64.49 17.44 -57.30
N GLU D 9 -64.63 17.87 -56.04
CA GLU D 9 -65.57 18.94 -55.73
C GLU D 9 -65.16 20.27 -56.35
N TRP D 10 -63.87 20.58 -56.34
CA TRP D 10 -63.38 21.86 -56.81
C TRP D 10 -62.15 21.68 -57.69
N PHE D 11 -61.95 22.64 -58.58
CA PHE D 11 -60.78 22.66 -59.45
C PHE D 11 -59.84 23.77 -59.01
N PRO D 12 -58.68 23.46 -58.43
CA PRO D 12 -57.76 24.51 -57.99
C PRO D 12 -57.09 25.19 -59.16
N LEU D 13 -56.99 26.52 -59.08
CA LEU D 13 -56.32 27.31 -60.10
C LEU D 13 -54.88 27.58 -59.67
N LYS D 14 -53.93 27.26 -60.54
CA LYS D 14 -52.52 27.55 -60.27
C LYS D 14 -52.13 28.92 -60.83
N GLN D 15 -52.92 29.94 -60.50
CA GLN D 15 -52.70 31.30 -60.96
C GLN D 15 -53.04 32.25 -59.82
N THR D 16 -52.31 33.37 -59.74
CA THR D 16 -52.53 34.35 -58.65
C THR D 16 -52.62 35.76 -59.25
N HIS D 17 -52.88 35.85 -60.55
CA HIS D 17 -53.00 37.18 -61.21
C HIS D 17 -54.49 37.54 -61.38
N TYR D 18 -55.35 36.91 -60.57
CA TYR D 18 -56.81 37.20 -60.64
C TYR D 18 -57.28 37.77 -59.30
N PRO D 19 -57.52 39.09 -59.19
CA PRO D 19 -58.00 39.69 -57.95
C PRO D 19 -59.44 39.26 -57.67
N PRO D 20 -59.86 39.26 -56.41
CA PRO D 20 -61.21 38.82 -56.07
C PRO D 20 -62.22 39.90 -56.34
N PRO D 21 -63.44 39.52 -56.76
CA PRO D 21 -64.51 40.50 -56.91
C PRO D 21 -64.97 41.02 -55.56
N THR D 22 -65.50 42.24 -55.55
CA THR D 22 -66.03 42.80 -54.33
C THR D 22 -67.44 42.28 -54.08
N ILE D 23 -67.85 42.32 -52.81
CA ILE D 23 -69.16 41.79 -52.43
C ILE D 23 -70.31 42.55 -53.09
N PRO D 24 -70.35 43.89 -53.10
CA PRO D 24 -71.49 44.56 -53.74
C PRO D 24 -71.65 44.24 -55.22
N SER D 25 -70.55 44.04 -55.93
CA SER D 25 -70.61 43.72 -57.36
C SER D 25 -70.71 42.23 -57.64
N MET D 26 -70.77 41.40 -56.59
CA MET D 26 -70.84 39.95 -56.80
C MET D 26 -72.16 39.57 -57.48
N LYS D 27 -73.27 40.17 -57.06
CA LYS D 27 -74.59 39.77 -57.53
C LYS D 27 -75.34 40.91 -58.21
N THR D 28 -74.63 41.95 -58.65
CA THR D 28 -75.27 43.07 -59.33
C THR D 28 -75.42 42.86 -60.84
N GLY D 29 -74.84 41.80 -61.38
CA GLY D 29 -74.88 41.54 -62.80
C GLY D 29 -73.69 42.08 -63.58
N HIS D 30 -72.90 42.98 -62.99
CA HIS D 30 -71.72 43.54 -63.62
C HIS D 30 -70.54 43.33 -62.69
N PRO D 31 -69.84 42.21 -62.81
CA PRO D 31 -68.73 41.92 -61.91
C PRO D 31 -67.56 42.87 -62.12
N THR D 32 -66.81 43.10 -61.04
CA THR D 32 -65.64 43.96 -61.06
C THR D 32 -64.34 43.18 -61.07
N GLY D 33 -64.39 41.87 -61.28
CA GLY D 33 -63.20 41.05 -61.28
C GLY D 33 -63.09 40.20 -62.53
N PRO D 34 -61.89 39.68 -62.79
CA PRO D 34 -61.70 38.85 -63.99
C PRO D 34 -62.55 37.59 -64.00
N ILE D 35 -62.78 36.98 -62.84
CA ILE D 35 -63.59 35.77 -62.72
C ILE D 35 -64.62 35.97 -61.62
N SER D 36 -65.89 35.74 -61.95
CA SER D 36 -66.97 35.89 -60.99
C SER D 36 -68.09 34.94 -61.37
N ILE D 37 -69.01 34.72 -60.43
CA ILE D 37 -70.14 33.84 -60.67
C ILE D 37 -71.05 34.45 -61.74
N GLY D 38 -71.33 33.68 -62.77
CA GLY D 38 -72.15 34.14 -63.89
C GLY D 38 -71.41 34.22 -65.22
N HIS D 39 -70.14 33.86 -65.29
CA HIS D 39 -69.40 33.90 -66.54
C HIS D 39 -69.50 32.56 -67.27
N ILE D 40 -69.27 32.62 -68.58
CA ILE D 40 -69.27 31.43 -69.43
C ILE D 40 -67.94 31.38 -70.16
N ILE D 41 -67.25 30.25 -70.07
CA ILE D 41 -65.95 30.06 -70.71
C ILE D 41 -66.04 28.90 -71.68
N PRO D 42 -65.37 28.97 -72.84
CA PRO D 42 -65.39 27.83 -73.76
C PRO D 42 -64.77 26.57 -73.19
N ASP D 43 -63.75 26.70 -72.36
CA ASP D 43 -63.06 25.55 -71.80
C ASP D 43 -62.27 26.00 -70.58
N LEU D 44 -61.82 25.02 -69.80
CA LEU D 44 -61.03 25.32 -68.60
C LEU D 44 -59.71 25.99 -68.98
N ARG D 45 -59.05 25.50 -70.05
CA ARG D 45 -57.80 26.10 -70.47
C ARG D 45 -57.99 27.54 -70.93
N HIS D 46 -59.05 27.79 -71.71
CA HIS D 46 -59.36 29.14 -72.15
C HIS D 46 -60.16 29.87 -71.09
N LEU D 47 -59.62 29.94 -69.87
CA LEU D 47 -60.34 30.55 -68.75
C LEU D 47 -60.43 32.07 -68.87
N ASP D 48 -59.51 32.70 -69.59
CA ASP D 48 -59.49 34.14 -69.73
C ASP D 48 -60.38 34.66 -70.85
N ASN D 49 -61.02 33.76 -71.60
CA ASN D 49 -61.90 34.15 -72.71
C ASN D 49 -63.35 34.11 -72.21
N VAL D 50 -63.73 35.16 -71.51
CA VAL D 50 -65.09 35.27 -70.98
C VAL D 50 -66.03 35.63 -72.13
N ILE D 51 -67.01 34.76 -72.41
CA ILE D 51 -67.94 35.01 -73.50
C ILE D 51 -68.85 36.18 -73.16
N ASN D 52 -69.41 36.21 -71.95
CA ASN D 52 -70.29 37.28 -71.52
C ASN D 52 -69.48 38.38 -70.81
N CYS D 53 -68.59 39.00 -71.58
CA CYS D 53 -67.74 40.05 -71.04
C CYS D 53 -68.55 41.28 -70.63
N LYS D 54 -69.59 41.61 -71.41
CA LYS D 54 -70.39 42.79 -71.10
C LYS D 54 -71.09 42.66 -69.76
N GLY D 55 -71.65 41.49 -69.48
CA GLY D 55 -72.34 41.26 -68.23
C GLY D 55 -73.37 40.17 -68.37
N PHE D 56 -74.26 40.12 -67.39
CA PHE D 56 -75.32 39.11 -67.36
C PHE D 56 -76.47 39.65 -66.51
N GLU D 57 -77.61 38.96 -66.60
CA GLU D 57 -78.79 39.39 -65.88
C GLU D 57 -78.57 39.30 -64.38
N PRO D 58 -79.11 40.25 -63.60
CA PRO D 58 -78.98 40.17 -62.15
C PRO D 58 -79.68 38.94 -61.58
N PHE D 59 -79.18 38.47 -60.45
CA PHE D 59 -79.74 37.28 -59.83
C PHE D 59 -81.17 37.55 -59.36
N PRO D 60 -82.12 36.67 -59.65
CA PRO D 60 -83.49 36.85 -59.14
C PRO D 60 -83.52 36.74 -57.62
N PRO D 61 -84.57 37.25 -56.98
CA PRO D 61 -84.64 37.16 -55.50
C PRO D 61 -84.60 35.74 -54.99
N ASN D 62 -85.10 34.77 -55.76
CA ASN D 62 -85.00 33.37 -55.35
C ASN D 62 -83.54 32.94 -55.26
N MET D 63 -82.72 33.38 -56.20
CA MET D 63 -81.30 33.06 -56.17
C MET D 63 -80.63 33.70 -54.95
N ASP D 64 -79.71 32.95 -54.34
CA ASP D 64 -78.95 33.45 -53.20
C ASP D 64 -77.59 32.76 -53.20
N VAL D 65 -76.63 33.39 -52.54
CA VAL D 65 -75.26 32.90 -52.44
C VAL D 65 -75.03 32.37 -51.03
N PHE D 66 -74.48 31.17 -50.95
CA PHE D 66 -74.17 30.54 -49.67
C PHE D 66 -72.67 30.68 -49.41
N THR D 67 -72.32 31.10 -48.19
CA THR D 67 -70.93 31.40 -47.84
C THR D 67 -70.45 30.43 -46.77
N ALA D 68 -69.16 30.08 -46.85
CA ALA D 68 -68.51 29.23 -45.85
C ALA D 68 -67.17 29.84 -45.50
N HIS D 69 -66.70 29.55 -44.29
CA HIS D 69 -65.47 30.13 -43.77
C HIS D 69 -64.52 29.02 -43.33
N TYR D 70 -63.23 29.22 -43.55
CA TYR D 70 -62.20 28.26 -43.17
C TYR D 70 -60.99 29.02 -42.64
N GLU D 71 -60.36 28.44 -41.62
CA GLU D 71 -59.18 29.04 -41.00
C GLU D 71 -58.08 27.99 -40.85
N GLN D 72 -56.84 28.46 -40.89
CA GLN D 72 -55.65 27.59 -40.78
C GLN D 72 -55.68 26.46 -41.81
N CYS D 73 -56.15 26.77 -43.02
CA CYS D 73 -56.23 25.78 -44.08
C CYS D 73 -54.88 25.67 -44.79
N HIS D 74 -54.37 24.45 -44.91
CA HIS D 74 -53.11 24.19 -45.59
C HIS D 74 -53.28 22.99 -46.51
N PHE D 75 -52.46 22.94 -47.56
CA PHE D 75 -52.56 21.90 -48.57
C PHE D 75 -51.16 21.57 -49.07
N GLY D 76 -50.73 20.34 -48.84
CA GLY D 76 -49.42 19.89 -49.31
C GLY D 76 -49.51 18.55 -50.00
N ASP D 77 -48.78 18.41 -51.09
CA ASP D 77 -48.80 17.19 -51.88
C ASP D 77 -47.41 16.92 -52.45
N HIS D 78 -47.16 15.66 -52.79
CA HIS D 78 -45.90 15.22 -53.35
C HIS D 78 -46.17 14.34 -54.56
N LEU D 79 -45.13 14.15 -55.38
CA LEU D 79 -45.26 13.31 -56.58
C LEU D 79 -43.88 12.75 -56.92
N ASN D 80 -43.82 11.45 -57.15
CA ASN D 80 -42.61 10.77 -57.59
C ASN D 80 -42.92 9.96 -58.83
N SER D 81 -42.14 10.19 -59.89
CA SER D 81 -42.30 9.46 -61.15
C SER D 81 -40.93 8.95 -61.59
N GLU D 82 -40.79 7.63 -61.64
CA GLU D 82 -39.53 6.98 -61.99
C GLU D 82 -39.75 6.11 -63.22
N PHE D 83 -39.57 6.68 -64.40
CA PHE D 83 -39.66 5.96 -65.66
C PHE D 83 -38.30 5.37 -65.97
N VAL D 84 -38.15 4.06 -65.79
CA VAL D 84 -36.88 3.36 -65.95
C VAL D 84 -37.03 2.32 -67.05
N VAL D 85 -36.11 2.36 -68.01
CA VAL D 85 -36.05 1.37 -69.08
C VAL D 85 -34.64 0.77 -69.10
N GLN D 86 -34.56 -0.54 -68.92
CA GLN D 86 -33.28 -1.26 -68.91
C GLN D 86 -33.28 -2.28 -70.04
N ALA D 87 -32.22 -2.29 -70.83
CA ALA D 87 -32.08 -3.22 -71.94
C ALA D 87 -30.64 -3.69 -72.10
N SER D 105 -30.02 -2.10 -76.61
CA SER D 105 -28.82 -1.76 -75.86
C SER D 105 -28.81 -0.29 -75.45
N ALA D 106 -29.77 0.09 -74.60
CA ALA D 106 -29.89 1.46 -74.13
C ALA D 106 -30.48 1.46 -72.73
N GLY D 107 -30.19 2.53 -71.99
CA GLY D 107 -30.72 2.68 -70.66
C GLY D 107 -31.27 4.08 -70.40
N LEU D 108 -32.54 4.15 -69.98
CA LEU D 108 -33.22 5.41 -69.75
C LEU D 108 -33.67 5.48 -68.30
N HIS D 109 -33.43 6.63 -67.67
CA HIS D 109 -33.83 6.86 -66.28
C HIS D 109 -34.38 8.29 -66.19
N HIS D 110 -35.70 8.41 -66.09
CA HIS D 110 -36.38 9.70 -65.94
C HIS D 110 -36.99 9.75 -64.55
N THR D 111 -36.42 10.57 -63.68
CA THR D 111 -36.88 10.71 -62.30
C THR D 111 -37.43 12.10 -62.09
N ASN D 112 -38.71 12.19 -61.76
CA ASN D 112 -39.37 13.46 -61.46
C ASN D 112 -39.83 13.45 -60.01
N ILE D 113 -39.41 14.46 -59.25
CA ILE D 113 -39.80 14.62 -57.86
C ILE D 113 -40.36 16.03 -57.70
N THR D 114 -41.63 16.13 -57.34
CA THR D 114 -42.32 17.39 -57.20
C THR D 114 -42.92 17.52 -55.80
N SER D 115 -42.76 18.69 -55.20
CA SER D 115 -43.31 18.96 -53.87
C SER D 115 -43.95 20.34 -53.86
N ASP D 116 -45.20 20.40 -53.41
CA ASP D 116 -45.94 21.64 -53.33
C ASP D 116 -46.56 21.78 -51.95
N ARG D 117 -46.48 23.00 -51.39
CA ARG D 117 -47.05 23.29 -50.09
C ARG D 117 -47.70 24.67 -50.11
N TRP D 118 -48.97 24.72 -49.72
CA TRP D 118 -49.69 25.98 -49.57
C TRP D 118 -50.19 26.09 -48.14
N GLU D 119 -49.88 27.20 -47.48
CA GLU D 119 -50.32 27.47 -46.12
C GLU D 119 -51.08 28.78 -46.12
N TYR D 120 -52.42 28.70 -46.07
CA TYR D 120 -53.27 29.87 -46.07
C TYR D 120 -53.45 30.39 -44.65
N ASP D 121 -54.26 31.43 -44.51
CA ASP D 121 -54.57 31.98 -43.19
C ASP D 121 -56.07 32.09 -42.99
N SER D 122 -56.79 32.40 -44.07
CA SER D 122 -58.25 32.50 -44.02
C SER D 122 -58.79 32.32 -45.42
N VAL D 123 -59.84 31.51 -45.55
CA VAL D 123 -60.43 31.18 -46.83
C VAL D 123 -61.95 31.34 -46.73
N VAL D 124 -62.55 31.92 -47.76
CA VAL D 124 -63.99 32.09 -47.85
C VAL D 124 -64.47 31.42 -49.14
N GLU D 125 -65.63 30.78 -49.07
CA GLU D 125 -66.18 30.03 -50.19
C GLU D 125 -67.60 30.51 -50.48
N TYR D 126 -67.85 30.86 -51.74
CA TYR D 126 -69.17 31.30 -52.19
C TYR D 126 -69.71 30.29 -53.20
N ALA D 127 -70.96 29.88 -53.02
CA ALA D 127 -71.58 28.91 -53.92
C ALA D 127 -73.00 29.34 -54.25
N VAL D 128 -73.48 28.87 -55.39
CA VAL D 128 -74.83 29.16 -55.89
C VAL D 128 -75.35 27.92 -56.60
N TYR D 129 -76.66 27.90 -56.87
CA TYR D 129 -77.29 26.81 -57.60
C TYR D 129 -78.10 27.37 -58.76
N PRO D 130 -77.94 26.83 -59.96
CA PRO D 130 -78.63 27.38 -61.13
C PRO D 130 -80.08 26.90 -61.21
N THR D 131 -80.80 27.48 -62.16
CA THR D 131 -82.19 27.13 -62.44
C THR D 131 -82.38 27.03 -63.94
N ARG D 132 -83.33 26.18 -64.36
CA ARG D 132 -83.55 25.95 -65.77
C ARG D 132 -83.92 27.23 -66.50
N GLN D 133 -84.84 28.01 -65.93
CA GLN D 133 -85.26 29.24 -66.59
C GLN D 133 -84.15 30.29 -66.61
N TYR D 134 -83.35 30.35 -65.55
CA TYR D 134 -82.27 31.32 -65.49
C TYR D 134 -81.20 31.03 -66.54
N ILE D 135 -80.86 29.76 -66.74
CA ILE D 135 -79.89 29.40 -67.77
C ILE D 135 -80.47 29.66 -69.16
N ASP D 136 -81.77 29.38 -69.34
CA ASP D 136 -82.39 29.62 -70.63
C ASP D 136 -82.38 31.10 -71.00
N ARG D 137 -82.70 31.97 -70.04
CA ARG D 137 -82.66 33.40 -70.30
C ARG D 137 -81.22 33.90 -70.43
N LEU D 138 -80.26 33.21 -69.80
CA LEU D 138 -78.86 33.56 -69.97
C LEU D 138 -78.38 33.25 -71.38
N LEU D 139 -78.86 32.14 -71.96
CA LEU D 139 -78.50 31.76 -73.32
C LEU D 139 -79.03 32.74 -74.36
N GLU D 140 -79.98 33.60 -73.99
CA GLU D 140 -80.54 34.59 -74.90
C GLU D 140 -79.71 35.87 -74.98
N SER D 141 -78.61 35.95 -74.23
CA SER D 141 -77.76 37.13 -74.26
C SER D 141 -77.09 37.26 -75.63
N LYS D 142 -76.75 38.50 -75.98
CA LYS D 142 -76.22 38.78 -77.31
C LYS D 142 -74.90 38.03 -77.54
N GLU D 143 -73.95 38.16 -76.62
CA GLU D 143 -72.67 37.47 -76.77
C GLU D 143 -72.85 35.96 -76.70
N VAL D 144 -73.71 35.48 -75.80
CA VAL D 144 -73.92 34.05 -75.67
C VAL D 144 -74.58 33.49 -76.92
N ARG D 145 -75.59 34.18 -77.45
CA ARG D 145 -76.28 33.68 -78.64
C ARG D 145 -75.37 33.72 -79.87
N GLN D 146 -74.49 34.73 -79.94
CA GLN D 146 -73.53 34.78 -81.05
C GLN D 146 -72.59 33.59 -81.00
N TYR D 147 -72.08 33.26 -79.80
CA TYR D 147 -71.14 32.15 -79.68
C TYR D 147 -71.80 30.82 -80.00
N ILE D 148 -73.02 30.60 -79.51
CA ILE D 148 -73.68 29.32 -79.74
C ILE D 148 -74.02 29.12 -81.21
N GLN D 149 -74.38 30.22 -81.89
CA GLN D 149 -74.60 30.14 -83.34
C GLN D 149 -73.31 29.79 -84.08
N LYS D 150 -72.20 30.42 -83.70
CA LYS D 150 -70.92 30.10 -84.33
C LYS D 150 -70.51 28.66 -84.04
N SER D 151 -70.70 28.20 -82.80
CA SER D 151 -70.36 26.82 -82.46
C SER D 151 -71.23 25.84 -83.22
N LYS D 152 -72.53 26.11 -83.31
CA LYS D 152 -73.42 25.23 -84.07
C LYS D 152 -73.07 25.22 -85.54
N LYS D 153 -72.72 26.38 -86.11
CA LYS D 153 -72.33 26.43 -87.50
C LYS D 153 -71.03 25.65 -87.75
N LEU D 154 -70.08 25.75 -86.82
CA LEU D 154 -68.80 25.07 -86.98
C LEU D 154 -68.86 23.62 -86.52
N LEU D 155 -69.28 23.40 -85.28
CA LEU D 155 -69.34 22.07 -84.69
C LEU D 155 -70.77 21.54 -84.69
N GLY D 156 -70.90 20.22 -84.78
CA GLY D 156 -72.22 19.60 -84.78
C GLY D 156 -72.94 19.79 -83.46
N GLY D 157 -72.23 19.63 -82.35
CA GLY D 157 -72.82 19.82 -81.04
C GLY D 157 -72.02 20.78 -80.18
N TRP D 158 -72.67 21.80 -79.66
CA TRP D 158 -71.99 22.82 -78.87
C TRP D 158 -71.93 22.41 -77.41
N CYS D 159 -70.90 22.91 -76.71
CA CYS D 159 -70.74 22.65 -75.29
C CYS D 159 -69.97 23.80 -74.67
N VAL D 160 -70.47 24.31 -73.55
CA VAL D 160 -69.85 25.43 -72.84
C VAL D 160 -69.80 25.09 -71.35
N TYR D 161 -69.09 25.94 -70.60
CA TYR D 161 -68.98 25.79 -69.16
C TYR D 161 -69.35 27.09 -68.48
N MET D 162 -69.90 26.98 -67.28
CA MET D 162 -70.30 28.13 -66.48
C MET D 162 -69.70 28.01 -65.08
N VAL D 163 -69.12 29.11 -64.60
CA VAL D 163 -68.56 29.15 -63.26
C VAL D 163 -69.70 29.25 -62.25
N THR D 164 -69.68 28.36 -61.25
CA THR D 164 -70.74 28.29 -60.24
C THR D 164 -70.31 28.88 -58.90
N GLY D 165 -69.17 28.45 -58.37
CA GLY D 165 -68.68 28.98 -57.11
C GLY D 165 -67.22 29.34 -57.21
N ILE D 166 -66.79 30.19 -56.28
CA ILE D 166 -65.40 30.64 -56.21
C ILE D 166 -64.94 30.57 -54.76
N MET D 167 -63.69 30.16 -54.56
CA MET D 167 -63.07 30.12 -53.25
C MET D 167 -61.97 31.18 -53.21
N VAL D 168 -62.05 32.09 -52.25
CA VAL D 168 -61.19 33.27 -52.19
C VAL D 168 -60.39 33.22 -50.90
N ALA D 169 -59.08 33.37 -51.03
CA ALA D 169 -58.20 33.47 -49.87
C ALA D 169 -58.21 34.90 -49.33
N ARG D 170 -57.78 35.05 -48.08
CA ARG D 170 -57.70 36.35 -47.42
C ARG D 170 -56.28 36.55 -46.91
N GLY D 171 -55.64 37.63 -47.36
CA GLY D 171 -54.29 37.94 -46.95
C GLY D 171 -53.21 37.08 -47.57
N GLY D 172 -53.56 36.26 -48.57
CA GLY D 172 -52.57 35.41 -49.21
C GLY D 172 -52.14 34.25 -48.32
N GLY D 173 -51.08 33.60 -48.77
CA GLY D 173 -50.53 32.48 -48.03
C GLY D 173 -49.17 32.08 -48.57
N ARG D 174 -48.38 31.47 -47.70
CA ARG D 174 -47.03 31.05 -48.07
C ARG D 174 -47.09 29.89 -49.05
N ASN D 175 -46.17 29.88 -50.02
CA ASN D 175 -46.08 28.84 -51.02
C ASN D 175 -44.64 28.38 -51.13
N VAL D 176 -44.43 27.06 -51.14
CA VAL D 176 -43.11 26.46 -51.32
C VAL D 176 -43.22 25.40 -52.41
N THR D 177 -42.37 25.52 -53.43
CA THR D 177 -42.36 24.59 -54.56
C THR D 177 -40.96 24.05 -54.73
N SER D 178 -40.84 22.73 -54.88
CA SER D 178 -39.56 22.06 -55.08
C SER D 178 -39.71 21.06 -56.21
N GLU D 179 -39.00 21.30 -57.31
CA GLU D 179 -39.05 20.44 -58.48
C GLU D 179 -37.64 19.91 -58.78
N GLU D 180 -37.57 18.62 -59.07
CA GLU D 180 -36.29 17.97 -59.38
C GLU D 180 -36.52 17.01 -60.54
N LYS D 181 -35.88 17.29 -61.68
CA LYS D 181 -36.03 16.47 -62.88
C LYS D 181 -34.65 15.98 -63.30
N GLY D 182 -34.47 14.66 -63.27
CA GLY D 182 -33.23 14.05 -63.71
C GLY D 182 -33.43 13.07 -64.83
N ALA D 183 -32.83 13.33 -65.99
CA ALA D 183 -32.95 12.49 -67.16
C ALA D 183 -31.57 11.96 -67.53
N GLY D 184 -31.44 10.63 -67.54
CA GLY D 184 -30.20 10.00 -67.92
C GLY D 184 -30.38 8.95 -69.00
N VAL D 185 -29.81 9.19 -70.18
CA VAL D 185 -29.91 8.27 -71.31
C VAL D 185 -28.50 7.84 -71.68
N SER D 186 -28.28 6.53 -71.71
CA SER D 186 -27.00 5.94 -72.08
C SER D 186 -27.24 4.97 -73.24
N GLY D 187 -26.72 5.31 -74.41
CA GLY D 187 -26.89 4.49 -75.60
C GLY D 187 -25.56 3.88 -76.04
N ASN D 188 -25.59 2.58 -76.27
CA ASN D 188 -24.41 1.83 -76.72
C ASN D 188 -24.63 1.36 -78.14
N VAL D 189 -23.69 1.68 -79.02
CA VAL D 189 -23.75 1.32 -80.43
C VAL D 189 -22.60 0.37 -80.74
N GLY D 190 -22.92 -0.76 -81.34
CA GLY D 190 -21.92 -1.76 -81.69
C GLY D 190 -22.19 -2.45 -83.01
N PHE D 199 -15.42 0.12 -84.51
CA PHE D 199 -16.18 1.35 -84.34
C PHE D 199 -17.41 1.11 -83.48
N ALA D 200 -17.29 1.39 -82.18
CA ALA D 200 -18.37 1.19 -81.22
C ALA D 200 -18.56 2.46 -80.42
N PRO D 201 -19.20 3.47 -80.99
CA PRO D 201 -19.43 4.72 -80.26
C PRO D 201 -20.43 4.52 -79.13
N GLU D 202 -20.27 5.34 -78.08
CA GLU D 202 -21.17 5.35 -76.94
C GLU D 202 -21.56 6.78 -76.62
N VAL D 203 -22.86 7.00 -76.38
CA VAL D 203 -23.40 8.32 -76.09
C VAL D 203 -23.99 8.30 -74.69
N GLY D 204 -23.53 9.21 -73.84
CA GLY D 204 -24.05 9.32 -72.50
C GLY D 204 -24.50 10.73 -72.15
N TRP D 205 -25.80 10.91 -71.93
CA TRP D 205 -26.36 12.21 -71.58
C TRP D 205 -26.95 12.12 -70.17
N ASP D 206 -26.52 13.03 -69.30
CA ASP D 206 -26.96 13.05 -67.90
C ASP D 206 -27.28 14.50 -67.54
N THR D 207 -28.56 14.84 -67.54
CA THR D 207 -29.00 16.19 -67.21
C THR D 207 -29.82 16.19 -65.92
N LYS D 208 -29.66 17.25 -65.13
CA LYS D 208 -30.38 17.40 -63.88
C LYS D 208 -30.87 18.84 -63.76
N THR D 209 -32.07 19.01 -63.22
CA THR D 209 -32.65 20.33 -63.03
C THR D 209 -33.27 20.42 -61.65
N LYS D 210 -32.91 21.46 -60.90
CA LYS D 210 -33.47 21.73 -59.59
C LYS D 210 -34.09 23.11 -59.57
N THR D 211 -35.23 23.24 -58.88
CA THR D 211 -35.92 24.52 -58.78
C THR D 211 -36.65 24.58 -57.44
N LYS D 212 -36.26 25.52 -56.60
CA LYS D 212 -36.89 25.75 -55.30
C LYS D 212 -37.37 27.18 -55.25
N VAL D 213 -38.68 27.37 -55.17
CA VAL D 213 -39.30 28.70 -55.20
C VAL D 213 -40.05 28.92 -53.91
N ASN D 214 -39.74 30.02 -53.23
CA ASN D 214 -40.43 30.43 -52.01
C ASN D 214 -41.15 31.74 -52.28
N ALA D 215 -42.44 31.79 -51.96
CA ALA D 215 -43.26 32.96 -52.20
C ALA D 215 -44.11 33.27 -50.98
N HIS D 216 -44.30 34.56 -50.70
CA HIS D 216 -45.12 35.03 -49.58
C HIS D 216 -46.09 36.08 -50.13
N HIS D 217 -47.24 35.63 -50.60
CA HIS D 217 -48.26 36.53 -51.07
C HIS D 217 -48.92 37.26 -49.91
N THR D 218 -49.31 38.51 -50.16
CA THR D 218 -49.93 39.37 -49.14
C THR D 218 -51.14 40.09 -49.73
N THR D 219 -51.90 39.41 -50.58
CA THR D 219 -53.10 39.99 -51.16
C THR D 219 -54.07 38.87 -51.49
N ASP D 220 -55.34 39.24 -51.61
CA ASP D 220 -56.40 38.28 -51.88
C ASP D 220 -56.39 37.85 -53.34
N PHE D 221 -56.76 36.59 -53.58
CA PHE D 221 -56.82 36.05 -54.93
C PHE D 221 -57.76 34.86 -54.96
N VAL D 222 -58.20 34.51 -56.16
CA VAL D 222 -59.13 33.40 -56.34
C VAL D 222 -58.36 32.08 -56.31
N CYS D 223 -58.85 31.13 -55.50
CA CYS D 223 -58.17 29.85 -55.33
C CYS D 223 -58.72 28.78 -56.27
N ALA D 224 -60.02 28.50 -56.17
CA ALA D 224 -60.62 27.40 -56.94
C ALA D 224 -62.03 27.79 -57.36
N ILE D 225 -62.52 27.11 -58.40
CA ILE D 225 -63.84 27.36 -58.96
C ILE D 225 -64.53 26.04 -59.24
N ARG D 226 -65.85 26.09 -59.37
CA ARG D 226 -66.66 24.94 -59.78
C ARG D 226 -67.28 25.24 -61.13
N LEU D 227 -67.24 24.24 -62.01
CA LEU D 227 -67.70 24.39 -63.39
C LEU D 227 -68.91 23.50 -63.64
N VAL D 228 -69.92 24.06 -64.29
CA VAL D 228 -71.10 23.31 -64.71
C VAL D 228 -71.10 23.25 -66.23
N LYS D 229 -71.22 22.04 -66.77
CA LYS D 229 -71.11 21.80 -68.21
C LYS D 229 -72.49 21.82 -68.84
N ILE D 230 -72.67 22.67 -69.85
CA ILE D 230 -73.90 22.76 -70.62
C ILE D 230 -73.60 22.35 -72.05
N ALA D 231 -74.22 21.27 -72.50
CA ALA D 231 -73.99 20.74 -73.84
C ALA D 231 -75.31 20.37 -74.50
N LYS D 232 -75.31 20.39 -75.83
CA LYS D 232 -76.46 19.96 -76.61
C LYS D 232 -75.99 19.46 -77.96
N SER D 233 -76.45 18.28 -78.36
CA SER D 233 -76.06 17.68 -79.62
C SER D 233 -77.15 16.73 -80.07
N GLY D 234 -77.15 16.41 -81.36
CA GLY D 234 -78.14 15.52 -81.91
C GLY D 234 -79.53 16.11 -82.03
N LEU D 235 -79.63 17.44 -82.13
CA LEU D 235 -80.91 18.14 -82.23
C LEU D 235 -81.82 17.81 -81.05
N ARG D 236 -81.25 17.90 -79.85
CA ARG D 236 -82.01 17.66 -78.63
C ARG D 236 -83.03 18.77 -78.41
N SER D 237 -84.17 18.39 -77.83
CA SER D 237 -85.21 19.38 -77.54
C SER D 237 -84.73 20.43 -76.55
N SER D 238 -84.00 20.01 -75.52
CA SER D 238 -83.45 20.90 -74.52
C SER D 238 -82.00 20.53 -74.23
N TRP D 239 -81.23 21.51 -73.80
CA TRP D 239 -79.82 21.28 -73.48
C TRP D 239 -79.69 20.46 -72.21
N THR D 240 -78.50 19.91 -72.01
CA THR D 240 -78.20 19.03 -70.88
C THR D 240 -77.20 19.72 -69.96
N MET D 241 -77.47 19.66 -68.65
CA MET D 241 -76.62 20.25 -67.64
C MET D 241 -76.00 19.15 -66.78
N LYS D 242 -74.68 19.18 -66.63
CA LYS D 242 -73.96 18.15 -65.89
C LYS D 242 -72.89 18.81 -65.03
N LYS D 243 -72.35 18.03 -64.10
CA LYS D 243 -71.27 18.46 -63.22
C LYS D 243 -69.97 17.78 -63.64
N VAL D 244 -68.85 18.45 -63.40
CA VAL D 244 -67.53 17.98 -63.79
C VAL D 244 -66.68 17.82 -62.54
N THR D 245 -66.04 16.66 -62.40
CA THR D 245 -65.17 16.37 -61.27
C THR D 245 -63.83 15.86 -61.78
N ARG D 246 -62.78 16.15 -61.02
CA ARG D 246 -61.44 15.70 -61.37
C ARG D 246 -61.19 14.28 -60.86
CA MET E 5 -77.94 -1.95 -39.53
C MET E 5 -78.52 -1.19 -38.33
N ASP E 6 -77.68 -0.42 -37.65
CA ASP E 6 -78.09 0.34 -36.48
C ASP E 6 -78.01 1.85 -36.69
N LYS E 7 -77.01 2.32 -37.41
CA LYS E 7 -76.81 3.75 -37.64
C LYS E 7 -77.57 4.20 -38.87
N CYS E 8 -78.28 5.33 -38.75
CA CYS E 8 -79.13 5.82 -39.84
C CYS E 8 -78.98 7.33 -39.99
N TRP E 9 -77.74 7.83 -39.94
CA TRP E 9 -77.46 9.25 -40.13
C TRP E 9 -76.44 9.40 -41.25
N PHE E 10 -76.83 10.11 -42.31
CA PHE E 10 -75.99 10.33 -43.47
C PHE E 10 -75.46 11.75 -43.46
N THR E 11 -74.14 11.88 -43.55
CA THR E 11 -73.48 13.18 -43.51
C THR E 11 -73.48 13.84 -44.87
N LEU E 12 -73.55 15.17 -44.88
CA LEU E 12 -73.56 15.95 -46.11
C LEU E 12 -72.14 16.30 -46.52
N ASP E 13 -71.95 16.48 -47.84
CA ASP E 13 -70.67 16.86 -48.40
C ASP E 13 -70.55 18.37 -48.61
N ASN E 14 -71.59 19.13 -48.29
CA ASN E 14 -71.58 20.58 -48.45
C ASN E 14 -71.90 21.22 -47.10
N ALA E 15 -71.10 22.22 -46.71
CA ALA E 15 -71.22 22.83 -45.41
C ALA E 15 -71.66 24.30 -45.47
N HIS E 16 -72.10 24.77 -46.63
CA HIS E 16 -72.51 26.17 -46.77
C HIS E 16 -74.00 26.39 -46.54
N TYR E 17 -74.76 25.35 -46.23
CA TYR E 17 -76.19 25.52 -45.95
C TYR E 17 -76.36 26.19 -44.58
N PRO E 18 -77.05 27.33 -44.50
CA PRO E 18 -77.27 27.94 -43.19
C PRO E 18 -78.20 27.10 -42.33
N PRO E 19 -78.05 27.15 -41.01
CA PRO E 19 -78.92 26.35 -40.14
C PRO E 19 -80.29 26.98 -40.01
N PRO E 20 -81.35 26.19 -40.16
CA PRO E 20 -82.70 26.73 -39.99
C PRO E 20 -82.97 27.14 -38.55
N SER E 21 -83.84 28.13 -38.39
CA SER E 21 -84.26 28.59 -37.08
C SER E 21 -85.47 27.81 -36.59
N LEU E 22 -85.67 27.84 -35.26
CA LEU E 22 -86.75 27.06 -34.67
C LEU E 22 -88.12 27.55 -35.14
N ASP E 23 -88.30 28.88 -35.20
CA ASP E 23 -89.57 29.41 -35.69
C ASP E 23 -89.75 29.15 -37.17
N SER E 24 -88.67 29.25 -37.96
CA SER E 24 -88.76 29.01 -39.39
C SER E 24 -89.09 27.56 -39.69
N MET E 25 -88.46 26.62 -38.98
CA MET E 25 -88.73 25.20 -39.24
C MET E 25 -90.13 24.80 -38.76
N ARG E 26 -90.63 25.43 -37.70
CA ARG E 26 -92.01 25.21 -37.31
C ARG E 26 -92.97 25.72 -38.38
N SER E 27 -92.68 26.88 -38.95
CA SER E 27 -93.49 27.43 -40.04
C SER E 27 -93.19 26.78 -41.38
N GLY E 28 -92.19 25.91 -41.45
CA GLY E 28 -91.85 25.25 -42.70
C GLY E 28 -91.27 26.17 -43.76
N HIS E 29 -90.45 27.13 -43.36
CA HIS E 29 -89.82 28.02 -44.31
C HIS E 29 -88.59 27.34 -44.91
N PRO E 30 -88.53 27.13 -46.23
CA PRO E 30 -87.37 26.48 -46.84
C PRO E 30 -86.23 27.47 -47.08
N ILE E 31 -85.64 27.96 -45.99
CA ILE E 31 -84.50 28.86 -46.10
C ILE E 31 -83.32 28.14 -46.72
N SER E 32 -83.06 26.91 -46.30
CA SER E 32 -82.00 26.10 -46.87
C SER E 32 -82.58 24.92 -47.66
N PRO E 33 -81.86 24.44 -48.68
CA PRO E 33 -82.34 23.26 -49.40
C PRO E 33 -82.51 22.04 -48.52
N ALA E 34 -81.68 21.88 -47.49
CA ALA E 34 -81.79 20.75 -46.56
C ALA E 34 -82.63 21.19 -45.37
N SER E 35 -83.90 20.81 -45.37
CA SER E 35 -84.81 21.14 -44.29
C SER E 35 -85.91 20.09 -44.21
N LEU E 36 -86.58 20.04 -43.07
CA LEU E 36 -87.64 19.07 -42.86
C LEU E 36 -88.83 19.36 -43.78
N GLY E 37 -89.42 18.30 -44.31
CA GLY E 37 -90.56 18.39 -45.20
C GLY E 37 -90.22 18.36 -46.68
N HIS E 38 -88.94 18.48 -47.03
CA HIS E 38 -88.55 18.44 -48.43
C HIS E 38 -88.53 17.01 -48.96
N LEU E 39 -88.71 16.88 -50.27
CA LEU E 39 -88.66 15.61 -50.96
C LEU E 39 -87.56 15.66 -52.01
N ILE E 40 -86.68 14.67 -52.01
CA ILE E 40 -85.57 14.63 -52.96
C ILE E 40 -85.54 13.25 -53.63
N PRO E 41 -85.23 13.17 -54.92
CA PRO E 41 -85.10 11.85 -55.55
C PRO E 41 -84.00 10.99 -54.93
N SER E 42 -82.91 11.61 -54.48
CA SER E 42 -81.80 10.87 -53.88
C SER E 42 -81.00 11.83 -53.02
N LEU E 43 -80.12 11.25 -52.18
CA LEU E 43 -79.28 12.06 -51.31
C LEU E 43 -78.32 12.92 -52.13
N ALA E 44 -77.74 12.37 -53.20
CA ALA E 44 -76.82 13.11 -54.04
C ALA E 44 -77.50 14.22 -54.83
N HIS E 45 -78.82 14.23 -54.88
CA HIS E 45 -79.59 15.24 -55.61
C HIS E 45 -80.41 16.08 -54.65
N LEU E 46 -79.79 16.51 -53.55
CA LEU E 46 -80.49 17.30 -52.54
C LEU E 46 -80.96 18.63 -53.09
N ASP E 47 -80.20 19.24 -54.01
CA ASP E 47 -80.59 20.51 -54.58
C ASP E 47 -81.83 20.40 -55.47
N GLN E 48 -82.17 19.19 -55.91
CA GLN E 48 -83.36 18.97 -56.74
C GLN E 48 -84.56 18.66 -55.84
N ILE E 49 -85.05 19.72 -55.19
CA ILE E 49 -86.19 19.58 -54.30
C ILE E 49 -87.47 19.45 -55.12
N ILE E 50 -88.23 18.39 -54.84
CA ILE E 50 -89.50 18.19 -55.57
C ILE E 50 -90.52 19.25 -55.19
N ASN E 51 -90.58 19.59 -53.90
CA ASN E 51 -91.55 20.59 -53.43
C ASN E 51 -91.18 21.97 -53.95
N ALA E 52 -92.17 22.69 -54.48
CA ALA E 52 -91.97 24.02 -55.02
C ALA E 52 -92.35 25.09 -53.98
N LYS E 53 -91.61 25.08 -52.88
CA LYS E 53 -91.81 26.04 -51.77
C LYS E 53 -93.24 26.00 -51.26
N ALA E 54 -93.81 24.80 -51.18
CA ALA E 54 -95.17 24.59 -50.66
C ALA E 54 -95.10 23.46 -49.63
N ILE E 55 -94.79 23.82 -48.39
CA ILE E 55 -94.67 22.85 -47.30
C ILE E 55 -96.04 22.67 -46.66
N GLU E 56 -96.47 21.42 -46.52
CA GLU E 56 -97.73 21.13 -45.87
C GLU E 56 -97.67 21.59 -44.41
N PRO E 57 -98.68 22.33 -43.92
CA PRO E 57 -98.66 22.78 -42.54
C PRO E 57 -98.61 21.63 -41.56
N PHE E 58 -97.84 21.80 -40.49
CA PHE E 58 -97.73 20.77 -39.47
C PHE E 58 -98.96 20.76 -38.58
N PRO E 59 -99.69 19.66 -38.47
CA PRO E 59 -100.83 19.61 -37.55
C PRO E 59 -100.38 19.61 -36.10
N ALA E 60 -101.37 19.68 -35.20
CA ALA E 60 -101.08 19.70 -33.78
C ALA E 60 -100.43 18.41 -33.29
N THR E 61 -100.59 17.31 -34.04
CA THR E 61 -99.98 16.04 -33.65
C THR E 61 -98.53 15.91 -34.07
N MET E 62 -98.01 16.87 -34.83
CA MET E 62 -96.62 16.83 -35.30
C MET E 62 -95.74 17.69 -34.39
N ASP E 63 -94.68 17.08 -33.87
CA ASP E 63 -93.73 17.76 -33.00
C ASP E 63 -92.32 17.55 -33.52
N ILE E 64 -91.43 18.49 -33.17
CA ILE E 64 -90.03 18.42 -33.59
C ILE E 64 -89.24 17.75 -32.48
N HIS E 65 -89.94 17.26 -31.45
CA HIS E 65 -89.34 16.57 -30.30
C HIS E 65 -88.40 17.55 -29.62
N GLY E 66 -87.17 17.15 -29.27
CA GLY E 66 -86.27 18.02 -28.54
C GLY E 66 -84.88 18.09 -29.15
N PRO E 67 -84.14 19.14 -28.80
CA PRO E 67 -82.76 19.30 -29.30
C PRO E 67 -81.73 18.44 -28.56
N THR E 68 -81.60 17.19 -29.01
CA THR E 68 -80.63 16.28 -28.42
C THR E 68 -79.21 16.77 -28.72
N ILE E 69 -78.47 17.10 -27.67
CA ILE E 69 -77.16 17.73 -27.80
C ILE E 69 -76.07 16.70 -27.57
N ILE E 70 -75.04 16.73 -28.42
CA ILE E 70 -73.88 15.86 -28.33
C ILE E 70 -72.64 16.75 -28.20
N GLU E 71 -71.82 16.47 -27.18
CA GLU E 71 -70.62 17.25 -26.91
C GLU E 71 -69.38 16.39 -27.05
N ASP E 72 -68.28 17.04 -27.42
CA ASP E 72 -66.96 16.40 -27.54
C ASP E 72 -67.01 15.18 -28.45
N PHE E 73 -67.42 15.42 -29.69
CA PHE E 73 -67.55 14.36 -30.69
C PHE E 73 -66.26 14.29 -31.50
N LYS E 74 -65.44 13.30 -31.21
CA LYS E 74 -64.18 13.06 -31.92
C LYS E 74 -64.18 11.63 -32.44
N TRP E 75 -64.01 11.48 -33.75
CA TRP E 75 -63.98 10.15 -34.36
C TRP E 75 -62.85 10.08 -35.38
N ASP E 76 -62.18 8.93 -35.40
CA ASP E 76 -61.05 8.69 -36.30
C ASP E 76 -61.37 7.47 -37.16
N HIS E 77 -61.08 7.58 -38.45
CA HIS E 77 -61.37 6.49 -39.40
C HIS E 77 -60.22 6.40 -40.40
N SER E 78 -59.49 5.29 -40.36
CA SER E 78 -58.45 5.00 -41.33
C SER E 78 -58.89 3.81 -42.18
N HIS E 79 -59.07 4.05 -43.48
CA HIS E 79 -59.48 3.02 -44.42
C HIS E 79 -58.37 2.84 -45.44
N GLU E 80 -57.61 1.75 -45.31
CA GLU E 80 -56.48 1.48 -46.19
C GLU E 80 -56.61 0.07 -46.75
N TYR E 81 -56.27 -0.07 -48.03
CA TYR E 81 -56.29 -1.37 -48.69
C TYR E 81 -55.17 -1.41 -49.72
N SER E 82 -54.79 -2.63 -50.10
CA SER E 82 -53.70 -2.83 -51.05
C SER E 82 -54.00 -4.07 -51.88
N LEU E 83 -54.10 -3.90 -53.19
CA LEU E 83 -54.30 -5.00 -54.11
C LEU E 83 -53.07 -5.18 -54.98
N SER E 84 -52.80 -6.43 -55.35
CA SER E 84 -51.67 -6.75 -56.23
C SER E 84 -52.06 -7.92 -57.12
N LEU E 85 -51.44 -7.97 -58.30
CA LEU E 85 -51.71 -9.02 -59.26
C LEU E 85 -50.47 -9.24 -60.12
N GLY E 86 -50.29 -10.48 -60.56
CA GLY E 86 -49.18 -10.81 -61.42
C GLY E 86 -49.59 -11.63 -62.64
N GLY E 87 -49.43 -11.05 -63.82
CA GLY E 87 -49.77 -11.76 -65.05
C GLY E 87 -48.55 -12.11 -65.87
N LYS E 88 -48.20 -13.39 -65.92
CA LYS E 88 -47.02 -13.86 -66.63
C LYS E 88 -47.47 -14.76 -67.78
N VAL E 89 -47.08 -14.41 -69.00
CA VAL E 89 -47.42 -15.16 -70.20
C VAL E 89 -46.11 -15.57 -70.87
N PRO E 90 -45.98 -16.81 -71.35
CA PRO E 90 -44.77 -17.24 -72.05
C PRO E 90 -44.69 -16.71 -73.48
N LEU E 103 -40.05 -17.69 -75.12
CA LEU E 103 -40.58 -16.40 -74.73
C LEU E 103 -41.07 -16.44 -73.28
N ASN E 104 -40.88 -15.33 -72.55
CA ASN E 104 -41.38 -15.22 -71.19
C ASN E 104 -41.52 -13.74 -70.85
N VAL E 105 -42.73 -13.34 -70.45
CA VAL E 105 -43.02 -11.96 -70.10
C VAL E 105 -43.80 -11.96 -68.79
N GLY E 106 -43.34 -11.18 -67.82
CA GLY E 106 -44.00 -11.07 -66.53
C GLY E 106 -44.44 -9.64 -66.28
N LEU E 107 -45.61 -9.50 -65.66
CA LEU E 107 -46.17 -8.19 -65.33
C LEU E 107 -46.55 -8.18 -63.86
N GLY E 108 -46.09 -7.16 -63.15
CA GLY E 108 -46.44 -6.99 -61.75
C GLY E 108 -47.12 -5.67 -61.47
N GLY E 109 -48.39 -5.72 -61.05
CA GLY E 109 -49.13 -4.52 -60.79
C GLY E 109 -49.66 -4.43 -59.38
N ALA E 110 -49.23 -3.41 -58.65
CA ALA E 110 -49.65 -3.19 -57.27
C ALA E 110 -50.31 -1.81 -57.15
N PHE E 111 -51.40 -1.76 -56.39
CA PHE E 111 -52.14 -0.52 -56.17
C PHE E 111 -52.50 -0.43 -54.71
N SER E 112 -51.96 0.57 -54.02
CA SER E 112 -52.22 0.79 -52.60
C SER E 112 -52.86 2.15 -52.41
N ARG E 113 -54.02 2.18 -51.75
CA ARG E 113 -54.73 3.41 -51.45
C ARG E 113 -55.06 3.45 -49.97
N SER E 114 -54.67 4.53 -49.30
CA SER E 114 -54.96 4.74 -47.89
C SER E 114 -55.63 6.09 -47.71
N VAL E 115 -56.76 6.10 -47.02
CA VAL E 115 -57.51 7.32 -46.73
C VAL E 115 -57.73 7.39 -45.23
N ALA E 116 -57.15 8.42 -44.60
CA ALA E 116 -57.25 8.60 -43.16
C ALA E 116 -58.01 9.88 -42.88
N ASN E 117 -59.12 9.76 -42.14
CA ASN E 117 -59.94 10.90 -41.78
C ASN E 117 -59.91 11.08 -40.26
N TYR E 118 -59.91 12.35 -39.83
CA TYR E 118 -59.89 12.67 -38.41
C TYR E 118 -60.72 13.93 -38.21
N TRP E 119 -61.87 13.80 -37.54
CA TRP E 119 -62.79 14.90 -37.32
C TRP E 119 -62.95 15.14 -35.83
N GLU E 120 -63.05 16.41 -35.44
CA GLU E 120 -63.36 16.79 -34.07
C GLU E 120 -64.41 17.89 -34.08
N PHE E 121 -65.45 17.71 -33.27
CA PHE E 121 -66.51 18.71 -33.16
C PHE E 121 -66.84 18.93 -31.69
N ASP E 122 -67.31 20.14 -31.37
CA ASP E 122 -67.57 20.50 -29.99
C ASP E 122 -69.03 20.32 -29.61
N ARG E 123 -69.95 20.76 -30.45
CA ARG E 123 -71.38 20.67 -30.13
C ARG E 123 -72.18 20.31 -31.39
N LEU E 124 -73.00 19.29 -31.27
CA LEU E 124 -73.95 18.90 -32.31
C LEU E 124 -75.35 18.87 -31.72
N GLU E 125 -76.33 19.29 -32.51
CA GLU E 125 -77.70 19.43 -32.05
C GLU E 125 -78.64 18.69 -32.98
N ARG E 126 -79.49 17.84 -32.42
CA ARG E 126 -80.35 16.92 -33.18
C ARG E 126 -81.78 17.40 -33.14
N TYR E 127 -82.44 17.40 -34.30
CA TYR E 127 -83.87 17.63 -34.41
C TYR E 127 -84.49 16.52 -35.25
N ILE E 128 -85.65 16.02 -34.82
CA ILE E 128 -86.26 14.85 -35.44
C ILE E 128 -87.77 14.96 -35.33
N MET E 129 -88.47 14.49 -36.37
CA MET E 129 -89.91 14.43 -36.37
C MET E 129 -90.35 13.08 -36.93
N GLN E 130 -91.54 12.65 -36.54
CA GLN E 130 -92.07 11.35 -36.94
C GLN E 130 -93.20 11.54 -37.95
N PRO E 131 -93.02 11.17 -39.21
CA PRO E 131 -94.10 11.30 -40.20
C PRO E 131 -95.25 10.36 -39.88
N THR E 132 -96.45 10.79 -40.29
CA THR E 132 -97.67 10.01 -40.10
C THR E 132 -98.26 9.65 -41.47
N ARG E 133 -99.17 8.66 -41.45
CA ARG E 133 -99.79 8.20 -42.69
C ARG E 133 -100.58 9.32 -43.36
N SER E 134 -101.36 10.07 -42.58
CA SER E 134 -102.18 11.14 -43.15
C SER E 134 -101.32 12.24 -43.76
N TYR E 135 -100.25 12.63 -43.06
CA TYR E 135 -99.42 13.74 -43.55
C TYR E 135 -98.72 13.36 -44.85
N VAL E 136 -98.19 12.15 -44.94
CA VAL E 136 -97.52 11.71 -46.17
C VAL E 136 -98.52 11.61 -47.31
N GLN E 137 -99.72 11.10 -47.03
CA GLN E 137 -100.75 11.01 -48.06
C GLN E 137 -101.14 12.39 -48.57
N LYS E 138 -101.24 13.36 -47.66
CA LYS E 138 -101.52 14.73 -48.08
C LYS E 138 -100.40 15.27 -48.97
N CYS E 139 -99.14 15.00 -48.61
CA CYS E 139 -98.02 15.46 -49.40
C CYS E 139 -97.99 14.81 -50.78
N ILE E 140 -98.28 13.50 -50.85
CA ILE E 140 -98.20 12.78 -52.12
C ILE E 140 -99.32 13.16 -53.08
N GLU E 141 -100.36 13.82 -52.60
CA GLU E 141 -101.47 14.25 -53.44
C GLU E 141 -101.29 15.64 -54.01
N ARG E 142 -100.15 16.28 -53.75
CA ARG E 142 -99.90 17.61 -54.31
C ARG E 142 -99.75 17.54 -55.82
N ASP E 143 -100.09 18.64 -56.49
CA ASP E 143 -100.01 18.69 -57.95
C ASP E 143 -98.57 18.60 -58.42
N GLU E 144 -97.63 19.21 -57.70
CA GLU E 144 -96.23 19.16 -58.10
C GLU E 144 -95.70 17.73 -58.08
N VAL E 145 -96.05 16.96 -57.04
CA VAL E 145 -95.62 15.57 -56.97
C VAL E 145 -96.28 14.75 -58.07
N LYS E 146 -97.56 15.02 -58.35
CA LYS E 146 -98.25 14.32 -59.43
C LYS E 146 -97.59 14.63 -60.77
N ARG E 147 -97.19 15.87 -60.99
CA ARG E 147 -96.48 16.22 -62.21
C ARG E 147 -95.13 15.50 -62.28
N TRP E 148 -94.41 15.44 -61.16
CA TRP E 148 -93.09 14.81 -61.16
C TRP E 148 -93.19 13.31 -61.45
N ILE E 149 -94.16 12.63 -60.84
CA ILE E 149 -94.33 11.20 -61.12
C ILE E 149 -94.83 11.00 -62.54
N ALA E 150 -95.57 11.97 -63.08
CA ALA E 150 -96.01 11.88 -64.47
C ALA E 150 -94.84 12.05 -65.44
N LYS E 151 -93.75 12.67 -65.01
CA LYS E 151 -92.56 12.78 -65.85
C LYS E 151 -91.91 11.42 -66.12
N ASN E 152 -92.17 10.43 -65.27
CA ASN E 152 -91.59 9.11 -65.47
C ASN E 152 -92.17 8.47 -66.73
N LYS E 153 -91.29 7.90 -67.56
CA LYS E 153 -91.69 7.26 -68.82
C LYS E 153 -90.90 5.96 -68.97
N SER E 154 -91.47 4.87 -68.47
CA SER E 154 -90.85 3.55 -68.57
C SER E 154 -91.90 2.51 -68.24
N MET E 155 -91.59 1.25 -68.54
CA MET E 155 -92.47 0.13 -68.28
C MET E 155 -92.10 -0.64 -67.03
N MET E 156 -90.81 -0.76 -66.73
CA MET E 156 -90.38 -1.46 -65.52
C MET E 156 -90.88 -0.76 -64.27
N MET E 157 -90.80 0.57 -64.25
CA MET E 157 -91.30 1.37 -63.13
C MET E 157 -92.72 1.84 -63.40
N MET E 158 -93.62 0.85 -63.48
CA MET E 158 -95.05 1.10 -63.75
C MET E 158 -95.68 1.68 -62.49
N GLY E 159 -95.51 2.98 -62.32
CA GLY E 159 -95.97 3.65 -61.11
C GLY E 159 -95.02 3.54 -59.94
N ARG E 160 -93.77 3.12 -60.17
CA ARG E 160 -92.81 2.93 -59.10
C ARG E 160 -92.15 4.26 -58.79
N TRP E 161 -92.50 4.86 -57.65
CA TRP E 161 -91.92 6.10 -57.19
C TRP E 161 -91.02 5.82 -56.00
N GLU E 162 -89.78 6.34 -56.06
CA GLU E 162 -88.80 6.17 -54.98
C GLU E 162 -88.31 7.56 -54.60
N VAL E 163 -89.00 8.19 -53.65
CA VAL E 163 -88.67 9.53 -53.18
C VAL E 163 -88.25 9.45 -51.71
N TYR E 164 -87.34 10.34 -51.34
CA TYR E 164 -86.84 10.42 -49.97
C TYR E 164 -87.30 11.72 -49.34
N MET E 165 -87.81 11.63 -48.12
CA MET E 165 -88.27 12.80 -47.37
C MET E 165 -87.33 13.06 -46.21
N ILE E 166 -86.93 14.33 -46.05
CA ILE E 166 -86.04 14.70 -44.95
C ILE E 166 -86.82 14.62 -43.65
N THR E 167 -86.36 13.76 -42.74
CA THR E 167 -87.04 13.53 -41.48
C THR E 167 -86.30 14.09 -40.26
N GLY E 168 -84.98 14.08 -40.28
CA GLY E 168 -84.21 14.60 -39.17
C GLY E 168 -82.98 15.34 -39.65
N ILE E 169 -82.57 16.32 -38.87
CA ILE E 169 -81.40 17.14 -39.18
C ILE E 169 -80.58 17.31 -37.90
N ILE E 170 -79.27 17.19 -38.02
CA ILE E 170 -78.34 17.47 -36.92
C ILE E 170 -77.43 18.61 -37.37
N VAL E 171 -77.29 19.62 -36.53
CA VAL E 171 -76.62 20.87 -36.87
C VAL E 171 -75.40 21.03 -35.98
N ALA E 172 -74.26 21.31 -36.60
CA ALA E 172 -73.05 21.62 -35.84
C ALA E 172 -73.05 23.08 -35.43
N ARG E 173 -72.71 23.35 -34.17
CA ARG E 173 -72.72 24.70 -33.61
C ARG E 173 -71.31 25.01 -33.10
N GLY E 174 -70.49 25.56 -33.97
CA GLY E 174 -69.14 25.93 -33.61
C GLY E 174 -68.08 25.39 -34.54
N GLY E 175 -68.52 24.81 -35.66
CA GLY E 175 -67.58 24.26 -36.62
C GLY E 175 -66.85 23.05 -36.08
N GLY E 176 -65.64 22.84 -36.58
CA GLY E 176 -64.84 21.71 -36.16
C GLY E 176 -63.55 21.64 -36.93
N ARG E 177 -62.69 20.73 -36.48
CA ARG E 177 -61.37 20.52 -37.08
C ARG E 177 -61.39 19.25 -37.90
N LYS E 178 -60.98 19.34 -39.16
CA LYS E 178 -60.96 18.22 -40.07
C LYS E 178 -59.55 17.99 -40.60
N LYS E 179 -59.15 16.72 -40.67
CA LYS E 179 -57.89 16.33 -41.27
C LYS E 179 -58.14 15.15 -42.21
N LYS E 180 -57.68 15.27 -43.45
CA LYS E 180 -57.81 14.20 -44.43
C LYS E 180 -56.47 13.96 -45.09
N GLU E 181 -56.10 12.69 -45.21
CA GLU E 181 -54.85 12.28 -45.84
C GLU E 181 -55.13 11.18 -46.83
N LYS E 182 -54.57 11.30 -48.03
CA LYS E 182 -54.78 10.34 -49.11
C LYS E 182 -53.43 9.92 -49.66
N THR E 183 -53.11 8.63 -49.57
CA THR E 183 -51.90 8.07 -50.12
C THR E 183 -52.25 7.11 -51.25
N THR E 184 -51.63 7.30 -52.41
CA THR E 184 -51.85 6.46 -53.58
C THR E 184 -50.52 5.98 -54.11
N GLY E 185 -50.30 4.68 -54.08
CA GLY E 185 -49.07 4.10 -54.62
C GLY E 185 -49.35 3.11 -55.72
N LYS E 186 -48.89 3.42 -56.93
CA LYS E 186 -49.10 2.55 -58.10
C LYS E 186 -47.74 2.11 -58.62
N GLU E 187 -47.46 0.82 -58.52
CA GLU E 187 -46.22 0.24 -59.02
C GLU E 187 -46.57 -0.69 -60.18
N PHE E 188 -46.02 -0.40 -61.36
CA PHE E 188 -46.30 -1.16 -62.57
C PHE E 188 -44.97 -1.59 -63.17
N SER E 189 -44.71 -2.89 -63.17
CA SER E 189 -43.46 -3.44 -63.68
C SER E 189 -43.75 -4.50 -64.74
N VAL E 190 -43.02 -4.43 -65.84
CA VAL E 190 -43.11 -5.39 -66.93
C VAL E 190 -41.72 -5.90 -67.25
N GLU E 191 -41.52 -7.22 -67.13
CA GLU E 191 -40.26 -7.86 -67.45
C GLU E 191 -40.43 -8.66 -68.73
N VAL E 192 -39.64 -8.33 -69.75
CA VAL E 192 -39.73 -9.02 -71.03
C VAL E 192 -38.43 -9.79 -71.31
N PRO E 204 -34.95 -7.01 -71.80
CA PRO E 204 -35.86 -5.86 -71.87
C PRO E 204 -36.83 -5.82 -70.69
N GLY E 205 -37.16 -4.62 -70.23
CA GLY E 205 -38.08 -4.47 -69.11
C GLY E 205 -38.25 -3.04 -68.65
N GLY E 206 -39.49 -2.65 -68.35
CA GLY E 206 -39.77 -1.31 -67.87
C GLY E 206 -40.62 -1.30 -66.63
N LYS E 207 -40.18 -0.56 -65.61
CA LYS E 207 -40.90 -0.44 -64.35
C LYS E 207 -41.06 1.03 -63.98
N ARG E 208 -42.22 1.39 -63.46
CA ARG E 208 -42.52 2.77 -63.11
C ARG E 208 -43.34 2.80 -61.81
N ASN E 209 -42.93 3.65 -60.88
CA ASN E 209 -43.61 3.82 -59.61
C ASN E 209 -44.15 5.24 -59.52
N THR E 210 -45.44 5.36 -59.19
CA THR E 210 -46.09 6.65 -59.02
C THR E 210 -46.66 6.72 -57.61
N ALA E 211 -46.03 7.53 -56.76
CA ALA E 211 -46.44 7.69 -55.37
C ALA E 211 -46.93 9.12 -55.16
N ARG E 212 -48.17 9.25 -54.69
CA ARG E 212 -48.77 10.54 -54.41
C ARG E 212 -49.30 10.56 -52.99
N GLN E 213 -49.10 11.69 -52.31
CA GLN E 213 -49.51 11.84 -50.91
C GLN E 213 -50.11 13.23 -50.75
N LYS E 214 -51.45 13.30 -50.66
CA LYS E 214 -52.15 14.56 -50.53
C LYS E 214 -52.63 14.76 -49.10
N THR E 215 -52.58 16.00 -48.64
CA THR E 215 -53.00 16.35 -47.29
C THR E 215 -53.92 17.55 -47.34
N TRP E 216 -54.87 17.59 -46.40
CA TRP E 216 -55.83 18.69 -46.32
C TRP E 216 -56.27 18.84 -44.87
N GLY E 217 -55.76 19.87 -44.21
CA GLY E 217 -56.15 20.20 -42.84
C GLY E 217 -56.97 21.48 -42.84
N THR E 218 -58.05 21.48 -42.06
CA THR E 218 -58.99 22.58 -42.07
C THR E 218 -59.56 22.77 -40.68
N SER E 219 -59.96 24.02 -40.37
CA SER E 219 -60.66 24.37 -39.14
C SER E 219 -61.90 25.15 -39.54
N GLN E 220 -63.00 24.43 -39.79
CA GLN E 220 -64.26 25.07 -40.13
C GLN E 220 -64.80 25.85 -38.94
N THR E 221 -65.31 27.04 -39.21
CA THR E 221 -65.88 27.90 -38.18
C THR E 221 -67.26 28.37 -38.63
N GLY E 222 -68.24 28.25 -37.74
CA GLY E 222 -69.58 28.71 -38.04
C GLY E 222 -70.65 27.65 -37.81
N ASP E 223 -71.90 28.09 -37.74
CA ASP E 223 -73.03 27.18 -37.55
C ASP E 223 -73.56 26.74 -38.91
N PHE E 224 -73.77 25.43 -39.07
CA PHE E 224 -74.21 24.88 -40.34
C PHE E 224 -74.76 23.47 -40.10
N VAL E 225 -75.67 23.05 -40.98
CA VAL E 225 -76.23 21.71 -40.88
C VAL E 225 -75.13 20.69 -41.15
N TRP E 226 -75.14 19.60 -40.37
CA TRP E 226 -74.08 18.61 -40.41
C TRP E 226 -74.48 17.32 -41.11
N ALA E 227 -75.65 16.78 -40.80
CA ALA E 227 -76.12 15.54 -41.42
C ALA E 227 -77.63 15.51 -41.38
N VAL E 228 -78.21 14.64 -42.20
CA VAL E 228 -79.65 14.51 -42.33
C VAL E 228 -80.04 13.03 -42.31
N ARG E 229 -81.23 12.76 -41.79
CA ARG E 229 -81.81 11.42 -41.80
C ARG E 229 -83.03 11.42 -42.70
N LEU E 230 -83.08 10.46 -43.63
CA LEU E 230 -84.14 10.39 -44.62
C LEU E 230 -84.91 9.09 -44.45
N ALA E 231 -86.20 9.14 -44.77
CA ALA E 231 -87.07 7.98 -44.75
C ALA E 231 -87.51 7.68 -46.17
N LYS E 232 -87.20 6.48 -46.66
CA LYS E 232 -87.52 6.09 -48.03
C LYS E 232 -89.00 5.78 -48.17
N ILE E 233 -89.62 6.33 -49.21
CA ILE E 233 -91.01 6.07 -49.53
C ILE E 233 -91.05 5.42 -50.91
N THR E 234 -91.65 4.23 -50.97
CA THR E 234 -91.71 3.46 -52.20
C THR E 234 -93.14 2.98 -52.45
N LYS E 235 -93.46 2.78 -53.74
CA LYS E 235 -94.79 2.32 -54.14
C LYS E 235 -94.64 1.63 -55.49
N SER E 236 -94.77 0.30 -55.49
CA SER E 236 -94.58 -0.46 -56.73
C SER E 236 -95.62 -0.08 -57.77
N GLY E 237 -96.87 0.08 -57.36
CA GLY E 237 -97.92 0.45 -58.30
C GLY E 237 -99.17 0.87 -57.55
N LEU E 238 -100.17 1.27 -58.33
CA LEU E 238 -101.45 1.68 -57.74
C LEU E 238 -102.17 0.52 -57.07
N HIS E 239 -101.95 -0.71 -57.54
CA HIS E 239 -102.56 -1.87 -56.91
C HIS E 239 -102.02 -2.08 -55.50
N SER E 240 -100.71 -1.89 -55.31
CA SER E 240 -100.10 -2.03 -54.01
C SER E 240 -100.19 -0.73 -53.22
N ASP E 241 -99.99 -0.83 -51.91
CA ASP E 241 -100.02 0.32 -51.03
C ASP E 241 -98.62 0.90 -50.86
N TRP E 242 -98.54 2.23 -50.85
CA TRP E 242 -97.26 2.89 -50.70
C TRP E 242 -96.72 2.71 -49.28
N LYS E 243 -95.46 2.33 -49.18
CA LYS E 243 -94.82 2.06 -47.90
C LYS E 243 -93.70 3.05 -47.63
N MET E 244 -93.40 3.24 -46.35
CA MET E 244 -92.32 4.11 -45.93
C MET E 244 -91.51 3.42 -44.84
N GLU E 245 -90.21 3.68 -44.83
CA GLU E 245 -89.32 3.09 -43.83
C GLU E 245 -88.05 3.92 -43.76
N THR E 246 -87.52 4.07 -42.55
CA THR E 246 -86.26 4.77 -42.36
C THR E 246 -85.12 3.96 -42.94
N VAL E 247 -84.21 4.64 -43.65
CA VAL E 247 -83.10 3.97 -44.32
C VAL E 247 -82.02 3.66 -43.30
N PHE E 248 -81.58 2.40 -43.27
CA PHE E 248 -80.50 1.96 -42.40
C PHE E 248 -79.33 1.46 -43.24
N GLY E 249 -78.12 1.62 -42.71
CA GLY E 249 -76.93 1.20 -43.41
C GLY E 249 -76.47 2.20 -44.45
N LYS E 250 -76.65 1.87 -45.73
CA LYS E 250 -76.29 2.75 -46.82
C LYS E 250 -77.51 3.01 -47.70
N THR E 251 -77.49 4.15 -48.38
CA THR E 251 -78.60 4.51 -49.26
C THR E 251 -78.61 3.64 -50.51
N SER E 252 -79.75 3.63 -51.20
CA SER E 252 -79.91 2.83 -52.40
C SER E 252 -79.14 3.37 -53.59
N SER E 253 -78.58 4.58 -53.49
CA SER E 253 -77.83 5.15 -54.60
C SER E 253 -76.52 4.40 -54.82
N PHE E 254 -75.95 4.60 -56.01
CA PHE E 254 -74.71 3.92 -56.36
C PHE E 254 -73.57 4.39 -55.47
N ARG E 255 -72.84 3.43 -54.89
CA ARG E 255 -71.71 3.70 -54.01
C ARG E 255 -72.11 4.64 -52.87
N GLY E 256 -73.32 4.43 -52.34
CA GLY E 256 -73.82 5.25 -51.25
C GLY E 256 -72.97 5.18 -50.00
N GLN E 257 -72.66 6.33 -49.42
CA GLN E 257 -71.85 6.36 -48.20
C GLN E 257 -72.62 5.78 -47.03
N LYS E 258 -71.94 4.99 -46.21
CA LYS E 258 -72.57 4.37 -45.06
C LYS E 258 -72.79 5.39 -43.95
N ALA E 259 -73.79 5.12 -43.11
CA ALA E 259 -74.10 6.02 -42.01
C ALA E 259 -72.94 6.09 -41.03
N ILE E 260 -72.61 7.32 -40.61
CA ILE E 260 -71.49 7.52 -39.69
C ILE E 260 -71.85 7.03 -38.30
N PHE E 261 -72.99 7.48 -37.77
CA PHE E 261 -73.41 7.10 -36.43
C PHE E 261 -74.91 7.29 -36.23
CA GLU F 8 -83.61 -11.26 -22.15
C GLU F 8 -84.71 -10.39 -21.56
N GLU F 9 -84.42 -9.78 -20.41
CA GLU F 9 -85.42 -8.96 -19.73
C GLU F 9 -85.75 -7.70 -20.53
N TRP F 10 -84.74 -7.07 -21.14
CA TRP F 10 -84.93 -5.81 -21.83
C TRP F 10 -84.21 -5.83 -23.17
N PHE F 11 -84.72 -5.02 -24.11
CA PHE F 11 -84.11 -4.86 -25.42
C PHE F 11 -83.46 -3.49 -25.51
N PRO F 12 -82.13 -3.38 -25.51
CA PRO F 12 -81.50 -2.07 -25.59
C PRO F 12 -81.65 -1.47 -26.98
N LEU F 13 -81.94 -0.16 -27.02
CA LEU F 13 -82.05 0.58 -28.27
C LEU F 13 -80.73 1.28 -28.56
N LYS F 14 -80.20 1.06 -29.75
CA LYS F 14 -78.98 1.75 -30.18
C LYS F 14 -79.31 3.04 -30.92
N GLN F 15 -80.16 3.87 -30.30
CA GLN F 15 -80.59 5.14 -30.88
C GLN F 15 -80.69 6.16 -29.75
N THR F 16 -80.37 7.42 -30.07
CA THR F 16 -80.40 8.49 -29.04
C THR F 16 -81.17 9.70 -29.58
N HIS F 17 -81.99 9.48 -30.62
CA HIS F 17 -82.78 10.59 -31.22
C HIS F 17 -84.23 10.53 -30.69
N TYR F 18 -84.41 9.86 -29.55
CA TYR F 18 -85.77 9.74 -28.94
C TYR F 18 -85.76 10.40 -27.57
N PRO F 19 -86.34 11.62 -27.41
CA PRO F 19 -86.42 12.29 -26.12
C PRO F 19 -87.37 11.56 -25.19
N PRO F 20 -87.18 11.69 -23.88
CA PRO F 20 -88.04 10.98 -22.93
C PRO F 20 -89.37 11.69 -22.74
N PRO F 21 -90.44 10.95 -22.54
CA PRO F 21 -91.73 11.58 -22.22
C PRO F 21 -91.70 12.20 -20.83
N THR F 22 -92.53 13.22 -20.64
CA THR F 22 -92.63 13.84 -19.33
C THR F 22 -93.56 13.03 -18.43
N ILE F 23 -93.37 13.20 -17.12
CA ILE F 23 -94.16 12.42 -16.15
C ILE F 23 -95.65 12.73 -16.24
N PRO F 24 -96.10 13.99 -16.28
CA PRO F 24 -97.56 14.22 -16.35
C PRO F 24 -98.22 13.60 -17.57
N SER F 25 -97.54 13.56 -18.71
CA SER F 25 -98.09 12.99 -19.93
C SER F 25 -97.83 11.50 -20.06
N MET F 26 -97.18 10.89 -19.08
CA MET F 26 -96.89 9.45 -19.16
C MET F 26 -98.17 8.63 -19.14
N LYS F 27 -99.12 8.99 -18.28
CA LYS F 27 -100.33 8.19 -18.06
C LYS F 27 -101.60 8.95 -18.36
N THR F 28 -101.52 10.04 -19.13
CA THR F 28 -102.70 10.82 -19.48
C THR F 28 -103.39 10.31 -20.74
N GLY F 29 -102.81 9.35 -21.45
CA GLY F 29 -103.37 8.83 -22.68
C GLY F 29 -102.87 9.51 -23.94
N HIS F 30 -102.23 10.67 -23.81
CA HIS F 30 -101.67 11.40 -24.95
C HIS F 30 -100.20 11.67 -24.66
N PRO F 31 -99.31 10.76 -25.04
CA PRO F 31 -97.89 10.93 -24.75
C PRO F 31 -97.29 12.11 -25.52
N THR F 32 -96.26 12.71 -24.91
CA THR F 32 -95.55 13.82 -25.52
C THR F 32 -94.20 13.41 -26.10
N GLY F 33 -93.93 12.11 -26.20
CA GLY F 33 -92.67 11.63 -26.72
C GLY F 33 -92.84 10.63 -27.84
N PRO F 34 -91.77 10.41 -28.60
CA PRO F 34 -91.87 9.44 -29.71
C PRO F 34 -92.21 8.03 -29.27
N ILE F 35 -91.71 7.60 -28.11
CA ILE F 35 -91.97 6.27 -27.58
C ILE F 35 -92.43 6.40 -26.14
N SER F 36 -93.57 5.79 -25.82
CA SER F 36 -94.13 5.82 -24.49
C SER F 36 -94.95 4.57 -24.26
N ILE F 37 -95.26 4.30 -22.99
CA ILE F 37 -96.05 3.13 -22.64
C ILE F 37 -97.46 3.28 -23.19
N GLY F 38 -97.91 2.29 -23.95
CA GLY F 38 -99.22 2.32 -24.57
C GLY F 38 -99.20 2.33 -26.09
N HIS F 39 -98.04 2.31 -26.74
CA HIS F 39 -97.95 2.31 -28.19
C HIS F 39 -97.93 0.88 -28.72
N ILE F 40 -98.33 0.75 -29.99
CA ILE F 40 -98.33 -0.53 -30.70
C ILE F 40 -97.48 -0.37 -31.95
N ILE F 41 -96.51 -1.25 -32.14
CA ILE F 41 -95.63 -1.21 -33.30
C ILE F 41 -95.75 -2.51 -34.07
N PRO F 42 -95.71 -2.48 -35.42
CA PRO F 42 -95.77 -3.73 -36.17
C PRO F 42 -94.60 -4.67 -35.89
N ASP F 43 -93.42 -4.13 -35.64
CA ASP F 43 -92.23 -4.95 -35.42
C ASP F 43 -91.19 -4.10 -34.71
N LEU F 44 -90.16 -4.76 -34.19
CA LEU F 44 -89.07 -4.06 -33.52
C LEU F 44 -88.32 -3.15 -34.49
N ARG F 45 -88.07 -3.65 -35.71
CA ARG F 45 -87.37 -2.83 -36.70
C ARG F 45 -88.19 -1.61 -37.08
N HIS F 46 -89.49 -1.77 -37.30
CA HIS F 46 -90.37 -0.65 -37.60
C HIS F 46 -90.82 0.03 -36.31
N LEU F 47 -89.86 0.45 -35.48
CA LEU F 47 -90.18 1.05 -34.20
C LEU F 47 -90.77 2.44 -34.32
N ASP F 48 -90.50 3.15 -35.42
CA ASP F 48 -90.99 4.50 -35.61
C ASP F 48 -92.40 4.55 -36.21
N ASN F 49 -92.99 3.41 -36.54
CA ASN F 49 -94.32 3.35 -37.14
C ASN F 49 -95.32 3.03 -36.02
N VAL F 50 -95.67 4.06 -35.26
CA VAL F 50 -96.64 3.91 -34.17
C VAL F 50 -98.04 3.80 -34.77
N ILE F 51 -98.71 2.68 -34.52
CA ILE F 51 -100.04 2.47 -35.06
C ILE F 51 -101.05 3.41 -34.40
N ASN F 52 -101.00 3.51 -33.07
CA ASN F 52 -101.90 4.39 -32.32
C ASN F 52 -101.25 5.77 -32.12
N CYS F 53 -101.01 6.44 -33.24
CA CYS F 53 -100.39 7.76 -33.21
C CYS F 53 -101.28 8.79 -32.53
N LYS F 54 -102.60 8.69 -32.74
CA LYS F 54 -103.51 9.68 -32.16
C LYS F 54 -103.49 9.61 -30.64
N GLY F 55 -103.48 8.41 -30.08
CA GLY F 55 -103.46 8.24 -28.64
C GLY F 55 -104.06 6.91 -28.23
N PHE F 56 -104.38 6.81 -26.95
CA PHE F 56 -104.95 5.59 -26.39
C PHE F 56 -105.73 5.96 -25.13
N GLU F 57 -106.51 5.00 -24.65
CA GLU F 57 -107.35 5.23 -23.49
C GLU F 57 -106.49 5.48 -22.25
N PRO F 58 -106.91 6.38 -21.36
CA PRO F 58 -106.14 6.60 -20.13
C PRO F 58 -106.12 5.36 -19.25
N PHE F 59 -105.06 5.24 -18.46
CA PHE F 59 -104.90 4.08 -17.60
C PHE F 59 -106.00 4.06 -16.54
N PRO F 60 -106.66 2.93 -16.31
CA PRO F 60 -107.64 2.84 -15.23
C PRO F 60 -106.99 3.00 -13.87
N PRO F 61 -107.76 3.34 -12.83
CA PRO F 61 -107.16 3.50 -11.50
C PRO F 61 -106.47 2.25 -10.99
N ASN F 62 -106.92 1.06 -11.40
CA ASN F 62 -106.22 -0.16 -11.02
C ASN F 62 -104.81 -0.18 -11.60
N MET F 63 -104.65 0.27 -12.84
CA MET F 63 -103.34 0.34 -13.45
C MET F 63 -102.44 1.34 -12.71
N ASP F 64 -101.17 0.97 -12.56
CA ASP F 64 -100.19 1.85 -11.94
C ASP F 64 -98.82 1.55 -12.53
N VAL F 65 -97.92 2.51 -12.41
CA VAL F 65 -96.57 2.41 -12.94
C VAL F 65 -95.60 2.23 -11.78
N PHE F 66 -94.73 1.24 -11.91
CA PHE F 66 -93.70 0.96 -10.90
C PHE F 66 -92.37 1.53 -11.37
N THR F 67 -91.69 2.24 -10.48
CA THR F 67 -90.46 2.93 -10.81
C THR F 67 -89.28 2.33 -10.05
N ALA F 68 -88.12 2.31 -10.70
CA ALA F 68 -86.88 1.86 -10.09
C ALA F 68 -85.78 2.85 -10.42
N HIS F 69 -84.77 2.91 -9.55
CA HIS F 69 -83.68 3.87 -9.69
C HIS F 69 -82.34 3.13 -9.68
N TYR F 70 -81.41 3.62 -10.49
CA TYR F 70 -80.08 3.04 -10.60
C TYR F 70 -79.05 4.17 -10.71
N GLU F 71 -77.89 3.97 -10.08
CA GLU F 71 -76.82 4.95 -10.11
C GLU F 71 -75.51 4.26 -10.43
N GLN F 72 -74.61 5.01 -11.07
CA GLN F 72 -73.28 4.52 -11.48
C GLN F 72 -73.40 3.25 -12.33
N CYS F 73 -74.41 3.20 -13.20
CA CYS F 73 -74.61 2.05 -14.06
C CYS F 73 -73.75 2.17 -15.31
N HIS F 74 -72.99 1.11 -15.59
CA HIS F 74 -72.14 1.07 -16.77
C HIS F 74 -72.30 -0.28 -17.46
N PHE F 75 -72.04 -0.31 -18.76
CA PHE F 75 -72.23 -1.50 -19.56
C PHE F 75 -71.16 -1.55 -20.65
N GLY F 76 -70.31 -2.56 -20.59
CA GLY F 76 -69.27 -2.75 -21.58
C GLY F 76 -69.22 -4.17 -22.08
N ASP F 77 -69.03 -4.31 -23.39
CA ASP F 77 -68.99 -5.62 -24.03
C ASP F 77 -67.98 -5.61 -25.17
N HIS F 78 -67.52 -6.82 -25.52
CA HIS F 78 -66.55 -7.00 -26.59
C HIS F 78 -67.03 -8.13 -27.50
N LEU F 79 -66.44 -8.20 -28.69
CA LEU F 79 -66.80 -9.24 -29.65
C LEU F 79 -65.61 -9.48 -30.57
N ASN F 80 -65.26 -10.75 -30.75
CA ASN F 80 -64.20 -11.16 -31.66
C ASN F 80 -64.74 -12.23 -32.59
N SER F 81 -64.61 -12.01 -33.90
CA SER F 81 -65.06 -12.96 -34.90
C SER F 81 -63.93 -13.18 -35.90
N GLU F 82 -63.42 -14.41 -35.96
CA GLU F 82 -62.29 -14.77 -36.82
C GLU F 82 -62.74 -15.87 -37.77
N PHE F 83 -63.27 -15.49 -38.92
CA PHE F 83 -63.67 -16.43 -39.97
C PHE F 83 -62.46 -16.70 -40.86
N VAL F 84 -61.86 -17.88 -40.69
CA VAL F 84 -60.63 -18.24 -41.40
C VAL F 84 -60.89 -19.46 -42.26
N VAL F 85 -60.54 -19.37 -43.53
CA VAL F 85 -60.64 -20.48 -44.47
C VAL F 85 -59.28 -20.70 -45.10
N GLN F 86 -58.72 -21.89 -44.93
CA GLN F 86 -57.41 -22.23 -45.49
C GLN F 86 -57.57 -23.42 -46.43
N ALA F 87 -57.00 -23.29 -47.63
CA ALA F 87 -57.08 -24.34 -48.63
C ALA F 87 -55.77 -24.44 -49.42
N SER F 105 -57.68 -23.60 -53.78
CA SER F 105 -56.43 -22.82 -53.68
C SER F 105 -56.72 -21.37 -53.38
N ALA F 106 -57.29 -21.10 -52.20
CA ALA F 106 -57.62 -19.74 -51.79
C ALA F 106 -57.51 -19.64 -50.28
N GLY F 107 -57.28 -18.41 -49.81
CA GLY F 107 -57.20 -18.16 -48.39
C GLY F 107 -58.00 -16.93 -47.96
N LEU F 108 -58.92 -17.11 -47.02
CA LEU F 108 -59.78 -16.04 -46.55
C LEU F 108 -59.57 -15.83 -45.06
N HIS F 109 -59.45 -14.56 -44.66
CA HIS F 109 -59.28 -14.19 -43.27
C HIS F 109 -60.13 -12.97 -42.98
N HIS F 110 -61.25 -13.17 -42.28
CA HIS F 110 -62.16 -12.10 -41.90
C HIS F 110 -62.11 -11.96 -40.38
N THR F 111 -61.51 -10.87 -39.91
CA THR F 111 -61.34 -10.61 -38.49
C THR F 111 -62.15 -9.38 -38.11
N ASN F 112 -63.12 -9.57 -37.22
CA ASN F 112 -63.96 -8.48 -36.71
C ASN F 112 -63.71 -8.34 -35.22
N ILE F 113 -63.34 -7.14 -34.79
CA ILE F 113 -63.13 -6.83 -33.38
C ILE F 113 -63.97 -5.61 -33.04
N THR F 114 -64.93 -5.78 -32.13
CA THR F 114 -65.85 -4.73 -31.75
C THR F 114 -65.79 -4.50 -30.24
N SER F 115 -65.77 -3.25 -29.82
CA SER F 115 -65.74 -2.89 -28.42
C SER F 115 -66.71 -1.74 -28.16
N ASP F 116 -67.60 -1.92 -27.19
CA ASP F 116 -68.59 -0.92 -26.84
C ASP F 116 -68.56 -0.69 -25.34
N ARG F 117 -68.63 0.59 -24.93
CA ARG F 117 -68.64 0.95 -23.52
C ARG F 117 -69.63 2.08 -23.30
N TRP F 118 -70.56 1.89 -22.37
CA TRP F 118 -71.50 2.92 -21.96
C TRP F 118 -71.34 3.16 -20.46
N GLU F 119 -71.15 4.41 -20.07
CA GLU F 119 -71.01 4.80 -18.68
C GLU F 119 -72.08 5.85 -18.38
N TYR F 120 -73.16 5.44 -17.72
CA TYR F 120 -74.24 6.33 -17.37
C TYR F 120 -73.94 7.04 -16.05
N ASP F 121 -74.90 7.84 -15.60
CA ASP F 121 -74.77 8.52 -14.32
C ASP F 121 -75.99 8.28 -13.44
N SER F 122 -77.16 8.19 -14.08
CA SER F 122 -78.40 7.92 -13.36
C SER F 122 -79.41 7.36 -14.35
N VAL F 123 -80.10 6.29 -13.93
CA VAL F 123 -81.06 5.60 -14.78
C VAL F 123 -82.35 5.38 -13.99
N VAL F 124 -83.48 5.59 -14.65
CA VAL F 124 -84.79 5.36 -14.07
C VAL F 124 -85.54 4.37 -14.96
N GLU F 125 -86.29 3.48 -14.33
CA GLU F 125 -87.01 2.43 -15.04
C GLU F 125 -88.49 2.47 -14.65
N TYR F 126 -89.35 2.50 -15.66
CA TYR F 126 -90.80 2.50 -15.48
C TYR F 126 -91.37 1.23 -16.08
N ALA F 127 -92.23 0.54 -15.32
CA ALA F 127 -92.83 -0.70 -15.78
C ALA F 127 -94.32 -0.71 -15.44
N VAL F 128 -95.08 -1.50 -16.21
CA VAL F 128 -96.51 -1.65 -16.03
C VAL F 128 -96.88 -3.09 -16.37
N TYR F 129 -98.10 -3.49 -16.00
CA TYR F 129 -98.60 -4.83 -16.29
C TYR F 129 -99.97 -4.71 -16.98
N PRO F 130 -100.18 -5.40 -18.09
CA PRO F 130 -101.43 -5.26 -18.82
C PRO F 130 -102.54 -6.11 -18.21
N THR F 131 -103.75 -5.91 -18.74
CA THR F 131 -104.94 -6.66 -18.33
C THR F 131 -105.71 -7.07 -19.57
N ARG F 132 -106.43 -8.19 -19.46
CA ARG F 132 -107.15 -8.73 -20.59
C ARG F 132 -108.19 -7.73 -21.13
N GLN F 133 -108.96 -7.13 -20.23
CA GLN F 133 -109.99 -6.19 -20.67
C GLN F 133 -109.37 -4.92 -21.25
N TYR F 134 -108.25 -4.46 -20.68
CA TYR F 134 -107.62 -3.24 -21.18
C TYR F 134 -107.08 -3.44 -22.59
N ILE F 135 -106.47 -4.60 -22.86
CA ILE F 135 -105.98 -4.88 -24.21
C ILE F 135 -107.15 -5.03 -25.18
N ASP F 136 -108.23 -5.66 -24.73
CA ASP F 136 -109.40 -5.83 -25.60
C ASP F 136 -110.01 -4.49 -25.98
N ARG F 137 -110.13 -3.56 -25.03
CA ARG F 137 -110.66 -2.24 -25.35
C ARG F 137 -109.65 -1.42 -26.14
N LEU F 138 -108.35 -1.72 -26.00
CA LEU F 138 -107.34 -1.06 -26.82
C LEU F 138 -107.44 -1.49 -28.27
N LEU F 139 -107.75 -2.77 -28.52
CA LEU F 139 -107.91 -3.28 -29.87
C LEU F 139 -109.12 -2.68 -30.59
N GLU F 140 -110.03 -2.04 -29.86
CA GLU F 140 -111.20 -1.40 -30.45
C GLU F 140 -110.93 0.00 -30.96
N SER F 141 -109.70 0.49 -30.80
CA SER F 141 -109.36 1.83 -31.28
C SER F 141 -109.42 1.88 -32.81
N LYS F 142 -109.67 3.08 -33.33
CA LYS F 142 -109.87 3.24 -34.77
C LYS F 142 -108.63 2.82 -35.54
N GLU F 143 -107.46 3.36 -35.18
CA GLU F 143 -106.24 3.01 -35.88
C GLU F 143 -105.89 1.54 -35.68
N VAL F 144 -106.07 1.03 -34.45
CA VAL F 144 -105.75 -0.37 -34.17
C VAL F 144 -106.68 -1.30 -34.94
N ARG F 145 -107.98 -1.00 -34.98
CA ARG F 145 -108.91 -1.86 -35.69
C ARG F 145 -108.68 -1.81 -37.20
N GLN F 146 -108.28 -0.64 -37.71
CA GLN F 146 -107.96 -0.55 -39.14
C GLN F 146 -106.76 -1.42 -39.48
N TYR F 147 -105.72 -1.39 -38.65
CA TYR F 147 -104.52 -2.18 -38.92
C TYR F 147 -104.80 -3.67 -38.85
N ILE F 148 -105.57 -4.11 -37.84
CA ILE F 148 -105.82 -5.54 -37.67
C ILE F 148 -106.68 -6.07 -38.82
N GLN F 149 -107.62 -5.25 -39.30
CA GLN F 149 -108.41 -5.64 -40.47
C GLN F 149 -107.52 -5.78 -41.71
N LYS F 150 -106.60 -4.83 -41.92
CA LYS F 150 -105.69 -4.92 -43.05
C LYS F 150 -104.77 -6.12 -42.93
N SER F 151 -104.26 -6.39 -41.72
CA SER F 151 -103.39 -7.54 -41.52
C SER F 151 -104.15 -8.84 -41.73
N LYS F 152 -105.39 -8.93 -41.24
CA LYS F 152 -106.19 -10.13 -41.45
C LYS F 152 -106.52 -10.33 -42.91
N LYS F 153 -106.82 -9.24 -43.62
CA LYS F 153 -107.11 -9.34 -45.05
C LYS F 153 -105.87 -9.79 -45.83
N LEU F 154 -104.70 -9.29 -45.45
CA LEU F 154 -103.47 -9.62 -46.17
C LEU F 154 -102.87 -10.93 -45.66
N LEU F 155 -102.63 -11.03 -44.36
CA LEU F 155 -102.01 -12.20 -43.76
C LEU F 155 -103.06 -13.07 -43.07
N GLY F 156 -102.80 -14.38 -43.03
CA GLY F 156 -103.71 -15.29 -42.39
C GLY F 156 -103.83 -15.06 -40.90
N GLY F 157 -102.70 -14.84 -40.23
CA GLY F 157 -102.69 -14.56 -38.81
C GLY F 157 -101.94 -13.30 -38.46
N TRP F 158 -102.59 -12.39 -37.74
CA TRP F 158 -102.00 -11.12 -37.40
C TRP F 158 -101.19 -11.22 -36.11
N CYS F 159 -100.18 -10.36 -36.00
CA CYS F 159 -99.34 -10.30 -34.81
C CYS F 159 -98.78 -8.90 -34.68
N VAL F 160 -98.88 -8.33 -33.47
CA VAL F 160 -98.40 -6.99 -33.18
C VAL F 160 -97.61 -7.03 -31.87
N TYR F 161 -96.96 -5.91 -31.57
CA TYR F 161 -96.20 -5.76 -30.34
C TYR F 161 -96.63 -4.49 -29.62
N MET F 162 -96.54 -4.53 -28.29
CA MET F 162 -96.89 -3.39 -27.46
C MET F 162 -95.75 -3.09 -26.50
N VAL F 163 -95.40 -1.82 -26.39
CA VAL F 163 -94.36 -1.40 -25.45
C VAL F 163 -94.92 -1.41 -24.04
N THR F 164 -94.20 -2.06 -23.13
CA THR F 164 -94.64 -2.21 -21.74
C THR F 164 -93.90 -1.30 -20.78
N GLY F 165 -92.56 -1.32 -20.82
CA GLY F 165 -91.78 -0.47 -19.95
C GLY F 165 -90.68 0.23 -20.74
N ILE F 166 -90.19 1.32 -20.15
CA ILE F 166 -89.12 2.11 -20.76
C ILE F 166 -88.09 2.43 -19.68
N MET F 167 -86.82 2.40 -20.07
CA MET F 167 -85.71 2.75 -19.19
C MET F 167 -85.09 4.04 -19.71
N VAL F 168 -85.03 5.07 -18.86
CA VAL F 168 -84.65 6.42 -19.27
C VAL F 168 -83.40 6.81 -18.50
N ALA F 169 -82.37 7.27 -19.23
CA ALA F 169 -81.18 7.80 -18.60
C ALA F 169 -81.40 9.25 -18.19
N ARG F 170 -80.54 9.73 -17.28
CA ARG F 170 -80.60 11.10 -16.79
C ARG F 170 -79.24 11.75 -17.01
N GLY F 171 -79.22 12.86 -17.76
CA GLY F 171 -77.98 13.57 -18.02
C GLY F 171 -77.08 12.92 -19.04
N GLY F 172 -77.55 11.87 -19.73
CA GLY F 172 -76.72 11.20 -20.71
C GLY F 172 -75.61 10.38 -20.08
N GLY F 173 -74.70 9.94 -20.94
CA GLY F 173 -73.57 9.16 -20.49
C GLY F 173 -72.53 9.03 -21.58
N ARG F 174 -71.29 8.82 -21.15
CA ARG F 174 -70.17 8.69 -22.09
C ARG F 174 -70.29 7.39 -22.88
N ASN F 175 -69.92 7.45 -24.15
CA ASN F 175 -69.94 6.30 -25.04
C ASN F 175 -68.62 6.21 -25.79
N VAL F 176 -68.05 5.01 -25.83
CA VAL F 176 -66.81 4.74 -26.57
C VAL F 176 -67.06 3.52 -27.45
N THR F 177 -66.80 3.65 -28.74
CA THR F 177 -66.98 2.57 -29.71
C THR F 177 -65.70 2.39 -30.49
N SER F 178 -65.26 1.14 -30.61
CA SER F 178 -64.06 0.80 -31.36
C SER F 178 -64.35 -0.39 -32.25
N GLU F 179 -64.30 -0.19 -33.56
CA GLU F 179 -64.57 -1.22 -34.54
C GLU F 179 -63.35 -1.43 -35.42
N GLU F 180 -63.00 -2.68 -35.66
CA GLU F 180 -61.86 -3.03 -36.50
C GLU F 180 -62.24 -4.21 -37.38
N LYS F 181 -62.28 -3.99 -38.69
CA LYS F 181 -62.66 -5.01 -39.65
C LYS F 181 -61.52 -5.21 -40.63
N GLY F 182 -60.94 -6.41 -40.64
CA GLY F 182 -59.89 -6.75 -41.58
C GLY F 182 -60.24 -7.94 -42.44
N ALA F 183 -60.30 -7.74 -43.75
CA ALA F 183 -60.65 -8.79 -44.69
C ALA F 183 -59.48 -9.01 -45.63
N GLY F 184 -58.95 -10.24 -45.65
CA GLY F 184 -57.87 -10.58 -46.54
C GLY F 184 -58.16 -11.82 -47.36
N VAL F 185 -58.26 -11.66 -48.68
CA VAL F 185 -58.54 -12.76 -49.59
C VAL F 185 -57.37 -12.88 -50.55
N SER F 186 -56.79 -14.08 -50.62
CA SER F 186 -55.67 -14.38 -51.52
C SER F 186 -56.07 -15.56 -52.38
N GLY F 187 -56.24 -15.33 -53.68
CA GLY F 187 -56.65 -16.35 -54.63
C GLY F 187 -55.52 -16.67 -55.60
N ASN F 188 -55.23 -17.95 -55.74
CA ASN F 188 -54.20 -18.45 -56.64
C ASN F 188 -54.84 -19.21 -57.78
N VAL F 189 -54.52 -18.82 -59.01
CA VAL F 189 -55.06 -19.44 -60.21
C VAL F 189 -53.93 -20.10 -60.97
N GLY F 190 -54.11 -21.37 -61.32
CA GLY F 190 -53.09 -22.12 -62.04
C GLY F 190 -53.67 -23.09 -63.05
N PHE F 199 -49.38 -19.18 -67.63
CA PHE F 199 -50.33 -18.18 -67.18
C PHE F 199 -50.94 -18.57 -65.84
N ALA F 200 -50.36 -18.03 -64.76
CA ALA F 200 -50.79 -18.33 -63.40
C ALA F 200 -51.01 -17.03 -62.65
N PRO F 201 -52.12 -16.33 -62.91
CA PRO F 201 -52.38 -15.07 -62.21
C PRO F 201 -52.69 -15.31 -60.74
N GLU F 202 -52.36 -14.30 -59.92
CA GLU F 202 -52.63 -14.32 -58.49
C GLU F 202 -53.28 -13.00 -58.10
N VAL F 203 -54.34 -13.08 -57.29
CA VAL F 203 -55.08 -11.92 -56.84
C VAL F 203 -54.98 -11.83 -55.32
N GLY F 204 -54.51 -10.70 -54.82
CA GLY F 204 -54.41 -10.49 -53.40
C GLY F 204 -55.07 -9.20 -52.94
N TRP F 205 -56.13 -9.31 -52.16
CA TRP F 205 -56.87 -8.17 -51.64
C TRP F 205 -56.74 -8.14 -50.12
N ASP F 206 -56.28 -7.01 -49.58
CA ASP F 206 -56.06 -6.85 -48.14
C ASP F 206 -56.63 -5.50 -47.74
N THR F 207 -57.82 -5.49 -47.17
CA THR F 207 -58.47 -4.26 -46.73
C THR F 207 -58.61 -4.25 -45.21
N LYS F 208 -58.47 -3.05 -44.63
CA LYS F 208 -58.59 -2.87 -43.20
C LYS F 208 -59.40 -1.60 -42.93
N THR F 209 -60.23 -1.65 -41.89
CA THR F 209 -61.07 -0.52 -41.52
C THR F 209 -61.03 -0.34 -40.01
N LYS F 210 -60.72 0.87 -39.56
CA LYS F 210 -60.72 1.23 -38.16
C LYS F 210 -61.67 2.38 -37.91
N THR F 211 -62.37 2.35 -36.78
CA THR F 211 -63.32 3.40 -36.42
C THR F 211 -63.38 3.50 -34.91
N LYS F 212 -62.97 4.65 -34.38
CA LYS F 212 -63.03 4.94 -32.95
C LYS F 212 -63.86 6.19 -32.75
N VAL F 213 -65.00 6.05 -32.08
CA VAL F 213 -65.95 7.15 -31.88
C VAL F 213 -66.10 7.40 -30.40
N ASN F 214 -65.89 8.65 -29.99
CA ASN F 214 -66.08 9.08 -28.61
C ASN F 214 -67.21 10.09 -28.57
N ALA F 215 -68.19 9.86 -27.68
CA ALA F 215 -69.35 10.72 -27.57
C ALA F 215 -69.64 11.02 -26.11
N HIS F 216 -70.08 12.24 -25.83
CA HIS F 216 -70.44 12.69 -24.48
C HIS F 216 -71.82 13.34 -24.56
N HIS F 217 -72.86 12.52 -24.42
CA HIS F 217 -74.22 13.03 -24.41
C HIS F 217 -74.50 13.77 -23.11
N THR F 218 -75.33 14.81 -23.20
CA THR F 218 -75.69 15.65 -22.05
C THR F 218 -77.18 15.92 -22.05
N THR F 219 -77.98 14.92 -22.41
CA THR F 219 -79.43 15.05 -22.40
C THR F 219 -80.05 13.69 -22.19
N ASP F 220 -81.30 13.70 -21.73
CA ASP F 220 -82.00 12.46 -21.43
C ASP F 220 -82.49 11.79 -22.71
N PHE F 221 -82.51 10.46 -22.70
CA PHE F 221 -82.98 9.68 -23.84
C PHE F 221 -83.42 8.31 -23.37
N VAL F 222 -84.19 7.64 -24.21
CA VAL F 222 -84.72 6.31 -23.90
C VAL F 222 -83.64 5.27 -24.17
N CYS F 223 -83.41 4.39 -23.19
CA CYS F 223 -82.36 3.37 -23.30
C CYS F 223 -82.91 2.05 -23.83
N ALA F 224 -83.87 1.46 -23.12
CA ALA F 224 -84.37 0.13 -23.47
C ALA F 224 -85.86 0.06 -23.21
N ILE F 225 -86.52 -0.89 -23.88
CA ILE F 225 -87.96 -1.09 -23.77
C ILE F 225 -88.24 -2.58 -23.63
N ARG F 226 -89.43 -2.89 -23.14
CA ARG F 226 -89.95 -4.26 -23.08
C ARG F 226 -91.15 -4.39 -24.00
N LEU F 227 -91.18 -5.48 -24.76
CA LEU F 227 -92.21 -5.71 -25.77
C LEU F 227 -93.06 -6.91 -25.39
N VAL F 228 -94.38 -6.76 -25.52
CA VAL F 228 -95.33 -7.85 -25.31
C VAL F 228 -95.95 -8.18 -26.65
N LYS F 229 -95.91 -9.46 -27.03
CA LYS F 229 -96.36 -9.92 -28.33
C LYS F 229 -97.81 -10.37 -28.26
N ILE F 230 -98.66 -9.79 -29.11
CA ILE F 230 -100.06 -10.16 -29.22
C ILE F 230 -100.28 -10.73 -30.61
N ALA F 231 -100.68 -12.00 -30.67
CA ALA F 231 -100.88 -12.69 -31.93
C ALA F 231 -102.18 -13.50 -31.90
N LYS F 232 -102.75 -13.72 -33.07
CA LYS F 232 -103.93 -14.56 -33.20
C LYS F 232 -103.95 -15.16 -34.60
N SER F 233 -104.15 -16.48 -34.68
CA SER F 233 -104.18 -17.17 -35.96
C SER F 233 -105.00 -18.44 -35.80
N GLY F 234 -105.44 -18.97 -36.93
CA GLY F 234 -106.25 -20.17 -36.92
C GLY F 234 -107.66 -19.98 -36.41
N LEU F 235 -108.20 -18.77 -36.51
CA LEU F 235 -109.56 -18.46 -36.04
C LEU F 235 -109.71 -18.78 -34.56
N ARG F 236 -108.74 -18.33 -33.76
CA ARG F 236 -108.78 -18.54 -32.33
C ARG F 236 -109.90 -17.71 -31.69
N SER F 237 -110.50 -18.26 -30.63
CA SER F 237 -111.57 -17.53 -29.95
C SER F 237 -111.06 -16.22 -29.34
N SER F 238 -109.87 -16.25 -28.75
CA SER F 238 -109.26 -15.08 -28.16
C SER F 238 -107.78 -15.01 -28.56
N TRP F 239 -107.24 -13.80 -28.58
CA TRP F 239 -105.85 -13.60 -28.94
C TRP F 239 -104.93 -14.12 -27.84
N THR F 240 -103.66 -14.30 -28.19
CA THR F 240 -102.65 -14.85 -27.29
C THR F 240 -101.63 -13.78 -26.97
N MET F 241 -101.28 -13.66 -25.69
CA MET F 241 -100.30 -12.69 -25.21
C MET F 241 -99.08 -13.43 -24.69
N LYS F 242 -97.90 -13.04 -25.17
CA LYS F 242 -96.64 -13.69 -24.81
C LYS F 242 -95.56 -12.63 -24.57
N LYS F 243 -94.47 -13.07 -23.96
CA LYS F 243 -93.32 -12.23 -23.71
C LYS F 243 -92.19 -12.62 -24.64
N VAL F 244 -91.33 -11.65 -24.97
CA VAL F 244 -90.24 -11.83 -25.91
C VAL F 244 -88.93 -11.53 -25.19
N THR F 245 -87.97 -12.45 -25.32
CA THR F 245 -86.66 -12.30 -24.71
C THR F 245 -85.58 -12.53 -25.76
N ARG F 246 -84.45 -11.85 -25.59
CA ARG F 246 -83.32 -11.98 -26.50
C ARG F 246 -82.46 -13.18 -26.11
CA MET G 5 -82.45 -28.99 1.23
C MET G 5 -82.67 -28.21 2.52
N ASP G 6 -81.90 -27.14 2.71
CA ASP G 6 -81.98 -26.30 3.90
C ASP G 6 -82.47 -24.89 3.61
N LYS G 7 -82.08 -24.32 2.49
CA LYS G 7 -82.45 -22.95 2.13
C LYS G 7 -83.77 -22.95 1.38
N CYS G 8 -84.67 -22.03 1.75
CA CYS G 8 -86.00 -21.98 1.17
C CYS G 8 -86.42 -20.54 0.89
N TRP G 9 -85.50 -19.74 0.35
CA TRP G 9 -85.77 -18.35 -0.02
C TRP G 9 -85.45 -18.15 -1.49
N PHE G 10 -86.46 -17.77 -2.27
CA PHE G 10 -86.31 -17.55 -3.70
C PHE G 10 -86.29 -16.06 -4.00
N THR G 11 -85.25 -15.62 -4.70
CA THR G 11 -85.07 -14.21 -5.02
C THR G 11 -85.87 -13.83 -6.26
N LEU G 12 -86.35 -12.59 -6.29
CA LEU G 12 -87.12 -12.07 -7.40
C LEU G 12 -86.21 -11.45 -8.45
N ASP G 13 -86.66 -11.48 -9.70
CA ASP G 13 -85.93 -10.88 -10.82
C ASP G 13 -86.39 -9.46 -11.12
N ASN G 14 -87.37 -8.94 -10.39
CA ASN G 14 -87.89 -7.59 -10.60
C ASN G 14 -87.78 -6.83 -9.29
N ALA G 15 -87.25 -5.60 -9.36
CA ALA G 15 -86.98 -4.81 -8.17
C ALA G 15 -87.83 -3.54 -8.09
N HIS G 16 -88.85 -3.42 -8.93
CA HIS G 16 -89.69 -2.23 -8.93
C HIS G 16 -90.94 -2.35 -8.05
N TYR G 17 -91.11 -3.48 -7.37
CA TYR G 17 -92.25 -3.63 -6.46
C TYR G 17 -92.02 -2.79 -5.21
N PRO G 18 -92.93 -1.88 -4.86
CA PRO G 18 -92.74 -1.11 -3.63
C PRO G 18 -92.91 -1.99 -2.41
N PRO G 19 -92.23 -1.67 -1.31
CA PRO G 19 -92.34 -2.48 -0.11
C PRO G 19 -93.64 -2.22 0.62
N PRO G 20 -94.36 -3.27 1.02
CA PRO G 20 -95.61 -3.07 1.77
C PRO G 20 -95.34 -2.49 3.15
N SER G 21 -96.32 -1.75 3.65
CA SER G 21 -96.25 -1.17 4.99
C SER G 21 -96.82 -2.14 6.02
N LEU G 22 -96.43 -1.92 7.28
CA LEU G 22 -96.86 -2.83 8.34
C LEU G 22 -98.37 -2.80 8.54
N ASP G 23 -98.96 -1.60 8.51
CA ASP G 23 -100.42 -1.51 8.64
C ASP G 23 -101.13 -2.07 7.42
N SER G 24 -100.58 -1.84 6.22
CA SER G 24 -101.20 -2.35 5.01
C SER G 24 -101.15 -3.87 4.96
N MET G 25 -100.02 -4.47 5.34
CA MET G 25 -99.91 -5.93 5.30
C MET G 25 -100.78 -6.58 6.38
N ARG G 26 -100.94 -5.92 7.52
CA ARG G 26 -101.88 -6.42 8.53
C ARG G 26 -103.31 -6.38 8.01
N SER G 27 -103.67 -5.30 7.31
CA SER G 27 -105.00 -5.19 6.70
C SER G 27 -105.12 -5.97 5.40
N GLY G 28 -104.03 -6.55 4.92
CA GLY G 28 -104.07 -7.32 3.68
C GLY G 28 -104.32 -6.49 2.44
N HIS G 29 -103.75 -5.29 2.37
CA HIS G 29 -103.89 -4.45 1.19
C HIS G 29 -102.90 -4.90 0.12
N PRO G 30 -103.35 -5.33 -1.06
CA PRO G 30 -102.42 -5.75 -2.12
C PRO G 30 -101.86 -4.56 -2.91
N ILE G 31 -101.06 -3.75 -2.23
CA ILE G 31 -100.41 -2.62 -2.89
C ILE G 31 -99.45 -3.11 -3.97
N SER G 32 -98.68 -4.14 -3.65
CA SER G 32 -97.76 -4.74 -4.61
C SER G 32 -98.23 -6.15 -4.99
N PRO G 33 -97.90 -6.60 -6.20
CA PRO G 33 -98.25 -7.98 -6.58
C PRO G 33 -97.64 -9.03 -5.66
N ALA G 34 -96.44 -8.77 -5.12
CA ALA G 34 -95.78 -9.70 -4.21
C ALA G 34 -96.12 -9.29 -2.78
N SER G 35 -97.09 -9.98 -2.17
CA SER G 35 -97.49 -9.70 -0.81
C SER G 35 -98.07 -10.96 -0.19
N LEU G 36 -98.14 -10.98 1.14
CA LEU G 36 -98.65 -12.13 1.85
C LEU G 36 -100.13 -12.33 1.58
N GLY G 37 -100.53 -13.59 1.43
CA GLY G 37 -101.91 -13.95 1.17
C GLY G 37 -102.24 -14.16 -0.29
N HIS G 38 -101.35 -13.79 -1.20
CA HIS G 38 -101.60 -13.97 -2.63
C HIS G 38 -101.37 -15.43 -3.04
N LEU G 39 -102.05 -15.83 -4.10
CA LEU G 39 -101.90 -17.15 -4.69
C LEU G 39 -101.45 -17.01 -6.13
N ILE G 40 -100.38 -17.72 -6.49
CA ILE G 40 -99.84 -17.65 -7.85
C ILE G 40 -99.67 -19.08 -8.38
N PRO G 41 -99.93 -19.30 -9.67
CA PRO G 41 -99.68 -20.64 -10.23
C PRO G 41 -98.22 -21.06 -10.16
N SER G 42 -97.29 -20.12 -10.28
CA SER G 42 -95.87 -20.42 -10.23
C SER G 42 -95.11 -19.15 -9.89
N LEU G 43 -93.83 -19.32 -9.53
CA LEU G 43 -93.00 -18.17 -9.19
C LEU G 43 -92.79 -17.26 -10.40
N ALA G 44 -92.59 -17.84 -11.58
CA ALA G 44 -92.40 -17.04 -12.79
C ALA G 44 -93.66 -16.31 -13.22
N HIS G 45 -94.81 -16.65 -12.66
CA HIS G 45 -96.09 -16.01 -13.00
C HIS G 45 -96.64 -15.26 -11.79
N LEU G 46 -95.76 -14.49 -11.13
CA LEU G 46 -96.18 -13.74 -9.94
C LEU G 46 -97.23 -12.69 -10.27
N ASP G 47 -97.15 -12.09 -11.46
CA ASP G 47 -98.14 -11.08 -11.85
C ASP G 47 -99.53 -11.67 -12.05
N GLN G 48 -99.64 -12.99 -12.23
CA GLN G 48 -100.93 -13.65 -12.40
C GLN G 48 -101.46 -14.08 -11.04
N ILE G 49 -101.93 -13.08 -10.28
CA ILE G 49 -102.47 -13.35 -8.96
C ILE G 49 -103.87 -13.95 -9.10
N ILE G 50 -104.08 -15.10 -8.44
CA ILE G 50 -105.39 -15.75 -8.49
C ILE G 50 -106.42 -14.94 -7.72
N ASN G 51 -106.03 -14.40 -6.57
CA ASN G 51 -106.96 -13.61 -5.76
C ASN G 51 -107.30 -12.30 -6.45
N ALA G 52 -108.59 -11.97 -6.49
CA ALA G 52 -109.06 -10.74 -7.12
C ALA G 52 -109.28 -9.65 -6.06
N LYS G 53 -108.17 -9.26 -5.43
CA LYS G 53 -108.17 -8.20 -4.41
C LYS G 53 -109.15 -8.51 -3.28
N ALA G 54 -109.22 -9.78 -2.89
CA ALA G 54 -110.08 -10.24 -1.80
C ALA G 54 -109.23 -11.10 -0.87
N ILE G 55 -108.55 -10.46 0.07
CA ILE G 55 -107.68 -11.16 1.02
C ILE G 55 -108.51 -11.55 2.23
N GLU G 56 -108.42 -12.83 2.61
CA GLU G 56 -109.13 -13.30 3.79
C GLU G 56 -108.60 -12.59 5.03
N PRO G 57 -109.47 -12.06 5.89
CA PRO G 57 -109.00 -11.37 7.08
C PRO G 57 -108.18 -12.28 7.98
N PHE G 58 -107.13 -11.73 8.57
CA PHE G 58 -106.27 -12.49 9.46
C PHE G 58 -106.94 -12.65 10.81
N PRO G 59 -107.15 -13.86 11.30
CA PRO G 59 -107.73 -14.04 12.64
C PRO G 59 -106.72 -13.65 13.72
N ALA G 60 -107.19 -13.68 14.97
CA ALA G 60 -106.33 -13.34 16.10
C ALA G 60 -105.19 -14.30 16.28
N THR G 61 -105.29 -15.52 15.74
CA THR G 61 -104.22 -16.51 15.86
C THR G 61 -103.12 -16.33 14.81
N MET G 62 -103.30 -15.42 13.87
CA MET G 62 -102.32 -15.19 12.81
C MET G 62 -101.45 -13.99 13.17
N ASP G 63 -100.14 -14.20 13.17
CA ASP G 63 -99.17 -13.15 13.46
C ASP G 63 -98.13 -13.08 12.36
N ILE G 64 -97.53 -11.90 12.21
CA ILE G 64 -96.50 -11.68 11.21
C ILE G 64 -95.13 -11.91 11.84
N HIS G 65 -95.14 -12.37 13.09
CA HIS G 65 -93.93 -12.66 13.87
C HIS G 65 -93.13 -11.36 13.99
N GLY G 66 -91.82 -11.37 13.75
CA GLY G 66 -91.02 -10.18 13.94
C GLY G 66 -90.12 -9.87 12.76
N PRO G 67 -89.65 -8.62 12.67
CA PRO G 67 -88.75 -8.20 11.58
C PRO G 67 -87.30 -8.62 11.80
N THR G 68 -87.00 -9.85 11.40
CA THR G 68 -85.63 -10.37 11.51
C THR G 68 -84.72 -9.60 10.57
N ILE G 69 -83.73 -8.90 11.13
CA ILE G 69 -82.87 -7.99 10.38
C ILE G 69 -81.53 -8.64 10.12
N ILE G 70 -81.04 -8.50 8.89
CA ILE G 70 -79.74 -9.02 8.48
C ILE G 70 -78.91 -7.84 7.99
N GLU G 71 -77.69 -7.70 8.50
CA GLU G 71 -76.81 -6.60 8.16
C GLU G 71 -75.54 -7.13 7.50
N ASP G 72 -74.95 -6.29 6.64
CA ASP G 72 -73.70 -6.58 5.94
C ASP G 72 -73.75 -7.93 5.23
N PHE G 73 -74.70 -8.03 4.30
CA PHE G 73 -74.91 -9.25 3.52
C PHE G 73 -74.15 -9.12 2.20
N LYS G 74 -73.01 -9.81 2.13
CA LYS G 74 -72.18 -9.84 0.92
C LYS G 74 -71.97 -11.29 0.53
N TRP G 75 -72.33 -11.62 -0.71
CA TRP G 75 -72.16 -12.99 -1.20
C TRP G 75 -71.61 -12.96 -2.61
N ASP G 76 -70.70 -13.88 -2.90
CA ASP G 76 -70.05 -13.99 -4.21
C ASP G 76 -70.31 -15.38 -4.77
N HIS G 77 -70.65 -15.44 -6.05
CA HIS G 77 -70.96 -16.71 -6.71
C HIS G 77 -70.39 -16.68 -8.13
N SER G 78 -69.40 -17.54 -8.38
CA SER G 78 -68.84 -17.73 -9.70
C SER G 78 -69.22 -19.13 -10.20
N HIS G 79 -70.00 -19.19 -11.28
CA HIS G 79 -70.44 -20.44 -11.88
C HIS G 79 -69.87 -20.50 -13.29
N GLU G 80 -68.84 -21.32 -13.47
CA GLU G 80 -68.17 -21.45 -14.76
C GLU G 80 -68.08 -22.92 -15.14
N TYR G 81 -68.30 -23.20 -16.43
CA TYR G 81 -68.20 -24.56 -16.94
C TYR G 81 -67.68 -24.50 -18.37
N SER G 82 -67.13 -25.62 -18.82
CA SER G 82 -66.56 -25.70 -20.16
C SER G 82 -66.78 -27.11 -20.70
N LEU G 83 -67.49 -27.22 -21.83
CA LEU G 83 -67.70 -28.48 -22.50
C LEU G 83 -66.98 -28.49 -23.84
N SER G 84 -66.51 -29.67 -24.23
CA SER G 84 -65.84 -29.85 -25.51
C SER G 84 -66.19 -31.22 -26.07
N LEU G 85 -66.16 -31.32 -27.40
CA LEU G 85 -66.46 -32.57 -28.08
C LEU G 85 -65.71 -32.61 -29.40
N GLY G 86 -65.37 -33.82 -29.82
CA GLY G 86 -64.69 -34.01 -31.09
C GLY G 86 -65.31 -35.11 -31.94
N GLY G 87 -65.86 -34.73 -33.08
CA GLY G 87 -66.44 -35.72 -33.98
C GLY G 87 -65.66 -35.89 -35.25
N LYS G 88 -64.98 -37.03 -35.40
CA LYS G 88 -64.15 -37.30 -36.57
C LYS G 88 -64.73 -38.47 -37.33
N VAL G 89 -65.04 -38.26 -38.61
CA VAL G 89 -65.61 -39.28 -39.48
C VAL G 89 -64.66 -39.45 -40.66
N PRO G 90 -64.37 -40.68 -41.09
CA PRO G 90 -63.51 -40.91 -42.25
C PRO G 90 -64.22 -40.65 -43.58
N LEU G 103 -60.68 -40.69 -47.15
CA LEU G 103 -61.36 -39.52 -46.60
C LEU G 103 -61.15 -39.43 -45.09
N ASN G 104 -61.02 -38.19 -44.59
CA ASN G 104 -60.89 -37.97 -43.16
C ASN G 104 -61.32 -36.54 -42.86
N VAL G 105 -62.30 -36.40 -41.96
CA VAL G 105 -62.82 -35.09 -41.57
C VAL G 105 -62.93 -35.06 -40.05
N GLY G 106 -62.36 -34.02 -39.44
CA GLY G 106 -62.41 -33.85 -38.00
C GLY G 106 -63.11 -32.57 -37.63
N LEU G 107 -63.89 -32.62 -36.55
CA LEU G 107 -64.64 -31.46 -36.06
C LEU G 107 -64.33 -31.28 -34.58
N GLY G 108 -63.95 -30.06 -34.21
CA GLY G 108 -63.69 -29.74 -32.81
C GLY G 108 -64.56 -28.61 -32.31
N GLY G 109 -65.44 -28.91 -31.35
CA GLY G 109 -66.34 -27.91 -30.82
C GLY G 109 -66.20 -27.71 -29.33
N ALA G 110 -65.85 -26.49 -28.93
CA ALA G 110 -65.67 -26.14 -27.53
C ALA G 110 -66.61 -24.98 -27.18
N PHE G 111 -67.23 -25.07 -26.01
CA PHE G 111 -68.14 -24.04 -25.53
C PHE G 111 -67.85 -23.78 -24.06
N SER G 112 -67.41 -22.57 -23.75
CA SER G 112 -67.10 -22.18 -22.37
C SER G 112 -67.98 -21.01 -21.98
N ARG G 113 -68.68 -21.16 -20.85
CA ARG G 113 -69.54 -20.12 -20.32
C ARG G 113 -69.19 -19.90 -18.85
N SER G 114 -68.91 -18.65 -18.49
CA SER G 114 -68.61 -18.27 -17.12
C SER G 114 -69.53 -17.13 -16.71
N VAL G 115 -70.21 -17.28 -15.57
CA VAL G 115 -71.10 -16.27 -15.03
C VAL G 115 -70.66 -15.98 -13.60
N ALA G 116 -70.22 -14.75 -13.35
CA ALA G 116 -69.74 -14.33 -12.04
C ALA G 116 -70.65 -13.26 -11.49
N ASN G 117 -71.25 -13.52 -10.33
CA ASN G 117 -72.14 -12.59 -9.67
C ASN G 117 -71.52 -12.14 -8.35
N TYR G 118 -71.73 -10.86 -8.02
CA TYR G 118 -71.21 -10.29 -6.79
C TYR G 118 -72.22 -9.27 -6.28
N TRP G 119 -72.86 -9.57 -5.15
CA TRP G 119 -73.88 -8.71 -4.57
C TRP G 119 -73.46 -8.26 -3.19
N GLU G 120 -73.78 -7.01 -2.87
CA GLU G 120 -73.56 -6.48 -1.52
C GLU G 120 -74.81 -5.71 -1.09
N PHE G 121 -75.29 -5.99 0.11
CA PHE G 121 -76.44 -5.29 0.66
C PHE G 121 -76.16 -4.91 2.11
N ASP G 122 -76.80 -3.82 2.55
CA ASP G 122 -76.55 -3.29 3.88
C ASP G 122 -77.56 -3.77 4.91
N ARG G 123 -78.84 -3.74 4.57
CA ARG G 123 -79.89 -4.13 5.51
C ARG G 123 -80.98 -4.91 4.79
N LEU G 124 -81.32 -6.08 5.33
CA LEU G 124 -82.45 -6.87 4.85
C LEU G 124 -83.37 -7.15 6.03
N GLU G 125 -84.68 -7.15 5.76
CA GLU G 125 -85.69 -7.28 6.80
C GLU G 125 -86.65 -8.39 6.44
N ARG G 126 -86.86 -9.32 7.37
CA ARG G 126 -87.63 -10.54 7.13
C ARG G 126 -88.98 -10.46 7.82
N TYR G 127 -90.04 -10.83 7.09
CA TYR G 127 -91.37 -11.00 7.66
C TYR G 127 -91.91 -12.37 7.25
N ILE G 128 -92.55 -13.05 8.18
CA ILE G 128 -92.98 -14.44 7.97
C ILE G 128 -94.25 -14.70 8.77
N MET G 129 -95.13 -15.51 8.18
CA MET G 129 -96.35 -15.94 8.86
C MET G 129 -96.54 -17.44 8.62
N GLN G 130 -97.24 -18.08 9.55
CA GLN G 130 -97.47 -19.52 9.49
C GLN G 130 -98.91 -19.82 9.11
N PRO G 131 -99.17 -20.35 7.92
CA PRO G 131 -100.55 -20.68 7.55
C PRO G 131 -101.12 -21.81 8.40
N THR G 132 -102.44 -21.79 8.58
CA THR G 132 -103.15 -22.80 9.34
C THR G 132 -104.13 -23.54 8.43
N ARG G 133 -104.57 -24.71 8.90
CA ARG G 133 -105.49 -25.53 8.11
C ARG G 133 -106.79 -24.80 7.85
N SER G 134 -107.36 -24.14 8.86
CA SER G 134 -108.62 -23.44 8.69
C SER G 134 -108.50 -22.29 7.71
N TYR G 135 -107.42 -21.51 7.81
CA TYR G 135 -107.27 -20.34 6.95
C TYR G 135 -107.12 -20.76 5.48
N VAL G 136 -106.33 -21.79 5.21
CA VAL G 136 -106.15 -22.25 3.83
C VAL G 136 -107.45 -22.82 3.29
N GLN G 137 -108.20 -23.56 4.12
CA GLN G 137 -109.48 -24.09 3.69
C GLN G 137 -110.46 -22.98 3.36
N LYS G 138 -110.46 -21.91 4.16
CA LYS G 138 -111.30 -20.75 3.86
C LYS G 138 -110.90 -20.12 2.53
N CYS G 139 -109.60 -19.99 2.29
CA CYS G 139 -109.13 -19.40 1.03
C CYS G 139 -109.49 -20.27 -0.17
N ILE G 140 -109.35 -21.59 -0.04
CA ILE G 140 -109.61 -22.49 -1.17
C ILE G 140 -111.09 -22.60 -1.51
N GLU G 141 -111.97 -22.14 -0.63
CA GLU G 141 -113.41 -22.18 -0.88
C GLU G 141 -113.93 -20.91 -1.54
N ARG G 142 -113.06 -19.96 -1.86
CA ARG G 142 -113.49 -18.74 -2.53
C ARG G 142 -114.00 -19.04 -3.93
N ASP G 143 -114.91 -18.20 -4.42
CA ASP G 143 -115.48 -18.40 -5.74
C ASP G 143 -114.44 -18.20 -6.83
N GLU G 144 -113.53 -17.25 -6.65
CA GLU G 144 -112.49 -17.01 -7.65
C GLU G 144 -111.59 -18.23 -7.82
N VAL G 145 -111.21 -18.86 -6.71
CA VAL G 145 -110.37 -20.06 -6.78
C VAL G 145 -111.15 -21.21 -7.41
N LYS G 146 -112.44 -21.33 -7.07
CA LYS G 146 -113.27 -22.36 -7.68
C LYS G 146 -113.39 -22.15 -9.18
N ARG G 147 -113.53 -20.90 -9.62
CA ARG G 147 -113.54 -20.61 -11.05
C ARG G 147 -112.21 -20.97 -11.70
N TRP G 148 -111.10 -20.64 -11.04
CA TRP G 148 -109.79 -20.89 -11.62
C TRP G 148 -109.53 -22.39 -11.77
N ILE G 149 -109.88 -23.18 -10.75
CA ILE G 149 -109.70 -24.63 -10.86
C ILE G 149 -110.67 -25.21 -11.86
N ALA G 150 -111.83 -24.58 -12.05
CA ALA G 150 -112.77 -25.02 -13.08
C ALA G 150 -112.24 -24.74 -14.48
N LYS G 151 -111.32 -23.79 -14.63
CA LYS G 151 -110.72 -23.53 -15.94
C LYS G 151 -109.86 -24.71 -16.42
N ASN G 152 -109.41 -25.56 -15.50
CA ASN G 152 -108.60 -26.70 -15.89
C ASN G 152 -109.43 -27.69 -16.70
N LYS G 153 -108.86 -28.16 -17.81
CA LYS G 153 -109.54 -29.09 -18.72
C LYS G 153 -108.53 -30.15 -19.16
N SER G 154 -108.45 -31.24 -18.41
CA SER G 154 -107.57 -32.35 -18.73
C SER G 154 -107.99 -33.55 -17.90
N MET G 155 -107.47 -34.71 -18.27
CA MET G 155 -107.76 -35.96 -17.56
C MET G 155 -106.66 -36.37 -16.60
N MET G 156 -105.40 -36.10 -16.93
CA MET G 156 -104.31 -36.44 -16.02
C MET G 156 -104.41 -35.67 -14.71
N MET G 157 -104.73 -34.38 -14.79
CA MET G 157 -104.92 -33.55 -13.60
C MET G 157 -106.40 -33.52 -13.21
N MET G 158 -106.89 -34.70 -12.82
CA MET G 158 -108.29 -34.88 -12.40
C MET G 158 -108.47 -34.27 -11.02
N GLY G 159 -108.67 -32.96 -11.01
CA GLY G 159 -108.73 -32.22 -9.76
C GLY G 159 -107.40 -31.86 -9.16
N ARG G 160 -106.31 -31.99 -9.92
CA ARG G 160 -104.97 -31.73 -9.41
C ARG G 160 -104.68 -30.23 -9.50
N TRP G 161 -104.69 -29.56 -8.35
CA TRP G 161 -104.38 -28.14 -8.27
C TRP G 161 -103.01 -27.96 -7.63
N GLU G 162 -102.16 -27.17 -8.27
CA GLU G 162 -100.81 -26.87 -7.77
C GLU G 162 -100.67 -25.36 -7.71
N VAL G 163 -101.04 -24.77 -6.58
CA VAL G 163 -100.97 -23.32 -6.39
C VAL G 163 -99.97 -23.03 -5.28
N TYR G 164 -99.31 -21.89 -5.40
CA TYR G 164 -98.31 -21.43 -4.43
C TYR G 164 -98.85 -20.20 -3.72
N MET G 165 -98.73 -20.19 -2.39
CA MET G 165 -99.17 -19.07 -1.57
C MET G 165 -97.94 -18.36 -0.99
N ILE G 166 -97.93 -17.03 -1.09
CA ILE G 166 -96.83 -16.25 -0.55
C ILE G 166 -96.90 -16.29 0.97
N THR G 167 -95.85 -16.83 1.60
CA THR G 167 -95.82 -16.98 3.04
C THR G 167 -94.84 -16.05 3.75
N GLY G 168 -93.73 -15.72 3.12
CA GLY G 168 -92.76 -14.83 3.73
C GLY G 168 -92.16 -13.90 2.69
N ILE G 169 -91.78 -12.71 3.15
CA ILE G 169 -91.17 -11.69 2.30
C ILE G 169 -89.98 -11.09 3.05
N ILE G 170 -88.88 -10.89 2.34
CA ILE G 170 -87.71 -10.19 2.87
C ILE G 170 -87.48 -8.96 2.00
N VAL G 171 -87.32 -7.81 2.64
CA VAL G 171 -87.29 -6.51 1.96
C VAL G 171 -85.92 -5.88 2.18
N ALA G 172 -85.29 -5.43 1.10
CA ALA G 172 -84.04 -4.69 1.19
C ALA G 172 -84.33 -3.23 1.49
N ARG G 173 -83.58 -2.67 2.44
CA ARG G 173 -83.77 -1.29 2.88
C ARG G 173 -82.46 -0.54 2.67
N GLY G 174 -82.30 0.05 1.48
CA GLY G 174 -81.11 0.80 1.17
C GLY G 174 -80.45 0.39 -0.13
N GLY G 175 -81.12 -0.47 -0.89
CA GLY G 175 -80.56 -0.92 -2.15
C GLY G 175 -79.33 -1.80 -1.95
N GLY G 176 -78.46 -1.78 -2.95
CA GLY G 176 -77.24 -2.57 -2.89
C GLY G 176 -76.46 -2.45 -4.17
N ARG G 177 -75.26 -3.00 -4.14
CA ARG G 177 -74.34 -2.97 -5.27
C ARG G 177 -74.30 -4.33 -5.93
N LYS G 178 -74.52 -4.36 -7.25
CA LYS G 178 -74.56 -5.60 -8.00
C LYS G 178 -73.51 -5.55 -9.11
N LYS G 179 -72.81 -6.66 -9.31
CA LYS G 179 -71.88 -6.82 -10.41
C LYS G 179 -72.12 -8.17 -11.07
N LYS G 180 -72.30 -8.16 -12.39
CA LYS G 180 -72.50 -9.39 -13.15
C LYS G 180 -71.57 -9.40 -14.34
N GLU G 181 -70.91 -10.53 -14.56
CA GLU G 181 -69.99 -10.71 -15.68
C GLU G 181 -70.32 -12.01 -16.38
N LYS G 182 -70.39 -11.97 -17.71
CA LYS G 182 -70.73 -13.13 -18.52
C LYS G 182 -69.69 -13.28 -19.62
N THR G 183 -68.99 -14.41 -19.63
CA THR G 183 -68.02 -14.73 -20.66
C THR G 183 -68.51 -15.94 -21.45
N THR G 184 -68.53 -15.81 -22.77
CA THR G 184 -68.96 -16.88 -23.66
C THR G 184 -67.91 -17.08 -24.74
N GLY G 185 -67.30 -18.26 -24.75
CA GLY G 185 -66.32 -18.59 -25.78
C GLY G 185 -66.71 -19.80 -26.58
N LYS G 186 -66.94 -19.62 -27.87
CA LYS G 186 -67.36 -20.69 -28.78
C LYS G 186 -66.29 -20.86 -29.85
N GLU G 187 -65.60 -21.99 -29.83
CA GLU G 187 -64.59 -22.32 -30.82
C GLU G 187 -65.09 -23.51 -31.64
N PHE G 188 -65.22 -23.30 -32.96
CA PHE G 188 -65.74 -24.31 -33.86
C PHE G 188 -64.73 -24.49 -34.99
N SER G 189 -64.12 -25.66 -35.06
CA SER G 189 -63.10 -25.96 -36.06
C SER G 189 -63.47 -27.22 -36.82
N VAL G 190 -63.34 -27.16 -38.14
CA VAL G 190 -63.59 -28.31 -39.01
C VAL G 190 -62.39 -28.49 -39.92
N GLU G 191 -61.76 -29.67 -39.85
CA GLU G 191 -60.63 -30.01 -40.68
C GLU G 191 -61.07 -31.05 -41.71
N VAL G 192 -60.94 -30.73 -42.98
CA VAL G 192 -61.35 -31.63 -44.05
C VAL G 192 -60.14 -32.08 -44.86
N PRO G 204 -58.26 -28.63 -47.04
CA PRO G 204 -59.41 -27.79 -46.73
C PRO G 204 -59.74 -27.78 -45.23
N GLY G 205 -60.20 -26.64 -44.73
CA GLY G 205 -60.55 -26.54 -43.31
C GLY G 205 -60.93 -25.14 -42.89
N GLY G 206 -61.98 -25.04 -42.07
CA GLY G 206 -62.43 -23.74 -41.58
C GLY G 206 -62.62 -23.73 -40.08
N LYS G 207 -62.04 -22.73 -39.41
CA LYS G 207 -62.14 -22.57 -37.97
C LYS G 207 -62.59 -21.14 -37.65
N ARG G 208 -63.46 -21.02 -36.65
CA ARG G 208 -63.99 -19.72 -36.26
C ARG G 208 -64.14 -19.67 -34.74
N ASN G 209 -63.65 -18.58 -34.14
CA ASN G 209 -63.74 -18.36 -32.71
C ASN G 209 -64.61 -17.14 -32.44
N THR G 210 -65.59 -17.29 -31.56
CA THR G 210 -66.47 -16.21 -31.16
C THR G 210 -66.37 -16.03 -29.65
N ALA G 211 -65.72 -14.95 -29.22
CA ALA G 211 -65.52 -14.64 -27.81
C ALA G 211 -66.29 -13.38 -27.46
N ARG G 212 -67.18 -13.48 -26.48
CA ARG G 212 -67.97 -12.36 -26.02
C ARG G 212 -67.82 -12.22 -24.51
N GLN G 213 -67.72 -10.98 -24.04
CA GLN G 213 -67.51 -10.69 -22.62
C GLN G 213 -68.39 -9.49 -22.27
N LYS G 214 -69.48 -9.75 -21.57
CA LYS G 214 -70.44 -8.71 -21.19
C LYS G 214 -70.29 -8.38 -19.71
N THR G 215 -70.42 -7.10 -19.38
CA THR G 215 -70.31 -6.64 -18.00
C THR G 215 -71.49 -5.74 -17.67
N TRP G 216 -71.91 -5.78 -16.40
CA TRP G 216 -73.03 -4.97 -15.94
C TRP G 216 -72.82 -4.67 -14.46
N GLY G 217 -72.43 -3.44 -14.15
CA GLY G 217 -72.27 -2.98 -12.78
C GLY G 217 -73.37 -1.98 -12.45
N THR G 218 -73.95 -2.12 -11.25
CA THR G 218 -75.10 -1.31 -10.88
C THR G 218 -75.04 -1.03 -9.39
N SER G 219 -75.64 0.12 -9.00
CA SER G 219 -75.81 0.49 -7.60
C SER G 219 -77.29 0.84 -7.40
N GLN G 220 -78.09 -0.17 -7.09
CA GLN G 220 -79.50 0.05 -6.83
C GLN G 220 -79.70 0.87 -5.56
N THR G 221 -80.61 1.82 -5.62
CA THR G 221 -80.92 2.68 -4.48
C THR G 221 -82.43 2.69 -4.25
N GLY G 222 -82.84 2.49 -3.02
CA GLY G 222 -84.26 2.52 -2.68
C GLY G 222 -84.73 1.29 -1.94
N ASP G 223 -85.91 1.39 -1.31
CA ASP G 223 -86.50 0.28 -0.57
C ASP G 223 -87.40 -0.53 -1.51
N PHE G 224 -87.23 -1.85 -1.50
CA PHE G 224 -87.98 -2.72 -2.39
C PHE G 224 -87.90 -4.15 -1.86
N VAL G 225 -88.92 -4.94 -2.20
CA VAL G 225 -88.93 -6.34 -1.80
C VAL G 225 -87.80 -7.08 -2.49
N TRP G 226 -87.15 -7.97 -1.76
CA TRP G 226 -85.95 -8.65 -2.25
C TRP G 226 -86.18 -10.10 -2.62
N ALA G 227 -86.88 -10.86 -1.77
CA ALA G 227 -87.15 -12.27 -2.05
C ALA G 227 -88.41 -12.68 -1.31
N VAL G 228 -88.98 -13.81 -1.74
CA VAL G 228 -90.22 -14.32 -1.18
C VAL G 228 -90.08 -15.81 -0.92
N ARG G 229 -90.79 -16.29 0.11
CA ARG G 229 -90.86 -17.71 0.43
C ARG G 229 -92.28 -18.18 0.20
N LEU G 230 -92.42 -19.27 -0.56
CA LEU G 230 -93.73 -19.80 -0.94
C LEU G 230 -93.91 -21.20 -0.37
N ALA G 231 -95.15 -21.54 -0.06
CA ALA G 231 -95.52 -22.86 0.41
C ALA G 231 -96.41 -23.52 -0.64
N LYS G 232 -95.98 -24.67 -1.15
CA LYS G 232 -96.71 -25.36 -2.20
C LYS G 232 -97.94 -26.06 -1.62
N ILE G 233 -99.08 -25.88 -2.29
CA ILE G 233 -100.33 -26.55 -1.92
C ILE G 233 -100.74 -27.43 -3.08
N THR G 234 -100.91 -28.72 -2.81
CA THR G 234 -101.25 -29.70 -3.83
C THR G 234 -102.42 -30.56 -3.38
N LYS G 235 -103.18 -31.06 -4.36
CA LYS G 235 -104.34 -31.91 -4.08
C LYS G 235 -104.56 -32.77 -5.30
N SER G 236 -104.27 -34.07 -5.19
CA SER G 236 -104.40 -34.96 -6.35
C SER G 236 -105.85 -35.06 -6.81
N GLY G 237 -106.78 -35.16 -5.86
CA GLY G 237 -108.18 -35.25 -6.22
C GLY G 237 -109.06 -35.03 -5.00
N LEU G 238 -110.37 -35.06 -5.24
CA LEU G 238 -111.33 -34.88 -4.14
C LEU G 238 -111.27 -36.04 -3.16
N HIS G 239 -110.92 -37.24 -3.64
CA HIS G 239 -110.81 -38.39 -2.74
C HIS G 239 -109.68 -38.19 -1.74
N SER G 240 -108.56 -37.64 -2.18
CA SER G 240 -107.42 -37.38 -1.30
C SER G 240 -107.57 -36.02 -0.62
N ASP G 241 -106.80 -35.83 0.45
CA ASP G 241 -106.80 -34.59 1.20
C ASP G 241 -105.74 -33.65 0.66
N TRP G 242 -106.07 -32.37 0.59
CA TRP G 242 -105.13 -31.37 0.08
C TRP G 242 -104.02 -31.16 1.10
N LYS G 243 -102.77 -31.17 0.62
CA LYS G 243 -101.60 -31.04 1.47
C LYS G 243 -100.85 -29.76 1.15
N MET G 244 -100.10 -29.28 2.14
CA MET G 244 -99.27 -28.09 1.97
C MET G 244 -97.90 -28.35 2.59
N GLU G 245 -96.87 -27.76 1.99
CA GLU G 245 -95.52 -27.91 2.47
C GLU G 245 -94.66 -26.78 1.92
N THR G 246 -93.74 -26.29 2.75
CA THR G 246 -92.81 -25.26 2.29
C THR G 246 -91.84 -25.84 1.28
N VAL G 247 -91.59 -25.10 0.21
CA VAL G 247 -90.72 -25.56 -0.88
C VAL G 247 -89.27 -25.40 -0.46
N PHE G 248 -88.49 -26.48 -0.59
CA PHE G 248 -87.07 -26.46 -0.30
C PHE G 248 -86.28 -26.79 -1.56
N GLY G 249 -85.09 -26.23 -1.66
CA GLY G 249 -84.24 -26.45 -2.81
C GLY G 249 -84.60 -25.57 -3.99
N LYS G 250 -85.20 -26.16 -5.02
CA LYS G 250 -85.63 -25.44 -6.20
C LYS G 250 -87.13 -25.66 -6.42
N THR G 251 -87.76 -24.70 -7.08
CA THR G 251 -89.19 -24.80 -7.35
C THR G 251 -89.46 -25.85 -8.42
N SER G 252 -90.73 -26.28 -8.50
CA SER G 252 -91.13 -27.30 -9.46
C SER G 252 -91.15 -26.80 -10.90
N SER G 253 -91.01 -25.50 -11.12
CA SER G 253 -91.03 -24.96 -12.47
C SER G 253 -89.78 -25.38 -13.24
N PHE G 254 -89.86 -25.26 -14.56
CA PHE G 254 -88.75 -25.65 -15.42
C PHE G 254 -87.55 -24.75 -15.18
N ARG G 255 -86.39 -25.37 -14.97
CA ARG G 255 -85.12 -24.67 -14.72
C ARG G 255 -85.28 -23.67 -13.57
N GLY G 256 -86.00 -24.08 -12.53
CA GLY G 256 -86.22 -23.23 -11.37
C GLY G 256 -84.94 -22.86 -10.65
N GLN G 257 -84.79 -21.58 -10.33
CA GLN G 257 -83.59 -21.13 -9.64
C GLN G 257 -83.57 -21.66 -8.21
N LYS G 258 -82.38 -22.08 -7.76
CA LYS G 258 -82.23 -22.63 -6.43
C LYS G 258 -82.27 -21.52 -5.39
N ALA G 259 -82.67 -21.87 -4.18
CA ALA G 259 -82.74 -20.90 -3.09
C ALA G 259 -81.35 -20.36 -2.77
N ILE G 260 -81.27 -19.03 -2.60
CA ILE G 260 -79.99 -18.39 -2.32
C ILE G 260 -79.55 -18.69 -0.89
N PHE G 261 -80.43 -18.46 0.08
CA PHE G 261 -80.09 -18.68 1.48
C PHE G 261 -81.35 -18.85 2.34
CA GLU H 8 -76.91 -36.14 19.65
C GLU H 8 -77.86 -35.48 20.63
N GLU H 9 -77.31 -34.62 21.50
CA GLU H 9 -78.12 -33.98 22.53
C GLU H 9 -79.14 -33.01 21.92
N TRP H 10 -78.74 -32.27 20.89
CA TRP H 10 -79.59 -31.24 20.30
C TRP H 10 -79.55 -31.33 18.78
N PHE H 11 -80.62 -30.86 18.16
CA PHE H 11 -80.71 -30.78 16.70
C PHE H 11 -80.64 -29.33 16.26
N PRO H 12 -79.55 -28.89 15.64
CA PRO H 12 -79.46 -27.50 15.22
C PRO H 12 -80.36 -27.21 14.03
N LEU H 13 -81.03 -26.06 14.08
CA LEU H 13 -81.89 -25.61 13.00
C LEU H 13 -81.12 -24.66 12.09
N LYS H 14 -81.11 -24.94 10.79
CA LYS H 14 -80.46 -24.06 9.83
C LYS H 14 -81.47 -23.05 9.26
N GLN H 15 -82.18 -22.37 10.17
CA GLN H 15 -83.18 -21.38 9.81
C GLN H 15 -83.11 -20.23 10.80
N THR H 16 -83.36 -19.01 10.32
CA THR H 16 -83.28 -17.81 11.19
C THR H 16 -84.55 -16.97 11.02
N HIS H 17 -85.62 -17.56 10.48
CA HIS H 17 -86.90 -16.82 10.28
C HIS H 17 -87.87 -17.16 11.42
N TYR H 18 -87.33 -17.64 12.55
CA TYR H 18 -88.19 -17.99 13.72
C TYR H 18 -87.80 -17.11 14.91
N PRO H 19 -88.60 -16.07 15.25
CA PRO H 19 -88.31 -15.22 16.40
C PRO H 19 -88.50 -15.99 17.70
N PRO H 20 -87.81 -15.58 18.77
CA PRO H 20 -87.92 -16.30 20.04
C PRO H 20 -89.19 -15.93 20.78
N PRO H 21 -89.78 -16.88 21.50
CA PRO H 21 -90.93 -16.55 22.35
C PRO H 21 -90.50 -15.70 23.54
N THR H 22 -91.43 -14.90 24.04
CA THR H 22 -91.16 -14.11 25.23
C THR H 22 -91.30 -14.96 26.48
N ILE H 23 -90.64 -14.51 27.55
CA ILE H 23 -90.65 -15.27 28.80
C ILE H 23 -92.04 -15.38 29.41
N PRO H 24 -92.84 -14.31 29.52
CA PRO H 24 -94.18 -14.47 30.12
C PRO H 24 -95.07 -15.45 29.38
N SER H 25 -94.96 -15.51 28.06
CA SER H 25 -95.78 -16.42 27.26
C SER H 25 -95.16 -17.80 27.10
N MET H 26 -93.98 -18.03 27.69
CA MET H 26 -93.33 -19.34 27.54
C MET H 26 -94.15 -20.44 28.19
N LYS H 27 -94.70 -20.19 29.38
CA LYS H 27 -95.38 -21.22 30.16
C LYS H 27 -96.83 -20.88 30.45
N THR H 28 -97.43 -19.96 29.68
CA THR H 28 -98.82 -19.59 29.89
C THR H 28 -99.79 -20.47 29.12
N GLY H 29 -99.30 -21.37 28.27
CA GLY H 29 -100.14 -22.22 27.46
C GLY H 29 -100.46 -21.68 26.09
N HIS H 30 -100.23 -20.39 25.84
CA HIS H 30 -100.47 -19.76 24.55
C HIS H 30 -99.19 -19.08 24.12
N PRO H 31 -98.32 -19.78 23.40
CA PRO H 31 -97.04 -19.20 22.99
C PRO H 31 -97.22 -18.07 21.98
N THR H 32 -96.28 -17.13 22.01
CA THR H 32 -96.27 -16.00 21.09
C THR H 32 -95.26 -16.15 19.98
N GLY H 33 -94.67 -17.32 19.82
CA GLY H 33 -93.66 -17.55 18.80
C GLY H 33 -93.99 -18.75 17.93
N PRO H 34 -93.33 -18.83 16.77
CA PRO H 34 -93.59 -19.97 15.88
C PRO H 34 -93.26 -21.32 16.49
N ILE H 35 -92.20 -21.39 17.30
CA ILE H 35 -91.78 -22.63 17.95
C ILE H 35 -91.59 -22.36 19.43
N SER H 36 -92.24 -23.17 20.26
CA SER H 36 -92.15 -23.04 21.71
C SER H 36 -92.35 -24.40 22.34
N ILE H 37 -91.99 -24.50 23.62
CA ILE H 37 -92.14 -25.76 24.35
C ILE H 37 -93.62 -26.07 24.51
N GLY H 38 -94.02 -27.27 24.09
CA GLY H 38 -95.42 -27.69 24.14
C GLY H 38 -96.05 -27.94 22.79
N HIS H 39 -95.32 -27.79 21.69
CA HIS H 39 -95.88 -28.03 20.36
C HIS H 39 -95.66 -29.48 19.94
N ILE H 40 -96.48 -29.93 19.01
CA ILE H 40 -96.39 -31.27 18.43
C ILE H 40 -96.27 -31.13 16.93
N ILE H 41 -95.25 -31.76 16.36
CA ILE H 41 -95.02 -31.70 14.91
C ILE H 41 -95.05 -33.11 14.35
N PRO H 42 -95.58 -33.31 13.13
CA PRO H 42 -95.57 -34.65 12.55
C PRO H 42 -94.17 -35.19 12.30
N ASP H 43 -93.23 -34.33 11.94
CA ASP H 43 -91.88 -34.76 11.63
C ASP H 43 -90.95 -33.56 11.73
N LEU H 44 -89.65 -33.84 11.75
CA LEU H 44 -88.67 -32.76 11.80
C LEU H 44 -88.72 -31.89 10.56
N ARG H 45 -88.88 -32.51 9.38
CA ARG H 45 -88.97 -31.74 8.15
C ARG H 45 -90.20 -30.85 8.13
N HIS H 46 -91.34 -31.39 8.55
CA HIS H 46 -92.57 -30.60 8.64
C HIS H 46 -92.61 -29.84 9.96
N LEU H 47 -91.57 -29.04 10.23
CA LEU H 47 -91.47 -28.32 11.50
C LEU H 47 -92.47 -27.17 11.60
N ASP H 48 -92.92 -26.63 10.47
CA ASP H 48 -93.85 -25.51 10.47
C ASP H 48 -95.31 -25.92 10.58
N ASN H 49 -95.59 -27.22 10.61
CA ASN H 49 -96.96 -27.73 10.71
C ASN H 49 -97.23 -28.08 12.17
N VAL H 50 -97.53 -27.07 12.97
CA VAL H 50 -97.83 -27.26 14.38
C VAL H 50 -99.25 -27.82 14.50
N ILE H 51 -99.36 -29.02 15.09
CA ILE H 51 -100.66 -29.65 15.24
C ILE H 51 -101.51 -28.90 16.25
N ASN H 52 -100.93 -28.55 17.40
CA ASN H 52 -101.65 -27.82 18.44
C ASN H 52 -101.44 -26.31 18.26
N CYS H 53 -101.94 -25.80 17.12
CA CYS H 53 -101.80 -24.39 16.80
C CYS H 53 -102.58 -23.52 17.78
N LYS H 54 -103.76 -23.98 18.20
CA LYS H 54 -104.60 -23.18 19.10
C LYS H 54 -103.90 -22.96 20.44
N GLY H 55 -103.28 -24.00 20.99
CA GLY H 55 -102.59 -23.89 22.25
C GLY H 55 -102.52 -25.23 22.94
N PHE H 56 -102.20 -25.17 24.24
CA PHE H 56 -102.07 -26.38 25.05
C PHE H 56 -102.31 -26.00 26.51
N GLU H 57 -102.46 -27.03 27.34
CA GLU H 57 -102.74 -26.81 28.75
C GLU H 57 -101.56 -26.13 29.42
N PRO H 58 -101.82 -25.22 30.38
CA PRO H 58 -100.71 -24.59 31.10
C PRO H 58 -99.93 -25.60 31.92
N PHE H 59 -98.66 -25.30 32.13
CA PHE H 59 -97.79 -26.21 32.88
C PHE H 59 -98.25 -26.31 34.33
N PRO H 60 -98.36 -27.51 34.88
CA PRO H 60 -98.70 -27.65 36.29
C PRO H 60 -97.62 -27.09 37.19
N PRO H 61 -97.94 -26.78 38.45
CA PRO H 61 -96.91 -26.23 39.34
C PRO H 61 -95.71 -27.15 39.53
N ASN H 62 -95.90 -28.47 39.43
CA ASN H 62 -94.77 -29.38 39.49
C ASN H 62 -93.81 -29.14 38.33
N MET H 63 -94.35 -28.89 37.14
CA MET H 63 -93.51 -28.60 35.98
C MET H 63 -92.75 -27.29 36.18
N ASP H 64 -91.49 -27.28 35.74
CA ASP H 64 -90.67 -26.08 35.80
C ASP H 64 -89.67 -26.14 34.66
N VAL H 65 -89.16 -24.96 34.29
CA VAL H 65 -88.21 -24.81 33.20
C VAL H 65 -86.83 -24.53 33.79
N PHE H 66 -85.82 -25.26 33.32
CA PHE H 66 -84.45 -25.08 33.75
C PHE H 66 -83.70 -24.29 32.69
N THR H 67 -82.95 -23.28 33.13
CA THR H 67 -82.26 -22.36 32.23
C THR H 67 -80.76 -22.50 32.39
N ALA H 68 -80.04 -22.34 31.28
CA ALA H 68 -78.59 -22.33 31.26
C ALA H 68 -78.10 -21.17 30.41
N HIS H 69 -76.90 -20.70 30.71
CA HIS H 69 -76.33 -19.53 30.04
C HIS H 69 -74.96 -19.88 29.46
N TYR H 70 -74.67 -19.33 28.29
CA TYR H 70 -73.40 -19.56 27.60
C TYR H 70 -72.94 -18.25 26.98
N GLU H 71 -71.62 -18.03 27.00
CA GLU H 71 -71.02 -16.83 26.44
C GLU H 71 -69.84 -17.20 25.58
N GLN H 72 -69.58 -16.36 24.56
CA GLN H 72 -68.49 -16.58 23.61
C GLN H 72 -68.55 -17.96 22.96
N CYS H 73 -69.76 -18.42 22.67
CA CYS H 73 -69.95 -19.73 22.06
C CYS H 73 -69.78 -19.62 20.55
N HIS H 74 -68.93 -20.48 19.99
CA HIS H 74 -68.71 -20.52 18.55
C HIS H 74 -68.71 -21.96 18.08
N PHE H 75 -69.05 -22.16 16.80
CA PHE H 75 -69.18 -23.49 16.23
C PHE H 75 -68.72 -23.46 14.79
N GLY H 76 -67.67 -24.19 14.49
CA GLY H 76 -67.14 -24.27 13.13
C GLY H 76 -66.89 -25.70 12.72
N ASP H 77 -67.24 -26.02 11.48
CA ASP H 77 -67.08 -27.37 10.96
C ASP H 77 -66.70 -27.32 9.48
N HIS H 78 -66.09 -28.40 9.01
CA HIS H 78 -65.67 -28.53 7.63
C HIS H 78 -66.11 -29.89 7.09
N LEU H 79 -66.11 -30.01 5.76
CA LEU H 79 -66.50 -31.27 5.13
C LEU H 79 -65.80 -31.36 3.77
N ASN H 80 -65.19 -32.51 3.51
CA ASN H 80 -64.56 -32.79 2.22
C ASN H 80 -65.09 -34.12 1.70
N SER H 81 -65.60 -34.11 0.48
CA SER H 81 -66.11 -35.31 -0.17
C SER H 81 -65.51 -35.41 -1.56
N GLU H 82 -64.73 -36.46 -1.79
CA GLU H 82 -64.03 -36.66 -3.06
C GLU H 82 -64.47 -38.00 -3.65
N PHE H 83 -65.54 -37.98 -4.44
CA PHE H 83 -66.03 -39.17 -5.14
C PHE H 83 -65.30 -39.28 -6.47
N VAL H 84 -64.36 -40.20 -6.56
CA VAL H 84 -63.50 -40.37 -7.73
C VAL H 84 -63.72 -41.75 -8.32
N VAL H 85 -63.99 -41.80 -9.62
CA VAL H 85 -64.13 -43.06 -10.35
C VAL H 85 -63.19 -43.02 -11.54
N GLN H 86 -62.26 -43.97 -11.59
CA GLN H 86 -61.28 -44.07 -12.67
C GLN H 86 -61.45 -45.41 -13.38
N ALA H 87 -61.53 -45.36 -14.71
CA ALA H 87 -61.69 -46.56 -15.51
C ALA H 87 -60.89 -46.47 -16.81
N SER H 105 -64.64 -46.94 -19.82
CA SER H 105 -63.79 -45.87 -20.34
C SER H 105 -64.35 -44.50 -20.01
N ALA H 106 -64.42 -44.18 -18.71
CA ALA H 106 -64.94 -42.90 -18.27
C ALA H 106 -64.24 -42.50 -16.98
N GLY H 107 -64.22 -41.20 -16.72
CA GLY H 107 -63.62 -40.67 -15.51
C GLY H 107 -64.50 -39.64 -14.82
N LEU H 108 -64.81 -39.88 -13.54
CA LEU H 108 -65.68 -39.00 -12.78
C LEU H 108 -64.92 -38.47 -11.57
N HIS H 109 -65.05 -37.16 -11.33
CA HIS H 109 -64.42 -36.52 -10.19
C HIS H 109 -65.40 -35.52 -9.59
N HIS H 110 -65.99 -35.87 -8.45
CA HIS H 110 -66.92 -35.01 -7.74
C HIS H 110 -66.28 -34.59 -6.42
N THR H 111 -65.90 -33.32 -6.34
CA THR H 111 -65.23 -32.77 -5.16
C THR H 111 -66.14 -31.75 -4.50
N ASN H 112 -66.53 -32.02 -3.26
CA ASN H 112 -67.34 -31.10 -2.47
C ASN H 112 -66.54 -30.63 -1.27
N ILE H 113 -66.42 -29.32 -1.12
CA ILE H 113 -65.73 -28.71 0.01
C ILE H 113 -66.69 -27.71 0.66
N THR H 114 -67.06 -27.95 1.91
CA THR H 114 -67.99 -27.12 2.63
C THR H 114 -67.36 -26.62 3.94
N SER H 115 -67.56 -25.35 4.23
CA SER H 115 -67.05 -24.75 5.45
C SER H 115 -68.12 -23.86 6.07
N ASP H 116 -68.39 -24.08 7.35
CA ASP H 116 -69.39 -23.31 8.08
C ASP H 116 -68.79 -22.82 9.39
N ARG H 117 -69.08 -21.56 9.72
CA ARG H 117 -68.60 -20.96 10.96
C ARG H 117 -69.70 -20.09 11.56
N TRP H 118 -70.02 -20.35 12.83
CA TRP H 118 -70.97 -19.54 13.58
C TRP H 118 -70.26 -19.00 14.82
N GLU H 119 -70.32 -17.68 15.01
CA GLU H 119 -69.73 -17.03 16.18
C GLU H 119 -70.83 -16.25 16.89
N TYR H 120 -71.33 -16.80 17.99
CA TYR H 120 -72.38 -16.16 18.76
C TYR H 120 -71.78 -15.18 19.76
N ASP H 121 -72.65 -14.58 20.57
CA ASP H 121 -72.20 -13.66 21.61
C ASP H 121 -72.79 -14.05 22.96
N SER H 122 -74.02 -14.55 22.96
CA SER H 122 -74.69 -14.99 24.16
C SER H 122 -75.79 -15.97 23.79
N VAL H 123 -75.86 -17.08 24.52
CA VAL H 123 -76.83 -18.14 24.25
C VAL H 123 -77.51 -18.54 25.54
N VAL H 124 -78.83 -18.74 25.48
CA VAL H 124 -79.62 -19.19 26.61
C VAL H 124 -80.32 -20.49 26.22
N GLU H 125 -80.42 -21.41 27.16
CA GLU H 125 -81.00 -22.72 26.92
C GLU H 125 -82.10 -23.00 27.94
N TYR H 126 -83.28 -23.37 27.44
CA TYR H 126 -84.42 -23.70 28.28
C TYR H 126 -84.77 -25.17 28.07
N ALA H 127 -84.96 -25.91 29.17
CA ALA H 127 -85.29 -27.32 29.10
C ALA H 127 -86.39 -27.65 30.09
N VAL H 128 -87.12 -28.73 29.79
CA VAL H 128 -88.22 -29.22 30.62
C VAL H 128 -88.23 -30.74 30.55
N TYR H 129 -88.98 -31.36 31.46
CA TYR H 129 -89.12 -32.81 31.50
C TYR H 129 -90.60 -33.17 31.52
N PRO H 130 -91.04 -34.09 30.66
CA PRO H 130 -92.47 -34.41 30.60
C PRO H 130 -92.88 -35.38 31.69
N THR H 131 -94.20 -35.61 31.77
CA THR H 131 -94.79 -36.54 32.72
C THR H 131 -95.85 -37.35 31.99
N ARG H 132 -96.06 -38.59 32.47
CA ARG H 132 -97.00 -39.49 31.83
C ARG H 132 -98.41 -38.90 31.79
N GLN H 133 -98.87 -38.37 32.92
CA GLN H 133 -100.22 -37.82 32.97
C GLN H 133 -100.35 -36.55 32.11
N TYR H 134 -99.29 -35.73 32.08
CA TYR H 134 -99.35 -34.51 31.29
C TYR H 134 -99.42 -34.81 29.79
N ILE H 135 -98.68 -35.81 29.33
CA ILE H 135 -98.75 -36.19 27.92
C ILE H 135 -100.11 -36.80 27.60
N ASP H 136 -100.64 -37.60 28.53
CA ASP H 136 -101.96 -38.22 28.32
C ASP H 136 -103.05 -37.17 28.19
N ARG H 137 -103.03 -36.15 29.06
CA ARG H 137 -104.02 -35.09 28.96
C ARG H 137 -103.76 -34.20 27.75
N LEU H 138 -102.51 -34.12 27.29
CA LEU H 138 -102.22 -33.38 26.07
C LEU H 138 -102.79 -34.08 24.85
N LEU H 139 -102.75 -35.42 24.84
CA LEU H 139 -103.31 -36.19 23.73
C LEU H 139 -104.83 -36.07 23.64
N GLU H 140 -105.49 -35.56 24.67
CA GLU H 140 -106.94 -35.36 24.67
C GLU H 140 -107.36 -34.05 24.03
N SER H 141 -106.40 -33.24 23.57
CA SER H 141 -106.74 -31.97 22.93
C SER H 141 -107.45 -32.22 21.61
N LYS H 142 -108.27 -31.23 21.20
CA LYS H 142 -109.10 -31.39 20.02
C LYS H 142 -108.25 -31.61 18.77
N GLU H 143 -107.27 -30.74 18.53
CA GLU H 143 -106.43 -30.88 17.36
C GLU H 143 -105.58 -32.15 17.45
N VAL H 144 -105.06 -32.46 18.63
CA VAL H 144 -104.23 -33.65 18.80
C VAL H 144 -105.06 -34.91 18.58
N ARG H 145 -106.27 -34.96 19.13
CA ARG H 145 -107.10 -36.15 18.98
C ARG H 145 -107.57 -36.32 17.53
N GLN H 146 -107.81 -35.21 16.85
CA GLN H 146 -108.18 -35.29 15.43
C GLN H 146 -107.04 -35.88 14.61
N TYR H 147 -105.81 -35.43 14.86
CA TYR H 147 -104.66 -35.92 14.10
C TYR H 147 -104.40 -37.40 14.37
N ILE H 148 -104.48 -37.82 15.63
CA ILE H 148 -104.18 -39.21 15.96
C ILE H 148 -105.24 -40.15 15.37
N GLN H 149 -106.51 -39.69 15.33
CA GLN H 149 -107.55 -40.49 14.68
C GLN H 149 -107.28 -40.61 13.19
N LYS H 150 -106.89 -39.52 12.54
CA LYS H 150 -106.58 -39.57 11.11
C LYS H 150 -105.36 -40.46 10.85
N SER H 151 -104.34 -40.36 11.69
CA SER H 151 -103.16 -41.20 11.52
C SER H 151 -103.49 -42.66 11.73
N LYS H 152 -104.30 -42.97 12.75
CA LYS H 152 -104.69 -44.36 12.99
C LYS H 152 -105.54 -44.89 11.85
N LYS H 153 -106.43 -44.06 11.32
CA LYS H 153 -107.26 -44.49 10.19
C LYS H 153 -106.40 -44.74 8.94
N LEU H 154 -105.40 -43.89 8.71
CA LEU H 154 -104.56 -44.03 7.53
C LEU H 154 -103.43 -45.03 7.76
N LEU H 155 -102.64 -44.82 8.80
CA LEU H 155 -101.49 -45.67 9.10
C LEU H 155 -101.81 -46.64 10.23
N GLY H 156 -101.17 -47.80 10.19
CA GLY H 156 -101.39 -48.79 11.23
C GLY H 156 -100.91 -48.33 12.60
N GLY H 157 -99.74 -47.70 12.65
CA GLY H 157 -99.21 -47.19 13.89
C GLY H 157 -98.82 -45.73 13.79
N TRP H 158 -99.35 -44.91 14.70
CA TRP H 158 -99.09 -43.48 14.67
C TRP H 158 -97.82 -43.14 15.44
N CYS H 159 -97.19 -42.04 15.03
CA CYS H 159 -95.99 -41.56 15.70
C CYS H 159 -95.89 -40.06 15.49
N VAL H 160 -95.62 -39.33 16.58
CA VAL H 160 -95.51 -37.88 16.56
C VAL H 160 -94.27 -37.48 17.35
N TYR H 161 -93.94 -36.19 17.27
CA TYR H 161 -92.80 -35.62 17.99
C TYR H 161 -93.26 -34.40 18.77
N MET H 162 -92.61 -34.17 19.90
CA MET H 162 -92.89 -33.03 20.76
C MET H 162 -91.61 -32.29 21.07
N VAL H 163 -91.66 -30.96 20.95
CA VAL H 163 -90.51 -30.13 21.27
C VAL H 163 -90.38 -30.02 22.78
N THR H 164 -89.18 -30.29 23.28
CA THR H 164 -88.91 -30.30 24.72
C THR H 164 -88.15 -29.08 25.19
N GLY H 165 -87.02 -28.75 24.54
CA GLY H 165 -86.25 -27.59 24.90
C GLY H 165 -85.88 -26.79 23.67
N ILE H 166 -85.54 -25.52 23.91
CA ILE H 166 -85.15 -24.60 22.85
C ILE H 166 -83.90 -23.84 23.30
N MET H 167 -82.98 -23.62 22.37
CA MET H 167 -81.78 -22.83 22.63
C MET H 167 -81.88 -21.55 21.82
N VAL H 168 -81.78 -20.40 22.50
CA VAL H 168 -82.05 -19.10 21.91
C VAL H 168 -80.78 -18.26 21.99
N ALA H 169 -80.37 -17.70 20.85
CA ALA H 169 -79.25 -16.77 20.82
C ALA H 169 -79.71 -15.38 21.23
N ARG H 170 -78.74 -14.54 21.60
CA ARG H 170 -79.01 -13.16 22.01
C ARG H 170 -78.15 -12.24 21.15
N GLY H 171 -78.80 -11.32 20.44
CA GLY H 171 -78.09 -10.37 19.60
C GLY H 171 -77.56 -10.94 18.31
N GLY H 172 -77.92 -12.18 17.96
CA GLY H 172 -77.43 -12.79 16.74
C GLY H 172 -75.96 -13.17 16.82
N GLY H 173 -75.43 -13.51 15.66
CA GLY H 173 -74.03 -13.88 15.56
C GLY H 173 -73.57 -13.93 14.13
N ARG H 174 -72.27 -13.73 13.93
CA ARG H 174 -71.68 -13.74 12.60
C ARG H 174 -71.72 -15.15 12.01
N ASN H 175 -71.97 -15.23 10.71
CA ASN H 175 -72.01 -16.49 9.98
C ASN H 175 -71.19 -16.37 8.71
N VAL H 176 -70.34 -17.36 8.46
CA VAL H 176 -69.54 -17.44 7.25
C VAL H 176 -69.73 -18.82 6.63
N THR H 177 -70.11 -18.86 5.36
CA THR H 177 -70.35 -20.11 4.64
C THR H 177 -69.55 -20.10 3.36
N SER H 178 -68.83 -21.20 3.11
CA SER H 178 -68.02 -21.35 1.91
C SER H 178 -68.28 -22.72 1.31
N GLU H 179 -68.87 -22.74 0.11
CA GLU H 179 -69.19 -23.97 -0.58
C GLU H 179 -68.48 -24.01 -1.93
N GLU H 180 -67.89 -25.16 -2.24
CA GLU H 180 -67.17 -25.35 -3.51
C GLU H 180 -67.51 -26.73 -4.04
N LYS H 181 -68.17 -26.77 -5.20
CA LYS H 181 -68.59 -28.01 -5.82
C LYS H 181 -67.99 -28.09 -7.22
N GLY H 182 -67.12 -29.08 -7.43
CA GLY H 182 -66.53 -29.30 -8.74
C GLY H 182 -66.82 -30.67 -9.28
N ALA H 183 -67.50 -30.73 -10.43
CA ALA H 183 -67.87 -31.99 -11.06
C ALA H 183 -67.22 -32.08 -12.42
N GLY H 184 -66.39 -33.10 -12.63
CA GLY H 184 -65.74 -33.32 -13.90
C GLY H 184 -65.96 -34.72 -14.43
N VAL H 185 -66.65 -34.83 -15.56
CA VAL H 185 -66.95 -36.12 -16.19
C VAL H 185 -66.32 -36.10 -17.59
N SER H 186 -65.49 -37.10 -17.86
CA SER H 186 -64.84 -37.26 -19.16
C SER H 186 -65.19 -38.65 -19.69
N GLY H 187 -65.96 -38.70 -20.77
CA GLY H 187 -66.38 -39.95 -21.37
C GLY H 187 -65.74 -40.14 -22.74
N ASN H 188 -65.16 -41.31 -22.94
CA ASN H 188 -64.51 -41.68 -24.20
C ASN H 188 -65.32 -42.77 -24.87
N VAL H 189 -65.69 -42.54 -26.13
CA VAL H 189 -66.48 -43.49 -26.91
C VAL H 189 -65.63 -43.97 -28.08
N GLY H 190 -65.54 -45.28 -28.25
CA GLY H 190 -64.77 -45.86 -29.33
C GLY H 190 -65.38 -47.11 -29.91
N PHE H 199 -64.92 -43.13 -36.13
CA PHE H 199 -65.85 -42.34 -35.33
C PHE H 199 -65.66 -42.62 -33.84
N ALA H 200 -64.88 -41.77 -33.17
CA ALA H 200 -64.57 -41.92 -31.76
C ALA H 200 -64.84 -40.60 -31.05
N PRO H 201 -66.10 -40.27 -30.80
CA PRO H 201 -66.42 -39.02 -30.11
C PRO H 201 -65.97 -39.05 -28.66
N GLU H 202 -65.66 -37.86 -28.14
CA GLU H 202 -65.27 -37.70 -26.74
C GLU H 202 -66.05 -36.54 -26.15
N VAL H 203 -66.59 -36.74 -24.94
CA VAL H 203 -67.39 -35.74 -24.26
C VAL H 203 -66.68 -35.36 -22.95
N GLY H 204 -66.42 -34.07 -22.78
CA GLY H 204 -65.79 -33.59 -21.58
C GLY H 204 -66.54 -32.45 -20.92
N TRP H 205 -67.08 -32.69 -19.73
CA TRP H 205 -67.84 -31.70 -18.98
C TRP H 205 -67.08 -31.36 -17.70
N ASP H 206 -66.82 -30.07 -17.49
CA ASP H 206 -66.06 -29.60 -16.33
C ASP H 206 -66.80 -28.39 -15.77
N THR H 207 -67.56 -28.59 -14.71
CA THR H 207 -68.30 -27.51 -14.06
C THR H 207 -67.78 -27.26 -12.65
N LYS H 208 -67.77 -25.98 -12.27
CA LYS H 208 -67.33 -25.58 -10.95
C LYS H 208 -68.29 -24.53 -10.38
N THR H 209 -68.54 -24.61 -9.08
CA THR H 209 -69.43 -23.67 -8.42
C THR H 209 -68.81 -23.22 -7.11
N LYS H 210 -68.74 -21.91 -6.91
CA LYS H 210 -68.24 -21.32 -5.67
C LYS H 210 -69.30 -20.42 -5.07
N THR H 211 -69.41 -20.43 -3.74
CA THR H 211 -70.37 -19.61 -3.04
C THR H 211 -69.82 -19.25 -1.67
N LYS H 212 -69.60 -17.95 -1.45
CA LYS H 212 -69.12 -17.44 -0.16
C LYS H 212 -70.13 -16.43 0.34
N VAL H 213 -70.77 -16.74 1.47
CA VAL H 213 -71.82 -15.89 2.03
C VAL H 213 -71.39 -15.43 3.42
N ASN H 214 -71.43 -14.12 3.63
CA ASN H 214 -71.14 -13.51 4.92
C ASN H 214 -72.40 -12.83 5.43
N ALA H 215 -72.77 -13.13 6.67
CA ALA H 215 -73.98 -12.59 7.27
C ALA H 215 -73.68 -12.13 8.69
N HIS H 216 -74.32 -11.02 9.08
CA HIS H 216 -74.18 -10.45 10.42
C HIS H 216 -75.59 -10.20 10.97
N HIS H 217 -76.16 -11.22 11.61
CA HIS H 217 -77.47 -11.07 12.22
C HIS H 217 -77.38 -10.22 13.48
N THR H 218 -78.45 -9.46 13.73
CA THR H 218 -78.51 -8.54 14.88
C THR H 218 -79.86 -8.66 15.56
N THR H 219 -80.39 -9.88 15.65
CA THR H 219 -81.65 -10.12 16.33
C THR H 219 -81.66 -11.55 16.87
N ASP H 220 -82.52 -11.78 17.86
CA ASP H 220 -82.61 -13.08 18.50
C ASP H 220 -83.37 -14.07 17.62
N PHE H 221 -82.96 -15.34 17.70
CA PHE H 221 -83.61 -16.40 16.94
C PHE H 221 -83.35 -17.74 17.62
N VAL H 222 -84.17 -18.72 17.26
CA VAL H 222 -84.06 -20.06 17.85
C VAL H 222 -82.94 -20.82 17.15
N CYS H 223 -82.05 -21.42 17.95
CA CYS H 223 -80.90 -22.13 17.42
C CYS H 223 -81.17 -23.63 17.26
N ALA H 224 -81.51 -24.31 18.36
CA ALA H 224 -81.66 -25.75 18.33
C ALA H 224 -82.80 -26.16 19.26
N ILE H 225 -83.33 -27.35 19.01
CA ILE H 225 -84.45 -27.89 19.79
C ILE H 225 -84.17 -29.36 20.10
N ARG H 226 -84.87 -29.87 21.11
CA ARG H 226 -84.86 -31.29 21.46
C ARG H 226 -86.23 -31.89 21.20
N LEU H 227 -86.25 -33.07 20.59
CA LEU H 227 -87.48 -33.73 20.19
C LEU H 227 -87.66 -35.02 20.97
N VAL H 228 -88.88 -35.24 21.46
CA VAL H 228 -89.26 -36.47 22.13
C VAL H 228 -90.27 -37.20 21.25
N LYS H 229 -89.99 -38.47 20.96
CA LYS H 229 -90.79 -39.26 20.03
C LYS H 229 -91.85 -40.04 20.79
N ILE H 230 -93.11 -39.86 20.40
CA ILE H 230 -94.24 -40.59 20.97
C ILE H 230 -94.84 -41.44 19.87
N ALA H 231 -94.81 -42.76 20.06
CA ALA H 231 -95.31 -43.70 19.06
C ALA H 231 -96.14 -44.79 19.73
N LYS H 232 -97.06 -45.36 18.97
CA LYS H 232 -97.86 -46.49 19.43
C LYS H 232 -98.29 -47.31 18.23
N SER H 233 -98.08 -48.63 18.31
CA SER H 233 -98.44 -49.53 17.21
C SER H 233 -98.67 -50.91 17.79
N GLY H 234 -99.37 -51.73 17.02
CA GLY H 234 -99.67 -53.08 17.46
C GLY H 234 -100.71 -53.17 18.56
N LEU H 235 -101.59 -52.18 18.67
CA LEU H 235 -102.63 -52.14 19.70
C LEU H 235 -102.02 -52.22 21.10
N ARG H 236 -101.00 -51.40 21.33
CA ARG H 236 -100.36 -51.35 22.64
C ARG H 236 -101.30 -50.73 23.67
N SER H 237 -101.18 -51.21 24.91
CA SER H 237 -102.02 -50.67 25.99
C SER H 237 -101.73 -49.20 26.23
N SER H 238 -100.46 -48.81 26.20
CA SER H 238 -100.05 -47.42 26.38
C SER H 238 -98.99 -47.06 25.35
N TRP H 239 -98.93 -45.77 25.03
CA TRP H 239 -97.96 -45.30 24.06
C TRP H 239 -96.54 -45.35 24.62
N THR H 240 -95.56 -45.26 23.73
CA THR H 240 -94.15 -45.36 24.08
C THR H 240 -93.47 -44.02 23.85
N MET H 241 -92.67 -43.58 24.81
CA MET H 241 -91.93 -42.33 24.74
C MET H 241 -90.44 -42.62 24.66
N LYS H 242 -89.77 -42.03 23.68
CA LYS H 242 -88.35 -42.27 23.45
C LYS H 242 -87.67 -40.95 23.11
N LYS H 243 -86.33 -40.97 23.17
CA LYS H 243 -85.50 -39.82 22.81
C LYS H 243 -84.82 -40.08 21.48
N VAL H 244 -84.55 -39.00 20.75
CA VAL H 244 -83.97 -39.06 19.42
C VAL H 244 -82.65 -38.31 19.43
N THR H 245 -81.59 -38.95 18.92
CA THR H 245 -80.27 -38.36 18.84
C THR H 245 -79.73 -38.50 17.42
N ARG H 246 -78.91 -37.53 17.02
CA ARG H 246 -78.31 -37.55 15.70
C ARG H 246 -77.02 -38.38 15.69
CA MET I 5 -60.35 -48.44 40.59
C MET I 5 -60.23 -47.51 41.80
N ASP I 6 -59.83 -46.27 41.56
CA ASP I 6 -59.65 -45.27 42.61
C ASP I 6 -60.63 -44.12 42.53
N LYS I 7 -60.95 -43.67 41.32
CA LYS I 7 -61.85 -42.54 41.13
C LYS I 7 -63.30 -43.01 41.07
N CYS I 8 -64.17 -42.30 41.77
CA CYS I 8 -65.58 -42.70 41.87
C CYS I 8 -66.49 -41.48 41.76
N TRP I 9 -66.20 -40.59 40.81
CA TRP I 9 -67.03 -39.41 40.56
C TRP I 9 -67.44 -39.40 39.10
N PHE I 10 -68.75 -39.44 38.85
CA PHE I 10 -69.31 -39.46 37.51
C PHE I 10 -69.87 -38.09 37.17
N THR I 11 -69.43 -37.53 36.05
CA THR I 11 -69.86 -36.21 35.63
C THR I 11 -71.19 -36.27 34.87
N LEU I 12 -71.99 -35.22 35.02
CA LEU I 12 -73.28 -35.13 34.37
C LEU I 12 -73.15 -34.50 32.99
N ASP I 13 -74.06 -34.86 32.09
CA ASP I 13 -74.11 -34.32 30.75
C ASP I 13 -75.08 -33.14 30.62
N ASN I 14 -75.75 -32.77 31.71
CA ASN I 14 -76.70 -31.65 31.70
C ASN I 14 -76.28 -30.66 32.78
N ALA I 15 -76.24 -29.38 32.42
CA ALA I 15 -75.75 -28.34 33.30
C ALA I 15 -76.84 -27.34 33.72
N HIS I 16 -78.10 -27.64 33.44
CA HIS I 16 -79.18 -26.72 33.78
C HIS I 16 -79.81 -27.00 35.14
N TYR I 17 -79.32 -28.00 35.88
CA TYR I 17 -79.86 -28.26 37.20
C TYR I 17 -79.38 -27.18 38.18
N PRO I 18 -80.29 -26.48 38.86
CA PRO I 18 -79.85 -25.48 39.83
C PRO I 18 -79.19 -26.14 41.03
N PRO I 19 -78.23 -25.45 41.67
CA PRO I 19 -77.56 -26.05 42.83
C PRO I 19 -78.43 -26.00 44.06
N PRO I 20 -78.55 -27.11 44.79
CA PRO I 20 -79.35 -27.10 46.03
C PRO I 20 -78.71 -26.23 47.10
N SER I 21 -79.55 -25.68 47.97
CA SER I 21 -79.09 -24.87 49.09
C SER I 21 -78.85 -25.76 50.31
N LEU I 22 -78.04 -25.23 51.24
CA LEU I 22 -77.66 -26.00 52.42
C LEU I 22 -78.87 -26.32 53.28
N ASP I 23 -79.76 -25.35 53.49
CA ASP I 23 -80.96 -25.60 54.28
C ASP I 23 -81.91 -26.54 53.55
N SER I 24 -82.03 -26.40 52.22
CA SER I 24 -82.91 -27.26 51.45
C SER I 24 -82.43 -28.70 51.46
N MET I 25 -81.12 -28.91 51.30
CA MET I 25 -80.59 -30.28 51.28
C MET I 25 -80.65 -30.92 52.66
N ARG I 26 -80.51 -30.13 53.72
CA ARG I 26 -80.72 -30.66 55.07
C ARG I 26 -82.17 -31.08 55.26
N SER I 27 -83.11 -30.28 54.77
CA SER I 27 -84.53 -30.62 54.84
C SER I 27 -84.95 -31.62 53.78
N GLY I 28 -84.05 -31.98 52.87
CA GLY I 28 -84.38 -32.95 51.83
C GLY I 28 -85.38 -32.45 50.81
N HIS I 29 -85.30 -31.18 50.43
CA HIS I 29 -86.19 -30.64 49.41
C HIS I 29 -85.67 -31.00 48.03
N PRO I 30 -86.42 -31.74 47.21
CA PRO I 30 -85.96 -32.09 45.86
C PRO I 30 -86.19 -30.97 44.86
N ILE I 31 -85.46 -29.86 45.05
CA ILE I 31 -85.55 -28.75 44.11
C ILE I 31 -85.06 -29.16 42.73
N SER I 32 -83.95 -29.89 42.70
CA SER I 32 -83.38 -30.40 41.45
C SER I 32 -83.51 -31.91 41.39
N PRO I 33 -83.61 -32.49 40.19
CA PRO I 33 -83.64 -33.96 40.09
C PRO I 33 -82.40 -34.62 40.66
N ALA I 34 -81.24 -33.98 40.56
CA ALA I 34 -80.00 -34.52 41.11
C ALA I 34 -79.80 -33.96 42.52
N SER I 35 -80.14 -34.75 43.53
CA SER I 35 -79.99 -34.35 44.92
C SER I 35 -79.81 -35.58 45.79
N LEU I 36 -79.31 -35.37 46.99
CA LEU I 36 -79.07 -36.47 47.91
C LEU I 36 -80.38 -37.08 48.36
N GLY I 37 -80.40 -38.41 48.47
CA GLY I 37 -81.57 -39.15 48.90
C GLY I 37 -82.41 -39.70 47.77
N HIS I 38 -82.16 -39.29 46.53
CA HIS I 38 -82.92 -39.78 45.40
C HIS I 38 -82.45 -41.17 44.98
N LEU I 39 -83.35 -41.93 44.38
CA LEU I 39 -83.07 -43.25 43.85
C LEU I 39 -83.35 -43.26 42.35
N ILE I 40 -82.38 -43.73 41.58
CA ILE I 40 -82.52 -43.77 40.12
C ILE I 40 -82.17 -45.18 39.63
N PRO I 41 -82.87 -45.69 38.62
CA PRO I 41 -82.48 -47.00 38.06
C PRO I 41 -81.08 -47.01 37.48
N SER I 42 -80.64 -45.90 36.89
CA SER I 42 -79.31 -45.81 36.29
C SER I 42 -78.92 -44.35 36.18
N LEU I 43 -77.64 -44.12 35.92
CA LEU I 43 -77.14 -42.76 35.78
C LEU I 43 -77.76 -42.05 34.58
N ALA I 44 -77.92 -42.77 33.46
CA ALA I 44 -78.52 -42.18 32.27
C ALA I 44 -80.01 -41.89 32.43
N HIS I 45 -80.64 -42.40 33.49
CA HIS I 45 -82.06 -42.19 33.76
C HIS I 45 -82.24 -41.39 35.03
N LEU I 46 -81.46 -40.32 35.19
CA LEU I 46 -81.53 -39.49 36.39
C LEU I 46 -82.90 -38.83 36.54
N ASP I 47 -83.53 -38.46 35.44
CA ASP I 47 -84.84 -37.82 35.50
C ASP I 47 -85.93 -38.77 35.99
N GLN I 48 -85.68 -40.08 35.94
CA GLN I 48 -86.65 -41.08 36.41
C GLN I 48 -86.39 -41.38 37.89
N ILE I 49 -86.76 -40.41 38.73
CA ILE I 49 -86.57 -40.56 40.17
C ILE I 49 -87.62 -41.52 40.72
N ILE I 50 -87.17 -42.54 41.44
CA ILE I 50 -88.09 -43.51 42.04
C ILE I 50 -88.90 -42.86 43.16
N ASN I 51 -88.24 -42.04 43.98
CA ASN I 51 -88.92 -41.38 45.10
C ASN I 51 -89.91 -40.34 44.58
N ALA I 52 -91.12 -40.37 45.13
CA ALA I 52 -92.18 -39.45 44.74
C ALA I 52 -92.25 -38.27 45.72
N LYS I 53 -91.16 -37.50 45.75
CA LYS I 53 -91.05 -36.31 46.61
C LYS I 53 -91.30 -36.65 48.07
N ALA I 54 -90.81 -37.81 48.51
CA ALA I 54 -90.92 -38.26 49.89
C ALA I 54 -89.54 -38.69 50.36
N ILE I 55 -88.75 -37.74 50.85
CA ILE I 55 -87.40 -38.01 51.32
C ILE I 55 -87.46 -38.38 52.79
N GLU I 56 -86.82 -39.49 53.14
CA GLU I 56 -86.77 -39.92 54.53
C GLU I 56 -86.01 -38.88 55.36
N PRO I 57 -86.55 -38.44 56.50
CA PRO I 57 -85.84 -37.45 57.31
C PRO I 57 -84.48 -37.94 57.76
N PHE I 58 -83.51 -37.04 57.76
CA PHE I 58 -82.16 -37.38 58.19
C PHE I 58 -82.10 -37.46 59.70
N PRO I 59 -81.70 -38.58 60.29
CA PRO I 59 -81.55 -38.64 61.75
C PRO I 59 -80.35 -37.82 62.21
N ALA I 60 -80.20 -37.75 63.54
CA ALA I 60 -79.11 -37.00 64.13
C ALA I 60 -77.75 -37.58 63.81
N THR I 61 -77.69 -38.87 63.42
CA THR I 61 -76.43 -39.51 63.08
C THR I 61 -75.99 -39.25 61.64
N MET I 62 -76.84 -38.60 60.84
CA MET I 62 -76.54 -38.32 59.44
C MET I 62 -76.01 -36.89 59.30
N ASP I 63 -74.84 -36.75 58.69
CA ASP I 63 -74.22 -35.46 58.47
C ASP I 63 -73.83 -35.32 57.00
N ILE I 64 -73.75 -34.08 56.54
CA ILE I 64 -73.37 -33.79 55.16
C ILE I 64 -71.87 -33.54 55.11
N HIS I 65 -71.20 -33.75 56.24
CA HIS I 65 -69.74 -33.58 56.37
C HIS I 65 -69.42 -32.12 56.05
N GLY I 66 -68.42 -31.83 55.24
CA GLY I 66 -68.03 -30.46 54.98
C GLY I 66 -67.86 -30.15 53.51
N PRO I 67 -67.89 -28.86 53.16
CA PRO I 67 -67.73 -28.43 51.75
C PRO I 67 -66.27 -28.42 51.29
N THR I 68 -65.80 -29.58 50.85
CA THR I 68 -64.44 -29.70 50.34
C THR I 68 -64.31 -28.90 49.05
N ILE I 69 -63.45 -27.89 49.06
CA ILE I 69 -63.33 -26.94 47.96
C ILE I 69 -62.09 -27.26 47.14
N ILE I 70 -62.25 -27.23 45.82
CA ILE I 70 -61.16 -27.45 44.87
C ILE I 70 -61.03 -26.21 43.99
N GLU I 71 -59.82 -25.68 43.88
CA GLU I 71 -59.56 -24.47 43.12
C GLU I 71 -58.60 -24.76 41.97
N ASP I 72 -58.74 -23.98 40.90
CA ASP I 72 -57.88 -24.05 39.72
C ASP I 72 -57.81 -25.48 39.16
N PHE I 73 -58.99 -25.98 38.79
CA PHE I 73 -59.12 -27.34 38.25
C PHE I 73 -59.07 -27.27 36.73
N LYS I 74 -57.93 -27.64 36.17
CA LYS I 74 -57.73 -27.67 34.72
C LYS I 74 -57.26 -29.06 34.33
N TRP I 75 -58.00 -29.70 33.42
CA TRP I 75 -57.65 -31.04 32.97
C TRP I 75 -57.80 -31.13 31.46
N ASP I 76 -56.86 -31.82 30.82
CA ASP I 76 -56.83 -31.99 29.37
C ASP I 76 -56.87 -33.49 29.06
N HIS I 77 -57.68 -33.86 28.08
CA HIS I 77 -57.84 -35.27 27.70
C HIS I 77 -57.97 -35.35 26.18
N SER I 78 -56.98 -35.97 25.54
CA SER I 78 -57.01 -36.24 24.11
C SER I 78 -57.11 -37.75 23.91
N HIS I 79 -58.21 -38.20 23.32
CA HIS I 79 -58.45 -39.61 23.05
C HIS I 79 -58.55 -39.78 21.54
N GLU I 80 -57.50 -40.33 20.92
CA GLU I 80 -57.44 -40.51 19.49
C GLU I 80 -57.07 -41.95 19.18
N TYR I 81 -57.73 -42.51 18.15
CA TYR I 81 -57.45 -43.86 17.71
C TYR I 81 -57.63 -43.93 16.20
N SER I 82 -57.01 -44.95 15.60
CA SER I 82 -57.08 -45.12 14.15
C SER I 82 -57.06 -46.61 13.83
N LEU I 83 -58.11 -47.10 13.17
CA LEU I 83 -58.18 -48.47 12.74
C LEU I 83 -58.14 -48.53 11.21
N SER I 84 -57.55 -49.61 10.69
CA SER I 84 -57.48 -49.84 9.26
C SER I 84 -57.57 -51.33 8.99
N LEU I 85 -58.09 -51.66 7.80
CA LEU I 85 -58.25 -53.05 7.40
C LEU I 85 -58.17 -53.14 5.88
N GLY I 86 -57.69 -54.28 5.41
CA GLY I 86 -57.60 -54.51 3.97
C GLY I 86 -58.14 -55.86 3.56
N GLY I 87 -59.22 -55.85 2.78
CA GLY I 87 -59.79 -57.10 2.31
C GLY I 87 -59.62 -57.29 0.82
N LYS I 88 -58.75 -58.23 0.42
CA LYS I 88 -58.46 -58.49 -0.98
C LYS I 88 -58.92 -59.89 -1.34
N VAL I 89 -59.80 -60.00 -2.33
CA VAL I 89 -60.33 -61.26 -2.80
C VAL I 89 -59.98 -61.40 -4.27
N PRO I 90 -59.54 -62.57 -4.73
CA PRO I 90 -59.23 -62.78 -6.15
C PRO I 90 -60.49 -62.95 -7.01
N LEU I 103 -59.00 -62.73 -11.80
CA LEU I 103 -59.71 -61.70 -11.05
C LEU I 103 -58.91 -61.28 -9.82
N ASN I 104 -58.96 -59.99 -9.49
CA ASN I 104 -58.32 -59.48 -8.29
C ASN I 104 -58.99 -58.18 -7.88
N VAL I 105 -59.49 -58.13 -6.65
CA VAL I 105 -60.18 -56.96 -6.12
C VAL I 105 -59.62 -56.68 -4.72
N GLY I 106 -59.20 -55.44 -4.49
CA GLY I 106 -58.68 -55.03 -3.20
C GLY I 106 -59.51 -53.92 -2.61
N LEU I 107 -59.69 -53.97 -1.29
CA LEU I 107 -60.47 -52.97 -0.56
C LEU I 107 -59.63 -52.45 0.60
N GLY I 108 -59.53 -51.13 0.69
CA GLY I 108 -58.81 -50.51 1.79
C GLY I 108 -59.68 -49.57 2.60
N GLY I 109 -59.93 -49.90 3.86
CA GLY I 109 -60.78 -49.09 4.70
C GLY I 109 -60.08 -48.59 5.95
N ALA I 110 -59.99 -47.28 6.09
CA ALA I 110 -59.36 -46.64 7.24
C ALA I 110 -60.35 -45.71 7.93
N PHE I 111 -60.35 -45.75 9.26
CA PHE I 111 -61.24 -44.92 10.06
C PHE I 111 -60.44 -44.33 11.22
N SER I 112 -60.30 -43.02 11.24
CA SER I 112 -59.58 -42.31 12.28
C SER I 112 -60.51 -41.35 13.00
N ARG I 113 -60.58 -41.47 14.32
CA ARG I 113 -61.41 -40.61 15.15
C ARG I 113 -60.56 -40.05 16.28
N SER I 114 -60.55 -38.72 16.41
CA SER I 114 -59.82 -38.04 17.47
C SER I 114 -60.79 -37.11 18.21
N VAL I 115 -60.82 -37.22 19.53
CA VAL I 115 -61.66 -36.39 20.38
C VAL I 115 -60.76 -35.75 21.43
N ALA I 116 -60.66 -34.42 21.39
CA ALA I 116 -59.82 -33.66 22.31
C ALA I 116 -60.70 -32.79 23.17
N ASN I 117 -60.62 -32.97 24.49
CA ASN I 117 -61.38 -32.20 25.45
C ASN I 117 -60.44 -31.37 26.31
N TYR I 118 -60.87 -30.15 26.63
CA TYR I 118 -60.07 -29.25 27.46
C TYR I 118 -61.03 -28.45 28.33
N TRP I 119 -61.00 -28.69 29.64
CA TRP I 119 -61.89 -28.04 30.59
C TRP I 119 -61.07 -27.24 31.59
N GLU I 120 -61.59 -26.08 31.98
CA GLU I 120 -61.00 -25.28 33.05
C GLU I 120 -62.11 -24.78 33.96
N PHE I 121 -61.91 -24.96 35.27
CA PHE I 121 -62.88 -24.50 36.26
C PHE I 121 -62.14 -23.79 37.39
N ASP I 122 -62.83 -22.85 38.03
CA ASP I 122 -62.20 -22.04 39.06
C ASP I 122 -62.47 -22.56 40.47
N ARG I 123 -63.72 -22.94 40.77
CA ARG I 123 -64.08 -23.40 42.10
C ARG I 123 -65.08 -24.54 41.99
N LEU I 124 -64.77 -25.64 42.68
CA LEU I 124 -65.68 -26.77 42.82
C LEU I 124 -65.87 -27.06 44.31
N GLU I 125 -67.10 -27.44 44.67
CA GLU I 125 -67.46 -27.64 46.07
C GLU I 125 -68.10 -29.01 46.25
N ARG I 126 -67.58 -29.78 47.21
CA ARG I 126 -67.95 -31.17 47.41
C ARG I 126 -68.84 -31.32 48.64
N TYR I 127 -69.93 -32.07 48.50
CA TYR I 127 -70.75 -32.47 49.62
C TYR I 127 -70.97 -33.98 49.57
N ILE I 128 -70.90 -34.63 50.73
CA ILE I 128 -70.92 -36.10 50.80
C ILE I 128 -71.57 -36.52 52.10
N MET I 129 -72.32 -37.62 52.03
CA MET I 129 -72.93 -38.22 53.21
C MET I 129 -72.72 -39.73 53.15
N GLN I 130 -72.73 -40.36 54.32
CA GLN I 130 -72.49 -41.79 54.44
C GLN I 130 -73.78 -42.51 54.80
N PRO I 131 -74.36 -43.30 53.89
CA PRO I 131 -75.59 -44.04 54.21
C PRO I 131 -75.34 -45.10 55.27
N THR I 132 -76.39 -45.38 56.04
CA THR I 132 -76.36 -46.39 57.09
C THR I 132 -77.34 -47.51 56.77
N ARG I 133 -77.16 -48.65 57.44
CA ARG I 133 -78.02 -49.80 57.21
C ARG I 133 -79.47 -49.50 57.54
N SER I 134 -79.71 -48.82 58.67
CA SER I 134 -81.09 -48.52 59.09
C SER I 134 -81.76 -47.58 58.11
N TYR I 135 -81.04 -46.54 57.66
CA TYR I 135 -81.64 -45.55 56.78
C TYR I 135 -82.02 -46.17 55.43
N VAL I 136 -81.15 -47.00 54.86
CA VAL I 136 -81.44 -47.64 53.59
C VAL I 136 -82.60 -48.61 53.74
N GLN I 137 -82.64 -49.35 54.84
CA GLN I 137 -83.75 -50.26 55.08
C GLN I 137 -85.07 -49.52 55.20
N LYS I 138 -85.06 -48.36 55.86
CA LYS I 138 -86.26 -47.53 55.92
C LYS I 138 -86.69 -47.06 54.55
N CYS I 139 -85.73 -46.65 53.71
CA CYS I 139 -86.05 -46.20 52.36
C CYS I 139 -86.60 -47.34 51.50
N ILE I 140 -86.02 -48.53 51.62
CA ILE I 140 -86.44 -49.66 50.77
C ILE I 140 -87.81 -50.20 51.16
N GLU I 141 -88.33 -49.84 52.33
CA GLU I 141 -89.64 -50.28 52.78
C GLU I 141 -90.75 -49.33 52.38
N ARG I 142 -90.45 -48.27 51.64
CA ARG I 142 -91.48 -47.34 51.20
C ARG I 142 -92.42 -48.00 50.20
N ASP I 143 -93.66 -47.53 50.17
CA ASP I 143 -94.65 -48.11 49.27
C ASP I 143 -94.30 -47.86 47.81
N GLU I 144 -93.74 -46.68 47.51
CA GLU I 144 -93.37 -46.37 46.14
C GLU I 144 -92.30 -47.33 45.62
N VAL I 145 -91.30 -47.63 46.46
CA VAL I 145 -90.25 -48.56 46.05
C VAL I 145 -90.82 -49.97 45.91
N LYS I 146 -91.73 -50.35 46.81
CA LYS I 146 -92.37 -51.66 46.70
C LYS I 146 -93.19 -51.76 45.42
N ARG I 147 -93.88 -50.69 45.04
CA ARG I 147 -94.60 -50.67 43.77
C ARG I 147 -93.65 -50.79 42.59
N TRP I 148 -92.52 -50.07 42.65
CA TRP I 148 -91.57 -50.08 41.54
C TRP I 148 -90.96 -51.47 41.35
N ILE I 149 -90.56 -52.12 42.46
CA ILE I 149 -90.01 -53.46 42.33
C ILE I 149 -91.08 -54.45 41.92
N ALA I 150 -92.35 -54.18 42.26
CA ALA I 150 -93.44 -55.03 41.81
C ALA I 150 -93.69 -54.88 40.32
N LYS I 151 -93.26 -53.77 39.70
CA LYS I 151 -93.39 -53.61 38.26
C LYS I 151 -92.51 -54.59 37.49
N ASN I 152 -91.46 -55.12 38.13
CA ASN I 152 -90.59 -56.07 37.46
C ASN I 152 -91.33 -57.36 37.17
N LYS I 153 -91.18 -57.87 35.94
CA LYS I 153 -91.85 -59.09 35.50
C LYS I 153 -90.85 -59.91 34.68
N SER I 154 -90.13 -60.80 35.37
CA SER I 154 -89.17 -61.68 34.72
C SER I 154 -88.80 -62.78 35.70
N MET I 155 -88.15 -63.82 35.18
CA MET I 155 -87.71 -64.95 36.00
C MET I 155 -86.24 -64.88 36.36
N MET I 156 -85.39 -64.36 35.47
CA MET I 156 -83.97 -64.23 35.78
C MET I 156 -83.75 -63.30 36.95
N MET I 157 -84.45 -62.17 36.98
CA MET I 157 -84.37 -61.21 38.08
C MET I 157 -85.46 -61.50 39.12
N MET I 158 -85.34 -62.67 39.74
CA MET I 158 -86.29 -63.12 40.75
C MET I 158 -86.04 -62.33 42.04
N GLY I 159 -86.60 -61.13 42.08
CA GLY I 159 -86.36 -60.23 43.20
C GLY I 159 -85.08 -59.44 43.08
N ARG I 160 -84.45 -59.42 41.92
CA ARG I 160 -83.17 -58.73 41.73
C ARG I 160 -83.43 -57.25 41.45
N TRP I 161 -83.15 -56.41 42.44
CA TRP I 161 -83.29 -54.97 42.32
C TRP I 161 -81.91 -54.33 42.24
N GLU I 162 -81.71 -53.48 41.24
CA GLU I 162 -80.44 -52.76 41.04
C GLU I 162 -80.77 -51.27 40.95
N VAL I 163 -80.79 -50.61 42.11
CA VAL I 163 -81.09 -49.19 42.19
C VAL I 163 -79.87 -48.44 42.69
N TYR I 164 -79.71 -47.21 42.22
CA TYR I 164 -78.59 -46.35 42.61
C TYR I 164 -79.12 -45.18 43.43
N MET I 165 -78.45 -44.90 44.54
CA MET I 165 -78.82 -43.80 45.43
C MET I 165 -77.75 -42.71 45.34
N ILE I 166 -78.20 -41.47 45.18
CA ILE I 166 -77.28 -40.34 45.12
C ILE I 166 -76.67 -40.13 46.50
N THR I 167 -75.34 -40.25 46.60
CA THR I 167 -74.65 -40.13 47.87
C THR I 167 -73.81 -38.86 48.00
N GLY I 168 -73.24 -38.37 46.90
CA GLY I 168 -72.43 -37.18 46.96
C GLY I 168 -72.65 -36.33 45.72
N ILE I 169 -72.51 -35.02 45.90
CA ILE I 169 -72.66 -34.05 44.82
C ILE I 169 -71.53 -33.04 44.91
N ILE I 170 -70.96 -32.70 43.76
CA ILE I 170 -69.97 -31.63 43.65
C ILE I 170 -70.53 -30.56 42.72
N VAL I 171 -70.47 -29.32 43.17
CA VAL I 171 -71.13 -28.20 42.49
C VAL I 171 -70.07 -27.21 42.03
N ALA I 172 -70.16 -26.82 40.75
CA ALA I 172 -69.28 -25.78 40.22
C ALA I 172 -69.84 -24.41 40.56
N ARG I 173 -68.99 -23.51 41.03
CA ARG I 173 -69.38 -22.17 41.45
C ARG I 173 -68.59 -21.16 40.62
N GLY I 174 -69.15 -20.78 39.47
CA GLY I 174 -68.52 -19.81 38.60
C GLY I 174 -68.37 -20.27 37.17
N GLY I 175 -69.01 -21.40 36.84
CA GLY I 175 -68.93 -21.92 35.49
C GLY I 175 -67.53 -22.39 35.14
N GLY I 176 -67.22 -22.33 33.84
CA GLY I 176 -65.93 -22.77 33.37
C GLY I 176 -65.85 -22.68 31.87
N ARG I 177 -64.64 -22.88 31.36
CA ARG I 177 -64.36 -22.82 29.93
C ARG I 177 -64.18 -24.23 29.39
N LYS I 178 -64.92 -24.56 28.33
CA LYS I 178 -64.89 -25.87 27.73
C LYS I 178 -64.50 -25.76 26.26
N LYS I 179 -63.64 -26.67 25.81
CA LYS I 179 -63.27 -26.78 24.41
C LYS I 179 -63.35 -28.25 24.00
N LYS I 180 -64.06 -28.53 22.92
CA LYS I 180 -64.19 -29.88 22.39
C LYS I 180 -63.90 -29.87 20.90
N GLU I 181 -63.09 -30.81 20.45
CA GLU I 181 -62.73 -30.95 19.04
C GLU I 181 -62.91 -32.40 18.64
N LYS I 182 -63.54 -32.62 17.49
CA LYS I 182 -63.82 -33.95 16.98
C LYS I 182 -63.37 -34.03 15.53
N THR I 183 -62.42 -34.92 15.25
CA THR I 183 -61.94 -35.17 13.90
C THR I 183 -62.31 -36.58 13.48
N THR I 184 -62.95 -36.70 12.32
CA THR I 184 -63.36 -37.99 11.78
C THR I 184 -62.86 -38.10 10.34
N GLY I 185 -61.99 -39.07 10.10
CA GLY I 185 -61.49 -39.32 8.76
C GLY I 185 -61.80 -40.72 8.29
N LYS I 186 -62.60 -40.83 7.23
CA LYS I 186 -63.00 -42.13 6.67
C LYS I 186 -62.51 -42.21 5.24
N GLU I 187 -61.56 -43.10 4.98
CA GLU I 187 -61.03 -43.33 3.65
C GLU I 187 -61.44 -44.74 3.21
N PHE I 188 -62.17 -44.82 2.10
CA PHE I 188 -62.69 -46.07 1.58
C PHE I 188 -62.27 -46.19 0.13
N SER I 189 -61.40 -47.15 -0.17
CA SER I 189 -60.88 -47.35 -1.52
C SER I 189 -61.12 -48.79 -1.96
N VAL I 190 -61.60 -48.94 -3.19
CA VAL I 190 -61.84 -50.25 -3.80
C VAL I 190 -61.14 -50.28 -5.15
N GLU I 191 -60.22 -51.22 -5.33
CA GLU I 191 -59.51 -51.41 -6.58
C GLU I 191 -60.00 -52.70 -7.22
N VAL I 192 -60.54 -52.58 -8.44
CA VAL I 192 -61.06 -53.74 -9.16
C VAL I 192 -60.25 -54.01 -10.41
N PRO I 204 -60.65 -50.65 -13.36
CA PRO I 204 -61.76 -50.09 -12.58
C PRO I 204 -61.40 -49.90 -11.10
N GLY I 205 -61.92 -48.84 -10.50
CA GLY I 205 -61.64 -48.57 -9.10
C GLY I 205 -62.23 -47.26 -8.60
N GLY I 206 -62.79 -47.29 -7.39
CA GLY I 206 -63.36 -46.09 -6.81
C GLY I 206 -62.89 -45.85 -5.39
N LYS I 207 -62.42 -44.63 -5.12
CA LYS I 207 -61.94 -44.25 -3.80
C LYS I 207 -62.62 -42.94 -3.37
N ARG I 208 -62.98 -42.87 -2.08
CA ARG I 208 -63.65 -41.69 -1.55
C ARG I 208 -63.15 -41.41 -0.14
N ASN I 209 -62.83 -40.14 0.11
CA ASN I 209 -62.35 -39.70 1.41
C ASN I 209 -63.34 -38.71 1.99
N THR I 210 -63.75 -38.95 3.24
CA THR I 210 -64.68 -38.08 3.96
C THR I 210 -63.99 -37.60 5.24
N ALA I 211 -63.61 -36.33 5.26
CA ALA I 211 -62.92 -35.74 6.41
C ALA I 211 -63.81 -34.67 7.02
N ARG I 212 -64.12 -34.82 8.31
CA ARG I 212 -64.94 -33.87 9.04
C ARG I 212 -64.20 -33.43 10.29
N GLN I 213 -64.30 -32.14 10.60
CA GLN I 213 -63.61 -31.55 11.75
C GLN I 213 -64.57 -30.57 12.41
N LYS I 214 -65.13 -30.97 13.55
CA LYS I 214 -66.08 -30.16 14.29
C LYS I 214 -65.42 -29.55 15.52
N THR I 215 -65.79 -28.31 15.82
CA THR I 215 -65.26 -27.59 16.96
C THR I 215 -66.39 -26.98 17.77
N TRP I 216 -66.19 -26.89 19.07
CA TRP I 216 -67.20 -26.33 19.98
C TRP I 216 -66.48 -25.72 21.17
N GLY I 217 -66.40 -24.40 21.21
CA GLY I 217 -65.83 -23.67 22.33
C GLY I 217 -66.93 -22.94 23.09
N THR I 218 -66.86 -23.01 24.42
CA THR I 218 -67.92 -22.47 25.25
C THR I 218 -67.32 -21.90 26.52
N SER I 219 -68.01 -20.91 27.11
CA SER I 219 -67.67 -20.34 28.41
C SER I 219 -68.95 -20.35 29.25
N GLN I 220 -69.18 -21.46 29.94
CA GLN I 220 -70.34 -21.56 30.81
C GLN I 220 -70.22 -20.61 32.00
N THR I 221 -71.32 -19.95 32.32
CA THR I 221 -71.36 -19.00 33.43
C THR I 221 -72.54 -19.34 34.33
N GLY I 222 -72.29 -19.42 35.63
CA GLY I 222 -73.36 -19.68 36.59
C GLY I 222 -73.06 -20.84 37.52
N ASP I 223 -73.82 -20.93 38.61
CA ASP I 223 -73.66 -22.00 39.58
C ASP I 223 -74.58 -23.17 39.21
N PHE I 224 -74.02 -24.38 39.20
CA PHE I 224 -74.76 -25.56 38.79
C PHE I 224 -74.03 -26.80 39.28
N VAL I 225 -74.79 -27.88 39.50
CA VAL I 225 -74.20 -29.14 39.92
C VAL I 225 -73.31 -29.67 38.81
N TRP I 226 -72.16 -30.22 39.19
CA TRP I 226 -71.14 -30.64 38.24
C TRP I 226 -71.04 -32.15 38.08
N ALA I 227 -71.04 -32.91 39.19
CA ALA I 227 -70.94 -34.35 39.13
C ALA I 227 -71.58 -34.94 40.38
N VAL I 228 -71.89 -36.23 40.32
CA VAL I 228 -72.54 -36.93 41.42
C VAL I 228 -71.85 -38.27 41.65
N ARG I 229 -71.85 -38.71 42.91
CA ARG I 229 -71.34 -40.02 43.28
C ARG I 229 -72.50 -40.88 43.76
N LEU I 230 -72.61 -42.09 43.20
CA LEU I 230 -73.71 -42.99 43.49
C LEU I 230 -73.19 -44.26 44.13
N ALA I 231 -74.00 -44.85 45.00
CA ALA I 231 -73.70 -46.11 45.65
C ALA I 231 -74.70 -47.15 45.17
N LYS I 232 -74.20 -48.22 44.56
CA LYS I 232 -75.06 -49.26 44.00
C LYS I 232 -75.63 -50.14 45.11
N ILE I 233 -76.93 -50.38 45.05
CA ILE I 233 -77.63 -51.27 45.98
C ILE I 233 -78.20 -52.42 45.19
N THR I 234 -77.83 -53.65 45.56
CA THR I 234 -78.26 -54.84 44.85
C THR I 234 -78.78 -55.87 45.83
N LYS I 235 -79.68 -56.72 45.34
CA LYS I 235 -80.28 -57.77 46.17
C LYS I 235 -80.75 -58.88 45.23
N SER I 236 -80.04 -60.01 45.24
CA SER I 236 -80.36 -61.11 44.33
C SER I 236 -81.77 -61.65 44.59
N GLY I 237 -82.12 -61.81 45.86
CA GLY I 237 -83.44 -62.32 46.20
C GLY I 237 -83.71 -62.12 47.68
N LEU I 238 -84.92 -62.52 48.08
CA LEU I 238 -85.32 -62.40 49.48
C LEU I 238 -84.50 -63.32 50.37
N HIS I 239 -84.03 -64.44 49.84
CA HIS I 239 -83.19 -65.34 50.63
C HIS I 239 -81.86 -64.68 50.99
N SER I 240 -81.26 -63.96 50.05
CA SER I 240 -80.01 -63.26 50.29
C SER I 240 -80.27 -61.89 50.91
N ASP I 241 -79.22 -61.31 51.49
CA ASP I 241 -79.29 -60.00 52.10
C ASP I 241 -78.90 -58.93 51.08
N TRP I 242 -79.62 -57.81 51.11
CA TRP I 242 -79.34 -56.72 50.20
C TRP I 242 -78.03 -56.04 50.57
N LYS I 243 -77.18 -55.82 49.57
CA LYS I 243 -75.86 -55.24 49.77
C LYS I 243 -75.76 -53.89 49.08
N MET I 244 -74.85 -53.06 49.58
CA MET I 244 -74.58 -51.75 49.00
C MET I 244 -73.08 -51.54 48.93
N GLU I 245 -72.65 -50.82 47.89
CA GLU I 245 -71.24 -50.53 47.70
C GLU I 245 -71.11 -49.34 46.76
N THR I 246 -70.13 -48.49 47.04
CA THR I 246 -69.85 -47.36 46.16
C THR I 246 -69.28 -47.84 44.84
N VAL I 247 -69.75 -47.26 43.74
CA VAL I 247 -69.34 -47.68 42.41
C VAL I 247 -67.98 -47.08 42.10
N PHE I 248 -67.04 -47.92 41.66
CA PHE I 248 -65.71 -47.49 41.27
C PHE I 248 -65.49 -47.84 39.80
N GLY I 249 -64.68 -47.01 39.13
CA GLY I 249 -64.40 -47.21 37.73
C GLY I 249 -65.48 -46.68 36.81
N LYS I 250 -66.24 -47.59 36.21
CA LYS I 250 -67.35 -47.22 35.34
C LYS I 250 -68.64 -47.86 35.85
N THR I 251 -69.76 -47.23 35.51
CA THR I 251 -71.06 -47.74 35.93
C THR I 251 -71.43 -49.00 35.16
N SER I 252 -72.39 -49.74 35.69
CA SER I 252 -72.83 -50.99 35.09
C SER I 252 -73.62 -50.78 33.79
N SER I 253 -74.00 -49.55 33.48
CA SER I 253 -74.76 -49.29 32.27
C SER I 253 -73.90 -49.51 31.03
N PHE I 254 -74.58 -49.66 29.89
CA PHE I 254 -73.88 -49.90 28.64
C PHE I 254 -73.04 -48.70 28.24
N ARG I 255 -71.76 -48.94 27.92
CA ARG I 255 -70.81 -47.91 27.53
C ARG I 255 -70.75 -46.79 28.57
N GLY I 256 -70.80 -47.17 29.84
CA GLY I 256 -70.75 -46.21 30.93
C GLY I 256 -69.47 -45.40 30.96
N GLN I 257 -69.60 -44.09 31.11
CA GLN I 257 -68.43 -43.23 31.15
C GLN I 257 -67.62 -43.47 32.43
N LYS I 258 -66.30 -43.48 32.29
CA LYS I 258 -65.44 -43.73 33.43
C LYS I 258 -65.36 -42.49 34.32
N ALA I 259 -65.07 -42.71 35.60
CA ALA I 259 -64.97 -41.61 36.54
C ALA I 259 -63.83 -40.68 36.15
N ILE I 260 -64.10 -39.36 36.21
CA ILE I 260 -63.09 -38.38 35.84
C ILE I 260 -62.01 -38.29 36.91
N PHE I 261 -62.41 -38.12 38.17
CA PHE I 261 -61.45 -37.99 39.26
C PHE I 261 -62.10 -38.32 40.61
CA GLU J 8 -45.54 -50.46 54.63
C GLU J 8 -46.13 -49.90 55.92
N GLU J 9 -45.56 -48.78 56.39
CA GLU J 9 -46.00 -48.19 57.64
C GLU J 9 -47.42 -47.65 57.54
N TRP J 10 -47.76 -47.02 56.41
CA TRP J 10 -49.05 -46.38 56.23
C TRP J 10 -49.64 -46.72 54.88
N PHE J 11 -50.97 -46.67 54.80
CA PHE J 11 -51.69 -46.88 53.56
C PHE J 11 -52.27 -45.57 53.07
N PRO J 12 -51.75 -44.98 51.99
CA PRO J 12 -52.28 -43.70 51.51
C PRO J 12 -53.64 -43.88 50.87
N LEU J 13 -54.55 -42.95 51.17
CA LEU J 13 -55.89 -42.94 50.59
C LEU J 13 -55.92 -42.01 49.39
N LYS J 14 -56.37 -42.51 48.25
CA LYS J 14 -56.52 -41.68 47.06
C LYS J 14 -57.92 -41.08 46.98
N GLN J 15 -58.35 -40.45 48.08
CA GLN J 15 -59.67 -39.84 48.19
C GLN J 15 -59.54 -38.55 48.97
N THR J 16 -60.34 -37.54 48.62
CA THR J 16 -60.26 -36.22 49.30
C THR J 16 -61.68 -35.78 49.69
N HIS J 17 -62.62 -36.71 49.74
CA HIS J 17 -64.03 -36.38 50.13
C HIS J 17 -64.26 -36.74 51.60
N TYR J 18 -63.18 -36.85 52.36
CA TYR J 18 -63.29 -37.19 53.81
C TYR J 18 -62.72 -36.04 54.65
N PRO J 19 -63.58 -35.20 55.27
CA PRO J 19 -63.10 -34.11 56.13
C PRO J 19 -62.46 -34.64 57.40
N PRO J 20 -61.56 -33.90 58.01
CA PRO J 20 -60.87 -34.38 59.21
C PRO J 20 -61.74 -34.21 60.43
N PRO J 21 -61.65 -35.14 61.39
CA PRO J 21 -62.36 -34.96 62.65
C PRO J 21 -61.75 -33.83 63.48
N THR J 22 -62.58 -33.22 64.32
CA THR J 22 -62.08 -32.18 65.20
C THR J 22 -61.40 -32.79 66.42
N ILE J 23 -60.51 -32.00 67.04
CA ILE J 23 -59.74 -32.51 68.19
C ILE J 23 -60.64 -32.86 69.37
N PRO J 24 -61.60 -32.02 69.80
CA PRO J 24 -62.43 -32.41 70.96
C PRO J 24 -63.20 -33.70 70.75
N SER J 25 -63.65 -33.97 69.54
CA SER J 25 -64.41 -35.20 69.25
C SER J 25 -63.52 -36.37 68.88
N MET J 26 -62.21 -36.19 68.87
CA MET J 26 -61.30 -37.28 68.49
C MET J 26 -61.38 -38.42 69.49
N LYS J 27 -61.42 -38.11 70.79
CA LYS J 27 -61.33 -39.12 71.85
C LYS J 27 -62.55 -39.11 72.76
N THR J 28 -63.66 -38.53 72.32
CA THR J 28 -64.88 -38.50 73.13
C THR J 28 -65.75 -39.73 72.93
N GLY J 29 -65.42 -40.61 71.99
CA GLY J 29 -66.22 -41.78 71.70
C GLY J 29 -67.25 -41.60 70.61
N HIS J 30 -67.56 -40.36 70.24
CA HIS J 30 -68.51 -40.06 69.18
C HIS J 30 -67.83 -39.16 68.16
N PRO J 31 -67.16 -39.74 67.16
CA PRO J 31 -66.44 -38.93 66.18
C PRO J 31 -67.38 -38.09 65.32
N THR J 32 -66.87 -36.94 64.87
CA THR J 32 -67.60 -36.04 64.01
C THR J 32 -67.17 -36.12 62.55
N GLY J 33 -66.37 -37.11 62.19
CA GLY J 33 -65.89 -37.26 60.84
C GLY J 33 -66.16 -38.64 60.26
N PRO J 34 -66.08 -38.76 58.94
CA PRO J 34 -66.33 -40.07 58.32
C PRO J 34 -65.36 -41.15 58.76
N ILE J 35 -64.10 -40.80 59.00
CA ILE J 35 -63.08 -41.74 59.42
C ILE J 35 -62.36 -41.18 60.64
N SER J 36 -62.30 -41.97 61.72
CA SER J 36 -61.65 -41.55 62.94
C SER J 36 -61.12 -42.78 63.66
N ILE J 37 -60.24 -42.56 64.63
CA ILE J 37 -59.67 -43.65 65.40
C ILE J 37 -60.75 -44.30 66.24
N GLY J 38 -60.90 -45.62 66.11
CA GLY J 38 -61.93 -46.36 66.82
C GLY J 38 -62.97 -47.01 65.93
N HIS J 39 -62.88 -46.88 64.61
CA HIS J 39 -63.84 -47.49 63.70
C HIS J 39 -63.38 -48.88 63.29
N ILE J 40 -64.35 -49.69 62.86
CA ILE J 40 -64.09 -51.05 62.37
C ILE J 40 -64.68 -51.15 60.97
N ILE J 41 -63.87 -51.59 60.02
CA ILE J 41 -64.30 -51.74 58.64
C ILE J 41 -64.14 -53.19 58.21
N PRO J 42 -65.05 -53.74 57.40
CA PRO J 42 -64.88 -55.12 56.93
C PRO J 42 -63.63 -55.32 56.09
N ASP J 43 -63.25 -54.32 55.30
CA ASP J 43 -62.10 -54.44 54.41
C ASP J 43 -61.64 -53.05 54.02
N LEU J 44 -60.45 -52.97 53.45
CA LEU J 44 -59.92 -51.69 52.99
C LEU J 44 -60.77 -51.10 51.88
N ARG J 45 -61.22 -51.95 50.94
CA ARG J 45 -62.06 -51.46 49.85
C ARG J 45 -63.39 -50.94 50.37
N HIS J 46 -64.01 -51.66 51.30
CA HIS J 46 -65.25 -51.21 51.91
C HIS J 46 -64.97 -50.25 53.06
N LEU J 47 -64.22 -49.19 52.78
CA LEU J 47 -63.82 -48.25 53.82
C LEU J 47 -64.98 -47.40 54.33
N ASP J 48 -66.02 -47.20 53.51
CA ASP J 48 -67.15 -46.37 53.89
C ASP J 48 -68.20 -47.12 54.69
N ASN J 49 -68.03 -48.42 54.90
CA ASN J 49 -68.99 -49.24 55.65
C ASN J 49 -68.49 -49.38 57.08
N VAL J 50 -68.71 -48.34 57.88
CA VAL J 50 -68.30 -48.34 59.28
C VAL J 50 -69.27 -49.22 60.07
N ILE J 51 -68.74 -50.28 60.69
CA ILE J 51 -69.59 -51.19 61.45
C ILE J 51 -70.11 -50.50 62.71
N ASN J 52 -69.24 -49.82 63.44
CA ASN J 52 -69.63 -49.12 64.66
C ASN J 52 -70.00 -47.66 64.34
N CYS J 53 -71.06 -47.52 63.55
CA CYS J 53 -71.52 -46.20 63.13
C CYS J 53 -72.04 -45.39 64.33
N LYS J 54 -72.71 -46.06 65.27
CA LYS J 54 -73.28 -45.35 66.41
C LYS J 54 -72.19 -44.72 67.27
N GLY J 55 -71.10 -45.44 67.51
CA GLY J 55 -70.02 -44.93 68.30
C GLY J 55 -69.23 -46.06 68.94
N PHE J 56 -68.43 -45.70 69.94
CA PHE J 56 -67.59 -46.66 70.64
C PHE J 56 -67.29 -46.10 72.03
N GLU J 57 -66.74 -46.97 72.89
CA GLU J 57 -66.45 -46.57 74.25
C GLU J 57 -65.37 -45.50 74.27
N PRO J 58 -65.46 -44.53 75.19
CA PRO J 58 -64.40 -43.51 75.29
C PRO J 58 -63.07 -44.13 75.70
N PHE J 59 -62.00 -43.47 75.28
CA PHE J 59 -60.66 -43.97 75.57
C PHE J 59 -60.40 -43.93 77.08
N PRO J 60 -59.88 -45.00 77.68
CA PRO J 60 -59.53 -44.97 79.10
C PRO J 60 -58.40 -43.99 79.36
N PRO J 61 -58.22 -43.55 80.60
CA PRO J 61 -57.13 -42.60 80.90
C PRO J 61 -55.75 -43.13 80.54
N ASN J 62 -55.55 -44.45 80.60
CA ASN J 62 -54.27 -45.02 80.18
C ASN J 62 -54.03 -44.76 78.69
N MET J 63 -55.08 -44.88 77.88
CA MET J 63 -54.96 -44.60 76.45
C MET J 63 -54.64 -43.12 76.22
N ASP J 64 -53.76 -42.87 75.25
CA ASP J 64 -53.41 -41.51 74.86
C ASP J 64 -53.03 -41.51 73.39
N VAL J 65 -53.12 -40.33 72.77
CA VAL J 65 -52.82 -40.13 71.37
C VAL J 65 -51.50 -39.41 71.24
N PHE J 66 -50.62 -39.94 70.39
CA PHE J 66 -49.32 -39.33 70.13
C PHE J 66 -49.38 -38.58 68.80
N THR J 67 -48.88 -37.35 68.80
CA THR J 67 -48.97 -36.47 67.64
C THR J 67 -47.58 -36.17 67.09
N ALA J 68 -47.50 -36.04 65.77
CA ALA J 68 -46.27 -35.67 65.08
C ALA J 68 -46.58 -34.60 64.05
N HIS J 69 -45.58 -33.79 63.74
CA HIS J 69 -45.75 -32.66 62.83
C HIS J 69 -44.73 -32.75 61.70
N TYR J 70 -45.15 -32.36 60.50
CA TYR J 70 -44.31 -32.37 59.32
C TYR J 70 -44.59 -31.12 58.49
N GLU J 71 -43.53 -30.57 57.90
CA GLU J 71 -43.63 -29.38 57.07
C GLU J 71 -42.89 -29.59 55.77
N GLN J 72 -43.36 -28.91 54.71
CA GLN J 72 -42.77 -29.00 53.37
C GLN J 72 -42.68 -30.45 52.89
N CYS J 73 -43.68 -31.25 53.21
CA CYS J 73 -43.70 -32.65 52.81
C CYS J 73 -44.24 -32.79 51.40
N HIS J 74 -43.50 -33.48 50.54
CA HIS J 74 -43.91 -33.72 49.17
C HIS J 74 -43.67 -35.18 48.82
N PHE J 75 -44.44 -35.69 47.86
CA PHE J 75 -44.38 -37.09 47.48
C PHE J 75 -44.62 -37.20 45.98
N GLY J 76 -43.62 -37.68 45.26
CA GLY J 76 -43.75 -37.87 43.81
C GLY J 76 -43.25 -39.24 43.40
N ASP J 77 -43.98 -39.86 42.48
CA ASP J 77 -43.64 -41.19 42.00
C ASP J 77 -43.98 -41.31 40.52
N HIS J 78 -43.33 -42.27 39.86
CA HIS J 78 -43.52 -42.53 38.45
C HIS J 78 -43.71 -44.04 38.24
N LEU J 79 -44.23 -44.39 37.07
CA LEU J 79 -44.44 -45.80 36.74
C LEU J 79 -44.42 -45.95 35.22
N ASN J 80 -43.65 -46.93 34.76
CA ASN J 80 -43.58 -47.27 33.34
C ASN J 80 -43.84 -48.77 33.19
N SER J 81 -44.80 -49.11 32.34
CA SER J 81 -45.14 -50.50 32.06
C SER J 81 -45.19 -50.69 30.55
N GLU J 82 -44.30 -51.52 30.02
CA GLU J 82 -44.19 -51.77 28.59
C GLU J 82 -44.40 -53.26 28.33
N PHE J 83 -45.66 -53.67 28.13
CA PHE J 83 -46.00 -55.04 27.79
C PHE J 83 -45.92 -55.19 26.27
N VAL J 84 -44.86 -55.85 25.80
CA VAL J 84 -44.59 -56.00 24.37
C VAL J 84 -44.60 -57.47 24.02
N VAL J 85 -45.36 -57.83 22.99
CA VAL J 85 -45.42 -59.19 22.47
C VAL J 85 -45.13 -59.12 20.97
N GLN J 86 -44.07 -59.81 20.54
CA GLN J 86 -43.67 -59.85 19.14
C GLN J 86 -43.71 -61.29 18.64
N ALA J 87 -44.36 -61.50 17.50
CA ALA J 87 -44.47 -62.83 16.92
C ALA J 87 -44.38 -62.77 15.40
N SER J 105 -48.69 -64.72 14.49
CA SER J 105 -48.53 -63.59 13.59
C SER J 105 -49.30 -62.37 14.08
N ALA J 106 -48.89 -61.85 15.24
CA ALA J 106 -49.54 -60.69 15.83
C ALA J 106 -48.51 -59.89 16.62
N GLY J 107 -48.79 -58.60 16.79
CA GLY J 107 -47.93 -57.73 17.55
C GLY J 107 -48.70 -56.85 18.53
N LEU J 108 -48.35 -56.92 19.81
CA LEU J 108 -49.03 -56.17 20.86
C LEU J 108 -48.03 -55.26 21.55
N HIS J 109 -48.45 -54.01 21.76
CA HIS J 109 -47.62 -53.02 22.45
C HIS J 109 -48.51 -52.22 23.39
N HIS J 110 -48.41 -52.51 24.69
CA HIS J 110 -49.17 -51.80 25.72
C HIS J 110 -48.18 -50.99 26.55
N THR J 111 -48.22 -49.67 26.41
CA THR J 111 -47.32 -48.77 27.11
C THR J 111 -48.12 -47.91 28.07
N ASN J 112 -47.84 -48.04 29.36
CA ASN J 112 -48.47 -47.23 30.40
C ASN J 112 -47.43 -46.37 31.07
N ILE J 113 -47.66 -45.06 31.09
CA ILE J 113 -46.79 -44.10 31.75
C ILE J 113 -47.63 -43.28 32.71
N THR J 114 -47.33 -43.37 34.01
CA THR J 114 -48.08 -42.70 35.05
C THR J 114 -47.13 -41.82 35.88
N SER J 115 -47.58 -40.61 36.18
CA SER J 115 -46.80 -39.69 37.00
C SER J 115 -47.72 -39.01 38.00
N ASP J 116 -47.34 -39.05 39.27
CA ASP J 116 -48.11 -38.45 40.35
C ASP J 116 -47.19 -37.59 41.20
N ARG J 117 -47.68 -36.40 41.58
CA ARG J 117 -46.93 -35.49 42.43
C ARG J 117 -47.88 -34.84 43.43
N TRP J 118 -47.53 -34.94 44.71
CA TRP J 118 -48.25 -34.27 45.77
C TRP J 118 -47.30 -33.35 46.52
N GLU J 119 -47.67 -32.09 46.67
CA GLU J 119 -46.88 -31.10 47.39
C GLU J 119 -47.74 -30.52 48.50
N TYR J 120 -47.52 -30.97 49.73
CA TYR J 120 -48.29 -30.49 50.87
C TYR J 120 -47.66 -29.23 51.44
N ASP J 121 -48.23 -28.73 52.53
CA ASP J 121 -47.68 -27.56 53.20
C ASP J 121 -47.49 -27.83 54.69
N SER J 122 -48.38 -28.62 55.26
CA SER J 122 -48.28 -28.99 56.67
C SER J 122 -49.08 -30.27 56.89
N VAL J 123 -48.49 -31.21 57.62
CA VAL J 123 -49.08 -32.51 57.87
C VAL J 123 -48.99 -32.83 59.36
N VAL J 124 -50.07 -33.37 59.91
CA VAL J 124 -50.12 -33.80 61.31
C VAL J 124 -50.48 -35.28 61.34
N GLU J 125 -49.87 -36.01 62.26
CA GLU J 125 -50.06 -37.45 62.37
C GLU J 125 -50.47 -37.80 63.80
N TYR J 126 -51.57 -38.55 63.92
CA TYR J 126 -52.07 -39.01 65.21
C TYR J 126 -52.00 -40.53 65.25
N ALA J 127 -51.46 -41.08 66.34
CA ALA J 127 -51.32 -42.52 66.49
C ALA J 127 -51.73 -42.93 67.90
N VAL J 128 -52.15 -44.20 68.02
CA VAL J 128 -52.58 -44.79 69.28
C VAL J 128 -52.13 -46.25 69.29
N TYR J 129 -52.19 -46.87 70.47
CA TYR J 129 -51.84 -48.27 70.63
C TYR J 129 -52.98 -48.99 71.35
N PRO J 130 -53.44 -50.13 70.84
CA PRO J 130 -54.57 -50.82 71.45
C PRO J 130 -54.15 -51.65 72.66
N THR J 131 -55.16 -52.18 73.35
CA THR J 131 -54.97 -53.05 74.50
C THR J 131 -55.92 -54.23 74.40
N ARG J 132 -55.51 -55.36 74.97
CA ARG J 132 -56.31 -56.58 74.87
C ARG J 132 -57.70 -56.39 75.47
N GLN J 133 -57.78 -55.80 76.65
CA GLN J 133 -59.07 -55.61 77.30
C GLN J 133 -59.94 -54.60 76.55
N TYR J 134 -59.32 -53.56 75.99
CA TYR J 134 -60.09 -52.55 75.26
C TYR J 134 -60.69 -53.13 73.99
N ILE J 135 -59.95 -53.97 73.28
CA ILE J 135 -60.50 -54.60 72.08
C ILE J 135 -61.59 -55.59 72.46
N ASP J 136 -61.40 -56.32 73.57
CA ASP J 136 -62.41 -57.28 74.00
C ASP J 136 -63.72 -56.58 74.35
N ARG J 137 -63.64 -55.46 75.07
CA ARG J 137 -64.86 -54.72 75.40
C ARG J 137 -65.44 -54.03 74.17
N LEU J 138 -64.60 -53.72 73.18
CA LEU J 138 -65.10 -53.16 71.93
C LEU J 138 -65.89 -54.19 71.14
N LEU J 139 -65.45 -55.46 71.17
CA LEU J 139 -66.17 -56.54 70.49
C LEU J 139 -67.53 -56.82 71.10
N GLU J 140 -67.81 -56.32 72.30
CA GLU J 140 -69.10 -56.51 72.96
C GLU J 140 -70.14 -55.48 72.53
N SER J 141 -69.78 -54.55 71.65
CA SER J 141 -70.72 -53.55 71.18
C SER J 141 -71.82 -54.21 70.35
N LYS J 142 -73.00 -53.56 70.33
CA LYS J 142 -74.16 -54.13 69.67
C LYS J 142 -73.91 -54.35 68.19
N GLU J 143 -73.44 -53.32 67.49
CA GLU J 143 -73.18 -53.45 66.06
C GLU J 143 -72.03 -54.42 65.80
N VAL J 144 -70.99 -54.37 66.63
CA VAL J 144 -69.85 -55.25 66.44
C VAL J 144 -70.25 -56.70 66.68
N ARG J 145 -71.02 -56.96 67.74
CA ARG J 145 -71.42 -58.33 68.04
C ARG J 145 -72.39 -58.87 66.98
N GLN J 146 -73.24 -58.00 66.44
CA GLN J 146 -74.13 -58.44 65.36
C GLN J 146 -73.32 -58.84 64.13
N TYR J 147 -72.32 -58.05 63.76
CA TYR J 147 -71.53 -58.37 62.58
C TYR J 147 -70.73 -59.66 62.76
N ILE J 148 -70.13 -59.85 63.93
CA ILE J 148 -69.29 -61.03 64.15
C ILE J 148 -70.16 -62.30 64.15
N GLN J 149 -71.38 -62.20 64.69
CA GLN J 149 -72.29 -63.34 64.63
C GLN J 149 -72.68 -63.66 63.19
N LYS J 150 -72.97 -62.64 62.38
CA LYS J 150 -73.29 -62.87 60.98
C LYS J 150 -72.10 -63.45 60.23
N SER J 151 -70.90 -62.93 60.48
CA SER J 151 -69.71 -63.46 59.83
C SER J 151 -69.45 -64.90 60.23
N LYS J 152 -69.60 -65.21 61.52
CA LYS J 152 -69.39 -66.59 61.98
C LYS J 152 -70.44 -67.52 61.39
N LYS J 153 -71.69 -67.06 61.30
CA LYS J 153 -72.74 -67.88 60.69
C LYS J 153 -72.47 -68.13 59.21
N LEU J 154 -71.98 -67.11 58.51
CA LEU J 154 -71.73 -67.24 57.07
C LEU J 154 -70.37 -67.85 56.80
N LEU J 155 -69.31 -67.27 57.34
CA LEU J 155 -67.95 -67.72 57.10
C LEU J 155 -67.43 -68.52 58.30
N GLY J 156 -66.53 -69.46 58.03
CA GLY J 156 -65.98 -70.28 59.10
C GLY J 156 -65.13 -69.46 60.05
N GLY J 157 -64.30 -68.56 59.53
CA GLY J 157 -63.48 -67.71 60.37
C GLY J 157 -63.65 -66.24 60.03
N TRP J 158 -63.96 -65.43 61.04
CA TRP J 158 -64.20 -64.02 60.83
C TRP J 158 -62.90 -63.23 60.91
N CYS J 159 -62.88 -62.10 60.20
CA CYS J 159 -61.72 -61.20 60.21
C CYS J 159 -62.19 -59.79 59.92
N VAL J 160 -61.74 -58.84 60.73
CA VAL J 160 -62.10 -57.44 60.60
C VAL J 160 -60.83 -56.59 60.70
N TYR J 161 -60.99 -55.30 60.42
CA TYR J 161 -59.89 -54.34 60.51
C TYR J 161 -60.32 -53.16 61.36
N MET J 162 -59.35 -52.57 62.05
CA MET J 162 -59.58 -51.40 62.89
C MET J 162 -58.59 -50.31 62.53
N VAL J 163 -59.10 -49.09 62.40
CA VAL J 163 -58.24 -47.94 62.11
C VAL J 163 -57.52 -47.53 63.38
N THR J 164 -56.19 -47.39 63.28
CA THR J 164 -55.35 -47.07 64.43
C THR J 164 -54.89 -45.62 64.43
N GLY J 165 -54.31 -45.15 63.32
CA GLY J 165 -53.86 -43.78 63.23
C GLY J 165 -54.33 -43.14 61.93
N ILE J 166 -54.33 -41.82 61.94
CA ILE J 166 -54.74 -41.03 60.77
C ILE J 166 -53.72 -39.91 60.57
N MET J 167 -53.41 -39.63 59.31
CA MET J 167 -52.53 -38.53 58.94
C MET J 167 -53.36 -37.48 58.22
N VAL J 168 -53.33 -36.25 58.73
CA VAL J 168 -54.22 -35.18 58.26
C VAL J 168 -53.37 -34.05 57.70
N ALA J 169 -53.69 -33.62 56.49
CA ALA J 169 -53.04 -32.46 55.91
C ALA J 169 -53.69 -31.18 56.42
N ARG J 170 -52.97 -30.06 56.27
CA ARG J 170 -53.45 -28.75 56.68
C ARG J 170 -53.38 -27.81 55.50
N GLY J 171 -54.51 -27.23 55.13
CA GLY J 171 -54.57 -26.31 54.01
C GLY J 171 -54.49 -26.94 52.64
N GLY J 172 -54.57 -28.28 52.56
CA GLY J 172 -54.49 -28.94 51.27
C GLY J 172 -53.08 -28.92 50.68
N GLY J 173 -53.02 -29.31 49.42
CA GLY J 173 -51.76 -29.32 48.70
C GLY J 173 -51.98 -29.52 47.22
N ARG J 174 -51.02 -29.03 46.44
CA ARG J 174 -51.09 -29.13 44.99
C ARG J 174 -50.94 -30.58 44.54
N ASN J 175 -51.69 -30.96 43.51
CA ASN J 175 -51.64 -32.30 42.95
C ASN J 175 -51.52 -32.20 41.43
N VAL J 176 -50.60 -32.98 40.87
CA VAL J 176 -50.42 -33.06 39.42
C VAL J 176 -50.42 -34.54 39.03
N THR J 177 -51.28 -34.90 38.08
CA THR J 177 -51.39 -36.28 37.61
C THR J 177 -51.26 -36.30 36.11
N SER J 178 -50.42 -37.20 35.59
CA SER J 178 -50.20 -37.35 34.16
C SER J 178 -50.27 -38.83 33.81
N GLU J 179 -51.26 -39.22 33.02
CA GLU J 179 -51.45 -40.60 32.62
C GLU J 179 -51.41 -40.70 31.09
N GLU J 180 -50.69 -41.69 30.59
CA GLU J 180 -50.56 -41.92 29.16
C GLU J 180 -50.65 -43.41 28.89
N LYS J 181 -51.70 -43.83 28.18
CA LYS J 181 -51.93 -45.23 27.88
C LYS J 181 -51.99 -45.40 26.37
N GLY J 182 -51.04 -46.15 25.82
CA GLY J 182 -51.02 -46.45 24.40
C GLY J 182 -51.09 -47.93 24.11
N ALA J 183 -52.13 -48.37 23.42
CA ALA J 183 -52.33 -49.77 23.09
C ALA J 183 -52.33 -49.93 21.58
N GLY J 184 -51.40 -50.73 21.06
CA GLY J 184 -51.34 -51.00 19.64
C GLY J 184 -51.31 -52.48 19.33
N VAL J 185 -52.35 -52.97 18.66
CA VAL J 185 -52.46 -54.38 18.29
C VAL J 185 -52.54 -54.46 16.77
N SER J 186 -51.64 -55.24 16.18
CA SER J 186 -51.59 -55.47 14.74
C SER J 186 -51.68 -56.97 14.50
N GLY J 187 -52.78 -57.41 13.89
CA GLY J 187 -53.01 -58.82 13.62
C GLY J 187 -53.00 -59.08 12.12
N ASN J 188 -52.22 -60.08 11.73
CA ASN J 188 -52.10 -60.49 10.33
C ASN J 188 -52.74 -61.86 10.15
N VAL J 189 -53.66 -61.97 9.20
CA VAL J 189 -54.37 -63.21 8.92
C VAL J 189 -54.00 -63.65 7.51
N GLY J 190 -53.59 -64.91 7.38
CA GLY J 190 -53.21 -65.45 6.08
C GLY J 190 -53.60 -66.91 5.91
N PHE J 199 -57.11 -64.14 0.02
CA PHE J 199 -57.81 -63.48 1.12
C PHE J 199 -56.93 -63.43 2.37
N ALA J 200 -56.24 -62.31 2.55
CA ALA J 200 -55.32 -62.10 3.68
C ALA J 200 -55.66 -60.79 4.36
N PRO J 201 -56.72 -60.76 5.16
CA PRO J 201 -57.08 -59.53 5.86
C PRO J 201 -56.07 -59.18 6.94
N GLU J 202 -55.95 -57.88 7.21
CA GLU J 202 -55.07 -57.36 8.25
C GLU J 202 -55.84 -56.36 9.09
N VAL J 203 -55.71 -56.47 10.41
CA VAL J 203 -56.41 -55.60 11.35
C VAL J 203 -55.37 -54.82 12.15
N GLY J 204 -55.48 -53.49 12.12
CA GLY J 204 -54.58 -52.66 12.88
C GLY J 204 -55.29 -51.66 13.76
N TRP J 205 -55.16 -51.81 15.08
CA TRP J 205 -55.79 -50.92 16.04
C TRP J 205 -54.71 -50.18 16.81
N ASP J 206 -54.79 -48.85 16.83
CA ASP J 206 -53.80 -48.00 17.48
C ASP J 206 -54.56 -46.93 18.26
N THR J 207 -54.69 -47.13 19.57
CA THR J 207 -55.39 -46.18 20.43
C THR J 207 -54.41 -45.54 21.42
N LYS J 208 -54.64 -44.26 21.71
CA LYS J 208 -53.81 -43.52 22.65
C LYS J 208 -54.71 -42.67 23.55
N THR J 209 -54.35 -42.57 24.82
CA THR J 209 -55.11 -41.80 25.79
C THR J 209 -54.16 -40.97 26.63
N LYS J 210 -54.42 -39.67 26.72
CA LYS J 210 -53.65 -38.75 27.55
C LYS J 210 -54.58 -38.06 28.53
N THR J 211 -54.09 -37.86 29.76
CA THR J 211 -54.86 -37.20 30.80
C THR J 211 -53.92 -36.47 31.74
N LYS J 212 -54.04 -35.15 31.78
CA LYS J 212 -53.24 -34.30 32.67
C LYS J 212 -54.19 -33.50 33.54
N VAL J 213 -54.15 -33.76 34.85
CA VAL J 213 -55.07 -33.13 35.80
C VAL J 213 -54.26 -32.32 36.80
N ASN J 214 -54.61 -31.05 36.94
CA ASN J 214 -54.00 -30.16 37.92
C ASN J 214 -55.06 -29.75 38.93
N ALA J 215 -54.74 -29.90 40.22
CA ALA J 215 -55.68 -29.59 41.28
C ALA J 215 -54.96 -28.82 42.39
N HIS J 216 -55.68 -27.86 42.98
CA HIS J 216 -55.17 -27.04 44.08
C HIS J 216 -56.20 -27.07 45.20
N HIS J 217 -56.10 -28.06 46.08
CA HIS J 217 -56.99 -28.15 47.22
C HIS J 217 -56.64 -27.08 48.25
N THR J 218 -57.68 -26.59 48.94
CA THR J 218 -57.52 -25.53 49.94
C THR J 218 -58.33 -25.87 51.18
N THR J 219 -58.36 -27.15 51.56
CA THR J 219 -59.07 -27.58 52.75
C THR J 219 -58.41 -28.83 53.30
N ASP J 220 -58.64 -29.09 54.58
CA ASP J 220 -58.04 -30.23 55.24
C ASP J 220 -58.75 -31.53 54.86
N PHE J 221 -57.98 -32.61 54.80
CA PHE J 221 -58.52 -33.92 54.47
C PHE J 221 -57.60 -35.00 55.01
N VAL J 222 -58.13 -36.21 55.12
CA VAL J 222 -57.38 -37.34 55.64
C VAL J 222 -56.48 -37.91 54.54
N CYS J 223 -55.20 -38.11 54.86
CA CYS J 223 -54.23 -38.58 53.88
C CYS J 223 -54.07 -40.10 53.94
N ALA J 224 -53.67 -40.63 55.10
CA ALA J 224 -53.36 -42.05 55.21
C ALA J 224 -53.80 -42.56 56.58
N ILE J 225 -53.99 -43.88 56.66
CA ILE J 225 -54.43 -44.53 57.89
C ILE J 225 -53.61 -45.80 58.10
N ARG J 226 -53.62 -46.28 59.34
CA ARG J 226 -53.01 -47.56 59.70
C ARG J 226 -54.10 -48.53 60.14
N LEU J 227 -54.00 -49.76 59.66
CA LEU J 227 -55.02 -50.78 59.90
C LEU J 227 -54.44 -51.91 60.74
N VAL J 228 -55.19 -52.34 61.74
CA VAL J 228 -54.84 -53.49 62.57
C VAL J 228 -55.86 -54.60 62.29
N LYS J 229 -55.34 -55.78 61.96
CA LYS J 229 -56.17 -56.90 61.54
C LYS J 229 -56.50 -57.79 62.74
N ILE J 230 -57.80 -58.01 62.97
CA ILE J 230 -58.28 -58.89 64.03
C ILE J 230 -59.00 -60.05 63.38
N ALA J 231 -58.49 -61.26 63.58
CA ALA J 231 -59.05 -62.46 62.98
C ALA J 231 -59.12 -63.58 64.00
N LYS J 232 -60.05 -64.50 63.78
CA LYS J 232 -60.18 -65.69 64.61
C LYS J 232 -60.81 -66.80 63.78
N SER J 233 -60.18 -67.98 63.80
CA SER J 233 -60.67 -69.13 63.05
C SER J 233 -60.20 -70.40 63.73
N GLY J 234 -60.86 -71.49 63.40
CA GLY J 234 -60.51 -72.77 63.99
C GLY J 234 -60.89 -72.93 65.45
N LEU J 235 -61.90 -72.19 65.91
CA LEU J 235 -62.35 -72.23 67.30
C LEU J 235 -61.22 -71.90 68.27
N ARG J 236 -60.51 -70.81 67.96
CA ARG J 236 -59.42 -70.37 68.81
C ARG J 236 -59.96 -69.83 70.14
N SER J 237 -59.18 -70.03 71.20
CA SER J 237 -59.59 -69.54 72.52
C SER J 237 -59.71 -68.02 72.54
N SER J 238 -58.76 -67.33 71.90
CA SER J 238 -58.76 -65.88 71.82
C SER J 238 -58.43 -65.45 70.40
N TRP J 239 -58.90 -64.27 70.03
CA TRP J 239 -58.65 -63.75 68.69
C TRP J 239 -57.19 -63.33 68.54
N THR J 240 -56.76 -63.16 67.29
CA THR J 240 -55.39 -62.82 66.95
C THR J 240 -55.33 -61.42 66.37
N MET J 241 -54.37 -60.63 66.84
CA MET J 241 -54.17 -59.26 66.37
C MET J 241 -52.84 -59.17 65.63
N LYS J 242 -52.88 -58.62 64.42
CA LYS J 242 -51.70 -58.52 63.57
C LYS J 242 -51.67 -57.15 62.89
N LYS J 243 -50.52 -56.82 62.32
CA LYS J 243 -50.32 -55.58 61.58
C LYS J 243 -50.24 -55.89 60.09
N VAL J 244 -50.66 -54.93 59.27
CA VAL J 244 -50.72 -55.08 57.82
C VAL J 244 -49.82 -54.03 57.19
N THR J 245 -48.95 -54.46 56.28
CA THR J 245 -48.04 -53.58 55.57
C THR J 245 -48.15 -53.83 54.07
N ARG J 246 -47.93 -52.77 53.30
CA ARG J 246 -47.98 -52.87 51.85
C ARG J 246 -46.63 -53.33 51.29
CA MET K 5 -18.74 -54.11 66.04
C MET K 5 -18.40 -52.98 67.02
N ASP K 6 -18.55 -51.74 66.57
CA ASP K 6 -18.25 -50.56 67.37
C ASP K 6 -19.48 -49.72 67.70
N LYS K 7 -20.42 -49.61 66.76
CA LYS K 7 -21.61 -48.80 66.95
C LYS K 7 -22.72 -49.62 67.59
N CYS K 8 -23.38 -49.05 68.60
CA CYS K 8 -24.41 -49.77 69.35
C CYS K 8 -25.60 -48.87 69.62
N TRP K 9 -26.03 -48.12 68.61
CA TRP K 9 -27.21 -47.26 68.71
C TRP K 9 -28.20 -47.62 67.62
N PHE K 10 -29.40 -48.04 68.01
CA PHE K 10 -30.44 -48.44 67.07
C PHE K 10 -31.49 -47.35 66.98
N THR K 11 -31.77 -46.91 65.76
CA THR K 11 -32.73 -45.84 65.52
C THR K 11 -34.16 -46.37 65.48
N LEU K 12 -35.10 -45.56 65.93
CA LEU K 12 -36.51 -45.92 65.95
C LEU K 12 -37.18 -45.53 64.63
N ASP K 13 -38.23 -46.28 64.29
CA ASP K 13 -39.02 -46.03 63.10
C ASP K 13 -40.25 -45.17 63.38
N ASN K 14 -40.48 -44.79 64.63
CA ASN K 14 -41.62 -43.98 65.01
C ASN K 14 -41.12 -42.74 65.74
N ALA K 15 -41.64 -41.57 65.34
CA ALA K 15 -41.17 -40.30 65.85
C ALA K 15 -42.22 -39.56 66.68
N HIS K 16 -43.32 -40.21 67.03
CA HIS K 16 -44.38 -39.56 67.80
C HIS K 16 -44.25 -39.74 69.31
N TYR K 17 -43.21 -40.42 69.77
CA TYR K 17 -43.01 -40.57 71.21
C TYR K 17 -42.52 -39.25 71.80
N PRO K 18 -43.21 -38.69 72.79
CA PRO K 18 -42.73 -37.45 73.40
C PRO K 18 -41.46 -37.69 74.19
N PRO K 19 -40.59 -36.68 74.28
CA PRO K 19 -39.33 -36.86 75.02
C PRO K 19 -39.55 -36.81 76.52
N PRO K 20 -39.00 -37.76 77.26
CA PRO K 20 -39.14 -37.74 78.73
C PRO K 20 -38.41 -36.55 79.35
N SER K 21 -38.94 -36.09 80.48
CA SER K 21 -38.31 -35.01 81.22
C SER K 21 -37.30 -35.56 82.23
N LEU K 22 -36.39 -34.68 82.65
CA LEU K 22 -35.32 -35.10 83.55
C LEU K 22 -35.87 -35.56 84.90
N ASP K 23 -36.84 -34.82 85.44
CA ASP K 23 -37.44 -35.23 86.71
C ASP K 23 -38.27 -36.50 86.54
N SER K 24 -38.99 -36.63 85.41
CA SER K 24 -39.80 -37.82 85.19
C SER K 24 -38.93 -39.06 85.03
N MET K 25 -37.83 -38.96 84.29
CA MET K 25 -36.97 -40.12 84.09
C MET K 25 -36.23 -40.50 85.37
N ARG K 26 -35.90 -39.51 86.20
CA ARG K 26 -35.33 -39.83 87.52
C ARG K 26 -36.35 -40.56 88.38
N SER K 27 -37.60 -40.13 88.35
CA SER K 27 -38.67 -40.81 89.08
C SER K 27 -39.16 -42.06 88.38
N GLY K 28 -38.69 -42.34 87.18
CA GLY K 28 -39.10 -43.53 86.45
C GLY K 28 -40.55 -43.50 85.99
N HIS K 29 -41.04 -42.34 85.56
CA HIS K 29 -42.40 -42.24 85.05
C HIS K 29 -42.45 -42.70 83.60
N PRO K 30 -43.21 -43.74 83.26
CA PRO K 30 -43.27 -44.20 81.86
C PRO K 30 -44.25 -43.38 81.04
N ILE K 31 -43.89 -42.11 80.82
CA ILE K 31 -44.72 -41.24 79.98
C ILE K 31 -44.76 -41.76 78.55
N SER K 32 -43.60 -42.16 78.03
CA SER K 32 -43.51 -42.74 76.70
C SER K 32 -43.17 -44.22 76.77
N PRO K 33 -43.60 -45.01 75.78
CA PRO K 33 -43.21 -46.42 75.75
C PRO K 33 -41.71 -46.64 75.72
N ALA K 34 -40.96 -45.74 75.07
CA ALA K 34 -39.50 -45.85 75.01
C ALA K 34 -38.91 -45.00 76.13
N SER K 35 -38.51 -45.66 77.22
CA SER K 35 -37.91 -44.98 78.36
C SER K 35 -37.01 -45.96 79.10
N LEU K 36 -36.13 -45.40 79.92
CA LEU K 36 -35.19 -46.21 80.67
C LEU K 36 -35.92 -47.06 81.71
N GLY K 37 -35.47 -48.30 81.88
CA GLY K 37 -36.05 -49.23 82.82
C GLY K 37 -37.08 -50.17 82.24
N HIS K 38 -37.53 -49.94 81.01
CA HIS K 38 -38.51 -50.81 80.38
C HIS K 38 -37.85 -52.08 79.86
N LEU K 39 -38.65 -53.14 79.77
CA LEU K 39 -38.21 -54.42 79.24
C LEU K 39 -39.09 -54.77 78.04
N ILE K 40 -38.46 -55.11 76.92
CA ILE K 40 -39.20 -55.45 75.70
C ILE K 40 -38.66 -56.78 75.16
N PRO K 41 -39.53 -57.64 74.62
CA PRO K 41 -39.04 -58.88 74.00
C PRO K 41 -38.09 -58.64 72.84
N SER K 42 -38.32 -57.57 72.07
CA SER K 42 -37.48 -57.26 70.92
C SER K 42 -37.64 -55.79 70.58
N LEU K 43 -36.74 -55.29 69.73
CA LEU K 43 -36.80 -53.89 69.32
C LEU K 43 -38.06 -53.61 68.52
N ALA K 44 -38.46 -54.53 67.63
CA ALA K 44 -39.66 -54.34 66.83
C ALA K 44 -40.94 -54.41 67.66
N HIS K 45 -40.87 -54.87 68.90
CA HIS K 45 -42.03 -54.99 69.78
C HIS K 45 -41.88 -54.05 70.97
N LEU K 46 -41.48 -52.80 70.70
CA LEU K 46 -41.28 -51.82 71.76
C LEU K 46 -42.58 -51.51 72.50
N ASP K 47 -43.71 -51.51 71.79
CA ASP K 47 -44.99 -51.24 72.43
C ASP K 47 -45.40 -52.33 73.41
N GLN K 48 -44.81 -53.52 73.31
CA GLN K 48 -45.11 -54.62 74.22
C GLN K 48 -44.17 -54.58 75.41
N ILE K 49 -44.43 -53.60 76.29
CA ILE K 49 -43.60 -53.44 77.49
C ILE K 49 -43.96 -54.51 78.51
N ILE K 50 -42.94 -55.23 78.98
CA ILE K 50 -43.17 -56.27 79.97
C ILE K 50 -43.58 -55.66 81.31
N ASN K 51 -42.92 -54.57 81.69
CA ASN K 51 -43.23 -53.92 82.97
C ASN K 51 -44.62 -53.29 82.93
N ALA K 52 -45.40 -53.52 83.98
CA ALA K 52 -46.75 -52.98 84.08
C ALA K 52 -46.76 -51.70 84.93
N LYS K 53 -46.05 -50.69 84.42
CA LYS K 53 -45.96 -49.38 85.07
C LYS K 53 -45.44 -49.50 86.50
N ALA K 54 -44.48 -50.39 86.70
CA ALA K 54 -43.84 -50.60 88.00
C ALA K 54 -42.32 -50.57 87.80
N ILE K 55 -41.75 -49.38 87.83
CA ILE K 55 -40.32 -49.20 87.62
C ILE K 55 -39.62 -49.30 88.97
N GLU K 56 -38.58 -50.13 89.04
CA GLU K 56 -37.80 -50.26 90.25
C GLU K 56 -37.13 -48.93 90.58
N PRO K 57 -37.24 -48.45 91.83
CA PRO K 57 -36.60 -47.18 92.17
C PRO K 57 -35.10 -47.22 91.97
N PHE K 58 -34.55 -46.11 91.47
CA PHE K 58 -33.12 -46.01 91.25
C PHE K 58 -32.40 -45.79 92.56
N PRO K 59 -31.45 -46.65 92.94
CA PRO K 59 -30.68 -46.41 94.16
C PRO K 59 -29.72 -45.24 93.99
N ALA K 60 -29.05 -44.89 95.09
CA ALA K 60 -28.10 -43.79 95.07
C ALA K 60 -26.90 -44.06 94.18
N THR K 61 -26.62 -45.33 93.87
CA THR K 61 -25.50 -45.67 93.01
C THR K 61 -25.84 -45.58 91.53
N MET K 62 -27.09 -45.32 91.17
CA MET K 62 -27.52 -45.24 89.79
C MET K 62 -27.59 -43.77 89.36
N ASP K 63 -26.89 -43.45 88.27
CA ASP K 63 -26.86 -42.10 87.72
C ASP K 63 -27.20 -42.14 86.24
N ILE K 64 -27.71 -41.02 85.75
CA ILE K 64 -28.09 -40.90 84.34
C ILE K 64 -26.91 -40.29 83.58
N HIS K 65 -25.79 -40.11 84.28
CA HIS K 65 -24.55 -39.55 83.72
C HIS K 65 -24.87 -38.14 83.23
N GLY K 66 -24.46 -37.76 82.02
CA GLY K 66 -24.66 -36.40 81.55
C GLY K 66 -25.24 -36.33 80.15
N PRO K 67 -25.83 -35.18 79.80
CA PRO K 67 -26.42 -34.98 78.47
C PRO K 67 -25.39 -34.68 77.39
N THR K 68 -24.82 -35.74 76.82
CA THR K 68 -23.84 -35.60 75.74
C THR K 68 -24.53 -35.05 74.50
N ILE K 69 -24.11 -33.86 74.07
CA ILE K 69 -24.77 -33.12 73.00
C ILE K 69 -23.98 -33.27 71.71
N ILE K 70 -24.70 -33.51 70.62
CA ILE K 70 -24.11 -33.62 69.28
C ILE K 70 -24.76 -32.57 68.39
N GLU K 71 -23.94 -31.77 67.72
CA GLU K 71 -24.43 -30.70 66.87
C GLU K 71 -24.02 -30.94 65.42
N ASP K 72 -24.85 -30.43 64.50
CA ASP K 72 -24.59 -30.49 63.06
C ASP K 72 -24.34 -31.92 62.60
N PHE K 73 -25.33 -32.77 62.83
CA PHE K 73 -25.25 -34.19 62.48
C PHE K 73 -25.89 -34.39 61.11
N LYS K 74 -25.05 -34.55 60.10
CA LYS K 74 -25.49 -34.79 58.72
C LYS K 74 -24.83 -36.06 58.23
N TRP K 75 -25.64 -37.02 57.79
CA TRP K 75 -25.12 -38.29 57.28
C TRP K 75 -25.88 -38.68 56.02
N ASP K 76 -25.13 -39.21 55.05
CA ASP K 76 -25.68 -39.63 53.76
C ASP K 76 -25.37 -41.12 53.57
N HIS K 77 -26.37 -41.86 53.10
CA HIS K 77 -26.23 -43.30 52.89
C HIS K 77 -26.96 -43.69 51.61
N SER K 78 -26.20 -44.13 50.61
CA SER K 78 -26.76 -44.67 49.38
C SER K 78 -26.45 -46.16 49.31
N HIS K 79 -27.51 -46.98 49.32
CA HIS K 79 -27.39 -48.43 49.25
C HIS K 79 -28.08 -48.89 47.98
N GLU K 80 -27.27 -49.25 46.96
CA GLU K 80 -27.78 -49.67 45.68
C GLU K 80 -27.16 -51.00 45.30
N TYR K 81 -27.98 -51.88 44.71
CA TYR K 81 -27.51 -53.17 44.24
C TYR K 81 -28.29 -53.56 43.00
N SER K 82 -27.71 -54.48 42.22
CA SER K 82 -28.32 -54.92 40.98
C SER K 82 -27.99 -56.39 40.76
N LEU K 83 -29.01 -57.23 40.67
CA LEU K 83 -28.83 -58.64 40.39
C LEU K 83 -29.43 -58.97 39.02
N SER K 84 -28.81 -59.93 38.34
CA SER K 84 -29.29 -60.39 37.04
C SER K 84 -29.04 -61.88 36.92
N LEU K 85 -29.87 -62.54 36.12
CA LEU K 85 -29.76 -63.97 35.90
C LEU K 85 -30.31 -64.31 34.52
N GLY K 86 -29.75 -65.36 33.93
CA GLY K 86 -30.22 -65.81 32.63
C GLY K 86 -30.43 -67.31 32.57
N GLY K 87 -31.68 -67.72 32.39
CA GLY K 87 -31.99 -69.14 32.29
C GLY K 87 -32.42 -69.54 30.90
N LYS K 88 -31.57 -70.28 30.19
CA LYS K 88 -31.84 -70.71 28.82
C LYS K 88 -31.94 -72.22 28.78
N VAL K 89 -33.08 -72.73 28.31
CA VAL K 89 -33.34 -74.16 28.20
C VAL K 89 -33.63 -74.46 26.74
N PRO K 90 -33.09 -75.55 26.18
CA PRO K 90 -33.37 -75.92 24.79
C PRO K 90 -34.75 -76.56 24.62
N LEU K 103 -35.62 -76.84 19.68
CA LEU K 103 -36.22 -75.91 20.63
C LEU K 103 -35.14 -75.08 21.33
N ASN K 104 -35.45 -73.81 21.60
CA ASN K 104 -34.54 -72.94 22.33
C ASN K 104 -35.35 -71.81 22.94
N VAL K 105 -35.25 -71.67 24.27
CA VAL K 105 -35.96 -70.63 25.00
C VAL K 105 -34.99 -69.96 25.96
N GLY K 106 -34.91 -68.65 25.92
CA GLY K 106 -34.04 -67.88 26.80
C GLY K 106 -34.84 -66.94 27.67
N LEU K 107 -34.42 -66.79 28.93
CA LEU K 107 -35.07 -65.91 29.88
C LEU K 107 -34.03 -65.00 30.50
N GLY K 108 -34.31 -63.70 30.48
CA GLY K 108 -33.42 -62.72 31.09
C GLY K 108 -34.11 -61.91 32.17
N GLY K 109 -33.67 -62.06 33.42
CA GLY K 109 -34.28 -61.35 34.52
C GLY K 109 -33.32 -60.47 35.27
N ALA K 110 -33.59 -59.17 35.29
CA ALA K 110 -32.75 -58.20 35.99
C ALA K 110 -33.59 -57.45 37.02
N PHE K 111 -33.01 -57.24 38.20
CA PHE K 111 -33.67 -56.54 39.29
C PHE K 111 -32.69 -55.57 39.91
N SER K 112 -32.97 -54.28 39.80
CA SER K 112 -32.12 -53.23 40.36
C SER K 112 -32.91 -52.44 41.39
N ARG K 113 -32.37 -52.33 42.60
CA ARG K 113 -32.97 -51.57 43.68
C ARG K 113 -31.95 -50.61 44.26
N SER K 114 -32.29 -49.32 44.31
CA SER K 114 -31.44 -48.29 44.88
C SER K 114 -32.22 -47.53 45.94
N VAL K 115 -31.65 -47.40 47.13
CA VAL K 115 -32.26 -46.67 48.24
C VAL K 115 -31.25 -45.64 48.71
N ALA K 116 -31.59 -44.36 48.58
CA ALA K 116 -30.72 -43.26 48.97
C ALA K 116 -31.37 -42.50 50.10
N ASN K 117 -30.68 -42.42 51.24
CA ASN K 117 -31.15 -41.71 52.41
C ASN K 117 -30.25 -40.52 52.69
N TYR K 118 -30.85 -39.41 53.13
CA TYR K 118 -30.10 -38.21 53.46
C TYR K 118 -30.79 -37.53 54.63
N TRP K 119 -30.12 -37.51 55.79
CA TRP K 119 -30.67 -36.95 57.01
C TRP K 119 -29.79 -35.81 57.49
N GLU K 120 -30.43 -34.77 58.02
CA GLU K 120 -29.72 -33.66 58.66
C GLU K 120 -30.42 -33.31 59.96
N PHE K 121 -29.64 -33.19 61.03
CA PHE K 121 -30.17 -32.82 62.34
C PHE K 121 -29.29 -31.76 62.96
N ASP K 122 -29.89 -30.92 63.80
CA ASP K 122 -29.16 -29.80 64.39
C ASP K 122 -28.63 -30.12 65.79
N ARG K 123 -29.44 -30.73 66.64
CA ARG K 123 -29.04 -31.02 68.01
C ARG K 123 -29.57 -32.39 68.43
N LEU K 124 -28.68 -33.22 68.94
CA LEU K 124 -29.03 -34.51 69.54
C LEU K 124 -28.47 -34.56 70.96
N GLU K 125 -29.23 -35.17 71.86
CA GLU K 125 -28.89 -35.20 73.28
C GLU K 125 -28.91 -36.63 73.79
N ARG K 126 -27.83 -37.05 74.43
CA ARG K 126 -27.62 -38.43 74.84
C ARG K 126 -27.80 -38.57 76.35
N TYR K 127 -28.55 -39.59 76.76
CA TYR K 127 -28.65 -39.99 78.16
C TYR K 127 -28.38 -41.48 78.28
N ILE K 128 -27.63 -41.87 79.30
CA ILE K 128 -27.16 -43.25 79.42
C ILE K 128 -27.03 -43.59 80.91
N MET K 129 -27.35 -44.84 81.24
CA MET K 129 -27.17 -45.35 82.60
C MET K 129 -26.55 -46.74 82.51
N GLN K 130 -25.85 -47.12 83.58
CA GLN K 130 -25.16 -48.40 83.64
C GLN K 130 -25.88 -49.35 84.58
N PRO K 131 -26.51 -50.42 84.08
CA PRO K 131 -27.18 -51.37 84.97
C PRO K 131 -26.19 -52.13 85.85
N THR K 132 -26.66 -52.52 87.02
CA THR K 132 -25.87 -53.28 87.98
C THR K 132 -26.50 -54.66 88.20
N ARG K 133 -25.70 -55.56 88.76
CA ARG K 133 -26.17 -56.93 89.01
C ARG K 133 -27.35 -56.95 89.97
N SER K 134 -27.28 -56.17 91.05
CA SER K 134 -28.36 -56.15 92.03
C SER K 134 -29.64 -55.60 91.43
N TYR K 135 -29.55 -54.52 90.66
CA TYR K 135 -30.75 -53.89 90.11
C TYR K 135 -31.45 -54.82 89.12
N VAL K 136 -30.69 -55.48 88.25
CA VAL K 136 -31.29 -56.40 87.28
C VAL K 136 -31.92 -57.59 88.00
N GLN K 137 -31.25 -58.11 89.04
CA GLN K 137 -31.80 -59.22 89.80
C GLN K 137 -33.10 -58.82 90.48
N LYS K 138 -33.16 -57.60 91.01
CA LYS K 138 -34.41 -57.11 91.59
C LYS K 138 -35.52 -57.03 90.54
N CYS K 139 -35.19 -56.54 89.34
CA CYS K 139 -36.17 -56.44 88.28
C CYS K 139 -36.66 -57.82 87.82
N ILE K 140 -35.75 -58.79 87.71
CA ILE K 140 -36.11 -60.11 87.21
C ILE K 140 -36.94 -60.90 88.20
N GLU K 141 -36.99 -60.48 89.46
CA GLU K 141 -37.78 -61.16 90.48
C GLU K 141 -39.18 -60.62 90.61
N ARG K 142 -39.57 -59.66 89.77
CA ARG K 142 -40.93 -59.12 89.82
C ARG K 142 -41.95 -60.18 89.40
N ASP K 143 -43.16 -60.06 89.93
CA ASP K 143 -44.20 -61.02 89.62
C ASP K 143 -44.61 -60.95 88.15
N GLU K 144 -44.62 -59.75 87.57
CA GLU K 144 -45.00 -59.61 86.17
C GLU K 144 -44.02 -60.33 85.26
N VAL K 145 -42.72 -60.21 85.55
CA VAL K 145 -41.71 -60.91 84.75
C VAL K 145 -41.82 -62.41 84.94
N LYS K 146 -42.09 -62.85 86.18
CA LYS K 146 -42.28 -64.27 86.44
C LYS K 146 -43.48 -64.81 85.68
N ARG K 147 -44.56 -64.04 85.63
CA ARG K 147 -45.72 -64.43 84.84
C ARG K 147 -45.38 -64.52 83.36
N TRP K 148 -44.63 -63.54 82.85
CA TRP K 148 -44.30 -63.51 81.43
C TRP K 148 -43.41 -64.70 81.04
N ILE K 149 -42.42 -65.02 81.86
CA ILE K 149 -41.58 -66.17 81.55
C ILE K 149 -42.36 -67.46 81.73
N ALA K 150 -43.36 -67.47 82.61
CA ALA K 150 -44.23 -68.63 82.75
C ALA K 150 -45.13 -68.83 81.54
N LYS K 151 -45.37 -67.77 80.76
CA LYS K 151 -46.14 -67.91 79.53
C LYS K 151 -45.42 -68.76 78.48
N ASN K 152 -44.10 -68.88 78.58
CA ASN K 152 -43.35 -69.67 77.63
C ASN K 152 -43.70 -71.15 77.77
N LYS K 153 -43.94 -71.81 76.64
CA LYS K 153 -44.33 -73.23 76.61
C LYS K 153 -43.58 -73.90 75.46
N SER K 154 -42.39 -74.43 75.77
CA SER K 154 -41.58 -75.14 74.79
C SER K 154 -40.50 -75.91 75.54
N MET K 155 -39.85 -76.82 74.82
CA MET K 155 -38.78 -77.63 75.39
C MET K 155 -37.40 -77.13 75.03
N MET K 156 -37.21 -76.57 73.83
CA MET K 156 -35.91 -76.03 73.44
C MET K 156 -35.51 -74.87 74.32
N MET K 157 -36.46 -73.98 74.63
CA MET K 157 -36.20 -72.85 75.52
C MET K 157 -36.59 -73.21 76.96
N MET K 158 -35.86 -74.18 77.50
CA MET K 158 -36.09 -74.67 78.86
C MET K 158 -35.58 -73.63 79.85
N GLY K 159 -36.41 -72.62 80.09
CA GLY K 159 -36.00 -71.50 80.92
C GLY K 159 -35.22 -70.44 80.20
N ARG K 160 -35.18 -70.47 78.86
CA ARG K 160 -34.39 -69.53 78.08
C ARG K 160 -35.20 -68.25 77.90
N TRP K 161 -34.80 -67.19 78.61
CA TRP K 161 -35.43 -65.88 78.49
C TRP K 161 -34.48 -64.94 77.76
N GLU K 162 -35.01 -64.25 76.74
CA GLU K 162 -34.24 -63.29 75.95
C GLU K 162 -35.01 -61.98 75.96
N VAL K 163 -34.74 -61.13 76.95
CA VAL K 163 -35.40 -59.85 77.11
C VAL K 163 -34.37 -58.74 76.95
N TYR K 164 -34.83 -57.61 76.40
CA TYR K 164 -33.99 -56.44 76.20
C TYR K 164 -34.45 -55.32 77.12
N MET K 165 -33.49 -54.68 77.78
CA MET K 165 -33.76 -53.57 78.69
C MET K 165 -33.24 -52.28 78.07
N ILE K 166 -34.07 -51.23 78.08
CA ILE K 166 -33.66 -49.95 77.54
C ILE K 166 -32.63 -49.33 78.48
N THR K 167 -31.42 -49.09 77.95
CA THR K 167 -30.33 -48.57 78.74
C THR K 167 -29.95 -47.13 78.42
N GLY K 168 -30.08 -46.72 77.17
CA GLY K 168 -29.75 -45.36 76.78
C GLY K 168 -30.73 -44.83 75.75
N ILE K 169 -30.93 -43.53 75.79
CA ILE K 169 -31.84 -42.84 74.87
C ILE K 169 -31.15 -41.57 74.37
N ILE K 170 -31.27 -41.31 73.07
CA ILE K 170 -30.80 -40.06 72.47
C ILE K 170 -32.01 -39.36 71.87
N VAL K 171 -32.16 -38.08 72.17
CA VAL K 171 -33.35 -37.31 71.84
C VAL K 171 -32.97 -36.19 70.89
N ALA K 172 -33.70 -36.07 69.79
CA ALA K 172 -33.51 -34.96 68.87
C ALA K 172 -34.27 -33.74 69.36
N ARG K 173 -33.62 -32.58 69.34
CA ARG K 173 -34.19 -31.33 69.84
C ARG K 173 -34.19 -30.32 68.68
N GLY K 174 -35.28 -30.31 67.91
CA GLY K 174 -35.40 -29.39 66.81
C GLY K 174 -35.77 -30.05 65.50
N GLY K 175 -36.10 -31.34 65.55
CA GLY K 175 -36.45 -32.06 64.34
C GLY K 175 -35.27 -32.22 63.41
N GLY K 176 -35.58 -32.31 62.11
CA GLY K 176 -34.54 -32.48 61.11
C GLY K 176 -35.15 -32.64 59.74
N ARG K 177 -34.27 -32.63 58.75
CA ARG K 177 -34.67 -32.75 57.34
C ARG K 177 -34.32 -34.14 56.84
N LYS K 178 -35.30 -34.84 56.27
CA LYS K 178 -35.12 -36.18 55.77
C LYS K 178 -35.45 -36.24 54.29
N LYS K 179 -34.64 -36.98 53.53
CA LYS K 179 -34.89 -37.24 52.13
C LYS K 179 -34.67 -38.73 51.87
N LYS K 180 -35.66 -39.37 51.25
CA LYS K 180 -35.57 -40.78 50.90
C LYS K 180 -35.96 -40.96 49.45
N GLU K 181 -35.17 -41.73 48.72
CA GLU K 181 -35.43 -42.03 47.31
C GLU K 181 -35.30 -43.52 47.10
N LYS K 182 -36.27 -44.10 46.38
CA LYS K 182 -36.31 -45.53 46.12
C LYS K 182 -36.52 -45.75 44.64
N THR K 183 -35.56 -46.41 43.99
CA THR K 183 -35.66 -46.76 42.58
C THR K 183 -35.71 -48.27 42.44
N THR K 184 -36.71 -48.76 41.71
CA THR K 184 -36.89 -50.19 41.48
C THR K 184 -37.05 -50.43 39.99
N GLY K 185 -36.12 -51.17 39.41
CA GLY K 185 -36.19 -51.52 38.01
C GLY K 185 -36.22 -53.02 37.79
N LYS K 186 -37.32 -53.52 37.23
CA LYS K 186 -37.49 -54.95 36.98
C LYS K 186 -37.67 -55.16 35.48
N GLU K 187 -36.69 -55.82 34.87
CA GLU K 187 -36.74 -56.14 33.45
C GLU K 187 -36.84 -57.66 33.30
N PHE K 188 -37.91 -58.12 32.67
CA PHE K 188 -38.18 -59.54 32.50
C PHE K 188 -38.42 -59.81 31.02
N SER K 189 -37.51 -60.55 30.40
CA SER K 189 -37.57 -60.86 28.98
C SER K 189 -37.53 -62.37 28.77
N VAL K 190 -38.42 -62.86 27.91
CA VAL K 190 -38.47 -64.27 27.53
C VAL K 190 -38.45 -64.36 26.01
N GLU K 191 -37.45 -65.05 25.47
CA GLU K 191 -37.33 -65.28 24.04
C GLU K 191 -37.62 -66.74 23.75
N VAL K 192 -38.63 -66.99 22.93
CA VAL K 192 -39.02 -68.35 22.59
C VAL K 192 -38.79 -68.62 21.11
N PRO K 204 -41.44 -66.07 18.54
CA PRO K 204 -42.22 -65.69 19.72
C PRO K 204 -41.35 -65.14 20.85
N GLY K 205 -41.86 -64.16 21.58
CA GLY K 205 -41.11 -63.58 22.68
C GLY K 205 -41.80 -62.40 23.33
N GLY K 206 -41.75 -62.35 24.66
CA GLY K 206 -42.35 -61.25 25.40
C GLY K 206 -41.42 -60.64 26.42
N LYS K 207 -41.28 -59.32 26.39
CA LYS K 207 -40.43 -58.59 27.32
C LYS K 207 -41.22 -57.45 27.95
N ARG K 208 -41.00 -57.24 29.25
CA ARG K 208 -41.71 -56.20 29.99
C ARG K 208 -40.77 -55.54 30.98
N ASN K 209 -40.78 -54.22 31.01
CA ASN K 209 -39.95 -53.43 31.92
C ASN K 209 -40.85 -52.65 32.85
N THR K 210 -40.59 -52.75 34.16
CA THR K 210 -41.34 -52.03 35.18
C THR K 210 -40.36 -51.17 35.97
N ALA K 211 -40.40 -49.86 35.76
CA ALA K 211 -39.53 -48.92 36.43
C ALA K 211 -40.35 -48.02 37.34
N ARG K 212 -40.00 -48.01 38.62
CA ARG K 212 -40.69 -47.19 39.61
C ARG K 212 -39.67 -46.35 40.36
N GLN K 213 -40.02 -45.09 40.62
CA GLN K 213 -39.12 -44.15 41.29
C GLN K 213 -39.95 -43.34 42.28
N LYS K 214 -39.81 -43.66 43.57
CA LYS K 214 -40.57 -43.00 44.63
C LYS K 214 -39.67 -42.03 45.38
N THR K 215 -40.24 -40.89 45.77
CA THR K 215 -39.51 -39.86 46.49
C THR K 215 -40.32 -39.43 47.71
N TRP K 216 -39.61 -39.06 48.77
CA TRP K 216 -40.26 -38.61 50.01
C TRP K 216 -39.33 -37.63 50.71
N GLY K 217 -39.65 -36.35 50.64
CA GLY K 217 -38.90 -35.31 51.34
C GLY K 217 -39.74 -34.76 52.49
N THR K 218 -39.10 -34.57 53.63
CA THR K 218 -39.81 -34.18 54.83
C THR K 218 -38.93 -33.26 55.67
N SER K 219 -39.58 -32.39 56.46
CA SER K 219 -38.91 -31.53 57.43
C SER K 219 -39.63 -31.71 58.76
N GLN K 220 -39.18 -32.70 59.54
CA GLN K 220 -39.76 -32.93 60.84
C GLN K 220 -39.44 -31.78 61.79
N THR K 221 -40.44 -31.37 62.56
CA THR K 221 -40.29 -30.29 63.53
C THR K 221 -40.81 -30.75 64.88
N GLY K 222 -40.01 -30.52 65.93
CA GLY K 222 -40.42 -30.87 67.27
C GLY K 222 -39.41 -31.73 68.01
N ASP K 223 -39.56 -31.81 69.33
CA ASP K 223 -38.68 -32.61 70.17
C ASP K 223 -39.24 -34.02 70.31
N PHE K 224 -38.41 -35.03 70.09
CA PHE K 224 -38.84 -36.41 70.14
C PHE K 224 -37.62 -37.32 70.29
N VAL K 225 -37.85 -38.50 70.87
CA VAL K 225 -36.76 -39.46 71.03
C VAL K 225 -36.33 -39.94 69.65
N TRP K 226 -35.01 -40.10 69.48
CA TRP K 226 -34.42 -40.41 68.19
C TRP K 226 -33.94 -41.85 68.07
N ALA K 227 -33.23 -42.36 69.08
CA ALA K 227 -32.73 -43.72 69.04
C ALA K 227 -32.54 -44.21 70.48
N VAL K 228 -32.43 -45.53 70.62
CA VAL K 228 -32.30 -46.16 71.92
C VAL K 228 -31.19 -47.22 71.87
N ARG K 229 -30.52 -47.40 73.00
CA ARG K 229 -29.52 -48.45 73.16
C ARG K 229 -30.03 -49.48 74.15
N LEU K 230 -29.98 -50.75 73.75
CA LEU K 230 -30.52 -51.83 74.56
C LEU K 230 -29.40 -52.79 74.95
N ALA K 231 -29.54 -53.40 76.12
CA ALA K 231 -28.60 -54.41 76.61
C ALA K 231 -29.34 -55.74 76.69
N LYS K 232 -28.85 -56.74 75.97
CA LYS K 232 -29.49 -58.05 75.92
C LYS K 232 -29.23 -58.82 77.20
N ILE K 233 -30.28 -59.40 77.77
CA ILE K 233 -30.19 -60.25 78.95
C ILE K 233 -30.66 -61.64 78.57
N THR K 234 -29.81 -62.63 78.77
CA THR K 234 -30.10 -64.01 78.40
C THR K 234 -29.80 -64.94 79.56
N LYS K 235 -30.51 -66.07 79.58
CA LYS K 235 -30.34 -67.07 80.63
C LYS K 235 -30.79 -68.41 80.06
N SER K 236 -29.84 -69.30 79.80
CA SER K 236 -30.17 -70.59 79.19
C SER K 236 -31.07 -71.42 80.09
N GLY K 237 -30.78 -71.43 81.39
CA GLY K 237 -31.59 -72.19 82.32
C GLY K 237 -31.26 -71.81 83.75
N LEU K 238 -31.99 -72.42 84.68
CA LEU K 238 -31.76 -72.15 86.09
C LEU K 238 -30.39 -72.65 86.55
N HIS K 239 -29.87 -73.70 85.91
CA HIS K 239 -28.54 -74.19 86.26
C HIS K 239 -27.47 -73.16 85.94
N SER K 240 -27.59 -72.49 84.79
CA SER K 240 -26.63 -71.46 84.40
C SER K 240 -27.02 -70.12 85.00
N ASP K 241 -26.06 -69.19 85.00
CA ASP K 241 -26.26 -67.85 85.52
C ASP K 241 -26.71 -66.92 84.39
N TRP K 242 -27.65 -66.04 84.70
CA TRP K 242 -28.14 -65.09 83.71
C TRP K 242 -27.08 -64.05 83.40
N LYS K 243 -26.86 -63.81 82.12
CA LYS K 243 -25.83 -62.88 81.66
C LYS K 243 -26.47 -61.70 80.94
N MET K 244 -25.74 -60.59 80.92
CA MET K 244 -26.17 -59.38 80.23
C MET K 244 -24.99 -58.80 79.46
N GLU K 245 -25.29 -58.20 78.31
CA GLU K 245 -24.27 -57.59 77.47
C GLU K 245 -24.93 -56.60 76.53
N THR K 246 -24.25 -55.49 76.29
CA THR K 246 -24.73 -54.51 75.33
C THR K 246 -24.67 -55.06 73.92
N VAL K 247 -25.72 -54.84 73.14
CA VAL K 247 -25.81 -55.37 71.80
C VAL K 247 -24.98 -54.50 70.86
N PHE K 248 -24.10 -55.15 70.08
CA PHE K 248 -23.28 -54.47 69.09
C PHE K 248 -23.62 -55.00 67.70
N GLY K 249 -23.47 -54.13 66.70
CA GLY K 249 -23.77 -54.50 65.33
C GLY K 249 -25.24 -54.45 65.00
N LYS K 250 -25.88 -55.61 64.86
CA LYS K 250 -27.30 -55.70 64.58
C LYS K 250 -27.98 -56.54 65.65
N THR K 251 -29.28 -56.30 65.85
CA THR K 251 -30.03 -57.03 66.85
C THR K 251 -30.28 -58.47 66.39
N SER K 252 -30.65 -59.33 67.35
CA SER K 252 -30.89 -60.73 67.06
C SER K 252 -32.17 -60.97 66.29
N SER K 253 -33.02 -59.96 66.12
CA SER K 253 -34.26 -60.13 65.40
C SER K 253 -34.00 -60.34 63.91
N PHE K 254 -35.01 -60.86 63.22
CA PHE K 254 -34.88 -61.13 61.80
C PHE K 254 -34.71 -59.84 61.00
N ARG K 255 -33.69 -59.82 60.15
CA ARG K 255 -33.37 -58.66 59.31
C ARG K 255 -33.23 -57.40 60.16
N GLY K 256 -32.60 -57.54 61.32
CA GLY K 256 -32.38 -56.42 62.22
C GLY K 256 -31.54 -55.32 61.62
N GLN K 257 -31.99 -54.08 61.76
CA GLN K 257 -31.25 -52.95 61.21
C GLN K 257 -29.95 -52.74 61.98
N LYS K 258 -28.88 -52.44 61.24
CA LYS K 258 -27.58 -52.24 61.86
C LYS K 258 -27.53 -50.89 62.56
N ALA K 259 -26.66 -50.79 63.56
CA ALA K 259 -26.51 -49.54 64.30
C ALA K 259 -26.00 -48.44 63.39
N ILE K 260 -26.61 -47.26 63.52
CA ILE K 260 -26.22 -46.12 62.67
C ILE K 260 -24.88 -45.57 63.11
N PHE K 261 -24.72 -45.29 64.41
CA PHE K 261 -23.49 -44.72 64.93
C PHE K 261 -23.35 -44.95 66.43
CA GLU L 8 0.49 -49.68 71.69
C GLU L 8 0.37 -49.07 73.08
N GLU L 9 0.70 -47.78 73.18
CA GLU L 9 0.67 -47.11 74.48
C GLU L 9 -0.75 -46.97 75.01
N TRP L 10 -1.71 -46.67 74.14
CA TRP L 10 -3.08 -46.42 74.57
C TRP L 10 -4.05 -47.14 73.65
N PHE L 11 -5.23 -47.45 74.19
CA PHE L 11 -6.32 -48.06 73.44
C PHE L 11 -7.42 -47.05 73.21
N PRO L 12 -7.62 -46.56 72.00
CA PRO L 12 -8.67 -45.57 71.76
C PRO L 12 -10.06 -46.21 71.83
N LEU L 13 -10.99 -45.50 72.49
CA LEU L 13 -12.37 -45.94 72.59
C LEU L 13 -13.19 -45.27 71.49
N LYS L 14 -13.92 -46.08 70.72
CA LYS L 14 -14.82 -45.55 69.70
C LYS L 14 -16.23 -45.34 70.26
N GLN L 15 -16.31 -44.66 71.40
CA GLN L 15 -17.57 -44.39 72.08
C GLN L 15 -17.52 -42.99 72.66
N THR L 16 -18.67 -42.31 72.67
CA THR L 16 -18.72 -40.92 73.18
C THR L 16 -19.89 -40.78 74.16
N HIS L 17 -20.39 -41.90 74.68
CA HIS L 17 -21.52 -41.87 75.65
C HIS L 17 -20.96 -42.01 77.08
N TYR L 18 -19.69 -41.70 77.27
CA TYR L 18 -19.05 -41.79 78.61
C TYR L 18 -18.57 -40.40 79.04
N PRO L 19 -19.28 -39.71 79.95
CA PRO L 19 -18.87 -38.39 80.44
C PRO L 19 -17.61 -38.51 81.29
N PRO L 20 -16.81 -37.45 81.37
CA PRO L 20 -15.56 -37.52 82.15
C PRO L 20 -15.83 -37.36 83.62
N PRO L 21 -15.05 -38.04 84.47
CA PRO L 21 -15.17 -37.82 85.91
C PRO L 21 -14.64 -36.45 86.30
N THR L 22 -15.17 -35.93 87.41
CA THR L 22 -14.70 -34.65 87.91
C THR L 22 -13.40 -34.84 88.71
N ILE L 23 -12.64 -33.75 88.80
CA ILE L 23 -11.34 -33.82 89.48
C ILE L 23 -11.48 -34.17 90.97
N PRO L 24 -12.36 -33.55 91.75
CA PRO L 24 -12.45 -33.92 93.18
C PRO L 24 -12.79 -35.38 93.41
N SER L 25 -13.61 -35.98 92.56
CA SER L 25 -14.00 -37.38 92.71
C SER L 25 -13.04 -38.33 92.02
N MET L 26 -11.98 -37.82 91.39
CA MET L 26 -11.04 -38.71 90.69
C MET L 26 -10.31 -39.62 91.66
N LYS L 27 -9.89 -39.10 92.81
CA LYS L 27 -9.06 -39.85 93.75
C LYS L 27 -9.70 -39.99 95.13
N THR L 28 -11.01 -39.80 95.22
CA THR L 28 -11.70 -39.94 96.50
C THR L 28 -12.14 -41.36 96.79
N GLY L 29 -12.00 -42.28 95.84
CA GLY L 29 -12.43 -43.65 96.01
C GLY L 29 -13.83 -43.95 95.52
N HIS L 30 -14.64 -42.91 95.27
CA HIS L 30 -16.00 -43.06 94.76
C HIS L 30 -16.13 -42.21 93.50
N PRO L 31 -15.83 -42.78 92.34
CA PRO L 31 -15.89 -42.00 91.09
C PRO L 31 -17.31 -41.60 90.73
N THR L 32 -17.42 -40.47 90.05
CA THR L 32 -18.70 -39.95 89.58
C THR L 32 -18.93 -40.18 88.10
N GLY L 33 -18.10 -40.99 87.46
CA GLY L 33 -18.22 -41.25 86.04
C GLY L 33 -18.27 -42.73 85.72
N PRO L 34 -18.74 -43.06 84.51
CA PRO L 34 -18.81 -44.49 84.14
C PRO L 34 -17.46 -45.18 84.13
N ILE L 35 -16.39 -44.48 83.74
CA ILE L 35 -15.05 -45.04 83.68
C ILE L 35 -14.09 -44.10 84.41
N SER L 36 -13.35 -44.64 85.36
CA SER L 36 -12.38 -43.85 86.13
C SER L 36 -11.26 -44.76 86.57
N ILE L 37 -10.16 -44.14 87.01
CA ILE L 37 -9.00 -44.89 87.47
C ILE L 37 -9.36 -45.64 88.75
N GLY L 38 -9.13 -46.95 88.76
CA GLY L 38 -9.46 -47.79 89.89
C GLY L 38 -10.53 -48.83 89.62
N HIS L 39 -11.06 -48.92 88.40
CA HIS L 39 -12.07 -49.91 88.07
C HIS L 39 -11.43 -51.19 87.55
N ILE L 40 -12.17 -52.29 87.67
CA ILE L 40 -11.75 -53.60 87.17
C ILE L 40 -12.81 -54.10 86.21
N ILE L 41 -12.40 -54.48 85.01
CA ILE L 41 -13.32 -54.99 83.99
C ILE L 41 -12.91 -56.40 83.61
N PRO L 42 -13.86 -57.30 83.33
CA PRO L 42 -13.48 -58.65 82.90
C PRO L 42 -12.73 -58.68 81.58
N ASP L 43 -13.05 -57.77 80.66
CA ASP L 43 -12.42 -57.75 79.35
C ASP L 43 -12.63 -56.38 78.74
N LEU L 44 -11.89 -56.10 77.66
CA LEU L 44 -12.03 -54.84 76.96
C LEU L 44 -13.42 -54.69 76.34
N ARG L 45 -13.94 -55.78 75.75
CA ARG L 45 -15.27 -55.73 75.16
C ARG L 45 -16.34 -55.49 76.22
N HIS L 46 -16.24 -56.17 77.36
CA HIS L 46 -17.18 -55.95 78.46
C HIS L 46 -16.73 -54.76 79.30
N LEU L 47 -16.55 -53.60 78.66
CA LEU L 47 -16.06 -52.42 79.35
C LEU L 47 -17.09 -51.81 80.30
N ASP L 48 -18.38 -52.04 80.05
CA ASP L 48 -19.43 -51.47 80.87
C ASP L 48 -19.76 -52.32 82.10
N ASN L 49 -19.11 -53.47 82.27
CA ASN L 49 -19.35 -54.35 83.42
C ASN L 49 -18.27 -54.10 84.45
N VAL L 50 -18.43 -53.02 85.22
CA VAL L 50 -17.48 -52.67 86.27
C VAL L 50 -17.70 -53.60 87.45
N ILE L 51 -16.65 -54.37 87.81
CA ILE L 51 -16.76 -55.30 88.91
C ILE L 51 -16.88 -54.56 90.23
N ASN L 52 -16.04 -53.55 90.45
CA ASN L 52 -16.07 -52.76 91.67
C ASN L 52 -16.98 -51.54 91.50
N CYS L 53 -18.25 -51.82 91.28
CA CYS L 53 -19.23 -50.76 91.08
C CYS L 53 -19.41 -49.91 92.33
N LYS L 54 -19.37 -50.55 93.51
CA LYS L 54 -19.58 -49.81 94.76
C LYS L 54 -18.49 -48.78 94.98
N GLY L 55 -17.24 -49.15 94.73
CA GLY L 55 -16.13 -48.23 94.89
C GLY L 55 -14.84 -48.99 95.14
N PHE L 56 -13.85 -48.26 95.64
CA PHE L 56 -12.54 -48.83 95.92
C PHE L 56 -11.86 -47.97 96.98
N GLU L 57 -10.76 -48.49 97.52
CA GLU L 57 -10.05 -47.80 98.58
C GLU L 57 -9.45 -46.49 98.05
N PRO L 58 -9.43 -45.43 98.86
CA PRO L 58 -8.81 -44.18 98.41
C PRO L 58 -7.33 -44.35 98.19
N PHE L 59 -6.79 -43.52 97.28
CA PHE L 59 -5.38 -43.61 96.95
C PHE L 59 -4.53 -43.23 98.16
N PRO L 60 -3.49 -44.00 98.49
CA PRO L 60 -2.59 -43.62 99.59
C PRO L 60 -1.83 -42.35 99.24
N PRO L 61 -1.28 -41.66 100.25
CA PRO L 61 -0.53 -40.43 99.96
C PRO L 61 0.65 -40.65 99.04
N ASN L 62 1.26 -41.84 99.05
CA ASN L 62 2.33 -42.13 98.11
C ASN L 62 1.82 -42.09 96.67
N MET L 63 0.62 -42.61 96.44
CA MET L 63 0.03 -42.58 95.11
C MET L 63 -0.26 -41.13 94.69
N ASP L 64 -0.01 -40.85 93.41
CA ASP L 64 -0.31 -39.54 92.85
C ASP L 64 -0.61 -39.71 91.37
N VAL L 65 -1.31 -38.72 90.82
CA VAL L 65 -1.73 -38.72 89.43
C VAL L 65 -0.88 -37.71 88.66
N PHE L 66 -0.34 -38.14 87.53
CA PHE L 66 0.46 -37.28 86.66
C PHE L 66 -0.40 -36.82 85.49
N THR L 67 -0.35 -35.52 85.20
CA THR L 67 -1.19 -34.92 84.18
C THR L 67 -0.35 -34.39 83.03
N ALA L 68 -0.88 -34.48 81.82
CA ALA L 68 -0.26 -33.94 80.63
C ALA L 68 -1.30 -33.19 79.81
N HIS L 69 -0.84 -32.21 79.03
CA HIS L 69 -1.72 -31.35 78.26
C HIS L 69 -1.31 -31.38 76.79
N TYR L 70 -2.31 -31.34 75.92
CA TYR L 70 -2.09 -31.35 74.47
C TYR L 70 -3.07 -30.38 73.82
N GLU L 71 -2.60 -29.70 72.78
CA GLU L 71 -3.42 -28.75 72.04
C GLU L 71 -3.27 -28.98 70.55
N GLN L 72 -4.34 -28.66 69.81
CA GLN L 72 -4.38 -28.84 68.35
C GLN L 72 -4.06 -30.28 67.95
N CYS L 73 -4.52 -31.24 68.74
CA CYS L 73 -4.28 -32.64 68.45
C CYS L 73 -5.30 -33.16 67.46
N HIS L 74 -4.82 -33.78 66.38
CA HIS L 74 -5.69 -34.37 65.37
C HIS L 74 -5.18 -35.76 65.01
N PHE L 75 -6.09 -36.60 64.53
CA PHE L 75 -5.77 -37.99 64.24
C PHE L 75 -6.58 -38.43 63.02
N GLY L 76 -5.90 -38.76 61.94
CA GLY L 76 -6.55 -39.23 60.73
C GLY L 76 -5.89 -40.48 60.20
N ASP L 77 -6.71 -41.42 59.75
CA ASP L 77 -6.21 -42.69 59.23
C ASP L 77 -7.10 -43.16 58.08
N HIS L 78 -6.53 -44.02 57.24
CA HIS L 78 -7.21 -44.58 56.09
C HIS L 78 -7.00 -46.09 56.05
N LEU L 79 -7.83 -46.77 55.27
CA LEU L 79 -7.72 -48.23 55.14
C LEU L 79 -8.29 -48.64 53.80
N ASN L 80 -7.53 -49.45 53.07
CA ASN L 80 -7.97 -50.02 51.80
C ASN L 80 -7.80 -51.53 51.85
N SER L 81 -8.87 -52.26 51.55
CA SER L 81 -8.85 -53.71 51.53
C SER L 81 -9.49 -54.19 50.23
N GLU L 82 -8.70 -54.85 49.39
CA GLU L 82 -9.14 -55.31 48.08
C GLU L 82 -8.96 -56.83 48.02
N PHE L 83 -9.99 -57.57 48.43
CA PHE L 83 -10.00 -59.02 48.35
C PHE L 83 -10.53 -59.42 46.98
N VAL L 84 -9.63 -59.86 46.10
CA VAL L 84 -9.97 -60.20 44.72
C VAL L 84 -9.67 -61.66 44.47
N VAL L 85 -10.65 -62.38 43.94
CA VAL L 85 -10.50 -63.78 43.55
C VAL L 85 -10.91 -63.91 42.09
N GLN L 86 -9.99 -64.37 41.25
CA GLN L 86 -10.25 -64.56 39.83
C GLN L 86 -10.04 -66.03 39.48
N ALA L 87 -11.02 -66.60 38.77
CA ALA L 87 -10.94 -68.00 38.36
C ALA L 87 -11.53 -68.20 36.98
N SER L 105 -14.98 -71.33 38.26
CA SER L 105 -15.58 -70.36 37.33
C SER L 105 -16.39 -69.32 38.07
N ALA L 106 -15.71 -68.50 38.88
CA ALA L 106 -16.37 -67.46 39.66
C ALA L 106 -15.41 -66.30 39.85
N GLY L 107 -15.97 -65.12 40.07
CA GLY L 107 -15.19 -63.93 40.31
C GLY L 107 -15.70 -63.12 41.49
N LEU L 108 -14.83 -62.86 42.47
CA LEU L 108 -15.19 -62.13 43.67
C LEU L 108 -14.33 -60.88 43.79
N HIS L 109 -14.98 -59.76 44.11
CA HIS L 109 -14.28 -58.49 44.29
C HIS L 109 -14.90 -57.79 45.50
N HIS L 110 -14.16 -57.79 46.61
CA HIS L 110 -14.57 -57.13 47.85
C HIS L 110 -13.63 -55.96 48.09
N THR L 111 -14.14 -54.74 47.92
CA THR L 111 -13.36 -53.53 48.09
C THR L 111 -13.90 -52.74 49.28
N ASN L 112 -13.06 -52.56 50.29
CA ASN L 112 -13.41 -51.77 51.47
C ASN L 112 -12.49 -50.56 51.54
N ILE L 113 -13.10 -49.37 51.61
CA ILE L 113 -12.36 -48.12 51.74
C ILE L 113 -12.93 -47.38 52.95
N THR L 114 -12.08 -47.16 53.96
CA THR L 114 -12.48 -46.52 55.19
C THR L 114 -11.60 -45.30 55.46
N SER L 115 -12.22 -44.20 55.87
CA SER L 115 -11.51 -42.98 56.19
C SER L 115 -12.07 -42.39 57.49
N ASP L 116 -11.18 -42.11 58.44
CA ASP L 116 -11.56 -41.54 59.72
C ASP L 116 -10.69 -40.33 60.00
N ARG L 117 -11.31 -39.26 60.52
CA ARG L 117 -10.60 -38.04 60.87
C ARG L 117 -11.16 -37.49 62.17
N TRP L 118 -10.29 -37.26 63.15
CA TRP L 118 -10.65 -36.62 64.41
C TRP L 118 -9.80 -35.36 64.58
N GLU L 119 -10.46 -34.24 64.83
CA GLU L 119 -9.78 -32.96 65.06
C GLU L 119 -10.23 -32.43 66.41
N TYR L 120 -9.37 -32.58 67.42
CA TYR L 120 -9.68 -32.12 68.77
C TYR L 120 -9.29 -30.65 68.91
N ASP L 121 -9.47 -30.13 70.12
CA ASP L 121 -9.08 -28.75 70.42
C ASP L 121 -8.18 -28.69 71.65
N SER L 122 -8.44 -29.57 72.62
CA SER L 122 -7.65 -29.64 73.83
C SER L 122 -7.84 -31.02 74.45
N VAL L 123 -6.72 -31.62 74.86
CA VAL L 123 -6.72 -32.97 75.41
C VAL L 123 -5.90 -32.97 76.70
N VAL L 124 -6.41 -33.66 77.72
CA VAL L 124 -5.72 -33.83 78.99
C VAL L 124 -5.56 -35.32 79.25
N GLU L 125 -4.42 -35.70 79.82
CA GLU L 125 -4.08 -37.09 80.06
C GLU L 125 -3.70 -37.28 81.54
N TYR L 126 -4.35 -38.24 82.18
CA TYR L 126 -4.09 -38.57 83.58
C TYR L 126 -3.53 -39.99 83.65
N ALA L 127 -2.43 -40.17 84.39
CA ALA L 127 -1.82 -41.48 84.52
C ALA L 127 -1.43 -41.73 85.97
N VAL L 128 -1.34 -43.01 86.33
CA VAL L 128 -0.97 -43.45 87.67
C VAL L 128 -0.14 -44.72 87.54
N TYR L 129 0.52 -45.11 88.64
CA TYR L 129 1.32 -46.33 88.68
C TYR L 129 0.88 -47.17 89.87
N PRO L 130 0.63 -48.46 89.68
CA PRO L 130 0.14 -49.29 90.78
C PRO L 130 1.28 -49.75 91.69
N THR L 131 0.88 -50.40 92.79
CA THR L 131 1.81 -50.96 93.76
C THR L 131 1.32 -52.34 94.16
N ARG L 132 2.27 -53.21 94.53
CA ARG L 132 1.93 -54.59 94.87
C ARG L 132 0.95 -54.66 96.03
N GLN L 133 1.21 -53.90 97.09
CA GLN L 133 0.32 -53.94 98.25
C GLN L 133 -1.05 -53.33 97.94
N TYR L 134 -1.08 -52.29 97.12
CA TYR L 134 -2.36 -51.66 96.78
C TYR L 134 -3.24 -52.59 95.96
N ILE L 135 -2.66 -53.33 95.03
CA ILE L 135 -3.44 -54.29 94.25
C ILE L 135 -3.89 -55.44 95.14
N ASP L 136 -3.02 -55.88 96.06
CA ASP L 136 -3.40 -56.97 96.95
C ASP L 136 -4.57 -56.58 97.84
N ARG L 137 -4.56 -55.37 98.39
CA ARG L 137 -5.68 -54.92 99.21
C ARG L 137 -6.91 -54.63 98.37
N LEU L 138 -6.71 -54.30 97.08
CA LEU L 138 -7.85 -54.13 96.19
C LEU L 138 -8.54 -55.45 95.90
N LEU L 139 -7.75 -56.54 95.78
CA LEU L 139 -8.32 -57.87 95.55
C LEU L 139 -9.13 -58.37 96.74
N GLU L 140 -9.00 -57.75 97.90
CA GLU L 140 -9.75 -58.14 99.09
C GLU L 140 -11.14 -57.51 99.15
N SER L 141 -11.50 -56.69 98.16
CA SER L 141 -12.81 -56.07 98.15
C SER L 141 -13.90 -57.13 97.96
N LYS L 142 -15.10 -56.82 98.46
CA LYS L 142 -16.19 -57.78 98.44
C LYS L 142 -16.55 -58.19 97.01
N GLU L 143 -16.79 -57.22 96.13
CA GLU L 143 -17.13 -57.53 94.75
C GLU L 143 -15.97 -58.22 94.04
N VAL L 144 -14.75 -57.74 94.27
CA VAL L 144 -13.58 -58.33 93.62
C VAL L 144 -13.37 -59.76 94.08
N ARG L 145 -13.49 -60.01 95.39
CA ARG L 145 -13.27 -61.36 95.90
C ARG L 145 -14.37 -62.31 95.44
N GLN L 146 -15.61 -61.81 95.31
CA GLN L 146 -16.68 -62.64 94.79
C GLN L 146 -16.41 -63.05 93.35
N TYR L 147 -15.95 -62.10 92.52
CA TYR L 147 -15.69 -62.42 91.12
C TYR L 147 -14.54 -63.41 90.97
N ILE L 148 -13.46 -63.22 91.73
CA ILE L 148 -12.30 -64.09 91.59
C ILE L 148 -12.62 -65.51 92.05
N GLN L 149 -13.47 -65.64 93.09
CA GLN L 149 -13.92 -66.96 93.51
C GLN L 149 -14.77 -67.62 92.43
N LYS L 150 -15.67 -66.87 91.81
CA LYS L 150 -16.48 -67.43 90.72
C LYS L 150 -15.61 -67.81 89.53
N SER L 151 -14.63 -66.96 89.18
CA SER L 151 -13.75 -67.28 88.07
C SER L 151 -12.90 -68.51 88.37
N LYS L 152 -12.38 -68.61 89.59
CA LYS L 152 -11.58 -69.78 89.96
C LYS L 152 -12.43 -71.04 89.96
N LYS L 153 -13.68 -70.95 90.44
CA LYS L 153 -14.57 -72.10 90.44
C LYS L 153 -14.90 -72.53 89.01
N LEU L 154 -15.10 -71.56 88.10
CA LEU L 154 -15.47 -71.89 86.74
C LEU L 154 -14.24 -72.17 85.88
N LEU L 155 -13.28 -71.25 85.85
CA LEU L 155 -12.10 -71.37 85.03
C LEU L 155 -10.90 -71.78 85.88
N GLY L 156 -9.96 -72.50 85.27
CA GLY L 156 -8.78 -72.93 85.99
C GLY L 156 -7.90 -71.77 86.41
N GLY L 157 -7.71 -70.79 85.52
CA GLY L 157 -6.91 -69.62 85.84
C GLY L 157 -7.65 -68.33 85.56
N TRP L 158 -7.74 -67.46 86.56
CA TRP L 158 -8.47 -66.22 86.43
C TRP L 158 -7.59 -65.12 85.85
N CYS L 159 -8.21 -64.17 85.17
CA CYS L 159 -7.50 -63.02 84.61
C CYS L 159 -8.47 -61.86 84.51
N VAL L 160 -8.03 -60.68 84.96
CA VAL L 160 -8.83 -59.47 84.95
C VAL L 160 -7.97 -58.33 84.43
N TYR L 161 -8.63 -57.19 84.20
CA TYR L 161 -7.96 -55.98 83.72
C TYR L 161 -8.32 -54.82 84.62
N MET L 162 -7.39 -53.88 84.76
CA MET L 162 -7.60 -52.69 85.55
C MET L 162 -7.25 -51.46 84.73
N VAL L 163 -8.11 -50.45 84.79
CA VAL L 163 -7.88 -49.19 84.09
C VAL L 163 -6.83 -48.39 84.86
N THR L 164 -5.80 -47.94 84.15
CA THR L 164 -4.69 -47.20 84.76
C THR L 164 -4.75 -45.71 84.48
N GLY L 165 -4.88 -45.32 83.22
CA GLY L 165 -4.97 -43.92 82.87
C GLY L 165 -6.11 -43.67 81.92
N ILE L 166 -6.53 -42.41 81.85
CA ILE L 166 -7.61 -41.98 80.98
C ILE L 166 -7.20 -40.69 80.28
N MET L 167 -7.55 -40.57 79.00
CA MET L 167 -7.31 -39.37 78.22
C MET L 167 -8.65 -38.72 77.92
N VAL L 168 -8.79 -37.45 78.31
CA VAL L 168 -10.08 -36.75 78.26
C VAL L 168 -9.95 -35.56 77.33
N ALA L 169 -10.87 -35.45 76.38
CA ALA L 169 -10.93 -34.29 75.51
C ALA L 169 -11.67 -33.15 76.21
N ARG L 170 -11.46 -31.93 75.69
CA ARG L 170 -12.10 -30.73 76.22
C ARG L 170 -12.84 -30.04 75.10
N GLY L 171 -14.14 -29.85 75.27
CA GLY L 171 -14.95 -29.18 74.27
C GLY L 171 -15.28 -30.02 73.05
N GLY L 172 -14.96 -31.32 73.06
CA GLY L 172 -15.23 -32.17 71.93
C GLY L 172 -14.32 -31.89 70.75
N GLY L 173 -14.68 -32.47 69.62
CA GLY L 173 -13.91 -32.29 68.40
C GLY L 173 -14.68 -32.80 67.20
N ARG L 174 -14.33 -32.23 66.05
CA ARG L 174 -14.99 -32.61 64.80
C ARG L 174 -14.61 -34.03 64.40
N ASN L 175 -15.57 -34.77 63.84
CA ASN L 175 -15.35 -36.13 63.38
C ASN L 175 -15.93 -36.28 61.99
N VAL L 176 -15.15 -36.88 61.08
CA VAL L 176 -15.60 -37.18 59.73
C VAL L 176 -15.30 -38.65 59.45
N THR L 177 -16.32 -39.39 59.02
CA THR L 177 -16.19 -40.81 58.72
C THR L 177 -16.72 -41.07 57.32
N SER L 178 -15.95 -41.81 56.53
CA SER L 178 -16.33 -42.15 55.16
C SER L 178 -16.07 -43.63 54.95
N GLU L 179 -17.13 -44.41 54.73
CA GLU L 179 -17.05 -45.84 54.52
C GLU L 179 -17.63 -46.19 53.15
N GLU L 180 -16.92 -47.04 52.43
CA GLU L 180 -17.36 -47.48 51.10
C GLU L 180 -17.09 -48.97 50.98
N LYS L 181 -18.15 -49.76 50.84
CA LYS L 181 -18.05 -51.21 50.75
C LYS L 181 -18.69 -51.66 49.45
N GLY L 182 -17.88 -52.24 48.56
CA GLY L 182 -18.39 -52.77 47.30
C GLY L 182 -18.11 -54.24 47.14
N ALA L 183 -19.15 -55.06 47.04
CA ALA L 183 -19.02 -56.50 46.90
C ALA L 183 -19.62 -56.92 45.57
N GLY L 184 -18.80 -57.54 44.71
CA GLY L 184 -19.28 -58.04 43.44
C GLY L 184 -18.93 -59.49 43.22
N VAL L 185 -19.94 -60.34 43.12
CA VAL L 185 -19.76 -61.78 42.91
C VAL L 185 -20.45 -62.15 41.61
N SER L 186 -19.70 -62.77 40.71
CA SER L 186 -20.21 -63.23 39.42
C SER L 186 -19.91 -64.72 39.31
N GLY L 187 -20.98 -65.53 39.31
CA GLY L 187 -20.85 -66.98 39.23
C GLY L 187 -21.40 -67.50 37.90
N ASN L 188 -20.60 -68.32 37.25
CA ASN L 188 -20.96 -68.93 35.98
C ASN L 188 -21.16 -70.43 36.17
N VAL L 189 -22.31 -70.93 35.76
CA VAL L 189 -22.66 -72.35 35.88
C VAL L 189 -22.81 -72.93 34.49
N GLY L 190 -22.13 -74.04 34.24
CA GLY L 190 -22.18 -74.70 32.95
C GLY L 190 -22.14 -76.21 33.04
N PHE L 199 -28.51 -75.55 29.33
CA PHE L 199 -28.83 -74.90 30.60
C PHE L 199 -27.56 -74.41 31.29
N ALA L 200 -27.25 -73.12 31.09
CA ALA L 200 -26.05 -72.49 31.64
C ALA L 200 -26.45 -71.21 32.35
N PRO L 201 -27.03 -71.31 33.55
CA PRO L 201 -27.41 -70.10 34.28
C PRO L 201 -26.19 -69.32 34.75
N GLU L 202 -26.38 -68.00 34.87
CA GLU L 202 -25.35 -67.10 35.37
C GLU L 202 -25.96 -66.20 36.43
N VAL L 203 -25.25 -66.02 37.55
CA VAL L 203 -25.70 -65.21 38.66
C VAL L 203 -24.72 -64.06 38.85
N GLY L 204 -25.24 -62.83 38.82
CA GLY L 204 -24.41 -61.67 39.03
C GLY L 204 -24.96 -60.74 40.10
N TRP L 205 -24.23 -60.61 41.21
CA TRP L 205 -24.62 -59.76 42.33
C TRP L 205 -23.61 -58.63 42.46
N ASP L 206 -24.08 -57.39 42.45
CA ASP L 206 -23.22 -56.21 42.54
C ASP L 206 -23.87 -55.24 43.53
N THR L 207 -23.35 -55.23 44.76
CA THR L 207 -23.87 -54.35 45.80
C THR L 207 -22.81 -53.32 46.20
N LYS L 208 -23.28 -52.10 46.50
CA LYS L 208 -22.41 -51.02 46.92
C LYS L 208 -23.05 -50.28 48.09
N THR L 209 -22.23 -49.87 49.05
CA THR L 209 -22.70 -49.15 50.22
C THR L 209 -21.79 -47.96 50.49
N LYS L 210 -22.38 -46.78 50.63
CA LYS L 210 -21.65 -45.57 50.97
C LYS L 210 -22.23 -44.97 52.25
N THR L 211 -21.35 -44.42 53.09
CA THR L 211 -21.77 -43.81 54.34
C THR L 211 -20.80 -42.70 54.70
N LYS L 212 -21.29 -41.48 54.74
CA LYS L 212 -20.50 -40.30 55.12
C LYS L 212 -21.18 -39.64 56.30
N VAL L 213 -20.51 -39.63 57.44
CA VAL L 213 -21.07 -39.09 58.69
C VAL L 213 -20.21 -37.94 59.16
N ASN L 214 -20.83 -36.79 59.39
CA ASN L 214 -20.17 -35.62 59.94
C ASN L 214 -20.76 -35.31 61.30
N ALA L 215 -19.90 -35.14 62.30
CA ALA L 215 -20.33 -34.90 63.67
C ALA L 215 -19.50 -33.78 64.27
N HIS L 216 -20.15 -32.94 65.08
CA HIS L 216 -19.49 -31.83 65.79
C HIS L 216 -19.88 -31.92 67.26
N HIS L 217 -19.11 -32.68 68.03
CA HIS L 217 -19.34 -32.78 69.46
C HIS L 217 -18.94 -31.49 70.17
N THR L 218 -19.68 -31.17 71.23
CA THR L 218 -19.45 -29.95 72.01
C THR L 218 -19.50 -30.25 73.49
N THR L 219 -18.96 -31.40 73.89
CA THR L 219 -18.91 -31.77 75.30
C THR L 219 -17.73 -32.70 75.53
N ASP L 220 -17.30 -32.77 76.78
CA ASP L 220 -16.14 -33.57 77.14
C ASP L 220 -16.51 -35.06 77.19
N PHE L 221 -15.54 -35.90 76.83
CA PHE L 221 -15.74 -37.34 76.84
C PHE L 221 -14.39 -38.03 76.94
N VAL L 222 -14.42 -39.30 77.34
CA VAL L 222 -13.21 -40.09 77.50
C VAL L 222 -12.75 -40.60 76.14
N CYS L 223 -11.45 -40.40 75.84
CA CYS L 223 -10.91 -40.78 74.54
C CYS L 223 -10.26 -42.17 74.58
N ALA L 224 -9.27 -42.36 75.44
CA ALA L 224 -8.52 -43.61 75.47
C ALA L 224 -8.14 -43.95 76.89
N ILE L 225 -7.86 -45.24 77.12
CA ILE L 225 -7.51 -45.75 78.44
C ILE L 225 -6.34 -46.70 78.30
N ARG L 226 -5.65 -46.94 79.42
CA ARG L 226 -4.59 -47.93 79.51
C ARG L 226 -5.02 -49.04 80.45
N LEU L 227 -4.76 -50.28 80.04
CA LEU L 227 -5.20 -51.47 80.76
C LEU L 227 -3.99 -52.23 81.29
N VAL L 228 -4.07 -52.65 82.54
CA VAL L 228 -3.07 -53.52 83.17
C VAL L 228 -3.69 -54.87 83.43
N LYS L 229 -3.04 -55.93 82.95
CA LYS L 229 -3.57 -57.28 83.02
C LYS L 229 -3.06 -57.98 84.28
N ILE L 230 -3.99 -58.48 85.09
CA ILE L 230 -3.67 -59.24 86.29
C ILE L 230 -4.20 -60.65 86.09
N ALA L 231 -3.31 -61.64 86.09
CA ALA L 231 -3.67 -63.02 85.86
C ALA L 231 -2.94 -63.92 86.85
N LYS L 232 -3.54 -65.08 87.12
CA LYS L 232 -2.92 -66.09 87.98
C LYS L 232 -3.46 -67.46 87.59
N SER L 233 -2.56 -68.41 87.37
CA SER L 233 -2.93 -69.76 86.98
C SER L 233 -1.84 -70.72 87.41
N GLY L 234 -2.21 -72.00 87.49
CA GLY L 234 -1.26 -73.01 87.90
C GLY L 234 -0.91 -72.99 89.37
N LEU L 235 -1.80 -72.47 90.21
CA LEU L 235 -1.58 -72.37 91.66
C LEU L 235 -0.30 -71.59 91.97
N ARG L 236 -0.16 -70.43 91.32
CA ARG L 236 0.98 -69.57 91.56
C ARG L 236 0.92 -68.96 92.95
N SER L 237 2.10 -68.76 93.54
CA SER L 237 2.17 -68.16 94.87
C SER L 237 1.60 -66.74 94.87
N SER L 238 1.93 -65.96 93.84
CA SER L 238 1.43 -64.60 93.71
C SER L 238 0.97 -64.37 92.28
N TRP L 239 0.04 -63.43 92.12
CA TRP L 239 -0.48 -63.11 90.79
C TRP L 239 0.57 -62.37 89.96
N THR L 240 0.34 -62.33 88.67
CA THR L 240 1.26 -61.72 87.71
C THR L 240 0.62 -60.48 87.11
N MET L 241 1.39 -59.39 87.03
CA MET L 241 0.94 -58.13 86.47
C MET L 241 1.71 -57.83 85.19
N LYS L 242 0.99 -57.54 84.11
CA LYS L 242 1.60 -57.29 82.81
C LYS L 242 0.90 -56.11 82.14
N LYS L 243 1.53 -55.61 81.09
CA LYS L 243 1.00 -54.52 80.28
C LYS L 243 0.52 -55.06 78.94
N VAL L 244 -0.48 -54.40 78.37
CA VAL L 244 -1.10 -54.82 77.13
C VAL L 244 -0.94 -53.71 76.10
N THR L 245 -0.46 -54.06 74.91
CA THR L 245 -0.26 -53.12 73.82
C THR L 245 -0.93 -53.66 72.56
N ARG L 246 -1.40 -52.73 71.72
CA ARG L 246 -2.03 -53.10 70.46
C ARG L 246 -0.98 -53.30 69.37
CA MET M 5 29.25 -44.19 69.49
C MET M 5 29.61 -42.85 70.15
N ASP M 6 28.89 -41.80 69.77
CA ASP M 6 29.13 -40.46 70.29
C ASP M 6 27.97 -39.91 71.11
N LYS M 7 26.73 -40.22 70.71
CA LYS M 7 25.55 -39.72 71.40
C LYS M 7 25.15 -40.67 72.51
N CYS M 8 24.84 -40.12 73.69
CA CYS M 8 24.51 -40.92 74.86
C CYS M 8 23.33 -40.32 75.61
N TRP M 9 22.29 -39.91 74.89
CA TRP M 9 21.07 -39.37 75.48
C TRP M 9 19.89 -40.16 74.98
N PHE M 10 19.17 -40.80 75.90
CA PHE M 10 18.00 -41.62 75.58
C PHE M 10 16.73 -40.87 75.94
N THR M 11 15.83 -40.74 74.97
CA THR M 11 14.58 -40.01 75.15
C THR M 11 13.53 -40.90 75.80
N LEU M 12 12.66 -40.28 76.61
CA LEU M 12 11.59 -40.99 77.29
C LEU M 12 10.34 -41.03 76.43
N ASP M 13 9.53 -42.07 76.63
CA ASP M 13 8.27 -42.25 75.93
C ASP M 13 7.09 -41.70 76.71
N ASN M 14 7.30 -41.17 77.91
CA ASN M 14 6.25 -40.62 78.75
C ASN M 14 6.59 -39.19 79.10
N ALA M 15 5.63 -38.28 78.94
CA ALA M 15 5.86 -36.86 79.12
C ALA M 15 5.09 -36.27 80.30
N HIS M 16 4.50 -37.12 81.16
CA HIS M 16 3.73 -36.63 82.29
C HIS M 16 4.54 -36.49 83.57
N TYR M 17 5.83 -36.79 83.53
CA TYR M 17 6.68 -36.62 84.72
C TYR M 17 6.92 -35.13 84.96
N PRO M 18 6.60 -34.60 86.14
CA PRO M 18 6.88 -33.19 86.40
C PRO M 18 8.37 -32.94 86.51
N PRO M 19 8.84 -31.75 86.15
CA PRO M 19 10.27 -31.46 86.23
C PRO M 19 10.71 -31.20 87.66
N PRO M 20 11.79 -31.83 88.10
CA PRO M 20 12.29 -31.57 89.46
C PRO M 20 12.81 -30.15 89.62
N SER M 21 12.71 -29.64 90.84
CA SER M 21 13.21 -28.32 91.16
C SER M 21 14.67 -28.40 91.60
N LEU M 22 15.36 -27.25 91.52
CA LEU M 22 16.79 -27.22 91.84
C LEU M 22 17.03 -27.55 93.30
N ASP M 23 16.21 -27.00 94.21
CA ASP M 23 16.38 -27.32 95.63
C ASP M 23 16.00 -28.76 95.91
N SER M 24 14.95 -29.27 95.26
CA SER M 24 14.54 -30.65 95.49
C SER M 24 15.59 -31.63 95.00
N MET M 25 16.17 -31.38 93.82
CA MET M 25 17.18 -32.30 93.29
C MET M 25 18.47 -32.24 94.10
N ARG M 26 18.81 -31.07 94.65
CA ARG M 26 19.94 -30.99 95.56
C ARG M 26 19.68 -31.79 96.83
N SER M 27 18.47 -31.71 97.37
CA SER M 27 18.08 -32.49 98.53
C SER M 27 17.76 -33.94 98.21
N GLY M 28 17.74 -34.29 96.93
CA GLY M 28 17.43 -35.66 96.52
C GLY M 28 16.00 -36.08 96.79
N HIS M 29 15.04 -35.19 96.59
CA HIS M 29 13.64 -35.54 96.77
C HIS M 29 13.13 -36.24 95.52
N PRO M 30 12.66 -37.49 95.62
CA PRO M 30 12.14 -38.20 94.44
C PRO M 30 10.70 -37.82 94.12
N ILE M 31 10.52 -36.57 93.71
CA ILE M 31 9.19 -36.10 93.31
C ILE M 31 8.71 -36.86 92.08
N SER M 32 9.58 -37.05 91.10
CA SER M 32 9.27 -37.81 89.91
C SER M 32 10.05 -39.11 89.87
N PRO M 33 9.51 -40.15 89.23
CA PRO M 33 10.28 -41.40 89.10
C PRO M 33 11.60 -41.23 88.38
N ALA M 34 11.68 -40.30 87.42
CA ALA M 34 12.92 -40.04 86.69
C ALA M 34 13.64 -38.89 87.38
N SER M 35 14.64 -39.21 88.18
CA SER M 35 15.42 -38.21 88.88
C SER M 35 16.81 -38.76 89.17
N LEU M 36 17.74 -37.86 89.45
CA LEU M 36 19.12 -38.25 89.72
C LEU M 36 19.21 -39.06 91.02
N GLY M 37 20.04 -40.09 91.01
CA GLY M 37 20.24 -40.95 92.15
C GLY M 37 19.41 -42.21 92.16
N HIS M 38 18.43 -42.33 91.27
CA HIS M 38 17.60 -43.52 91.21
C HIS M 38 18.34 -44.66 90.49
N LEU M 39 17.96 -45.88 90.83
CA LEU M 39 18.48 -47.09 90.21
C LEU M 39 17.34 -47.86 89.58
N ILE M 40 17.50 -48.22 88.31
CA ILE M 40 16.46 -48.96 87.59
C ILE M 40 17.09 -50.18 86.93
N PRO M 41 16.39 -51.31 86.88
CA PRO M 41 16.93 -52.47 86.16
C PRO M 41 17.15 -52.21 84.67
N SER M 42 16.30 -51.40 84.05
CA SER M 42 16.42 -51.10 82.64
C SER M 42 15.67 -49.81 82.34
N LEU M 43 15.93 -49.26 81.16
CA LEU M 43 15.27 -48.02 80.76
C LEU M 43 13.76 -48.22 80.62
N ALA M 44 13.34 -49.35 80.06
CA ALA M 44 11.92 -49.63 79.90
C ALA M 44 11.20 -49.87 81.22
N HIS M 45 11.95 -50.07 82.32
CA HIS M 45 11.38 -50.31 83.64
C HIS M 45 11.72 -49.16 84.58
N LEU M 46 11.55 -47.92 84.09
CA LEU M 46 11.87 -46.75 84.90
C LEU M 46 10.99 -46.65 86.14
N ASP M 47 9.72 -47.08 86.04
CA ASP M 47 8.83 -47.03 87.19
C ASP M 47 9.24 -47.99 88.29
N GLN M 48 10.07 -48.99 87.98
CA GLN M 48 10.55 -49.96 88.98
C GLN M 48 11.85 -49.45 89.59
N ILE M 49 11.70 -48.43 90.45
CA ILE M 49 12.86 -47.85 91.12
C ILE M 49 13.32 -48.78 92.23
N ILE M 50 14.62 -49.11 92.21
CA ILE M 50 15.17 -49.99 93.25
C ILE M 50 15.21 -49.26 94.58
N ASN M 51 15.59 -47.99 94.58
CA ASN M 51 15.68 -47.21 95.81
C ASN M 51 14.28 -46.98 96.40
N ALA M 52 14.15 -47.21 97.70
CA ALA M 52 12.88 -47.02 98.39
C ALA M 52 12.84 -45.66 99.09
N LYS M 53 12.90 -44.62 98.27
CA LYS M 53 12.85 -43.22 98.75
C LYS M 53 13.94 -42.95 99.77
N ALA M 54 15.13 -43.51 99.55
CA ALA M 54 16.29 -43.31 100.41
C ALA M 54 17.47 -42.93 99.52
N ILE M 55 17.60 -41.64 99.23
CA ILE M 55 18.67 -41.14 98.38
C ILE M 55 19.87 -40.81 99.25
N GLU M 56 21.04 -41.32 98.86
CA GLU M 56 22.26 -41.03 99.59
C GLU M 56 22.56 -39.54 99.52
N PRO M 57 22.86 -38.88 100.64
CA PRO M 57 23.15 -37.45 100.59
C PRO M 57 24.34 -37.14 99.72
N PHE M 58 24.26 -36.04 98.98
CA PHE M 58 25.34 -35.62 98.10
C PHE M 58 26.46 -34.99 98.93
N PRO M 59 27.68 -35.48 98.86
CA PRO M 59 28.78 -34.84 99.58
C PRO M 59 29.16 -33.51 98.92
N ALA M 60 30.09 -32.81 99.57
CA ALA M 60 30.55 -31.52 99.07
C ALA M 60 31.26 -31.63 97.73
N THR M 61 31.77 -32.82 97.39
CA THR M 61 32.46 -33.02 96.12
C THR M 61 31.51 -33.28 94.96
N MET M 62 30.21 -33.43 95.22
CA MET M 62 29.23 -33.71 94.19
C MET M 62 28.53 -32.41 93.78
N ASP M 63 28.55 -32.13 92.48
CA ASP M 63 27.92 -30.94 91.92
C ASP M 63 27.02 -31.33 90.77
N ILE M 64 26.01 -30.49 90.51
CA ILE M 64 25.06 -30.72 89.43
C ILE M 64 25.54 -29.98 88.20
N HIS M 65 26.74 -29.40 88.29
CA HIS M 65 27.37 -28.65 87.19
C HIS M 65 26.45 -27.48 86.84
N GLY M 66 26.16 -27.23 85.56
CA GLY M 66 25.37 -26.08 85.18
C GLY M 66 24.25 -26.42 84.22
N PRO M 67 23.25 -25.54 84.13
CA PRO M 67 22.11 -25.74 83.21
C PRO M 67 22.44 -25.39 81.76
N THR M 68 23.01 -26.36 81.05
CA THR M 68 23.33 -26.17 79.63
C THR M 68 22.04 -26.04 78.83
N ILE M 69 21.84 -24.88 78.20
CA ILE M 69 20.59 -24.55 77.54
C ILE M 69 20.75 -24.72 76.03
N ILE M 70 19.75 -25.33 75.40
CA ILE M 70 19.71 -25.52 73.95
C ILE M 70 18.45 -24.86 73.43
N GLU M 71 18.61 -24.01 72.40
CA GLU M 71 17.50 -23.27 71.83
C GLU M 71 17.30 -23.65 70.37
N ASP M 72 16.05 -23.55 69.92
CA ASP M 72 15.66 -23.80 68.53
C ASP M 72 16.13 -25.19 68.07
N PHE M 73 15.65 -26.20 68.77
CA PHE M 73 16.00 -27.59 68.49
C PHE M 73 14.93 -28.19 67.57
N LYS M 74 15.27 -28.31 66.30
CA LYS M 74 14.38 -28.91 65.30
C LYS M 74 15.12 -30.03 64.60
N TRP M 75 14.54 -31.24 64.64
CA TRP M 75 15.16 -32.39 64.00
C TRP M 75 14.10 -33.19 63.25
N ASP M 76 14.48 -33.67 62.07
CA ASP M 76 13.60 -34.45 61.20
C ASP M 76 14.23 -35.82 60.96
N HIS M 77 13.42 -36.86 61.04
CA HIS M 77 13.89 -38.23 60.85
C HIS M 77 12.85 -39.02 60.07
N SER M 78 13.19 -39.43 58.86
CA SER M 78 12.36 -40.30 58.05
C SER M 78 13.05 -41.66 57.92
N HIS M 79 12.42 -42.70 58.45
CA HIS M 79 12.94 -44.06 58.39
C HIS M 79 11.97 -44.90 57.60
N GLU M 80 12.32 -45.22 56.36
CA GLU M 80 11.46 -45.99 55.47
C GLU M 80 12.24 -47.16 54.90
N TYR M 81 11.58 -48.31 54.80
CA TYR M 81 12.18 -49.50 54.23
C TYR M 81 11.09 -50.30 53.50
N SER M 82 11.54 -51.16 52.59
CA SER M 82 10.62 -51.96 51.79
C SER M 82 11.27 -53.31 51.50
N LEU M 83 10.63 -54.39 51.94
CA LEU M 83 11.10 -55.73 51.67
C LEU M 83 10.11 -56.44 50.75
N SER M 84 10.64 -57.32 49.90
CA SER M 84 9.82 -58.11 49.00
C SER M 84 10.44 -59.49 48.83
N LEU M 85 9.60 -60.47 48.54
CA LEU M 85 10.05 -61.84 48.36
C LEU M 85 9.09 -62.55 47.41
N GLY M 86 9.63 -63.51 46.67
CA GLY M 86 8.83 -64.30 45.76
C GLY M 86 9.08 -65.79 45.88
N GLY M 87 8.08 -66.53 46.30
CA GLY M 87 8.21 -67.98 46.42
C GLY M 87 7.38 -68.72 45.41
N LYS M 88 8.02 -69.33 44.42
CA LYS M 88 7.34 -70.06 43.36
C LYS M 88 7.71 -71.53 43.44
N VAL M 89 6.70 -72.38 43.56
CA VAL M 89 6.87 -73.83 43.65
C VAL M 89 6.10 -74.46 42.51
N PRO M 90 6.65 -75.45 41.81
CA PRO M 90 5.94 -76.13 40.73
C PRO M 90 4.89 -77.12 41.25
N LEU M 103 2.12 -78.50 37.29
CA LEU M 103 1.73 -77.61 38.37
C LEU M 103 2.69 -76.41 38.45
N ASN M 104 2.14 -75.24 38.77
CA ASN M 104 2.96 -74.05 38.96
C ASN M 104 2.18 -73.07 39.83
N VAL M 105 2.79 -72.66 40.94
CA VAL M 105 2.18 -71.73 41.89
C VAL M 105 3.22 -70.67 42.25
N GLY M 106 2.84 -69.41 42.12
CA GLY M 106 3.72 -68.31 42.46
C GLY M 106 3.13 -67.46 43.56
N LEU M 107 3.98 -66.98 44.47
CA LEU M 107 3.56 -66.14 45.59
C LEU M 107 4.43 -64.89 45.60
N GLY M 108 3.77 -63.73 45.65
CA GLY M 108 4.48 -62.47 45.74
C GLY M 108 4.10 -61.68 46.98
N GLY M 109 5.06 -61.48 47.89
CA GLY M 109 4.79 -60.77 49.12
C GLY M 109 5.67 -59.55 49.30
N ALA M 110 5.05 -58.38 49.39
CA ALA M 110 5.74 -57.12 49.57
C ALA M 110 5.25 -56.43 50.85
N PHE M 111 6.18 -55.87 51.61
CA PHE M 111 5.86 -55.17 52.85
C PHE M 111 6.67 -53.88 52.89
N SER M 112 5.97 -52.76 52.88
CA SER M 112 6.61 -51.44 52.93
C SER M 112 6.13 -50.71 54.18
N ARG M 113 7.08 -50.24 54.99
CA ARG M 113 6.79 -49.48 56.19
C ARG M 113 7.61 -48.20 56.18
N SER M 114 6.94 -47.06 56.34
CA SER M 114 7.59 -45.76 56.39
C SER M 114 7.15 -45.05 57.66
N VAL M 115 8.11 -44.56 58.44
CA VAL M 115 7.84 -43.82 59.67
C VAL M 115 8.58 -42.50 59.59
N ALA M 116 7.83 -41.40 59.57
CA ALA M 116 8.39 -40.06 59.46
C ALA M 116 8.10 -39.30 60.74
N ASN M 117 9.14 -38.84 61.42
CA ASN M 117 9.02 -38.06 62.63
C ASN M 117 9.54 -36.65 62.41
N TYR M 118 8.87 -35.68 63.04
CA TYR M 118 9.27 -34.28 62.92
C TYR M 118 8.99 -33.61 64.26
N TRP M 119 10.03 -33.21 64.96
CA TRP M 119 9.93 -32.59 66.28
C TRP M 119 10.52 -31.20 66.24
N GLU M 120 9.88 -30.27 66.96
CA GLU M 120 10.41 -28.93 67.15
C GLU M 120 10.26 -28.54 68.61
N PHE M 121 11.35 -28.03 69.19
CA PHE M 121 11.34 -27.58 70.57
C PHE M 121 12.03 -26.23 70.67
N ASP M 122 11.62 -25.43 71.66
CA ASP M 122 12.15 -24.08 71.80
C ASP M 122 13.28 -23.99 72.80
N ARG M 123 13.16 -24.63 73.96
CA ARG M 123 14.18 -24.56 75.00
C ARG M 123 14.33 -25.91 75.68
N LEU M 124 15.58 -26.38 75.75
CA LEU M 124 15.93 -27.58 76.50
C LEU M 124 17.02 -27.23 77.49
N GLU M 125 16.95 -27.84 78.68
CA GLU M 125 17.87 -27.52 79.77
C GLU M 125 18.50 -28.79 80.29
N ARG M 126 19.83 -28.80 80.39
CA ARG M 126 20.61 -29.98 80.71
C ARG M 126 21.14 -29.89 82.13
N TYR M 127 21.01 -30.97 82.89
CA TYR M 127 21.65 -31.12 84.19
C TYR M 127 22.39 -32.45 84.23
N ILE M 128 23.59 -32.44 84.81
CA ILE M 128 24.47 -33.61 84.76
C ILE M 128 25.33 -33.62 86.03
N MET M 129 25.59 -34.84 86.53
CA MET M 129 26.47 -35.03 87.66
C MET M 129 27.41 -36.20 87.36
N GLN M 130 28.57 -36.20 88.01
CA GLN M 130 29.58 -37.22 87.79
C GLN M 130 29.67 -38.14 89.00
N PRO M 131 29.24 -39.41 88.90
CA PRO M 131 29.36 -40.32 90.04
C PRO M 131 30.81 -40.62 90.39
N THR M 132 31.03 -40.90 91.66
CA THR M 132 32.35 -41.25 92.18
C THR M 132 32.34 -42.67 92.72
N ARG M 133 33.54 -43.23 92.89
CA ARG M 133 33.67 -44.60 93.38
C ARG M 133 33.09 -44.75 94.78
N SER M 134 33.37 -43.79 95.66
CA SER M 134 32.87 -43.88 97.03
C SER M 134 31.35 -43.80 97.09
N TYR M 135 30.76 -42.88 96.31
CA TYR M 135 29.32 -42.70 96.35
C TYR M 135 28.58 -43.94 95.84
N VAL M 136 29.06 -44.53 94.75
CA VAL M 136 28.42 -45.73 94.22
C VAL M 136 28.57 -46.89 95.18
N GLN M 137 29.74 -47.02 95.81
CA GLN M 137 29.94 -48.07 96.79
C GLN M 137 29.01 -47.91 97.98
N LYS M 138 28.81 -46.67 98.43
CA LYS M 138 27.85 -46.43 99.51
C LYS M 138 26.43 -46.82 99.08
N CYS M 139 26.05 -46.49 97.85
CA CYS M 139 24.72 -46.84 97.36
C CYS M 139 24.54 -48.35 97.24
N ILE M 140 25.57 -49.06 96.75
CA ILE M 140 25.45 -50.50 96.54
C ILE M 140 25.43 -51.29 97.84
N GLU M 141 25.80 -50.67 98.96
CA GLU M 141 25.78 -51.33 100.26
C GLU M 141 24.47 -51.15 101.00
N ARG M 142 23.48 -50.50 100.40
CA ARG M 142 22.19 -50.32 101.04
C ARG M 142 21.48 -51.66 101.18
N ASP M 143 20.64 -51.76 102.21
CA ASP M 143 19.91 -53.00 102.46
C ASP M 143 18.91 -53.31 101.35
N GLU M 144 18.28 -52.28 100.79
CA GLU M 144 17.31 -52.49 99.71
C GLU M 144 17.99 -53.09 98.49
N VAL M 145 19.17 -52.59 98.14
CA VAL M 145 19.90 -53.13 96.99
C VAL M 145 20.37 -54.56 97.29
N LYS M 146 20.80 -54.81 98.52
CA LYS M 146 21.20 -56.17 98.91
C LYS M 146 20.01 -57.13 98.81
N ARG M 147 18.83 -56.68 99.23
CA ARG M 147 17.63 -57.50 99.09
C ARG M 147 17.32 -57.76 97.62
N TRP M 148 17.43 -56.73 96.78
CA TRP M 148 17.09 -56.87 95.37
C TRP M 148 18.04 -57.85 94.67
N ILE M 149 19.34 -57.74 94.95
CA ILE M 149 20.28 -58.68 94.34
C ILE M 149 20.09 -60.08 94.92
N ALA M 150 19.62 -60.17 96.15
CA ALA M 150 19.31 -61.48 96.73
C ALA M 150 18.09 -62.11 96.08
N LYS M 151 17.22 -61.32 95.46
CA LYS M 151 16.08 -61.87 94.73
C LYS M 151 16.51 -62.68 93.51
N ASN M 152 17.71 -62.44 93.00
CA ASN M 152 18.19 -63.17 91.83
C ASN M 152 18.41 -64.64 92.19
N LYS M 153 17.92 -65.53 91.33
CA LYS M 153 18.02 -66.98 91.55
C LYS M 153 18.38 -67.64 90.22
N SER M 154 19.67 -67.78 89.96
CA SER M 154 20.16 -68.43 88.75
C SER M 154 21.65 -68.74 88.94
N MET M 155 22.17 -69.57 88.05
CA MET M 155 23.58 -69.97 88.09
C MET M 155 24.44 -69.19 87.10
N MET M 156 23.89 -68.84 85.93
CA MET M 156 24.66 -68.07 84.96
C MET M 156 25.03 -66.70 85.51
N MET M 157 24.08 -66.04 86.17
CA MET M 157 24.33 -64.74 86.80
C MET M 157 24.72 -64.92 88.27
N MET M 158 25.88 -65.56 88.45
CA MET M 158 26.42 -65.84 89.79
C MET M 158 26.96 -64.54 90.38
N GLY M 159 26.05 -63.75 90.93
CA GLY M 159 26.39 -62.42 91.43
C GLY M 159 26.42 -61.35 90.38
N ARG M 160 25.88 -61.61 89.19
CA ARG M 160 25.93 -60.66 88.08
C ARG M 160 24.77 -59.68 88.23
N TRP M 161 25.08 -58.45 88.63
CA TRP M 161 24.09 -57.39 88.76
C TRP M 161 24.29 -56.38 87.64
N GLU M 162 23.20 -56.05 86.95
CA GLU M 162 23.21 -55.08 85.85
C GLU M 162 22.14 -54.03 86.16
N VAL M 163 22.54 -52.98 86.87
CA VAL M 163 21.65 -51.90 87.26
C VAL M 163 22.10 -50.61 86.59
N TYR M 164 21.14 -49.76 86.28
CA TYR M 164 21.39 -48.47 85.65
C TYR M 164 21.05 -47.36 86.62
N MET M 165 21.94 -46.38 86.74
CA MET M 165 21.76 -45.23 87.62
C MET M 165 21.54 -43.98 86.77
N ILE M 166 20.51 -43.21 87.13
CA ILE M 166 20.23 -41.97 86.40
C ILE M 166 21.32 -40.95 86.72
N THR M 167 22.03 -40.52 85.69
CA THR M 167 23.15 -39.59 85.86
C THR M 167 22.87 -38.19 85.34
N GLY M 168 22.10 -38.06 84.27
CA GLY M 168 21.79 -36.76 83.72
C GLY M 168 20.36 -36.69 83.24
N ILE M 169 19.79 -35.50 83.31
CA ILE M 169 18.43 -35.24 82.88
C ILE M 169 18.40 -33.96 82.07
N ILE M 170 17.66 -33.98 80.97
CA ILE M 170 17.41 -32.78 80.16
C ILE M 170 15.91 -32.53 80.14
N VAL M 171 15.51 -31.30 80.44
CA VAL M 171 14.11 -30.94 80.66
C VAL M 171 13.69 -29.94 79.60
N ALA M 172 12.56 -30.22 78.95
CA ALA M 172 11.98 -29.28 78.00
C ALA M 172 11.16 -28.23 78.74
N ARG M 173 11.35 -26.97 78.37
CA ARG M 173 10.68 -25.84 79.01
C ARG M 173 9.88 -25.09 77.96
N GLY M 174 8.63 -25.50 77.78
CA GLY M 174 7.75 -24.85 76.81
C GLY M 174 7.09 -25.81 75.85
N GLY M 175 7.24 -27.11 76.10
CA GLY M 175 6.64 -28.10 75.23
C GLY M 175 7.29 -28.12 73.86
N GLY M 176 6.51 -28.52 72.86
CA GLY M 176 7.00 -28.60 71.50
C GLY M 176 5.95 -29.16 70.58
N ARG M 177 6.26 -29.10 69.30
CA ARG M 177 5.37 -29.57 68.24
C ARG M 177 5.88 -30.89 67.70
N LYS M 178 5.02 -31.91 67.67
CA LYS M 178 5.38 -33.23 67.21
C LYS M 178 4.48 -33.64 66.06
N LYS M 179 5.08 -34.27 65.04
CA LYS M 179 4.34 -34.84 63.93
C LYS M 179 4.87 -36.23 63.66
N LYS M 180 3.97 -37.21 63.60
CA LYS M 180 4.35 -38.59 63.31
C LYS M 180 3.44 -39.13 62.21
N GLU M 181 4.03 -39.79 61.23
CA GLU M 181 3.31 -40.39 60.12
C GLU M 181 3.78 -41.82 59.94
N LYS M 182 2.84 -42.74 59.78
CA LYS M 182 3.14 -44.16 59.63
C LYS M 182 2.39 -44.70 58.43
N THR M 183 3.13 -45.19 57.44
CA THR M 183 2.56 -45.80 56.25
C THR M 183 2.92 -47.28 56.22
N THR M 184 1.90 -48.13 56.06
CA THR M 184 2.10 -49.58 56.00
C THR M 184 1.41 -50.11 54.76
N GLY M 185 2.18 -50.68 53.85
CA GLY M 185 1.62 -51.29 52.65
C GLY M 185 1.97 -52.75 52.54
N LYS M 186 0.96 -53.62 52.59
CA LYS M 186 1.15 -55.07 52.51
C LYS M 186 0.42 -55.58 51.27
N GLU M 187 1.18 -56.07 50.30
CA GLU M 187 0.63 -56.65 49.08
C GLU M 187 0.96 -58.14 49.07
N PHE M 188 -0.08 -58.97 49.02
CA PHE M 188 0.07 -60.41 49.07
C PHE M 188 -0.69 -61.00 47.88
N SER M 189 0.05 -61.59 46.94
CA SER M 189 -0.53 -62.15 45.73
C SER M 189 -0.11 -63.61 45.58
N VAL M 190 -1.08 -64.45 45.25
CA VAL M 190 -0.84 -65.88 45.01
C VAL M 190 -1.45 -66.24 43.66
N GLU M 191 -0.61 -66.73 42.74
CA GLU M 191 -1.06 -67.17 41.43
C GLU M 191 -0.98 -68.69 41.38
N VAL M 192 -2.11 -69.34 41.12
CA VAL M 192 -2.16 -70.80 41.07
C VAL M 192 -2.51 -71.26 39.65
N PRO M 204 -6.66 -69.98 38.50
CA PRO M 204 -6.93 -69.60 39.89
C PRO M 204 -5.87 -68.65 40.46
N GLY M 205 -6.30 -67.72 41.30
CA GLY M 205 -5.37 -66.78 41.90
C GLY M 205 -6.04 -65.71 42.74
N GLY M 206 -5.45 -65.41 43.90
CA GLY M 206 -5.99 -64.39 44.78
C GLY M 206 -4.94 -63.39 45.23
N LYS M 207 -5.26 -62.11 45.08
CA LYS M 207 -4.36 -61.03 45.47
C LYS M 207 -5.12 -60.04 46.36
N ARG M 208 -4.44 -59.54 47.39
CA ARG M 208 -5.05 -58.60 48.32
C ARG M 208 -4.02 -57.56 48.74
N ASN M 209 -4.43 -56.29 48.70
CA ASN M 209 -3.59 -55.17 49.09
C ASN M 209 -4.19 -54.49 50.31
N THR M 210 -3.38 -54.29 51.35
CA THR M 210 -3.80 -53.60 52.56
C THR M 210 -2.90 -52.39 52.77
N ALA M 211 -3.44 -51.21 52.55
CA ALA M 211 -2.69 -49.95 52.69
C ALA M 211 -3.29 -49.15 53.84
N ARG M 212 -2.45 -48.82 54.81
CA ARG M 212 -2.86 -48.04 55.97
C ARG M 212 -1.92 -46.84 56.13
N GLN M 213 -2.50 -45.69 56.47
CA GLN M 213 -1.75 -44.44 56.59
C GLN M 213 -2.28 -43.71 57.83
N LYS M 214 -1.51 -43.75 58.91
CA LYS M 214 -1.90 -43.12 60.17
C LYS M 214 -1.12 -41.84 60.38
N THR M 215 -1.79 -40.83 60.93
CA THR M 215 -1.18 -39.53 61.19
C THR M 215 -1.49 -39.11 62.63
N TRP M 216 -0.54 -38.38 63.22
CA TRP M 216 -0.70 -37.90 64.59
C TRP M 216 0.09 -36.61 64.74
N GLY M 217 -0.62 -35.49 64.78
CA GLY M 217 -0.01 -34.18 65.00
C GLY M 217 -0.39 -33.66 66.38
N THR M 218 0.58 -33.10 67.09
CA THR M 218 0.38 -32.70 68.47
C THR M 218 1.19 -31.45 68.76
N SER M 219 0.71 -30.65 69.71
CA SER M 219 1.43 -29.48 70.22
C SER M 219 1.44 -29.59 71.74
N GLN M 220 2.46 -30.28 72.27
CA GLN M 220 2.61 -30.42 73.71
C GLN M 220 2.92 -29.07 74.35
N THR M 221 2.28 -28.80 75.47
CA THR M 221 2.49 -27.55 76.21
C THR M 221 2.77 -27.88 77.67
N GLY M 222 3.82 -27.27 78.21
CA GLY M 222 4.16 -27.47 79.62
C GLY M 222 5.60 -27.89 79.84
N ASP M 223 6.07 -27.76 81.08
CA ASP M 223 7.42 -28.14 81.45
C ASP M 223 7.44 -29.60 81.90
N PHE M 224 8.37 -30.38 81.35
CA PHE M 224 8.46 -31.80 81.65
C PHE M 224 9.83 -32.32 81.27
N VAL M 225 10.26 -33.39 81.94
CA VAL M 225 11.54 -34.00 81.62
C VAL M 225 11.48 -34.59 80.21
N TRP M 226 12.57 -34.43 79.46
CA TRP M 226 12.61 -34.81 78.06
C TRP M 226 13.41 -36.08 77.80
N ALA M 227 14.61 -36.19 78.38
CA ALA M 227 15.45 -37.37 78.18
C ALA M 227 16.37 -37.52 79.38
N VAL M 228 16.94 -38.72 79.52
CA VAL M 228 17.80 -39.05 80.63
C VAL M 228 19.04 -39.77 80.11
N ARG M 229 20.15 -39.58 80.82
CA ARG M 229 21.40 -40.29 80.54
C ARG M 229 21.71 -41.21 81.70
N LEU M 230 21.97 -42.49 81.39
CA LEU M 230 22.21 -43.50 82.39
C LEU M 230 23.62 -44.05 82.26
N ALA M 231 24.20 -44.46 83.39
CA ALA M 231 25.50 -45.09 83.43
C ALA M 231 25.33 -46.52 83.91
N LYS M 232 25.76 -47.47 83.08
CA LYS M 232 25.59 -48.89 83.39
C LYS M 232 26.61 -49.33 84.44
N ILE M 233 26.13 -50.04 85.45
CA ILE M 233 26.98 -50.61 86.49
C ILE M 233 26.85 -52.12 86.43
N THR M 234 27.97 -52.81 86.27
CA THR M 234 27.99 -54.26 86.13
C THR M 234 29.03 -54.86 87.06
N LYS M 235 28.78 -56.11 87.46
CA LYS M 235 29.69 -56.82 88.35
C LYS M 235 29.49 -58.31 88.12
N SER M 236 30.46 -58.96 87.48
CA SER M 236 30.32 -60.38 87.15
C SER M 236 30.20 -61.24 88.40
N GLY M 237 31.01 -60.94 89.42
CA GLY M 237 30.95 -61.70 90.65
C GLY M 237 31.73 -60.99 91.74
N LEU M 238 31.70 -61.59 92.93
CA LEU M 238 32.42 -61.02 94.07
C LEU M 238 33.93 -61.06 93.86
N HIS M 239 34.43 -62.04 93.10
CA HIS M 239 35.85 -62.10 92.81
C HIS M 239 36.30 -60.91 91.98
N SER M 240 35.50 -60.51 91.00
CA SER M 240 35.82 -59.36 90.16
C SER M 240 35.33 -58.07 90.81
N ASP M 241 35.86 -56.95 90.33
CA ASP M 241 35.49 -55.63 90.82
C ASP M 241 34.34 -55.07 89.99
N TRP M 242 33.41 -54.41 90.66
CA TRP M 242 32.26 -53.83 89.97
C TRP M 242 32.71 -52.62 89.16
N LYS M 243 32.28 -52.56 87.91
CA LYS M 243 32.65 -51.50 86.99
C LYS M 243 31.44 -50.68 86.60
N MET M 244 31.71 -49.43 86.20
CA MET M 244 30.67 -48.53 85.73
C MET M 244 31.16 -47.81 84.47
N GLU M 245 30.22 -47.53 83.57
CA GLU M 245 30.54 -46.85 82.33
C GLU M 245 29.27 -46.24 81.75
N THR M 246 29.41 -45.05 81.17
CA THR M 246 28.27 -44.42 80.51
C THR M 246 27.90 -45.18 79.25
N VAL M 247 26.59 -45.38 79.05
CA VAL M 247 26.11 -46.15 77.91
C VAL M 247 26.14 -45.29 76.66
N PHE M 248 26.76 -45.81 75.60
CA PHE M 248 26.81 -45.14 74.32
C PHE M 248 26.10 -45.98 73.26
N GLY M 249 25.52 -45.31 72.27
CA GLY M 249 24.80 -45.98 71.22
C GLY M 249 23.38 -46.37 71.60
N LYS M 250 23.15 -47.65 71.82
CA LYS M 250 21.85 -48.16 72.24
C LYS M 250 22.00 -48.94 73.54
N THR M 251 20.91 -49.00 74.31
CA THR M 251 20.94 -49.71 75.57
C THR M 251 20.96 -51.22 75.35
N SER M 252 21.34 -51.95 76.39
CA SER M 252 21.44 -53.40 76.32
C SER M 252 20.09 -54.11 76.24
N SER M 253 19.00 -53.39 76.44
CA SER M 253 17.68 -53.99 76.38
C SER M 253 17.33 -54.40 74.95
N PHE M 254 16.33 -55.28 74.83
CA PHE M 254 15.92 -55.76 73.53
C PHE M 254 15.33 -54.64 72.69
N ARG M 255 15.82 -54.51 71.46
CA ARG M 255 15.37 -53.48 70.52
C ARG M 255 15.46 -52.09 71.15
N GLY M 256 16.54 -51.85 71.89
CA GLY M 256 16.75 -50.57 72.54
C GLY M 256 16.87 -49.41 71.56
N GLN M 257 16.17 -48.33 71.84
CA GLN M 257 16.20 -47.17 70.97
C GLN M 257 17.57 -46.50 71.03
N LYS M 258 18.07 -46.07 69.87
CA LYS M 258 19.38 -45.44 69.81
C LYS M 258 19.30 -44.01 70.34
N ALA M 259 20.44 -43.51 70.82
CA ALA M 259 20.49 -42.17 71.35
C ALA M 259 20.19 -41.15 70.26
N ILE M 260 19.35 -40.15 70.60
CA ILE M 260 18.98 -39.14 69.63
C ILE M 260 20.14 -38.18 69.37
N PHE M 261 20.73 -37.64 70.43
CA PHE M 261 21.82 -36.69 70.29
C PHE M 261 22.66 -36.60 71.57
CA GLU N 8 46.60 -34.04 65.39
C GLU N 8 46.90 -33.23 66.64
N GLU N 9 46.83 -31.90 66.52
CA GLU N 9 47.15 -31.03 67.65
C GLU N 9 46.13 -31.17 68.78
N TRP N 10 44.85 -31.29 68.44
CA TRP N 10 43.80 -31.33 69.44
C TRP N 10 42.80 -32.43 69.11
N PHE N 11 42.13 -32.92 70.15
CA PHE N 11 41.08 -33.92 70.01
C PHE N 11 39.74 -33.28 70.28
N PRO N 12 38.89 -33.09 69.27
CA PRO N 12 37.59 -32.46 69.52
C PRO N 12 36.64 -33.41 70.24
N LEU N 13 35.92 -32.86 71.22
CA LEU N 13 34.92 -33.61 71.97
C LEU N 13 33.54 -33.39 71.36
N LYS N 14 32.85 -34.47 71.04
CA LYS N 14 31.48 -34.39 70.53
C LYS N 14 30.46 -34.46 71.67
N GLN N 15 30.67 -33.62 72.69
CA GLN N 15 29.80 -33.57 73.87
C GLN N 15 29.67 -32.12 74.29
N THR N 16 28.48 -31.77 74.81
CA THR N 16 28.22 -30.36 75.22
C THR N 16 27.61 -30.36 76.63
N HIS N 17 27.76 -31.46 77.37
CA HIS N 17 27.21 -31.54 78.75
C HIS N 17 28.33 -31.27 79.76
N TYR N 18 29.40 -30.61 79.32
CA TYR N 18 30.54 -30.29 80.22
C TYR N 18 30.70 -28.77 80.32
N PRO N 19 30.27 -28.13 81.42
CA PRO N 19 30.43 -26.69 81.60
C PRO N 19 31.90 -26.32 81.77
N PRO N 20 32.29 -25.10 81.44
CA PRO N 20 33.68 -24.70 81.54
C PRO N 20 34.05 -24.36 82.97
N PRO N 21 35.29 -24.64 83.38
CA PRO N 21 35.74 -24.21 84.70
C PRO N 21 35.93 -22.70 84.75
N THR N 22 35.79 -22.14 85.96
CA THR N 22 36.01 -20.71 86.12
C THR N 22 37.50 -20.42 86.23
N ILE N 23 37.86 -19.17 85.91
CA ILE N 23 39.27 -18.78 85.92
C ILE N 23 39.89 -18.88 87.31
N PRO N 24 39.28 -18.37 88.38
CA PRO N 24 39.94 -18.49 89.71
C PRO N 24 40.21 -19.91 90.13
N SER N 25 39.33 -20.85 89.79
CA SER N 25 39.51 -22.25 90.16
C SER N 25 40.31 -23.04 89.15
N MET N 26 40.78 -22.40 88.08
CA MET N 26 41.55 -23.12 87.06
C MET N 26 42.88 -23.63 87.63
N LYS N 27 43.57 -22.82 88.43
CA LYS N 27 44.91 -23.14 88.90
C LYS N 27 45.00 -23.19 90.42
N THR N 28 43.87 -23.33 91.11
CA THR N 28 43.87 -23.41 92.57
C THR N 28 44.07 -24.82 93.09
N GLY N 29 44.06 -25.83 92.22
CA GLY N 29 44.20 -27.21 92.63
C GLY N 29 42.88 -27.93 92.85
N HIS N 30 41.77 -27.21 92.96
CA HIS N 30 40.45 -27.79 93.15
C HIS N 30 39.54 -27.25 92.06
N PRO N 31 39.47 -27.91 90.91
CA PRO N 31 38.65 -27.42 89.80
C PRO N 31 37.17 -27.46 90.13
N THR N 32 36.43 -26.54 89.53
CA THR N 32 34.98 -26.46 89.69
C THR N 32 34.22 -27.01 88.49
N GLY N 33 34.90 -27.68 87.57
CA GLY N 33 34.26 -28.22 86.39
C GLY N 33 34.55 -29.69 86.19
N PRO N 34 33.74 -30.34 85.35
CA PRO N 34 33.96 -31.79 85.12
C PRO N 34 35.32 -32.10 84.51
N ILE N 35 35.83 -31.24 83.64
CA ILE N 35 37.12 -31.43 82.99
C ILE N 35 37.95 -30.17 83.16
N SER N 36 39.16 -30.30 83.67
CA SER N 36 40.06 -29.18 83.87
C SER N 36 41.49 -29.67 83.78
N ILE N 37 42.42 -28.72 83.63
CA ILE N 37 43.83 -29.05 83.54
C ILE N 37 44.30 -29.63 84.87
N GLY N 38 44.91 -30.80 84.83
CA GLY N 38 45.37 -31.49 86.03
C GLY N 38 44.69 -32.80 86.32
N HIS N 39 43.74 -33.24 85.50
CA HIS N 39 43.04 -34.50 85.71
C HIS N 39 43.77 -35.64 85.01
N ILE N 40 43.53 -36.86 85.51
CA ILE N 40 44.08 -38.08 84.93
C ILE N 40 42.92 -39.01 84.60
N ILE N 41 42.88 -39.47 83.35
CA ILE N 41 41.82 -40.38 82.90
C ILE N 41 42.44 -41.68 82.43
N PRO N 42 41.80 -42.83 82.67
CA PRO N 42 42.35 -44.09 82.17
C PRO N 42 42.43 -44.16 80.66
N ASP N 43 41.48 -43.56 79.95
CA ASP N 43 41.45 -43.61 78.50
C ASP N 43 40.57 -42.48 77.99
N LEU N 44 40.66 -42.22 76.69
CA LEU N 44 39.85 -41.18 76.08
C LEU N 44 38.35 -41.52 76.17
N ARG N 45 38.00 -42.79 75.93
CA ARG N 45 36.61 -43.19 76.02
C ARG N 45 36.07 -43.03 77.44
N HIS N 46 36.86 -43.45 78.44
CA HIS N 46 36.47 -43.28 79.84
C HIS N 46 36.84 -41.89 80.33
N LEU N 47 36.36 -40.86 79.63
CA LEU N 47 36.71 -39.48 79.95
C LEU N 47 36.05 -39.00 81.25
N ASP N 48 34.92 -39.59 81.63
CA ASP N 48 34.20 -39.18 82.83
C ASP N 48 34.71 -39.83 84.10
N ASN N 49 35.69 -40.73 84.00
CA ASN N 49 36.25 -41.43 85.16
C ASN N 49 37.55 -40.71 85.56
N VAL N 50 37.39 -39.60 86.27
CA VAL N 50 38.54 -38.83 86.75
C VAL N 50 39.16 -39.56 87.93
N ILE N 51 40.43 -39.95 87.79
CA ILE N 51 41.11 -40.67 88.87
C ILE N 51 41.34 -39.75 90.06
N ASN N 52 41.84 -38.54 89.81
CA ASN N 52 42.10 -37.57 90.88
C ASN N 52 40.87 -36.68 91.10
N CYS N 53 39.77 -37.31 91.51
CA CYS N 53 38.53 -36.59 91.73
C CYS N 53 38.65 -35.60 92.89
N LYS N 54 39.38 -35.99 93.94
CA LYS N 54 39.51 -35.11 95.10
C LYS N 54 40.22 -33.81 94.75
N GLY N 55 41.27 -33.89 93.96
CA GLY N 55 42.01 -32.71 93.56
C GLY N 55 43.44 -33.05 93.22
N PHE N 56 44.27 -32.01 93.16
CA PHE N 56 45.69 -32.16 92.83
C PHE N 56 46.44 -30.98 93.42
N GLU N 57 47.77 -31.10 93.41
CA GLU N 57 48.61 -30.07 93.98
C GLU N 57 48.49 -28.77 93.18
N PRO N 58 48.51 -27.61 93.84
CA PRO N 58 48.46 -26.35 93.10
C PRO N 58 49.68 -26.16 92.21
N PHE N 59 49.49 -25.41 91.14
CA PHE N 59 50.58 -25.19 90.19
C PHE N 59 51.70 -24.39 90.85
N PRO N 60 52.95 -24.80 90.70
CA PRO N 60 54.07 -24.01 91.23
C PRO N 60 54.19 -22.67 90.52
N PRO N 61 54.86 -21.70 91.13
CA PRO N 61 55.00 -20.38 90.47
C PRO N 61 55.66 -20.45 89.11
N ASN N 62 56.56 -21.42 88.89
CA ASN N 62 57.15 -21.60 87.57
C ASN N 62 56.08 -21.95 86.55
N MET N 63 55.13 -22.80 86.91
CA MET N 63 54.05 -23.16 86.02
C MET N 63 53.18 -21.93 85.71
N ASP N 64 52.75 -21.84 84.45
CA ASP N 64 51.86 -20.76 84.03
C ASP N 64 51.01 -21.28 82.88
N VAL N 65 49.87 -20.62 82.66
CA VAL N 65 48.91 -20.97 81.63
C VAL N 65 49.00 -19.94 80.51
N PHE N 66 49.10 -20.42 79.28
CA PHE N 66 49.15 -19.55 78.11
C PHE N 66 47.77 -19.55 77.44
N THR N 67 47.28 -18.36 77.11
CA THR N 67 45.94 -18.18 76.57
C THR N 67 46.00 -17.67 75.14
N ALA N 68 45.05 -18.12 74.32
CA ALA N 68 44.91 -17.66 72.95
C ALA N 68 43.44 -17.36 72.68
N HIS N 69 43.20 -16.46 71.74
CA HIS N 69 41.85 -16.00 71.42
C HIS N 69 41.58 -16.19 69.93
N TYR N 70 40.34 -16.57 69.61
CA TYR N 70 39.91 -16.78 68.23
C TYR N 70 38.49 -16.23 68.07
N GLU N 71 38.24 -15.65 66.89
CA GLU N 71 36.93 -15.09 66.58
C GLU N 71 36.49 -15.55 65.21
N GLN N 72 35.16 -15.65 65.03
CA GLN N 72 34.56 -16.09 63.77
C GLN N 72 35.11 -17.45 63.32
N CYS N 73 35.35 -18.34 64.29
CA CYS N 73 35.87 -19.66 63.98
C CYS N 73 34.74 -20.60 63.60
N HIS N 74 34.88 -21.27 62.45
CA HIS N 74 33.90 -22.22 61.98
C HIS N 74 34.61 -23.47 61.49
N PHE N 75 33.89 -24.60 61.53
CA PHE N 75 34.46 -25.89 61.17
C PHE N 75 33.40 -26.74 60.50
N GLY N 76 33.62 -27.06 59.23
CA GLY N 76 32.69 -27.91 58.49
C GLY N 76 33.41 -29.02 57.77
N ASP N 77 32.81 -30.20 57.79
CA ASP N 77 33.40 -31.37 57.16
C ASP N 77 32.31 -32.25 56.57
N HIS N 78 32.69 -33.08 55.60
CA HIS N 78 31.79 -33.99 54.93
C HIS N 78 32.43 -35.38 54.86
N LEU N 79 31.60 -36.38 54.59
CA LEU N 79 32.09 -37.75 54.48
C LEU N 79 31.16 -38.54 53.57
N ASN N 80 31.74 -39.25 52.61
CA ASN N 80 31.00 -40.13 51.72
C ASN N 80 31.64 -41.51 51.75
N SER N 81 30.83 -42.53 52.02
CA SER N 81 31.29 -43.91 52.05
C SER N 81 30.34 -44.75 51.21
N GLU N 82 30.86 -45.34 50.13
CA GLU N 82 30.06 -46.13 49.20
C GLU N 82 30.66 -47.53 49.13
N PHE N 83 30.19 -48.42 50.00
CA PHE N 83 30.61 -49.82 50.00
C PHE N 83 29.69 -50.59 49.05
N VAL N 84 30.21 -50.93 47.87
CA VAL N 84 29.42 -51.59 46.82
C VAL N 84 30.04 -52.94 46.53
N VAL N 85 29.20 -53.98 46.55
CA VAL N 85 29.60 -55.34 46.20
C VAL N 85 28.66 -55.84 45.10
N GLN N 86 29.23 -56.18 43.95
CA GLN N 86 28.47 -56.68 42.81
C GLN N 86 28.94 -58.09 42.47
N ALA N 87 27.99 -59.01 42.33
CA ALA N 87 28.31 -60.40 42.00
C ALA N 87 27.27 -60.98 41.04
N SER N 105 25.87 -64.61 43.92
CA SER N 105 24.67 -64.02 43.33
C SER N 105 23.97 -63.10 44.32
N ALA N 106 24.64 -62.01 44.69
CA ALA N 106 24.10 -61.04 45.63
C ALA N 106 24.63 -59.66 45.30
N GLY N 107 23.88 -58.64 45.71
CA GLY N 107 24.28 -57.27 45.51
C GLY N 107 24.10 -56.41 46.75
N LEU N 108 25.17 -55.77 47.20
CA LEU N 108 25.16 -54.95 48.41
C LEU N 108 25.55 -53.53 48.05
N HIS N 109 24.79 -52.57 48.58
CA HIS N 109 25.06 -51.15 48.36
C HIS N 109 24.86 -50.42 49.70
N HIS N 110 25.95 -50.03 50.34
CA HIS N 110 25.92 -49.29 51.59
C HIS N 110 26.46 -47.89 51.33
N THR N 111 25.57 -46.90 51.35
CA THR N 111 25.94 -45.51 51.08
C THR N 111 25.74 -44.69 52.35
N ASN N 112 26.83 -44.12 52.85
CA ASN N 112 26.79 -43.25 54.02
C ASN N 112 27.22 -41.85 53.61
N ILE N 113 26.37 -40.86 53.90
CA ILE N 113 26.66 -39.46 53.62
C ILE N 113 26.48 -38.68 54.91
N THR N 114 27.55 -38.07 55.41
CA THR N 114 27.54 -37.35 56.66
C THR N 114 28.03 -35.91 56.44
N SER N 115 27.34 -34.96 57.04
CA SER N 115 27.70 -33.55 56.94
C SER N 115 27.60 -32.90 58.31
N ASP N 116 28.67 -32.23 58.73
CA ASP N 116 28.71 -31.56 60.01
C ASP N 116 29.21 -30.13 59.82
N ARG N 117 28.57 -29.18 60.51
CA ARG N 117 28.95 -27.79 60.44
C ARG N 117 28.85 -27.17 61.84
N TRP N 118 29.93 -26.55 62.28
CA TRP N 118 29.96 -25.81 63.53
C TRP N 118 30.37 -24.37 63.24
N GLU N 119 29.57 -23.42 63.70
CA GLU N 119 29.85 -21.99 63.54
C GLU N 119 29.88 -21.36 64.92
N TYR N 120 31.09 -21.10 65.42
CA TYR N 120 31.27 -20.49 66.74
C TYR N 120 31.20 -18.97 66.63
N ASP N 121 31.41 -18.30 67.75
CA ASP N 121 31.43 -16.85 67.77
C ASP N 121 32.70 -16.34 68.45
N SER N 122 33.17 -17.06 69.46
CA SER N 122 34.39 -16.70 70.17
C SER N 122 34.92 -17.94 70.87
N VAL N 123 36.23 -18.16 70.74
CA VAL N 123 36.89 -19.34 71.29
C VAL N 123 38.14 -18.90 72.04
N VAL N 124 38.35 -19.50 73.21
CA VAL N 124 39.53 -19.25 74.03
C VAL N 124 40.26 -20.57 74.25
N GLU N 125 41.58 -20.54 74.24
CA GLU N 125 42.41 -21.73 74.36
C GLU N 125 43.41 -21.54 75.50
N TYR N 126 43.44 -22.51 76.41
CA TYR N 126 44.37 -22.50 77.54
C TYR N 126 45.31 -23.69 77.41
N ALA N 127 46.61 -23.45 77.56
CA ALA N 127 47.61 -24.51 77.44
C ALA N 127 48.63 -24.38 78.56
N VAL N 128 49.26 -25.50 78.88
CA VAL N 128 50.29 -25.59 79.93
C VAL N 128 51.32 -26.61 79.49
N TYR N 129 52.48 -26.61 80.16
CA TYR N 129 53.55 -27.55 79.89
C TYR N 129 53.95 -28.25 81.18
N PRO N 130 54.06 -29.57 81.19
CA PRO N 130 54.38 -30.29 82.42
C PRO N 130 55.87 -30.27 82.72
N THR N 131 56.21 -30.78 83.91
CA THR N 131 57.59 -30.90 84.36
C THR N 131 57.77 -32.27 85.00
N ARG N 132 59.00 -32.79 84.93
CA ARG N 132 59.29 -34.11 85.44
C ARG N 132 58.98 -34.22 86.93
N GLN N 133 59.42 -33.24 87.72
CA GLN N 133 59.18 -33.29 89.15
C GLN N 133 57.70 -33.13 89.49
N TYR N 134 56.99 -32.29 88.72
CA TYR N 134 55.56 -32.09 89.00
C TYR N 134 54.76 -33.35 88.73
N ILE N 135 55.08 -34.07 87.66
CA ILE N 135 54.38 -35.33 87.38
C ILE N 135 54.73 -36.37 88.42
N ASP N 136 56.00 -36.40 88.85
CA ASP N 136 56.40 -37.37 89.87
C ASP N 136 55.67 -37.14 91.18
N ARG N 137 55.55 -35.87 91.60
CA ARG N 137 54.81 -35.60 92.83
C ARG N 137 53.30 -35.79 92.63
N LEU N 138 52.82 -35.66 91.40
CA LEU N 138 51.41 -35.95 91.12
C LEU N 138 51.12 -37.43 91.25
N LEU N 139 52.07 -38.29 90.83
CA LEU N 139 51.91 -39.73 90.95
C LEU N 139 51.89 -40.21 92.39
N GLU N 140 52.30 -39.38 93.34
CA GLU N 140 52.30 -39.72 94.76
C GLU N 140 50.95 -39.46 95.42
N SER N 141 49.97 -38.96 94.68
CA SER N 141 48.65 -38.71 95.25
C SER N 141 47.97 -40.03 95.62
N LYS N 142 47.07 -39.95 96.61
CA LYS N 142 46.44 -41.15 97.15
C LYS N 142 45.65 -41.89 96.07
N GLU N 143 44.78 -41.18 95.35
CA GLU N 143 43.99 -41.82 94.31
C GLU N 143 44.88 -42.30 93.16
N VAL N 144 45.88 -41.49 92.79
CA VAL N 144 46.76 -41.87 91.70
C VAL N 144 47.59 -43.09 92.07
N ARG N 145 48.13 -43.13 93.30
CA ARG N 145 48.95 -44.25 93.70
C ARG N 145 48.11 -45.53 93.84
N GLN N 146 46.85 -45.38 94.28
CA GLN N 146 45.97 -46.55 94.35
C GLN N 146 45.72 -47.13 92.97
N TYR N 147 45.46 -46.26 91.99
CA TYR N 147 45.17 -46.75 90.63
C TYR N 147 46.40 -47.41 90.02
N ILE N 148 47.58 -46.82 90.18
CA ILE N 148 48.77 -47.39 89.56
C ILE N 148 49.13 -48.73 90.18
N GLN N 149 48.90 -48.87 91.49
CA GLN N 149 49.11 -50.17 92.13
C GLN N 149 48.15 -51.21 91.60
N LYS N 150 46.87 -50.85 91.43
CA LYS N 150 45.90 -51.78 90.87
C LYS N 150 46.24 -52.14 89.43
N SER N 151 46.65 -51.15 88.63
CA SER N 151 47.02 -51.42 87.25
C SER N 151 48.25 -52.31 87.18
N LYS N 152 49.26 -52.05 88.02
CA LYS N 152 50.45 -52.90 88.03
C LYS N 152 50.12 -54.31 88.48
N LYS N 153 49.24 -54.45 89.48
CA LYS N 153 48.83 -55.77 89.93
C LYS N 153 48.08 -56.53 88.84
N LEU N 154 47.22 -55.82 88.10
CA LEU N 154 46.42 -56.48 87.07
C LEU N 154 47.20 -56.59 85.76
N LEU N 155 47.69 -55.47 85.25
CA LEU N 155 48.40 -55.43 83.97
C LEU N 155 49.90 -55.35 84.19
N GLY N 156 50.65 -55.91 83.24
CA GLY N 156 52.11 -55.89 83.35
C GLY N 156 52.67 -54.48 83.27
N GLY N 157 52.15 -53.67 82.35
CA GLY N 157 52.60 -52.29 82.21
C GLY N 157 51.44 -51.31 82.25
N TRP N 158 51.54 -50.32 83.14
CA TRP N 158 50.47 -49.35 83.30
C TRP N 158 50.63 -48.19 82.34
N CYS N 159 49.51 -47.57 81.99
CA CYS N 159 49.51 -46.41 81.11
C CYS N 159 48.29 -45.56 81.41
N VAL N 160 48.49 -44.26 81.57
CA VAL N 160 47.43 -43.31 81.87
C VAL N 160 47.57 -42.10 80.96
N TYR N 161 46.57 -41.23 81.00
CA TYR N 161 46.56 -40.00 80.23
C TYR N 161 46.27 -38.82 81.14
N MET N 162 46.83 -37.67 80.78
CA MET N 162 46.63 -36.44 81.53
C MET N 162 46.19 -35.33 80.59
N VAL N 163 45.16 -34.59 81.00
CA VAL N 163 44.68 -33.46 80.21
C VAL N 163 45.64 -32.29 80.37
N THR N 164 46.07 -31.73 79.25
CA THR N 164 47.05 -30.64 79.24
C THR N 164 46.42 -29.28 78.96
N GLY N 165 45.64 -29.17 77.88
CA GLY N 165 44.98 -27.93 77.56
C GLY N 165 43.52 -28.16 77.23
N ILE N 166 42.74 -27.08 77.31
CA ILE N 166 41.32 -27.11 77.02
C ILE N 166 40.98 -25.91 76.15
N MET N 167 40.09 -26.12 75.19
CA MET N 167 39.59 -25.06 74.32
C MET N 167 38.12 -24.84 74.65
N VAL N 168 37.76 -23.60 75.01
CA VAL N 168 36.44 -23.27 75.53
C VAL N 168 35.78 -22.27 74.59
N ALA N 169 34.56 -22.58 74.17
CA ALA N 169 33.76 -21.65 73.38
C ALA N 169 33.09 -20.63 74.29
N ARG N 170 32.67 -19.51 73.68
CA ARG N 170 31.98 -18.45 74.40
C ARG N 170 30.65 -18.18 73.72
N GLY N 171 29.56 -18.30 74.47
CA GLY N 171 28.24 -18.06 73.92
C GLY N 171 27.70 -19.16 73.03
N GLY N 172 28.38 -20.31 72.96
CA GLY N 172 27.92 -21.39 72.12
C GLY N 172 28.11 -21.10 70.63
N GLY N 173 27.50 -21.96 69.83
CA GLY N 173 27.57 -21.81 68.39
C GLY N 173 26.57 -22.70 67.70
N ARG N 174 26.18 -22.29 66.49
CA ARG N 174 25.21 -23.04 65.71
C ARG N 174 25.81 -24.36 65.24
N ASN N 175 24.98 -25.41 65.23
CA ASN N 175 25.39 -26.73 64.78
C ASN N 175 24.34 -27.28 63.82
N VAL N 176 24.80 -27.81 62.69
CA VAL N 176 23.95 -28.46 61.71
C VAL N 176 24.53 -29.83 61.38
N THR N 177 23.71 -30.87 61.52
CA THR N 177 24.13 -32.24 61.25
C THR N 177 23.16 -32.87 60.27
N SER N 178 23.70 -33.52 59.24
CA SER N 178 22.90 -34.19 58.22
C SER N 178 23.50 -35.57 57.98
N GLU N 179 22.74 -36.61 58.31
CA GLU N 179 23.17 -37.99 58.15
C GLU N 179 22.21 -38.72 57.23
N GLU N 180 22.75 -39.48 56.29
CA GLU N 180 21.95 -40.26 55.34
C GLU N 180 22.59 -41.62 55.17
N LYS N 181 21.88 -42.67 55.58
CA LYS N 181 22.38 -44.03 55.51
C LYS N 181 21.42 -44.86 54.68
N GLY N 182 21.89 -45.36 53.54
CA GLY N 182 21.09 -46.23 52.69
C GLY N 182 21.73 -47.58 52.48
N ALA N 183 21.04 -48.64 52.91
CA ALA N 183 21.55 -50.00 52.78
C ALA N 183 20.59 -50.80 51.91
N GLY N 184 21.11 -51.33 50.80
CA GLY N 184 20.32 -52.15 49.91
C GLY N 184 20.98 -53.49 49.62
N VAL N 185 20.34 -54.57 50.05
CA VAL N 185 20.85 -55.92 49.84
C VAL N 185 19.82 -56.69 49.02
N SER N 186 20.27 -57.24 47.89
CA SER N 186 19.42 -58.05 47.02
C SER N 186 20.09 -59.41 46.85
N GLY N 187 19.44 -60.46 47.38
CA GLY N 187 19.96 -61.81 47.31
C GLY N 187 19.09 -62.68 46.42
N ASN N 188 19.74 -63.38 45.50
CA ASN N 188 19.07 -64.29 44.56
C ASN N 188 19.47 -65.72 44.89
N VAL N 189 18.46 -66.57 45.09
CA VAL N 189 18.66 -67.98 45.42
C VAL N 189 18.12 -68.82 44.29
N GLY N 190 18.94 -69.74 43.79
CA GLY N 190 18.53 -70.62 42.71
C GLY N 190 19.08 -72.03 42.83
N PHE N 199 11.89 -73.70 42.48
CA PHE N 199 11.96 -72.95 43.72
C PHE N 199 13.17 -72.02 43.71
N ALA N 200 12.95 -70.76 43.34
CA ALA N 200 14.02 -69.75 43.25
C ALA N 200 13.57 -68.51 44.00
N PRO N 201 13.64 -68.53 45.33
CA PRO N 201 13.24 -67.36 46.11
C PRO N 201 14.23 -66.22 45.92
N GLU N 202 13.72 -65.00 46.07
CA GLU N 202 14.53 -63.78 45.99
C GLU N 202 14.19 -62.88 47.16
N VAL N 203 15.21 -62.34 47.82
CA VAL N 203 15.04 -61.48 48.97
C VAL N 203 15.60 -60.10 48.64
N GLY N 204 14.78 -59.08 48.80
CA GLY N 204 15.21 -57.71 48.55
C GLY N 204 14.91 -56.78 49.71
N TRP N 205 15.96 -56.27 50.35
CA TRP N 205 15.85 -55.36 51.48
C TRP N 205 16.42 -54.00 51.08
N ASP N 206 15.62 -52.95 51.24
CA ASP N 206 16.01 -51.59 50.86
C ASP N 206 15.60 -50.66 51.99
N THR N 207 16.55 -50.30 52.85
CA THR N 207 16.29 -49.40 53.97
C THR N 207 17.04 -48.08 53.79
N LYS N 208 16.40 -46.99 54.22
CA LYS N 208 16.97 -45.67 54.14
C LYS N 208 16.70 -44.92 55.44
N THR N 209 17.68 -44.14 55.88
CA THR N 209 17.55 -43.36 57.11
C THR N 209 18.08 -41.95 56.88
N LYS N 210 17.27 -40.96 57.23
CA LYS N 210 17.65 -39.56 57.13
C LYS N 210 17.53 -38.91 58.50
N THR N 211 18.47 -38.01 58.82
CA THR N 211 18.45 -37.31 60.09
C THR N 211 19.09 -35.94 59.90
N LYS N 212 18.31 -34.90 60.12
CA LYS N 212 18.78 -33.52 60.04
C LYS N 212 18.50 -32.84 61.36
N VAL N 213 19.55 -32.45 62.06
CA VAL N 213 19.45 -31.86 63.41
C VAL N 213 20.03 -30.46 63.37
N ASN N 214 19.24 -29.49 63.81
CA ASN N 214 19.67 -28.10 63.94
C ASN N 214 19.66 -27.72 65.41
N ALA N 215 20.77 -27.16 65.89
CA ALA N 215 20.90 -26.79 67.28
C ALA N 215 21.53 -25.40 67.39
N HIS N 216 21.07 -24.63 68.37
CA HIS N 216 21.57 -23.28 68.64
C HIS N 216 21.91 -23.20 70.13
N HIS N 217 23.13 -23.58 70.49
CA HIS N 217 23.57 -23.48 71.86
C HIS N 217 23.82 -22.02 72.25
N THR N 218 23.54 -21.71 73.51
CA THR N 218 23.69 -20.34 74.03
C THR N 218 24.38 -20.38 75.39
N THR N 219 25.36 -21.26 75.55
CA THR N 219 26.12 -21.34 76.78
C THR N 219 27.51 -21.88 76.48
N ASP N 220 28.44 -21.61 77.40
CA ASP N 220 29.83 -22.01 77.21
C ASP N 220 30.00 -23.51 77.49
N PHE N 221 30.92 -24.12 76.75
CA PHE N 221 31.22 -25.54 76.93
C PHE N 221 32.61 -25.83 76.41
N VAL N 222 33.15 -26.97 76.84
CA VAL N 222 34.50 -27.38 76.45
C VAL N 222 34.46 -27.99 75.06
N CYS N 223 35.36 -27.53 74.19
CA CYS N 223 35.40 -27.98 72.80
C CYS N 223 36.39 -29.13 72.60
N ALA N 224 37.66 -28.90 72.91
CA ALA N 224 38.69 -29.89 72.63
C ALA N 224 39.73 -29.86 73.74
N ILE N 225 40.46 -30.96 73.86
CA ILE N 225 41.49 -31.12 74.89
C ILE N 225 42.73 -31.75 74.26
N ARG N 226 43.86 -31.60 74.95
CA ARG N 226 45.11 -32.25 74.58
C ARG N 226 45.49 -33.25 75.66
N LEU N 227 45.92 -34.43 75.23
CA LEU N 227 46.23 -35.54 76.13
C LEU N 227 47.72 -35.86 76.07
N VAL N 228 48.31 -36.06 77.24
CA VAL N 228 49.71 -36.50 77.36
C VAL N 228 49.70 -37.90 77.94
N LYS N 229 50.39 -38.82 77.26
CA LYS N 229 50.38 -40.23 77.63
C LYS N 229 51.56 -40.54 78.53
N ILE N 230 51.29 -41.10 79.70
CA ILE N 230 52.30 -41.53 80.65
C ILE N 230 52.22 -43.04 80.79
N ALA N 231 53.28 -43.74 80.41
CA ALA N 231 53.30 -45.20 80.44
C ALA N 231 54.63 -45.68 81.02
N LYS N 232 54.59 -46.88 81.59
CA LYS N 232 55.80 -47.53 82.10
C LYS N 232 55.60 -49.04 82.06
N SER N 233 56.57 -49.75 81.49
CA SER N 233 56.50 -51.20 81.38
C SER N 233 57.91 -51.75 81.30
N GLY N 234 58.03 -53.04 81.59
CA GLY N 234 59.33 -53.69 81.57
C GLY N 234 60.24 -53.31 82.70
N LEU N 235 59.68 -52.89 83.84
CA LEU N 235 60.47 -52.48 85.01
C LEU N 235 61.44 -51.35 84.65
N ARG N 236 60.92 -50.34 83.97
CA ARG N 236 61.73 -49.19 83.61
C ARG N 236 62.08 -48.37 84.84
N SER N 237 63.27 -47.77 84.81
CA SER N 237 63.72 -46.94 85.94
C SER N 237 62.80 -45.74 86.13
N SER N 238 62.38 -45.10 85.04
CA SER N 238 61.49 -43.96 85.09
C SER N 238 60.41 -44.12 84.03
N TRP N 239 59.26 -43.50 84.27
CA TRP N 239 58.16 -43.56 83.32
C TRP N 239 58.46 -42.74 82.08
N THR N 240 57.68 -43.00 81.03
CA THR N 240 57.87 -42.35 79.73
C THR N 240 56.68 -41.45 79.44
N MET N 241 56.96 -40.24 78.97
CA MET N 241 55.95 -39.26 78.63
C MET N 241 55.97 -39.01 77.12
N LYS N 242 54.80 -39.11 76.49
CA LYS N 242 54.68 -38.96 75.05
C LYS N 242 53.44 -38.13 74.72
N LYS N 243 53.36 -37.69 73.48
CA LYS N 243 52.23 -36.94 72.97
C LYS N 243 51.42 -37.81 72.02
N VAL N 244 50.11 -37.55 71.96
CA VAL N 244 49.18 -38.33 71.15
C VAL N 244 48.54 -37.42 70.13
N THR N 245 48.54 -37.85 68.86
CA THR N 245 47.95 -37.10 67.77
C THR N 245 47.01 -38.01 66.98
N ARG N 246 45.97 -37.41 66.42
CA ARG N 246 45.00 -38.15 65.62
C ARG N 246 45.48 -38.27 64.17
CA MET O 5 68.36 -21.84 49.87
C MET O 5 68.52 -20.37 50.23
N ASP O 6 67.42 -19.62 50.17
CA ASP O 6 67.43 -18.19 50.47
C ASP O 6 66.63 -17.83 51.71
N LYS O 7 65.51 -18.50 51.94
CA LYS O 7 64.65 -18.20 53.08
C LYS O 7 65.08 -19.01 54.29
N CYS O 8 65.15 -18.35 55.45
CA CYS O 8 65.62 -18.98 56.68
C CYS O 8 64.75 -18.59 57.86
N TRP O 9 63.43 -18.58 57.68
CA TRP O 9 62.50 -18.28 58.75
C TRP O 9 61.52 -19.43 58.89
N PHE O 10 61.50 -20.05 60.07
CA PHE O 10 60.63 -21.18 60.36
C PHE O 10 59.47 -20.73 61.23
N THR O 11 58.25 -21.02 60.79
CA THR O 11 57.05 -20.61 61.50
C THR O 11 56.70 -21.61 62.60
N LEU O 12 56.12 -21.10 63.68
CA LEU O 12 55.73 -21.92 64.82
C LEU O 12 54.31 -22.44 64.63
N ASP O 13 54.04 -23.59 65.23
CA ASP O 13 52.72 -24.21 65.21
C ASP O 13 51.88 -23.85 66.43
N ASN O 14 52.42 -23.07 67.36
CA ASN O 14 51.71 -22.68 68.57
C ASN O 14 51.70 -21.16 68.66
N ALA O 15 50.53 -20.58 68.93
CA ALA O 15 50.36 -19.14 68.92
C ALA O 15 50.04 -18.56 70.30
N HIS O 16 50.17 -19.36 71.35
CA HIS O 16 49.85 -18.89 72.70
C HIS O 16 51.05 -18.31 73.45
N TYR O 17 52.22 -18.28 72.83
CA TYR O 17 53.38 -17.68 73.48
C TYR O 17 53.25 -16.16 73.51
N PRO O 18 53.29 -15.53 74.69
CA PRO O 18 53.21 -14.07 74.72
C PRO O 18 54.45 -13.43 74.12
N PRO O 19 54.31 -12.25 73.53
CA PRO O 19 55.48 -11.59 72.92
C PRO O 19 56.38 -10.97 73.97
N PRO O 20 57.69 -11.21 73.88
CA PRO O 20 58.60 -10.59 74.85
C PRO O 20 58.68 -9.08 74.69
N SER O 21 58.96 -8.40 75.79
CA SER O 21 59.11 -6.96 75.79
C SER O 21 60.56 -6.58 75.50
N LEU O 22 60.76 -5.33 75.06
CA LEU O 22 62.09 -4.87 74.68
C LEU O 22 63.04 -4.86 75.88
N ASP O 23 62.55 -4.38 77.03
CA ASP O 23 63.39 -4.38 78.22
C ASP O 23 63.65 -5.80 78.73
N SER O 24 62.64 -6.67 78.65
CA SER O 24 62.81 -8.05 79.10
C SER O 24 63.81 -8.80 78.23
N MET O 25 63.72 -8.63 76.91
CA MET O 25 64.63 -9.34 76.01
C MET O 25 66.05 -8.80 76.13
N ARG O 26 66.21 -7.51 76.40
CA ARG O 26 67.54 -6.97 76.67
C ARG O 26 68.12 -7.57 77.96
N SER O 27 67.29 -7.71 78.99
CA SER O 27 67.71 -8.33 80.23
C SER O 27 67.74 -9.85 80.16
N GLY O 28 67.28 -10.43 79.06
CA GLY O 28 67.27 -11.88 78.90
C GLY O 28 66.31 -12.60 79.82
N HIS O 29 65.13 -12.03 80.04
CA HIS O 29 64.12 -12.69 80.86
C HIS O 29 63.37 -13.71 80.03
N PRO O 30 63.41 -15.00 80.39
CA PRO O 30 62.68 -16.02 79.61
C PRO O 30 61.20 -16.09 79.99
N ILE O 31 60.48 -15.02 79.65
CA ILE O 31 59.04 -14.99 79.89
C ILE O 31 58.34 -16.06 79.07
N SER O 32 58.73 -16.18 77.80
CA SER O 32 58.18 -17.20 76.91
C SER O 32 59.24 -18.25 76.59
N PRO O 33 58.82 -19.49 76.31
CA PRO O 33 59.80 -20.50 75.90
C PRO O 33 60.57 -20.13 74.64
N ALA O 34 59.93 -19.41 73.71
CA ALA O 34 60.59 -18.97 72.48
C ALA O 34 61.14 -17.57 72.70
N SER O 35 62.43 -17.47 72.97
CA SER O 35 63.08 -16.19 73.18
C SER O 35 64.56 -16.31 72.81
N LEU O 36 65.19 -15.17 72.60
CA LEU O 36 66.59 -15.14 72.22
C LEU O 36 67.47 -15.65 73.35
N GLY O 37 68.50 -16.41 73.01
CA GLY O 37 69.43 -16.97 73.96
C GLY O 37 69.12 -18.38 74.40
N HIS O 38 67.94 -18.90 74.07
CA HIS O 38 67.58 -20.26 74.46
C HIS O 38 68.25 -21.28 73.53
N LEU O 39 68.46 -22.48 74.07
CA LEU O 39 69.01 -23.60 73.33
C LEU O 39 68.01 -24.74 73.33
N ILE O 40 67.71 -25.27 72.14
CA ILE O 40 66.75 -26.37 72.02
C ILE O 40 67.39 -27.49 71.20
N PRO O 41 67.12 -28.75 71.53
CA PRO O 41 67.63 -29.85 70.69
C PRO O 41 67.10 -29.81 69.27
N SER O 42 65.86 -29.37 69.07
CA SER O 42 65.26 -29.31 67.75
C SER O 42 64.11 -28.33 67.78
N LEU O 43 63.64 -27.96 66.59
CA LEU O 43 62.52 -27.02 66.49
C LEU O 43 61.25 -27.62 67.08
N ALA O 44 61.00 -28.90 66.83
CA ALA O 44 59.81 -29.57 67.36
C ALA O 44 59.85 -29.74 68.87
N HIS O 45 61.01 -29.53 69.50
CA HIS O 45 61.17 -29.67 70.94
C HIS O 45 61.50 -28.33 71.57
N LEU O 46 60.76 -27.28 71.16
CA LEU O 46 61.02 -25.94 71.68
C LEU O 46 60.77 -25.85 73.18
N ASP O 47 59.80 -26.59 73.70
CA ASP O 47 59.51 -26.57 75.13
C ASP O 47 60.63 -27.18 75.96
N GLN O 48 61.51 -27.97 75.34
CA GLN O 48 62.64 -28.58 76.05
C GLN O 48 63.85 -27.65 75.96
N ILE O 49 63.78 -26.57 76.74
CA ILE O 49 64.86 -25.60 76.77
C ILE O 49 66.03 -26.15 77.57
N ILE O 50 67.22 -26.15 76.97
CA ILE O 50 68.40 -26.65 77.67
C ILE O 50 68.79 -25.71 78.80
N ASN O 51 68.71 -24.40 78.57
CA ASN O 51 69.07 -23.42 79.59
C ASN O 51 68.08 -23.45 80.74
N ALA O 52 68.59 -23.47 81.97
CA ALA O 52 67.75 -23.49 83.16
C ALA O 52 67.58 -22.08 83.73
N LYS O 53 66.96 -21.22 82.93
CA LYS O 53 66.69 -19.83 83.32
C LYS O 53 67.97 -19.10 83.71
N ALA O 54 69.05 -19.37 82.99
CA ALA O 54 70.35 -18.72 83.20
C ALA O 54 70.86 -18.22 81.85
N ILE O 55 70.44 -17.02 81.48
CA ILE O 55 70.83 -16.43 80.21
C ILE O 55 72.11 -15.64 80.40
N GLU O 56 73.10 -15.90 79.54
CA GLU O 56 74.36 -15.18 79.61
C GLU O 56 74.12 -13.70 79.33
N PRO O 57 74.64 -12.79 80.16
CA PRO O 57 74.42 -11.37 79.93
C PRO O 57 74.97 -10.92 78.58
N PHE O 58 74.23 -10.04 77.93
CA PHE O 58 74.65 -9.52 76.63
C PHE O 58 75.75 -8.48 76.81
N PRO O 59 76.92 -8.65 76.20
CA PRO O 59 77.96 -7.63 76.30
C PRO O 59 77.59 -6.39 75.49
N ALA O 60 78.44 -5.37 75.61
CA ALA O 60 78.21 -4.12 74.89
C ALA O 60 78.28 -4.28 73.38
N THR O 61 78.92 -5.35 72.89
CA THR O 61 79.02 -5.59 71.46
C THR O 61 77.80 -6.29 70.88
N MET O 62 76.86 -6.71 71.72
CA MET O 62 75.67 -7.42 71.28
C MET O 62 74.50 -6.44 71.18
N ASP O 63 73.88 -6.40 70.00
CA ASP O 63 72.73 -5.54 69.75
C ASP O 63 71.59 -6.35 69.17
N ILE O 64 70.37 -5.85 69.37
CA ILE O 64 69.17 -6.52 68.87
C ILE O 64 68.81 -5.91 67.52
N HIS O 65 69.69 -5.04 67.02
CA HIS O 65 69.52 -4.36 65.72
C HIS O 65 68.23 -3.55 65.78
N GLY O 66 67.36 -3.62 64.78
CA GLY O 66 66.16 -2.80 64.75
C GLY O 66 64.91 -3.58 64.44
N PRO O 67 63.75 -3.02 64.78
CA PRO O 67 62.45 -3.67 64.52
C PRO O 67 61.99 -3.52 63.06
N THR O 68 62.48 -4.42 62.21
CA THR O 68 62.08 -4.41 60.81
C THR O 68 60.60 -4.77 60.68
N ILE O 69 59.81 -3.83 60.17
CA ILE O 69 58.35 -3.96 60.14
C ILE O 69 57.90 -4.35 58.75
N ILE O 70 56.97 -5.31 58.68
CA ILE O 70 56.37 -5.76 57.42
C ILE O 70 54.87 -5.54 57.51
N GLU O 71 54.30 -4.89 56.50
CA GLU O 71 52.89 -4.57 56.47
C GLU O 71 52.21 -5.25 55.29
N ASP O 72 50.92 -5.55 55.46
CA ASP O 72 50.08 -6.15 54.43
C ASP O 72 50.71 -7.42 53.85
N PHE O 73 50.92 -8.39 54.75
CA PHE O 73 51.53 -9.67 54.40
C PHE O 73 50.42 -10.67 54.11
N LYS O 74 50.19 -10.94 52.83
CA LYS O 74 49.19 -11.91 52.38
C LYS O 74 49.88 -12.92 51.48
N TRP O 75 49.77 -14.19 51.82
CA TRP O 75 50.39 -15.25 51.02
C TRP O 75 49.42 -16.41 50.89
N ASP O 76 49.37 -17.00 49.69
CA ASP O 76 48.50 -18.11 49.37
C ASP O 76 49.35 -19.30 48.91
N HIS O 77 49.03 -20.48 49.41
CA HIS O 77 49.77 -21.70 49.09
C HIS O 77 48.80 -22.85 48.91
N SER O 78 48.70 -23.37 47.69
CA SER O 78 47.92 -24.56 47.40
C SER O 78 48.87 -25.69 47.03
N HIS O 79 48.89 -26.75 47.84
CA HIS O 79 49.73 -27.92 47.61
C HIS O 79 48.81 -29.11 47.39
N GLU O 80 48.68 -29.55 46.14
CA GLU O 80 47.81 -30.66 45.78
C GLU O 80 48.60 -31.67 44.97
N TYR O 81 48.34 -32.96 45.24
CA TYR O 81 48.98 -34.03 44.51
C TYR O 81 48.00 -35.19 44.40
N SER O 82 48.25 -36.06 43.43
CA SER O 82 47.39 -37.21 43.19
C SER O 82 48.23 -38.37 42.69
N LEU O 83 48.21 -39.49 43.42
CA LEU O 83 48.90 -40.69 43.02
C LEU O 83 47.89 -41.79 42.70
N SER O 84 48.25 -42.64 41.75
CA SER O 84 47.41 -43.77 41.36
C SER O 84 48.30 -44.94 40.98
N LEU O 85 47.76 -46.15 41.16
CA LEU O 85 48.49 -47.36 40.85
C LEU O 85 47.50 -48.46 40.48
N GLY O 86 47.94 -49.36 39.62
CA GLY O 86 47.11 -50.48 39.22
C GLY O 86 47.83 -51.81 39.27
N GLY O 87 47.40 -52.69 40.15
CA GLY O 87 48.02 -54.01 40.25
C GLY O 87 47.10 -55.11 39.78
N LYS O 88 47.42 -55.71 38.63
CA LYS O 88 46.60 -56.76 38.03
C LYS O 88 47.41 -58.05 38.00
N VAL O 89 46.87 -59.10 38.62
CA VAL O 89 47.52 -60.41 38.68
C VAL O 89 46.55 -61.42 38.06
N PRO O 90 47.04 -62.34 37.22
CA PRO O 90 46.17 -63.37 36.63
C PRO O 90 45.82 -64.48 37.61
N LEU O 103 42.21 -67.22 35.46
CA LEU O 103 42.05 -66.27 36.55
C LEU O 103 42.53 -64.88 36.13
N ASN O 104 41.84 -63.85 36.62
CA ASN O 104 42.24 -62.47 36.35
C ASN O 104 41.66 -61.58 37.44
N VAL O 105 42.53 -60.84 38.13
CA VAL O 105 42.12 -59.94 39.20
C VAL O 105 42.82 -58.61 39.01
N GLY O 106 42.07 -57.52 39.00
CA GLY O 106 42.61 -56.19 38.85
C GLY O 106 42.31 -55.34 40.06
N LEU O 107 43.28 -54.50 40.44
CA LEU O 107 43.14 -53.61 41.59
C LEU O 107 43.49 -52.20 41.15
N GLY O 108 42.60 -51.25 41.45
CA GLY O 108 42.85 -49.86 41.14
C GLY O 108 42.82 -48.98 42.37
N GLY O 109 43.96 -48.38 42.73
CA GLY O 109 44.03 -47.55 43.91
C GLY O 109 44.47 -46.14 43.61
N ALA O 110 43.61 -45.17 43.93
CA ALA O 110 43.89 -43.76 43.71
C ALA O 110 43.81 -43.00 45.04
N PHE O 111 44.75 -42.09 45.25
CA PHE O 111 44.79 -41.29 46.46
C PHE O 111 45.10 -39.85 46.08
N SER O 112 44.16 -38.95 46.33
CA SER O 112 44.30 -37.54 46.03
C SER O 112 44.21 -36.73 47.32
N ARG O 113 45.22 -35.91 47.58
CA ARG O 113 45.24 -35.04 48.74
C ARG O 113 45.55 -33.61 48.29
N SER O 114 44.69 -32.68 48.70
CA SER O 114 44.86 -31.27 48.40
C SER O 114 44.80 -30.47 49.69
N VAL O 115 45.80 -29.62 49.92
CA VAL O 115 45.87 -28.77 51.10
C VAL O 115 46.06 -27.34 50.62
N ALA O 116 45.07 -26.49 50.90
CA ALA O 116 45.09 -25.09 50.48
C ALA O 116 45.14 -24.21 51.71
N ASN O 117 46.18 -23.38 51.81
CA ASN O 117 46.35 -22.46 52.92
C ASN O 117 46.26 -21.03 52.42
N TYR O 118 45.66 -20.16 53.24
CA TYR O 118 45.51 -18.75 52.88
C TYR O 118 45.63 -17.94 54.18
N TRP O 119 46.71 -17.17 54.29
CA TRP O 119 46.98 -16.37 55.48
C TRP O 119 47.03 -14.91 55.12
N GLU O 120 46.52 -14.06 56.01
CA GLU O 120 46.63 -12.61 55.87
C GLU O 120 47.01 -12.01 57.21
N PHE O 121 48.02 -11.14 57.20
CA PHE O 121 48.46 -10.47 58.41
C PHE O 121 48.67 -8.99 58.11
N ASP O 122 48.51 -8.16 59.14
CA ASP O 122 48.58 -6.72 58.96
C ASP O 122 49.95 -6.16 59.31
N ARG O 123 50.54 -6.59 60.43
CA ARG O 123 51.83 -6.07 60.87
C ARG O 123 52.68 -7.19 61.46
N LEU O 124 53.90 -7.31 60.97
CA LEU O 124 54.89 -8.22 61.52
C LEU O 124 56.14 -7.43 61.88
N GLU O 125 56.78 -7.81 62.98
CA GLU O 125 57.92 -7.08 63.51
C GLU O 125 59.09 -8.02 63.74
N ARG O 126 60.25 -7.67 63.20
CA ARG O 126 61.43 -8.53 63.18
C ARG O 126 62.47 -8.06 64.19
N TYR O 127 63.01 -8.98 64.97
CA TYR O 127 64.16 -8.72 65.83
C TYR O 127 65.21 -9.78 65.58
N ILE O 128 66.47 -9.36 65.54
CA ILE O 128 67.56 -10.26 65.14
C ILE O 128 68.83 -9.82 65.86
N MET O 129 69.65 -10.81 66.24
CA MET O 129 70.94 -10.57 66.84
C MET O 129 71.97 -11.50 66.19
N GLN O 130 73.23 -11.07 66.22
CA GLN O 130 74.31 -11.83 65.61
C GLN O 130 75.20 -12.45 66.68
N PRO O 131 75.18 -13.78 66.84
CA PRO O 131 76.05 -14.42 67.84
C PRO O 131 77.53 -14.27 67.49
N THR O 132 78.36 -14.25 68.52
CA THR O 132 79.80 -14.15 68.38
C THR O 132 80.47 -15.40 68.93
N ARG O 133 81.73 -15.59 68.55
CA ARG O 133 82.48 -16.77 68.98
C ARG O 133 82.63 -16.81 70.49
N SER O 134 82.95 -15.66 71.11
CA SER O 134 83.14 -15.63 72.55
C SER O 134 81.85 -15.93 73.30
N TYR O 135 80.73 -15.35 72.84
CA TYR O 135 79.47 -15.54 73.55
C TYR O 135 79.01 -17.00 73.49
N VAL O 136 79.13 -17.63 72.33
CA VAL O 136 78.73 -19.03 72.20
C VAL O 136 79.64 -19.92 73.04
N GLN O 137 80.94 -19.63 73.06
CA GLN O 137 81.86 -20.40 73.88
C GLN O 137 81.54 -20.27 75.36
N LYS O 138 81.16 -19.07 75.79
CA LYS O 138 80.73 -18.89 77.18
C LYS O 138 79.47 -19.69 77.47
N CYS O 139 78.52 -19.70 76.54
CA CYS O 139 77.29 -20.47 76.75
C CYS O 139 77.56 -21.97 76.79
N ILE O 140 78.44 -22.47 75.92
CA ILE O 140 78.71 -23.90 75.85
C ILE O 140 79.48 -24.42 77.04
N GLU O 141 80.07 -23.54 77.83
CA GLU O 141 80.83 -23.93 79.03
C GLU O 141 79.97 -23.97 80.28
N ARG O 142 78.68 -23.70 80.17
CA ARG O 142 77.80 -23.75 81.33
C ARG O 142 77.68 -25.18 81.85
N ASP O 143 77.43 -25.31 83.16
CA ASP O 143 77.31 -26.63 83.77
C ASP O 143 76.09 -27.37 83.26
N GLU O 144 74.99 -26.66 83.01
CA GLU O 144 73.77 -27.31 82.52
C GLU O 144 74.01 -27.93 81.15
N VAL O 145 74.71 -27.21 80.26
CA VAL O 145 75.00 -27.75 78.94
C VAL O 145 75.96 -28.93 79.04
N LYS O 146 76.94 -28.83 79.95
CA LYS O 146 77.86 -29.95 80.16
C LYS O 146 77.12 -31.18 80.67
N ARG O 147 76.16 -30.98 81.57
CA ARG O 147 75.34 -32.09 82.04
C ARG O 147 74.52 -32.69 80.89
N TRP O 148 73.93 -31.83 80.05
CA TRP O 148 73.09 -32.31 78.97
C TRP O 148 73.89 -33.12 77.95
N ILE O 149 75.09 -32.64 77.59
CA ILE O 149 75.92 -33.39 76.65
C ILE O 149 76.43 -34.66 77.31
N ALA O 150 76.60 -34.65 78.64
CA ALA O 150 76.99 -35.87 79.35
C ALA O 150 75.87 -36.90 79.36
N LYS O 151 74.61 -36.48 79.18
CA LYS O 151 73.51 -37.43 79.09
C LYS O 151 73.61 -38.31 77.85
N ASN O 152 74.32 -37.87 76.82
CA ASN O 152 74.45 -38.65 75.60
C ASN O 152 75.25 -39.92 75.88
N LYS O 153 74.75 -41.05 75.38
CA LYS O 153 75.38 -42.36 75.60
C LYS O 153 75.32 -43.13 74.28
N SER O 154 76.35 -42.98 73.46
CA SER O 154 76.45 -43.69 72.19
C SER O 154 77.88 -43.58 71.69
N MET O 155 78.20 -44.39 70.69
CA MET O 155 79.54 -44.40 70.09
C MET O 155 79.61 -43.62 68.78
N MET O 156 78.53 -43.64 67.98
CA MET O 156 78.53 -42.88 66.74
C MET O 156 78.65 -41.40 67.00
N MET O 157 77.92 -40.89 67.99
CA MET O 157 77.99 -39.48 68.37
C MET O 157 79.02 -39.28 69.50
N MET O 158 80.27 -39.56 69.15
CA MET O 158 81.39 -39.44 70.09
C MET O 158 81.69 -37.96 70.30
N GLY O 159 80.92 -37.35 71.20
CA GLY O 159 81.01 -35.91 71.41
C GLY O 159 80.25 -35.07 70.42
N ARG O 160 79.38 -35.67 69.62
CA ARG O 160 78.63 -34.96 68.59
C ARG O 160 77.41 -34.30 69.22
N TRP O 161 77.46 -32.98 69.37
CA TRP O 161 76.35 -32.20 69.90
C TRP O 161 75.72 -31.40 68.77
N GLU O 162 74.39 -31.49 68.65
CA GLU O 162 73.63 -30.77 67.63
C GLU O 162 72.54 -29.99 68.35
N VAL O 163 72.85 -28.76 68.75
CA VAL O 163 71.92 -27.89 69.46
C VAL O 163 71.62 -26.67 68.61
N TYR O 164 70.41 -26.17 68.74
CA TYR O 164 69.95 -24.99 68.00
C TYR O 164 69.74 -23.84 68.97
N MET O 165 70.24 -22.67 68.62
CA MET O 165 70.10 -21.47 69.43
C MET O 165 69.17 -20.49 68.73
N ILE O 166 68.20 -19.96 69.49
CA ILE O 166 67.27 -18.99 68.92
C ILE O 166 68.01 -17.68 68.66
N THR O 167 68.05 -17.27 67.40
CA THR O 167 68.78 -16.08 66.99
C THR O 167 67.88 -14.91 66.58
N GLY O 168 66.72 -15.18 66.00
CA GLY O 168 65.82 -14.12 65.59
C GLY O 168 64.38 -14.52 65.83
N ILE O 169 63.56 -13.51 66.10
CA ILE O 169 62.13 -13.70 66.35
C ILE O 169 61.36 -12.63 65.58
N ILE O 170 60.27 -13.04 64.95
CA ILE O 170 59.34 -12.11 64.30
C ILE O 170 57.99 -12.26 64.97
N VAL O 171 57.39 -11.15 65.36
CA VAL O 171 56.19 -11.11 66.19
C VAL O 171 55.06 -10.48 65.40
N ALA O 172 53.91 -11.14 65.36
CA ALA O 172 52.72 -10.57 64.75
C ALA O 172 52.02 -9.65 65.74
N ARG O 173 51.62 -8.47 65.27
CA ARG O 173 50.99 -7.45 66.09
C ARG O 173 49.62 -7.14 65.51
N GLY O 174 48.60 -7.88 65.94
CA GLY O 174 47.25 -7.67 65.47
C GLY O 174 46.57 -8.92 64.97
N GLY O 175 47.22 -10.07 65.18
CA GLY O 175 46.64 -11.32 64.73
C GLY O 175 46.60 -11.42 63.21
N GLY O 176 45.64 -12.19 62.71
CA GLY O 176 45.51 -12.38 61.29
C GLY O 176 44.39 -13.35 60.98
N ARG O 177 44.08 -13.44 59.69
CA ARG O 177 43.03 -14.32 59.19
C ARG O 177 43.63 -15.53 58.53
N LYS O 178 43.21 -16.72 58.95
CA LYS O 178 43.73 -17.98 58.44
C LYS O 178 42.60 -18.81 57.85
N LYS O 179 42.85 -19.43 56.70
CA LYS O 179 41.93 -20.36 56.08
C LYS O 179 42.71 -21.60 55.66
N LYS O 180 42.22 -22.77 56.07
CA LYS O 180 42.83 -24.04 55.70
C LYS O 180 41.77 -24.98 55.17
N GLU O 181 42.06 -25.63 54.06
CA GLU O 181 41.15 -26.59 53.44
C GLU O 181 41.92 -27.85 53.12
N LYS O 182 41.34 -29.01 53.46
CA LYS O 182 41.97 -30.30 53.26
C LYS O 182 40.98 -31.22 52.55
N THR O 183 41.34 -31.68 51.36
CA THR O 183 40.54 -32.62 50.60
C THR O 183 41.29 -33.94 50.47
N THR O 184 40.63 -35.04 50.83
CA THR O 184 41.22 -36.37 50.76
C THR O 184 40.26 -37.29 50.01
N GLY O 185 40.70 -37.79 48.87
CA GLY O 185 39.91 -38.72 48.09
C GLY O 185 40.61 -40.04 47.89
N LYS O 186 40.03 -41.12 48.44
CA LYS O 186 40.61 -42.46 48.34
C LYS O 186 39.63 -43.36 47.61
N GLU O 187 40.01 -43.80 46.42
CA GLU O 187 39.20 -44.71 45.62
C GLU O 187 39.94 -46.05 45.52
N PHE O 188 39.29 -47.11 46.00
CA PHE O 188 39.88 -48.44 46.04
C PHE O 188 38.92 -49.40 45.36
N SER O 189 39.33 -49.93 44.21
CA SER O 189 38.49 -50.84 43.43
C SER O 189 39.24 -52.15 43.18
N VAL O 190 38.54 -53.25 43.36
CA VAL O 190 39.07 -54.59 43.10
C VAL O 190 38.10 -55.33 42.20
N GLU O 191 38.57 -55.75 41.04
CA GLU O 191 37.77 -56.52 40.10
C GLU O 191 38.28 -57.96 40.08
N VAL O 192 37.41 -58.90 40.41
CA VAL O 192 37.79 -60.31 40.44
C VAL O 192 37.04 -61.09 39.38
N PRO O 204 32.63 -61.16 40.23
CA PRO O 204 32.87 -60.62 41.57
C PRO O 204 33.72 -59.34 41.54
N GLY O 205 33.43 -58.41 42.43
CA GLY O 205 34.19 -57.17 42.49
C GLY O 205 33.65 -56.18 43.51
N GLY O 206 34.55 -55.54 44.24
CA GLY O 206 34.15 -54.54 45.22
C GLY O 206 34.92 -53.25 45.10
N LYS O 207 34.19 -52.13 45.05
CA LYS O 207 34.79 -50.80 44.94
C LYS O 207 34.21 -49.90 46.03
N ARG O 208 35.08 -49.06 46.60
CA ARG O 208 34.68 -48.16 47.67
C ARG O 208 35.39 -46.83 47.53
N ASN O 209 34.64 -45.74 47.62
CA ASN O 209 35.17 -44.39 47.52
C ASN O 209 34.97 -43.68 48.85
N THR O 210 36.03 -43.09 49.38
CA THR O 210 35.99 -42.33 50.62
C THR O 210 36.47 -40.91 50.34
N ALA O 211 35.55 -39.96 50.34
CA ALA O 211 35.85 -38.56 50.07
C ALA O 211 35.60 -37.73 51.32
N ARG O 212 36.62 -37.03 51.78
CA ARG O 212 36.52 -36.18 52.96
C ARG O 212 37.01 -34.78 52.61
N GLN O 213 36.30 -33.77 53.13
CA GLN O 213 36.61 -32.37 52.84
C GLN O 213 36.47 -31.59 54.14
N LYS O 214 37.59 -31.23 54.75
CA LYS O 214 37.60 -30.51 56.02
C LYS O 214 37.96 -29.05 55.78
N THR O 215 37.31 -28.17 56.55
CA THR O 215 37.54 -26.73 56.44
C THR O 215 37.77 -26.15 57.82
N TRP O 216 38.59 -25.11 57.89
CA TRP O 216 38.90 -24.44 59.15
C TRP O 216 39.23 -22.98 58.85
N GLY O 217 38.29 -22.09 59.16
CA GLY O 217 38.50 -20.66 59.03
C GLY O 217 38.61 -20.01 60.40
N THR O 218 39.56 -19.10 60.54
CA THR O 218 39.85 -18.52 61.85
C THR O 218 40.29 -17.08 61.67
N SER O 219 40.04 -16.26 62.71
CA SER O 219 40.50 -14.88 62.77
C SER O 219 41.20 -14.71 64.12
N GLN O 220 42.50 -15.00 64.14
CA GLN O 220 43.28 -14.84 65.35
C GLN O 220 43.41 -13.36 65.71
N THR O 221 43.26 -13.06 66.99
CA THR O 221 43.36 -11.70 67.50
C THR O 221 44.33 -11.66 68.67
N GLY O 222 45.26 -10.72 68.64
CA GLY O 222 46.21 -10.56 69.73
C GLY O 222 47.66 -10.55 69.27
N ASP O 223 48.55 -10.09 70.16
CA ASP O 223 49.98 -10.04 69.86
C ASP O 223 50.64 -11.34 70.32
N PHE O 224 51.45 -11.94 69.45
CA PHE O 224 52.08 -13.21 69.74
C PHE O 224 53.24 -13.42 68.77
N VAL O 225 54.23 -14.20 69.22
CA VAL O 225 55.37 -14.51 68.37
C VAL O 225 54.90 -15.34 67.18
N TRP O 226 55.45 -15.05 66.00
CA TRP O 226 55.00 -15.66 64.76
C TRP O 226 55.97 -16.69 64.20
N ALA O 227 57.27 -16.40 64.18
CA ALA O 227 58.25 -17.33 63.66
C ALA O 227 59.60 -17.03 64.30
N VAL O 228 60.51 -17.99 64.22
CA VAL O 228 61.82 -17.88 64.82
C VAL O 228 62.88 -18.35 63.81
N ARG O 229 64.06 -17.75 63.91
CA ARG O 229 65.22 -18.15 63.11
C ARG O 229 66.26 -18.74 64.04
N LEU O 230 66.75 -19.94 63.70
CA LEU O 230 67.70 -20.66 64.52
C LEU O 230 69.01 -20.85 63.77
N ALA O 231 70.12 -20.87 64.52
CA ALA O 231 71.44 -21.13 63.98
C ALA O 231 71.94 -22.45 64.55
N LYS O 232 72.24 -23.40 63.66
CA LYS O 232 72.67 -24.73 64.08
C LYS O 232 74.12 -24.69 64.55
N ILE O 233 74.37 -25.31 65.70
CA ILE O 233 75.72 -25.44 66.25
C ILE O 233 76.05 -26.91 66.32
N THR O 234 77.15 -27.31 65.69
CA THR O 234 77.56 -28.71 65.62
C THR O 234 79.03 -28.85 65.99
N LYS O 235 79.37 -30.02 66.51
CA LYS O 235 80.75 -30.31 66.92
C LYS O 235 80.93 -31.82 66.86
N SER O 236 81.69 -32.29 65.87
CA SER O 236 81.87 -33.74 65.71
C SER O 236 82.58 -34.35 66.92
N GLY O 237 83.61 -33.68 67.43
CA GLY O 237 84.32 -34.20 68.58
C GLY O 237 85.22 -33.12 69.15
N LEU O 238 85.90 -33.49 70.24
CA LEU O 238 86.81 -32.56 70.89
C LEU O 238 88.02 -32.25 70.01
N HIS O 239 88.41 -33.19 69.15
CA HIS O 239 89.53 -32.93 68.24
C HIS O 239 89.18 -31.83 67.24
N SER O 240 87.96 -31.83 66.72
CA SER O 240 87.51 -30.82 65.79
C SER O 240 86.98 -29.60 66.53
N ASP O 241 86.87 -28.48 65.81
CA ASP O 241 86.36 -27.24 66.36
C ASP O 241 84.85 -27.15 66.13
N TRP O 242 84.13 -26.65 67.13
CA TRP O 242 82.69 -26.51 67.02
C TRP O 242 82.35 -25.40 66.05
N LYS O 243 81.42 -25.68 65.14
CA LYS O 243 81.02 -24.74 64.10
C LYS O 243 79.57 -24.34 64.28
N MET O 244 79.24 -23.16 63.74
CA MET O 244 77.87 -22.65 63.77
C MET O 244 77.53 -22.08 62.41
N GLU O 245 76.26 -22.22 62.02
CA GLU O 245 75.79 -21.71 60.75
C GLU O 245 74.27 -21.57 60.80
N THR O 246 73.76 -20.51 60.18
CA THR O 246 72.32 -20.32 60.09
C THR O 246 71.70 -21.37 59.18
N VAL O 247 70.58 -21.92 59.61
CA VAL O 247 69.91 -22.99 58.87
C VAL O 247 69.13 -22.39 57.71
N PHE O 248 69.36 -22.92 56.50
CA PHE O 248 68.65 -22.50 55.31
C PHE O 248 67.86 -23.67 54.75
N GLY O 249 66.73 -23.36 54.11
CA GLY O 249 65.88 -24.37 53.54
C GLY O 249 64.97 -25.03 54.56
N LYS O 250 65.27 -26.28 54.91
CA LYS O 250 64.50 -27.01 55.90
C LYS O 250 65.42 -27.48 57.02
N THR O 251 64.84 -27.67 58.20
CA THR O 251 65.63 -28.12 59.35
C THR O 251 66.02 -29.58 59.20
N SER O 252 67.02 -29.99 60.00
CA SER O 252 67.53 -31.36 59.94
C SER O 252 66.57 -32.38 60.52
N SER O 253 65.50 -31.94 61.18
CA SER O 253 64.55 -32.87 61.77
C SER O 253 63.76 -33.60 60.68
N PHE O 254 63.14 -34.71 61.07
CA PHE O 254 62.38 -35.52 60.13
C PHE O 254 61.17 -34.76 59.62
N ARG O 255 61.01 -34.73 58.30
CA ARG O 255 59.91 -34.04 57.62
C ARG O 255 59.82 -32.58 58.08
N GLY O 256 60.98 -31.94 58.22
CA GLY O 256 61.05 -30.56 58.64
C GLY O 256 60.37 -29.61 57.68
N GLN O 257 59.55 -28.71 58.21
CA GLN O 257 58.85 -27.75 57.36
C GLN O 257 59.83 -26.75 56.75
N LYS O 258 59.63 -26.43 55.47
CA LYS O 258 60.51 -25.51 54.79
C LYS O 258 60.23 -24.07 55.23
N ALA O 259 61.24 -23.22 55.11
CA ALA O 259 61.09 -21.83 55.49
C ALA O 259 60.06 -21.14 54.62
N ILE O 260 59.19 -20.35 55.27
CA ILE O 260 58.13 -19.66 54.53
C ILE O 260 58.70 -18.50 53.73
N PHE O 261 59.50 -17.64 54.37
CA PHE O 261 60.07 -16.49 53.69
C PHE O 261 61.30 -15.96 54.44
CA GLU P 8 78.16 -8.50 37.75
C GLU P 8 78.70 -7.43 38.69
N GLU P 9 78.17 -6.21 38.55
CA GLU P 9 78.66 -5.10 39.36
C GLU P 9 78.33 -5.28 40.84
N TRP P 10 77.13 -5.79 41.14
CA TRP P 10 76.67 -5.92 42.52
C TRP P 10 76.03 -7.27 42.73
N PHE P 11 76.06 -7.73 43.99
CA PHE P 11 75.43 -8.97 44.40
C PHE P 11 74.19 -8.66 45.23
N PRO P 12 72.98 -8.87 44.73
CA PRO P 12 71.79 -8.57 45.51
C PRO P 12 71.59 -9.58 46.64
N LEU P 13 71.22 -9.06 47.81
CA LEU P 13 70.93 -9.89 48.97
C LEU P 13 69.44 -10.15 49.06
N LYS P 14 69.05 -11.42 49.15
CA LYS P 14 67.65 -11.77 49.32
C LYS P 14 67.30 -11.90 50.81
N GLN P 15 67.65 -10.87 51.58
CA GLN P 15 67.40 -10.83 53.02
C GLN P 15 67.02 -9.41 53.40
N THR P 16 66.12 -9.28 54.39
CA THR P 16 65.64 -7.95 54.81
C THR P 16 65.73 -7.84 56.34
N HIS P 17 66.51 -8.71 56.97
CA HIS P 17 66.66 -8.68 58.45
C HIS P 17 67.97 -7.95 58.82
N TYR P 18 68.48 -7.13 57.90
CA TYR P 18 69.73 -6.37 58.16
C TYR P 18 69.44 -4.87 58.10
N PRO P 19 69.35 -4.18 59.26
CA PRO P 19 69.11 -2.73 59.27
C PRO P 19 70.31 -1.97 58.73
N PRO P 20 70.12 -0.78 58.20
CA PRO P 20 71.23 -0.02 57.62
C PRO P 20 72.04 0.66 58.71
N PRO P 21 73.36 0.78 58.51
CA PRO P 21 74.17 1.55 59.45
C PRO P 21 73.88 3.04 59.33
N THR P 22 74.11 3.75 60.44
CA THR P 22 73.92 5.19 60.42
C THR P 22 75.14 5.87 59.82
N ILE P 23 74.92 7.09 59.32
CA ILE P 23 76.00 7.83 58.65
C ILE P 23 77.16 8.15 59.59
N PRO P 24 76.94 8.67 60.81
CA PRO P 24 78.10 8.96 61.67
C PRO P 24 78.95 7.75 61.99
N SER P 25 78.35 6.58 62.14
CA SER P 25 79.09 5.36 62.45
C SER P 25 79.60 4.63 61.21
N MET P 26 79.33 5.17 60.01
CA MET P 26 79.78 4.50 58.79
C MET P 26 81.30 4.45 58.70
N LYS P 27 81.97 5.55 59.06
CA LYS P 27 83.41 5.67 58.86
C LYS P 27 84.16 5.93 60.17
N THR P 28 83.53 5.63 61.31
CA THR P 28 84.19 5.82 62.59
C THR P 28 85.02 4.62 63.04
N GLY P 29 84.96 3.51 62.31
CA GLY P 29 85.68 2.31 62.67
C GLY P 29 84.89 1.32 63.51
N HIS P 30 83.77 1.75 64.09
CA HIS P 30 82.91 0.89 64.89
C HIS P 30 81.49 0.97 64.33
N PRO P 31 81.15 0.11 63.37
CA PRO P 31 79.83 0.17 62.76
C PRO P 31 78.72 -0.20 63.73
N THR P 32 77.54 0.38 63.50
CA THR P 32 76.36 0.12 64.31
C THR P 32 75.38 -0.82 63.63
N GLY P 33 75.77 -1.44 62.52
CA GLY P 33 74.89 -2.33 61.80
C GLY P 33 75.50 -3.69 61.56
N PRO P 34 74.66 -4.68 61.22
CA PRO P 34 75.19 -6.03 60.97
C PRO P 34 76.19 -6.09 59.82
N ILE P 35 75.98 -5.29 58.77
CA ILE P 35 76.86 -5.27 57.61
C ILE P 35 77.22 -3.82 57.31
N SER P 36 78.53 -3.55 57.22
CA SER P 36 79.03 -2.22 56.93
C SER P 36 80.36 -2.33 56.21
N ILE P 37 80.77 -1.22 55.60
CA ILE P 37 82.04 -1.19 54.88
C ILE P 37 83.19 -1.37 55.86
N GLY P 38 84.05 -2.34 55.60
CA GLY P 38 85.18 -2.65 56.47
C GLY P 38 85.12 -4.03 57.11
N HIS P 39 84.10 -4.83 56.84
CA HIS P 39 84.00 -6.17 57.40
C HIS P 39 84.67 -7.20 56.51
N ILE P 40 85.05 -8.31 57.10
CA ILE P 40 85.65 -9.44 56.39
C ILE P 40 84.81 -10.68 56.67
N ILE P 41 84.40 -11.36 55.61
CA ILE P 41 83.58 -12.57 55.74
C ILE P 41 84.31 -13.73 55.10
N PRO P 42 84.23 -14.95 55.66
CA PRO P 42 84.88 -16.09 55.01
C PRO P 42 84.32 -16.42 53.64
N ASP P 43 83.02 -16.21 53.43
CA ASP P 43 82.39 -16.53 52.17
C ASP P 43 81.08 -15.78 52.07
N LEU P 44 80.51 -15.75 50.86
CA LEU P 44 79.22 -15.08 50.65
C LEU P 44 78.11 -15.76 51.45
N ARG P 45 78.11 -17.10 51.45
CA ARG P 45 77.09 -17.82 52.20
C ARG P 45 77.20 -17.56 53.69
N HIS P 46 78.42 -17.57 54.23
CA HIS P 46 78.64 -17.26 55.64
C HIS P 46 78.73 -15.75 55.84
N LEU P 47 77.70 -15.02 55.40
CA LEU P 47 77.70 -13.57 55.47
C LEU P 47 77.55 -13.05 56.90
N ASP P 48 76.95 -13.83 57.79
CA ASP P 48 76.72 -13.39 59.15
C ASP P 48 77.90 -13.66 60.08
N ASN P 49 78.97 -14.28 59.57
CA ASN P 49 80.16 -14.58 60.37
C ASN P 49 81.20 -13.50 60.10
N VAL P 50 81.03 -12.36 60.75
CA VAL P 50 81.97 -11.25 60.61
C VAL P 50 83.23 -11.57 61.40
N ILE P 51 84.37 -11.64 60.71
CA ILE P 51 85.63 -11.95 61.37
C ILE P 51 86.05 -10.80 62.27
N ASN P 52 86.00 -9.57 61.78
CA ASN P 52 86.36 -8.40 62.55
C ASN P 52 85.14 -7.82 63.27
N CYS P 53 84.59 -8.63 64.17
CA CYS P 53 83.40 -8.22 64.91
C CYS P 53 83.70 -7.04 65.84
N LYS P 54 84.88 -7.03 66.44
CA LYS P 54 85.22 -5.95 67.38
C LYS P 54 85.26 -4.60 66.68
N GLY P 55 85.85 -4.54 65.50
CA GLY P 55 85.93 -3.31 64.74
C GLY P 55 87.10 -3.33 63.80
N PHE P 56 87.46 -2.14 63.32
CA PHE P 56 88.56 -1.98 62.38
C PHE P 56 89.09 -0.56 62.49
N GLU P 57 90.25 -0.33 61.87
CA GLU P 57 90.89 0.97 61.95
C GLU P 57 90.03 2.01 61.24
N PRO P 58 89.99 3.25 61.76
CA PRO P 58 89.23 4.30 61.08
C PRO P 58 89.83 4.63 59.72
N PHE P 59 88.98 5.10 58.82
CA PHE P 59 89.42 5.42 57.47
C PHE P 59 90.40 6.58 57.50
N PRO P 60 91.53 6.49 56.80
CA PRO P 60 92.46 7.62 56.72
C PRO P 60 91.83 8.79 55.99
N PRO P 61 92.35 10.00 56.16
CA PRO P 61 91.79 11.16 55.46
C PRO P 61 91.79 11.02 53.95
N ASN P 62 92.76 10.29 53.38
CA ASN P 62 92.75 10.04 51.95
C ASN P 62 91.52 9.25 51.54
N MET P 63 91.13 8.26 52.35
CA MET P 63 89.94 7.48 52.07
C MET P 63 88.69 8.36 52.15
N ASP P 64 87.75 8.11 51.24
CA ASP P 64 86.48 8.83 51.23
C ASP P 64 85.42 7.92 50.62
N VAL P 65 84.17 8.21 50.94
CA VAL P 65 83.02 7.44 50.48
C VAL P 65 82.30 8.24 49.40
N PHE P 66 82.00 7.59 48.29
CA PHE P 66 81.27 8.21 47.19
C PHE P 66 79.81 7.74 47.24
N THR P 67 78.89 8.69 47.12
CA THR P 67 77.46 8.41 47.26
C THR P 67 76.74 8.65 45.94
N ALA P 68 75.73 7.84 45.67
CA ALA P 68 74.87 7.99 44.50
C ALA P 68 73.42 7.85 44.93
N HIS P 69 72.52 8.47 44.17
CA HIS P 69 71.10 8.50 44.50
C HIS P 69 70.29 7.98 43.32
N TYR P 70 69.23 7.25 43.63
CA TYR P 70 68.34 6.68 42.61
C TYR P 70 66.90 6.81 43.10
N GLU P 71 66.00 7.08 42.16
CA GLU P 71 64.57 7.22 42.46
C GLU P 71 63.75 6.42 41.46
N GLN P 72 62.59 5.96 41.93
CA GLN P 72 61.67 5.15 41.12
C GLN P 72 62.36 3.93 40.52
N CYS P 73 63.26 3.31 41.30
CA CYS P 73 63.98 2.14 40.85
C CYS P 73 63.14 0.89 41.07
N HIS P 74 62.99 0.09 40.02
CA HIS P 74 62.25 -1.16 40.11
C HIS P 74 63.03 -2.26 39.40
N PHE P 75 62.79 -3.50 39.81
CA PHE P 75 63.52 -4.64 39.29
C PHE P 75 62.58 -5.84 39.22
N GLY P 76 62.34 -6.33 38.02
CA GLY P 76 61.48 -7.50 37.83
C GLY P 76 62.13 -8.50 36.90
N ASP P 77 62.01 -9.78 37.25
CA ASP P 77 62.60 -10.85 36.47
C ASP P 77 61.69 -12.08 36.49
N HIS P 78 61.87 -12.93 35.49
CA HIS P 78 61.10 -14.16 35.36
C HIS P 78 62.04 -15.31 35.06
N LEU P 79 61.53 -16.53 35.25
CA LEU P 79 62.34 -17.73 34.99
C LEU P 79 61.40 -18.88 34.65
N ASN P 80 61.70 -19.58 33.57
CA ASN P 80 60.95 -20.77 33.16
C ASN P 80 61.94 -21.91 32.95
N SER P 81 61.69 -23.03 33.60
CA SER P 81 62.52 -24.22 33.47
C SER P 81 61.62 -25.42 33.21
N GLU P 82 61.77 -26.03 32.04
CA GLU P 82 60.94 -27.16 31.63
C GLU P 82 61.85 -28.35 31.34
N PHE P 83 62.11 -29.16 32.37
CA PHE P 83 62.89 -30.38 32.24
C PHE P 83 61.95 -31.51 31.86
N VAL P 84 61.99 -31.92 30.59
CA VAL P 84 61.08 -32.93 30.05
C VAL P 84 61.90 -34.12 29.57
N VAL P 85 61.52 -35.31 30.02
CA VAL P 85 62.13 -36.56 29.58
C VAL P 85 61.02 -37.48 29.07
N GLN P 86 61.12 -37.87 27.80
CA GLN P 86 60.14 -38.75 27.17
C GLN P 86 60.83 -40.02 26.71
N ALA P 87 60.25 -41.17 27.07
CA ALA P 87 60.80 -42.46 26.68
C ALA P 87 59.70 -43.46 26.35
N SER P 105 60.87 -46.73 29.70
CA SER P 105 59.42 -46.59 29.72
C SER P 105 58.97 -45.72 30.87
N ALA P 106 59.36 -44.44 30.84
CA ALA P 106 58.99 -43.50 31.89
C ALA P 106 58.87 -42.11 31.29
N GLY P 107 58.09 -41.26 31.95
CA GLY P 107 57.92 -39.89 31.52
C GLY P 107 58.04 -38.89 32.67
N LEU P 108 58.94 -37.93 32.54
CA LEU P 108 59.19 -36.94 33.58
C LEU P 108 58.92 -35.55 33.02
N HIS P 109 58.21 -34.74 33.80
CA HIS P 109 57.91 -33.37 33.43
C HIS P 109 58.07 -32.48 34.66
N HIS P 110 59.16 -31.72 34.71
CA HIS P 110 59.44 -30.79 35.81
C HIS P 110 59.35 -29.38 35.26
N THR P 111 58.31 -28.65 35.65
CA THR P 111 58.06 -27.29 35.18
C THR P 111 58.19 -26.33 36.35
N ASN P 112 59.14 -25.42 36.27
CA ASN P 112 59.35 -24.39 37.28
C ASN P 112 59.10 -23.02 36.66
N ILE P 113 58.20 -22.25 37.26
CA ILE P 113 57.88 -20.90 36.82
C ILE P 113 58.04 -19.98 38.02
N THR P 114 58.97 -19.03 37.93
CA THR P 114 59.28 -18.11 39.01
C THR P 114 59.15 -16.67 38.52
N SER P 115 58.52 -15.83 39.33
CA SER P 115 58.35 -14.42 39.01
C SER P 115 58.65 -13.58 40.25
N ASP P 116 59.53 -12.60 40.10
CA ASP P 116 59.91 -11.71 41.18
C ASP P 116 59.80 -10.27 40.71
N ARG P 117 59.26 -9.40 41.58
CA ARG P 117 59.12 -7.99 41.28
C ARG P 117 59.44 -7.18 42.53
N TRP P 118 60.36 -6.23 42.39
CA TRP P 118 60.69 -5.29 43.45
C TRP P 118 60.46 -3.87 42.94
N GLU P 119 59.69 -3.09 43.69
CA GLU P 119 59.41 -1.70 43.36
C GLU P 119 59.84 -0.83 44.53
N TYR P 120 60.99 -0.18 44.40
CA TYR P 120 61.52 0.67 45.46
C TYR P 120 60.94 2.08 45.32
N ASP P 121 61.39 2.97 46.19
CA ASP P 121 60.96 4.37 46.13
C ASP P 121 62.18 5.30 46.12
N SER P 122 63.23 4.91 46.84
CA SER P 122 64.46 5.69 46.88
C SER P 122 65.60 4.78 47.31
N VAL P 123 66.72 4.88 46.60
CA VAL P 123 67.88 4.03 46.83
C VAL P 123 69.13 4.91 46.90
N VAL P 124 70.00 4.61 47.86
CA VAL P 124 71.27 5.30 48.02
C VAL P 124 72.39 4.25 47.95
N GLU P 125 73.50 4.63 47.32
CA GLU P 125 74.62 3.73 47.10
C GLU P 125 75.90 4.38 47.62
N TYR P 126 76.62 3.64 48.46
CA TYR P 126 77.88 4.08 49.03
C TYR P 126 79.00 3.17 48.53
N ALA P 127 80.09 3.76 48.05
CA ALA P 127 81.21 2.99 47.54
C ALA P 127 82.52 3.58 48.05
N VAL P 128 83.55 2.73 48.09
CA VAL P 128 84.89 3.10 48.54
C VAL P 128 85.90 2.32 47.71
N TYR P 129 87.17 2.74 47.78
CA TYR P 129 88.25 2.06 47.08
C TYR P 129 89.37 1.75 48.06
N PRO P 130 89.87 0.51 48.08
CA PRO P 130 90.90 0.14 49.06
C PRO P 130 92.28 0.60 48.62
N THR P 131 93.23 0.41 49.54
CA THR P 131 94.63 0.73 49.31
C THR P 131 95.49 -0.40 49.85
N ARG P 132 96.66 -0.59 49.24
CA ARG P 132 97.55 -1.69 49.62
C ARG P 132 97.95 -1.60 51.08
N GLN P 133 98.35 -0.41 51.54
CA GLN P 133 98.78 -0.26 52.92
C GLN P 133 97.62 -0.43 53.90
N TYR P 134 96.43 0.05 53.51
CA TYR P 134 95.27 -0.07 54.40
C TYR P 134 94.87 -1.53 54.60
N ILE P 135 94.90 -2.32 53.53
CA ILE P 135 94.58 -3.74 53.66
C ILE P 135 95.65 -4.46 54.46
N ASP P 136 96.92 -4.08 54.26
CA ASP P 136 98.01 -4.71 55.02
C ASP P 136 97.88 -4.44 56.51
N ARG P 137 97.55 -3.20 56.88
CA ARG P 137 97.37 -2.90 58.30
C ARG P 137 96.08 -3.51 58.83
N LEU P 138 95.09 -3.73 57.96
CA LEU P 138 93.87 -4.41 58.37
C LEU P 138 94.14 -5.88 58.69
N LEU P 139 95.03 -6.52 57.92
CA LEU P 139 95.39 -7.91 58.16
C LEU P 139 96.14 -8.11 59.46
N GLU P 140 96.64 -7.04 60.08
CA GLU P 140 97.35 -7.11 61.35
C GLU P 140 96.41 -7.10 62.56
N SER P 141 95.11 -7.00 62.33
CA SER P 141 94.15 -7.00 63.43
C SER P 141 94.15 -8.35 64.13
N LYS P 142 93.79 -8.33 65.42
CA LYS P 142 93.86 -9.54 66.24
C LYS P 142 92.95 -10.64 65.68
N GLU P 143 91.68 -10.32 65.43
CA GLU P 143 90.77 -11.32 64.90
C GLU P 143 91.18 -11.75 63.49
N VAL P 144 91.61 -10.80 62.66
CA VAL P 144 92.01 -11.13 61.29
C VAL P 144 93.26 -12.00 61.30
N ARG P 145 94.25 -11.68 62.14
CA ARG P 145 95.46 -12.47 62.17
C ARG P 145 95.21 -13.87 62.74
N GLN P 146 94.29 -13.97 63.70
CA GLN P 146 93.94 -15.29 64.23
C GLN P 146 93.30 -16.15 63.14
N TYR P 147 92.39 -15.58 62.35
CA TYR P 147 91.73 -16.36 61.31
C TYR P 147 92.71 -16.79 60.23
N ILE P 148 93.59 -15.90 59.80
CA ILE P 148 94.51 -16.23 58.72
C ILE P 148 95.50 -17.31 59.17
N GLN P 149 95.92 -17.27 60.44
CA GLN P 149 96.77 -18.33 60.96
C GLN P 149 96.04 -19.66 60.98
N LYS P 150 94.78 -19.67 61.41
CA LYS P 150 94.00 -20.91 61.41
C LYS P 150 93.79 -21.42 59.99
N SER P 151 93.49 -20.52 59.05
CA SER P 151 93.29 -20.94 57.66
C SER P 151 94.58 -21.48 57.06
N LYS P 152 95.71 -20.82 57.34
CA LYS P 152 96.99 -21.32 56.84
C LYS P 152 97.35 -22.66 57.45
N LYS P 153 97.08 -22.83 58.74
CA LYS P 153 97.34 -24.11 59.39
C LYS P 153 96.47 -25.22 58.81
N LEU P 154 95.20 -24.91 58.52
CA LEU P 154 94.28 -25.92 58.01
C LEU P 154 94.40 -26.07 56.50
N LEU P 155 94.26 -24.97 55.76
CA LEU P 155 94.30 -24.98 54.30
C LEU P 155 95.65 -24.49 53.80
N GLY P 156 96.05 -24.99 52.64
CA GLY P 156 97.32 -24.58 52.05
C GLY P 156 97.33 -23.11 51.65
N GLY P 157 96.24 -22.64 51.05
CA GLY P 157 96.14 -21.25 50.67
C GLY P 157 94.86 -20.60 51.19
N TRP P 158 95.01 -19.48 51.89
CA TRP P 158 93.88 -18.81 52.49
C TRP P 158 93.25 -17.83 51.51
N CYS P 159 91.95 -17.60 51.68
CA CYS P 159 91.21 -16.65 50.86
C CYS P 159 90.04 -16.11 51.66
N VAL P 160 89.88 -14.79 51.64
CA VAL P 160 88.81 -14.10 52.36
C VAL P 160 88.17 -13.08 51.43
N TYR P 161 87.06 -12.51 51.90
CA TYR P 161 86.33 -11.49 51.16
C TYR P 161 86.12 -10.27 52.05
N MET P 162 86.08 -9.10 51.42
CA MET P 162 85.85 -7.85 52.13
C MET P 162 84.73 -7.08 51.45
N VAL P 163 83.80 -6.57 52.25
CA VAL P 163 82.70 -5.76 51.73
C VAL P 163 83.23 -4.37 51.38
N THR P 164 82.93 -3.93 50.16
CA THR P 164 83.42 -2.65 49.66
C THR P 164 82.34 -1.58 49.64
N GLY P 165 81.19 -1.86 49.04
CA GLY P 165 80.10 -0.92 49.01
C GLY P 165 78.79 -1.57 49.40
N ILE P 166 77.84 -0.72 49.78
CA ILE P 166 76.51 -1.17 50.19
C ILE P 166 75.47 -0.27 49.53
N MET P 167 74.37 -0.88 49.10
CA MET P 167 73.25 -0.16 48.52
C MET P 167 72.07 -0.26 49.48
N VAL P 168 71.54 0.88 49.90
CA VAL P 168 70.54 0.95 50.96
C VAL P 168 69.27 1.56 50.40
N ALA P 169 68.15 0.88 50.60
CA ALA P 169 66.85 1.42 50.23
C ALA P 169 66.34 2.38 51.30
N ARG P 170 65.38 3.22 50.92
CA ARG P 170 64.78 4.18 51.82
C ARG P 170 63.26 3.98 51.82
N GLY P 171 62.71 3.72 52.99
CA GLY P 171 61.27 3.51 53.11
C GLY P 171 60.77 2.17 52.62
N GLY P 172 61.67 1.23 52.30
CA GLY P 172 61.27 -0.06 51.81
C GLY P 172 60.70 -0.01 50.40
N GLY P 173 60.10 -1.13 50.01
CA GLY P 173 59.50 -1.23 48.69
C GLY P 173 58.63 -2.46 48.58
N ARG P 174 57.66 -2.38 47.68
CA ARG P 174 56.73 -3.49 47.48
C ARG P 174 57.44 -4.67 46.83
N ASN P 175 57.06 -5.88 47.25
CA ASN P 175 57.63 -7.11 46.72
C ASN P 175 56.51 -8.08 46.39
N VAL P 176 56.59 -8.67 45.19
CA VAL P 176 55.63 -9.68 44.75
C VAL P 176 56.41 -10.89 44.25
N THR P 177 56.10 -12.06 44.79
CA THR P 177 56.76 -13.31 44.42
C THR P 177 55.72 -14.33 44.04
N SER P 178 55.94 -15.00 42.90
CA SER P 178 55.04 -16.02 42.40
C SER P 178 55.86 -17.22 41.97
N GLU P 179 55.69 -18.35 42.66
CA GLU P 179 56.41 -19.57 42.38
C GLU P 179 55.42 -20.69 42.05
N GLU P 180 55.72 -21.44 40.99
CA GLU P 180 54.88 -22.55 40.57
C GLU P 180 55.77 -23.71 40.17
N LYS P 181 55.67 -24.81 40.91
CA LYS P 181 56.49 -25.99 40.67
C LYS P 181 55.57 -27.18 40.42
N GLY P 182 55.64 -27.74 39.21
CA GLY P 182 54.86 -28.92 38.88
C GLY P 182 55.73 -30.08 38.46
N ALA P 183 55.67 -31.18 39.19
CA ALA P 183 56.45 -32.37 38.91
C ALA P 183 55.53 -33.53 38.61
N GLY P 184 55.66 -34.10 37.42
CA GLY P 184 54.87 -35.24 37.02
C GLY P 184 55.70 -36.40 36.52
N VAL P 185 55.70 -37.51 37.25
CA VAL P 185 56.45 -38.71 36.89
C VAL P 185 55.46 -39.85 36.67
N SER P 186 55.53 -40.47 35.50
CA SER P 186 54.69 -41.60 35.15
C SER P 186 55.61 -42.76 34.75
N GLY P 187 55.61 -43.81 35.55
CA GLY P 187 56.44 -44.98 35.32
C GLY P 187 55.59 -46.19 34.97
N ASN P 188 55.96 -46.85 33.89
CA ASN P 188 55.29 -48.06 33.41
C ASN P 188 56.20 -49.25 33.58
N VAL P 189 55.70 -50.28 34.26
CA VAL P 189 56.45 -51.51 34.53
C VAL P 189 55.77 -52.66 33.81
N GLY P 190 56.54 -53.41 33.04
CA GLY P 190 56.00 -54.55 32.30
C GLY P 190 56.96 -55.72 32.22
N PHE P 199 51.22 -59.22 35.31
CA PHE P 199 51.58 -58.26 36.34
C PHE P 199 52.32 -57.07 35.74
N ALA P 200 51.58 -55.99 35.45
CA ALA P 200 52.13 -54.78 34.84
C ALA P 200 51.69 -53.58 35.65
N PRO P 201 52.32 -53.34 36.80
CA PRO P 201 51.96 -52.19 37.61
C PRO P 201 52.36 -50.88 36.94
N GLU P 202 51.61 -49.83 37.26
CA GLU P 202 51.88 -48.49 36.76
C GLU P 202 51.81 -47.51 37.92
N VAL P 203 52.80 -46.60 37.99
CA VAL P 203 52.88 -45.62 39.05
C VAL P 203 52.79 -44.23 38.45
N GLY P 204 51.83 -43.44 38.92
CA GLY P 204 51.66 -42.09 38.44
C GLY P 204 51.63 -41.06 39.56
N TRP P 205 52.63 -40.19 39.62
CA TRP P 205 52.73 -39.15 40.63
C TRP P 205 52.63 -37.79 39.95
N ASP P 206 51.69 -36.97 40.43
CA ASP P 206 51.44 -35.65 39.85
C ASP P 206 51.28 -34.66 41.00
N THR P 207 52.35 -33.91 41.30
CA THR P 207 52.33 -32.93 42.36
C THR P 207 52.48 -31.52 41.81
N LYS P 208 51.78 -30.57 42.44
CA LYS P 208 51.82 -29.18 42.04
C LYS P 208 51.92 -28.30 43.29
N THR P 209 52.69 -27.23 43.19
CA THR P 209 52.88 -26.30 44.30
C THR P 209 52.78 -24.88 43.79
N LYS P 210 51.93 -24.08 44.43
CA LYS P 210 51.79 -22.66 44.11
C LYS P 210 52.06 -21.83 45.35
N THR P 211 52.71 -20.68 45.15
CA THR P 211 53.04 -19.79 46.26
C THR P 211 53.07 -18.36 45.73
N LYS P 212 52.17 -17.53 46.24
CA LYS P 212 52.10 -16.11 45.89
C LYS P 212 52.22 -15.30 47.16
N VAL P 213 53.30 -14.53 47.27
CA VAL P 213 53.60 -13.76 48.48
C VAL P 213 53.64 -12.28 48.12
N ASN P 214 52.85 -11.48 48.84
CA ASN P 214 52.85 -10.04 48.70
C ASN P 214 53.35 -9.41 49.98
N ALA P 215 54.32 -8.50 49.86
CA ALA P 215 54.92 -7.86 51.02
C ALA P 215 55.06 -6.37 50.76
N HIS P 216 54.85 -5.58 51.82
CA HIS P 216 54.98 -4.11 51.76
C HIS P 216 55.87 -3.68 52.92
N HIS P 217 57.18 -3.66 52.69
CA HIS P 217 58.12 -3.21 53.70
C HIS P 217 58.03 -1.69 53.85
N THR P 218 58.25 -1.23 55.08
CA THR P 218 58.18 0.19 55.42
C THR P 218 59.35 0.58 56.30
N THR P 219 60.53 0.02 56.03
CA THR P 219 61.73 0.37 56.77
C THR P 219 62.95 0.16 55.88
N ASP P 220 64.04 0.82 56.25
CA ASP P 220 65.26 0.76 55.46
C ASP P 220 65.99 -0.56 55.70
N PHE P 221 66.65 -1.05 54.64
CA PHE P 221 67.41 -2.29 54.72
C PHE P 221 68.47 -2.30 53.63
N VAL P 222 69.46 -3.17 53.81
CA VAL P 222 70.57 -3.28 52.86
C VAL P 222 70.12 -4.12 51.66
N CYS P 223 70.37 -3.61 50.46
CA CYS P 223 69.95 -4.28 49.24
C CYS P 223 71.05 -5.15 48.65
N ALA P 224 72.20 -4.55 48.33
CA ALA P 224 73.26 -5.28 47.65
C ALA P 224 74.61 -4.78 48.14
N ILE P 225 75.63 -5.62 47.96
CA ILE P 225 76.99 -5.33 48.40
C ILE P 225 77.97 -5.71 47.30
N ARG P 226 79.17 -5.16 47.38
CA ARG P 226 80.28 -5.52 46.50
C ARG P 226 81.38 -6.17 47.32
N LEU P 227 81.92 -7.27 46.80
CA LEU P 227 82.91 -8.08 47.49
C LEU P 227 84.25 -8.02 46.76
N VAL P 228 85.32 -7.83 47.53
CA VAL P 228 86.68 -7.87 47.01
C VAL P 228 87.37 -9.10 47.59
N LYS P 229 87.94 -9.92 46.71
CA LYS P 229 88.54 -11.19 47.10
C LYS P 229 90.03 -11.02 47.36
N ILE P 230 90.46 -11.41 48.56
CA ILE P 230 91.87 -11.39 48.94
C ILE P 230 92.32 -12.82 49.17
N ALA P 231 93.28 -13.28 48.37
CA ALA P 231 93.77 -14.65 48.45
C ALA P 231 95.29 -14.67 48.37
N LYS P 232 95.88 -15.71 48.95
CA LYS P 232 97.32 -15.92 48.86
C LYS P 232 97.59 -17.42 48.99
N SER P 233 98.40 -17.95 48.07
CA SER P 233 98.75 -19.36 48.08
C SER P 233 100.08 -19.53 47.37
N GLY P 234 100.71 -20.68 47.63
CA GLY P 234 102.00 -20.97 47.03
C GLY P 234 103.15 -20.16 47.59
N LEU P 235 103.03 -19.70 48.84
CA LEU P 235 104.07 -18.90 49.50
C LEU P 235 104.39 -17.65 48.68
N ARG P 236 103.34 -16.94 48.28
CA ARG P 236 103.51 -15.70 47.52
C ARG P 236 104.09 -14.61 48.42
N SER P 237 104.89 -13.74 47.81
CA SER P 237 105.49 -12.64 48.56
C SER P 237 104.43 -11.70 49.12
N SER P 238 103.41 -11.40 48.31
CA SER P 238 102.32 -10.54 48.72
C SER P 238 100.99 -11.15 48.28
N TRP P 239 99.93 -10.81 49.01
CA TRP P 239 98.61 -11.33 48.69
C TRP P 239 98.08 -10.70 47.41
N THR P 240 97.06 -11.33 46.85
CA THR P 240 96.46 -10.91 45.59
C THR P 240 95.03 -10.41 45.84
N MET P 241 94.70 -9.27 45.24
CA MET P 241 93.38 -8.66 45.36
C MET P 241 92.68 -8.69 44.01
N LYS P 242 91.45 -9.20 44.00
CA LYS P 242 90.68 -9.36 42.78
C LYS P 242 89.23 -8.95 43.03
N LYS P 243 88.49 -8.77 41.94
CA LYS P 243 87.07 -8.44 41.98
C LYS P 243 86.26 -9.65 41.55
N VAL P 244 85.04 -9.75 42.09
CA VAL P 244 84.15 -10.87 41.84
C VAL P 244 82.88 -10.36 41.20
N THR P 245 82.48 -10.99 40.09
CA THR P 245 81.27 -10.63 39.36
C THR P 245 80.42 -11.88 39.14
N ARG P 246 79.10 -11.68 39.11
CA ARG P 246 78.18 -12.78 38.88
C ARG P 246 78.00 -13.03 37.38
CA MET Q 5 86.16 5.83 13.41
C MET Q 5 86.00 7.34 13.58
N ASP Q 6 84.82 7.76 14.02
CA ASP Q 6 84.50 9.17 14.21
C ASP Q 6 84.24 9.54 15.66
N LYS Q 7 83.60 8.65 16.42
CA LYS Q 7 83.25 8.91 17.82
C LYS Q 7 84.40 8.48 18.72
N CYS Q 8 84.74 9.33 19.68
CA CYS Q 8 85.87 9.08 20.58
C CYS Q 8 85.53 9.45 22.01
N TRP Q 9 84.33 9.08 22.46
CA TRP Q 9 83.89 9.32 23.83
C TRP Q 9 83.48 8.00 24.46
N PHE Q 10 84.17 7.62 25.54
CA PHE Q 10 83.91 6.38 26.25
C PHE Q 10 83.15 6.66 27.54
N THR Q 11 82.02 6.00 27.72
CA THR Q 11 81.18 6.20 28.90
C THR Q 11 81.66 5.37 30.08
N LEU Q 12 81.48 5.91 31.27
CA LEU Q 12 81.88 5.23 32.49
C LEU Q 12 80.76 4.34 33.01
N ASP Q 13 81.15 3.28 33.73
CA ASP Q 13 80.21 2.35 34.34
C ASP Q 13 79.91 2.70 35.79
N ASN Q 14 80.53 3.74 36.34
CA ASN Q 14 80.32 4.16 37.72
C ASN Q 14 79.88 5.62 37.73
N ALA Q 15 78.83 5.91 38.48
CA ALA Q 15 78.23 7.23 38.49
C ALA Q 15 78.36 7.95 39.84
N HIS Q 16 79.19 7.42 40.75
CA HIS Q 16 79.33 8.03 42.06
C HIS Q 16 80.49 9.02 42.15
N TYR Q 17 81.22 9.24 41.05
CA TYR Q 17 82.29 10.22 41.06
C TYR Q 17 81.72 11.63 41.09
N PRO Q 18 82.07 12.47 42.08
CA PRO Q 18 81.55 13.83 42.08
C PRO Q 18 82.14 14.64 40.95
N PRO Q 19 81.42 15.63 40.44
CA PRO Q 19 81.94 16.45 39.33
C PRO Q 19 82.96 17.44 39.82
N PRO Q 20 84.11 17.54 39.15
CA PRO Q 20 85.11 18.54 39.55
C PRO Q 20 84.62 19.96 39.31
N SER Q 21 85.13 20.88 40.11
CA SER Q 21 84.81 22.29 39.98
C SER Q 21 85.80 22.97 39.04
N LEU Q 22 85.38 24.12 38.51
CA LEU Q 22 86.20 24.83 37.53
C LEU Q 22 87.52 25.30 38.15
N ASP Q 23 87.46 25.84 39.37
CA ASP Q 23 88.69 26.28 40.04
C ASP Q 23 89.55 25.09 40.42
N SER Q 24 88.94 23.98 40.87
CA SER Q 24 89.71 22.81 41.25
C SER Q 24 90.41 22.18 40.05
N MET Q 25 89.71 22.09 38.91
CA MET Q 25 90.33 21.49 37.72
C MET Q 25 91.41 22.38 37.15
N ARG Q 26 91.26 23.70 37.26
CA ARG Q 26 92.34 24.60 36.86
C ARG Q 26 93.56 24.41 37.76
N SER Q 27 93.34 24.26 39.06
CA SER Q 27 94.43 24.00 39.99
C SER Q 27 94.90 22.55 39.98
N GLY Q 28 94.22 21.69 39.24
CA GLY Q 28 94.60 20.28 39.17
C GLY Q 28 94.39 19.52 40.45
N HIS Q 29 93.31 19.79 41.18
CA HIS Q 29 93.02 19.06 42.40
C HIS Q 29 92.35 17.74 42.06
N PRO Q 30 92.93 16.60 42.41
CA PRO Q 30 92.30 15.29 42.11
C PRO Q 30 91.22 14.92 43.12
N ILE Q 31 90.14 15.69 43.12
CA ILE Q 31 89.01 15.39 44.01
C ILE Q 31 88.39 14.05 43.64
N SER Q 32 88.22 13.80 42.35
CA SER Q 32 87.68 12.53 41.86
C SER Q 32 88.77 11.75 41.12
N PRO Q 33 88.68 10.41 41.13
CA PRO Q 33 89.65 9.62 40.35
C PRO Q 33 89.64 9.94 38.87
N ALA Q 34 88.49 10.30 38.31
CA ALA Q 34 88.37 10.67 36.89
C ALA Q 34 88.49 12.18 36.77
N SER Q 35 89.69 12.65 36.40
CA SER Q 35 89.93 14.07 36.23
C SER Q 35 91.06 14.26 35.23
N LEU Q 36 91.14 15.48 34.69
CA LEU Q 36 92.17 15.79 33.70
C LEU Q 36 93.56 15.75 34.33
N GLY Q 37 94.51 15.22 33.58
CA GLY Q 37 95.88 15.10 34.02
C GLY Q 37 96.26 13.76 34.62
N HIS Q 38 95.27 12.91 34.89
CA HIS Q 38 95.56 11.60 35.46
C HIS Q 38 96.05 10.63 34.37
N LEU Q 39 96.82 9.64 34.81
CA LEU Q 39 97.32 8.58 33.95
C LEU Q 39 96.82 7.25 34.46
N ILE Q 40 96.24 6.45 33.58
CA ILE Q 40 95.71 5.14 33.96
C ILE Q 40 96.24 4.08 32.99
N PRO Q 41 96.56 2.88 33.46
CA PRO Q 41 96.97 1.82 32.53
C PRO Q 41 95.90 1.46 31.51
N SER Q 42 94.62 1.52 31.89
CA SER Q 42 93.52 1.19 31.00
C SER Q 42 92.26 1.83 31.52
N LEU Q 43 91.23 1.85 30.67
CA LEU Q 43 89.95 2.43 31.05
C LEU Q 43 89.31 1.64 32.19
N ALA Q 44 89.39 0.31 32.14
CA ALA Q 44 88.81 -0.52 33.19
C ALA Q 44 89.56 -0.40 34.52
N HIS Q 45 90.74 0.20 34.53
CA HIS Q 45 91.54 0.37 35.74
C HIS Q 45 91.67 1.85 36.08
N LEU Q 46 90.55 2.58 36.01
CA LEU Q 46 90.56 4.02 36.29
C LEU Q 46 90.98 4.31 37.73
N ASP Q 47 90.60 3.44 38.67
CA ASP Q 47 90.96 3.66 40.07
C ASP Q 47 92.46 3.52 40.31
N GLN Q 48 93.18 2.88 39.39
CA GLN Q 48 94.64 2.71 39.52
C GLN Q 48 95.34 3.89 38.84
N ILE Q 49 95.27 5.04 39.52
CA ILE Q 49 95.91 6.25 39.00
C ILE Q 49 97.41 6.16 39.20
N ILE Q 50 98.16 6.36 38.12
CA ILE Q 50 99.62 6.32 38.21
C ILE Q 50 100.15 7.52 38.99
N ASN Q 51 99.57 8.69 38.76
CA ASN Q 51 100.00 9.90 39.45
C ASN Q 51 99.66 9.83 40.93
N ALA Q 52 100.63 10.17 41.78
CA ALA Q 52 100.43 10.14 43.23
C ALA Q 52 100.11 11.55 43.75
N LYS Q 53 98.96 12.06 43.29
CA LYS Q 53 98.47 13.38 43.70
C LYS Q 53 99.50 14.47 43.42
N ALA Q 54 100.19 14.36 42.29
CA ALA Q 54 101.18 15.35 41.85
C ALA Q 54 100.88 15.71 40.40
N ILE Q 55 99.98 16.68 40.20
CA ILE Q 55 99.58 17.11 38.87
C ILE Q 55 100.52 18.22 38.41
N GLU Q 56 101.06 18.06 37.21
CA GLU Q 56 101.94 19.09 36.65
C GLU Q 56 101.15 20.38 36.46
N PRO Q 57 101.67 21.52 36.91
CA PRO Q 57 100.94 22.78 36.74
C PRO Q 57 100.69 23.10 35.28
N PHE Q 58 99.50 23.63 35.00
CA PHE Q 58 99.14 24.00 33.63
C PHE Q 58 99.83 25.29 33.24
N PRO Q 59 100.62 25.32 32.17
CA PRO Q 59 101.22 26.58 31.73
C PRO Q 59 100.18 27.51 31.13
N ALA Q 60 100.63 28.72 30.79
CA ALA Q 60 99.74 29.71 30.21
C ALA Q 60 99.20 29.30 28.85
N THR Q 61 99.86 28.37 28.16
CA THR Q 61 99.42 27.91 26.85
C THR Q 61 98.35 26.83 26.94
N MET Q 62 98.05 26.34 28.15
CA MET Q 62 97.06 25.28 28.33
C MET Q 62 95.72 25.89 28.74
N ASP Q 63 94.67 25.56 27.99
CA ASP Q 63 93.33 26.04 28.26
C ASP Q 63 92.37 24.87 28.31
N ILE Q 64 91.26 25.07 29.03
CA ILE Q 64 90.23 24.03 29.18
C ILE Q 64 89.17 24.27 28.12
N HIS Q 65 89.41 25.23 27.24
CA HIS Q 65 88.51 25.59 26.14
C HIS Q 65 87.19 26.04 26.75
N GLY Q 66 86.03 25.58 26.26
CA GLY Q 66 84.77 26.04 26.77
C GLY Q 66 83.81 24.92 27.10
N PRO Q 67 82.79 25.22 27.92
CA PRO Q 67 81.78 24.22 28.31
C PRO Q 67 80.72 23.98 27.23
N THR Q 68 81.04 23.10 26.29
CA THR Q 68 80.11 22.75 25.24
C THR Q 68 78.91 22.01 25.83
N ILE Q 69 77.73 22.60 25.70
CA ILE Q 69 76.52 22.10 26.35
C ILE Q 69 75.66 21.36 25.35
N ILE Q 70 75.14 20.21 25.76
CA ILE Q 70 74.24 19.39 24.94
C ILE Q 70 72.93 19.23 25.71
N GLU Q 71 71.81 19.52 25.05
CA GLU Q 71 70.50 19.45 25.67
C GLU Q 71 69.63 18.42 24.97
N ASP Q 72 68.70 17.84 25.73
CA ASP Q 72 67.73 16.87 25.22
C ASP Q 72 68.42 15.72 24.49
N PHE Q 73 69.28 15.02 25.23
CA PHE Q 73 70.04 13.89 24.69
C PHE Q 73 69.30 12.60 24.99
N LYS Q 74 68.63 12.06 23.98
CA LYS Q 74 67.89 10.80 24.09
C LYS Q 74 68.40 9.85 23.01
N TRP Q 75 68.86 8.68 23.43
CA TRP Q 75 69.36 7.69 22.48
C TRP Q 75 68.85 6.31 22.85
N ASP Q 76 68.49 5.53 21.84
CA ASP Q 76 67.95 4.19 22.01
C ASP Q 76 68.84 3.20 21.27
N HIS Q 77 69.15 2.08 21.91
CA HIS Q 77 70.02 1.06 21.33
C HIS Q 77 69.48 -0.32 21.68
N SER Q 78 69.04 -1.06 20.67
CA SER Q 78 68.60 -2.44 20.82
C SER Q 78 69.60 -3.34 20.10
N HIS Q 79 70.29 -4.19 20.86
CA HIS Q 79 71.27 -5.13 20.31
C HIS Q 79 70.79 -6.53 20.60
N GLU Q 80 70.27 -7.21 19.58
CA GLU Q 80 69.73 -8.55 19.71
C GLU Q 80 70.36 -9.46 18.67
N TYR Q 81 70.66 -10.69 19.09
CA TYR Q 81 71.22 -11.69 18.19
C TYR Q 81 70.70 -13.06 18.60
N SER Q 82 70.77 -14.00 17.66
CA SER Q 82 70.29 -15.35 17.90
C SER Q 82 71.15 -16.33 17.11
N LEU Q 83 71.80 -17.26 17.82
CA LEU Q 83 72.59 -18.30 17.19
C LEU Q 83 71.93 -19.65 17.43
N SER Q 84 72.08 -20.55 16.45
CA SER Q 84 71.56 -21.90 16.55
C SER Q 84 72.51 -22.86 15.86
N LEU Q 85 72.52 -24.10 16.32
CA LEU Q 85 73.38 -25.13 15.76
C LEU Q 85 72.72 -26.49 15.94
N GLY Q 86 73.01 -27.39 15.02
CA GLY Q 86 72.47 -28.74 15.10
C GLY Q 86 73.53 -29.80 14.86
N GLY Q 87 73.82 -30.60 15.89
CA GLY Q 87 74.79 -31.67 15.75
C GLY Q 87 74.16 -33.04 15.80
N LYS Q 88 74.12 -33.73 14.66
CA LYS Q 88 73.50 -35.05 14.56
C LYS Q 88 74.56 -36.08 14.22
N VAL Q 89 74.70 -37.09 15.05
CA VAL Q 89 75.68 -38.16 14.87
C VAL Q 89 74.91 -39.47 14.80
N PRO Q 90 75.24 -40.38 13.89
CA PRO Q 90 74.58 -41.69 13.81
C PRO Q 90 75.05 -42.65 14.89
N LEU Q 103 71.91 -46.57 14.77
CA LEU Q 103 71.95 -45.51 15.77
C LEU Q 103 71.75 -44.15 15.12
N ASN Q 104 71.05 -43.25 15.82
CA ASN Q 104 70.85 -41.90 15.34
C ASN Q 104 70.54 -41.00 16.54
N VAL Q 105 71.34 -39.95 16.71
CA VAL Q 105 71.18 -39.01 17.81
C VAL Q 105 71.28 -37.60 17.25
N GLY Q 106 70.30 -36.76 17.55
CA GLY Q 106 70.29 -35.38 17.10
C GLY Q 106 70.28 -34.43 18.27
N LEU Q 107 71.00 -33.32 18.13
CA LEU Q 107 71.10 -32.30 19.17
C LEU Q 107 70.77 -30.95 18.56
N GLY Q 108 69.85 -30.23 19.19
CA GLY Q 108 69.50 -28.89 18.74
C GLY Q 108 69.72 -27.84 19.81
N GLY Q 109 70.65 -26.92 19.57
CA GLY Q 109 70.97 -25.90 20.54
C GLY Q 109 70.77 -24.49 20.01
N ALA Q 110 69.88 -23.74 20.65
CA ALA Q 110 69.59 -22.37 20.26
C ALA Q 110 69.85 -21.44 21.45
N PHE Q 111 70.45 -20.28 21.15
CA PHE Q 111 70.77 -19.29 22.18
C PHE Q 111 70.41 -17.92 21.63
N SER Q 112 69.44 -17.27 22.25
CA SER Q 112 69.00 -15.94 21.86
C SER Q 112 69.22 -14.96 23.00
N ARG Q 113 69.92 -13.87 22.73
CA ARG Q 113 70.18 -12.83 23.71
C ARG Q 113 69.80 -11.48 23.11
N SER Q 114 68.95 -10.74 23.83
CA SER Q 114 68.53 -9.41 23.41
C SER Q 114 68.78 -8.44 24.55
N VAL Q 115 69.46 -7.33 24.25
CA VAL Q 115 69.77 -6.29 25.22
C VAL Q 115 69.27 -4.97 24.65
N ALA Q 116 68.30 -4.36 25.32
CA ALA Q 116 67.70 -3.11 24.89
C ALA Q 116 67.99 -2.04 25.91
N ASN Q 117 68.66 -0.97 25.48
CA ASN Q 117 69.00 0.15 26.34
C ASN Q 117 68.27 1.40 25.87
N TYR Q 118 67.83 2.21 26.84
CA TYR Q 118 67.12 3.45 26.53
C TYR Q 118 67.52 4.48 27.59
N TRP Q 119 68.24 5.52 27.16
CA TRP Q 119 68.74 6.56 28.04
C TRP Q 119 68.16 7.90 27.63
N GLU Q 120 67.85 8.73 28.63
CA GLU Q 120 67.42 10.10 28.39
C GLU Q 120 68.14 11.02 29.37
N PHE Q 121 68.73 12.10 28.86
CA PHE Q 121 69.41 13.07 29.69
C PHE Q 121 69.01 14.48 29.27
N ASP Q 122 69.04 15.40 30.22
CA ASP Q 122 68.59 16.76 29.96
C ASP Q 122 69.73 17.71 29.61
N ARG Q 123 70.84 17.65 30.35
CA ARG Q 123 71.96 18.56 30.11
C ARG Q 123 73.27 17.82 30.29
N LEU Q 124 74.14 17.93 29.30
CA LEU Q 124 75.51 17.42 29.36
C LEU Q 124 76.47 18.56 29.07
N GLU Q 125 77.61 18.56 29.76
CA GLU Q 125 78.57 19.65 29.67
C GLU Q 125 79.95 19.09 29.37
N ARG Q 126 80.60 19.62 28.35
CA ARG Q 126 81.85 19.10 27.82
C ARG Q 126 83.01 20.00 28.21
N TYR Q 127 84.10 19.40 28.69
CA TYR Q 127 85.36 20.11 28.90
C TYR Q 127 86.48 19.32 28.25
N ILE Q 128 87.41 20.03 27.60
CA ILE Q 128 88.43 19.39 26.79
C ILE Q 128 89.68 20.26 26.81
N MET Q 129 90.85 19.60 26.81
CA MET Q 129 92.13 20.28 26.73
C MET Q 129 93.02 19.54 25.73
N GLN Q 130 93.96 20.27 25.15
CA GLN Q 130 94.85 19.72 24.14
C GLN Q 130 96.25 19.54 24.71
N PRO Q 131 96.72 18.31 24.90
CA PRO Q 131 98.08 18.11 25.41
C PRO Q 131 99.13 18.56 24.41
N THR Q 132 100.28 18.98 24.95
CA THR Q 132 101.41 19.43 24.15
C THR Q 132 102.60 18.50 24.38
N ARG Q 133 103.57 18.58 23.46
CA ARG Q 133 104.76 17.73 23.55
C ARG Q 133 105.55 18.01 24.82
N SER Q 134 105.72 19.29 25.17
CA SER Q 134 106.50 19.63 26.36
C SER Q 134 105.81 19.15 27.63
N TYR Q 135 104.49 19.33 27.72
CA TYR Q 135 103.78 18.96 28.93
C TYR Q 135 103.81 17.44 29.16
N VAL Q 136 103.63 16.66 28.10
CA VAL Q 136 103.66 15.21 28.24
C VAL Q 136 105.07 14.75 28.60
N GLN Q 137 106.09 15.36 28.00
CA GLN Q 137 107.47 15.01 28.33
C GLN Q 137 107.78 15.32 29.78
N LYS Q 138 107.28 16.45 30.29
CA LYS Q 138 107.45 16.76 31.71
C LYS Q 138 106.77 15.73 32.59
N CYS Q 139 105.55 15.30 32.21
CA CYS Q 139 104.84 14.30 32.99
C CYS Q 139 105.56 12.95 32.98
N ILE Q 140 106.08 12.55 31.82
CA ILE Q 140 106.71 11.24 31.69
C ILE Q 140 108.05 11.16 32.42
N GLU Q 141 108.63 12.30 32.80
CA GLU Q 141 109.90 12.33 33.52
C GLU Q 141 109.73 12.31 35.03
N ARG Q 142 108.49 12.21 35.52
CA ARG Q 142 108.27 12.14 36.96
C ARG Q 142 108.83 10.85 37.54
N ASP Q 143 109.21 10.90 38.81
CA ASP Q 143 109.78 9.73 39.47
C ASP Q 143 108.76 8.62 39.61
N GLU Q 144 107.50 8.97 39.88
CA GLU Q 144 106.46 7.95 40.03
C GLU Q 144 106.26 7.18 38.73
N VAL Q 145 106.24 7.87 37.59
CA VAL Q 145 106.10 7.20 36.31
C VAL Q 145 107.33 6.34 36.01
N LYS Q 146 108.52 6.85 36.35
CA LYS Q 146 109.73 6.06 36.17
C LYS Q 146 109.71 4.81 37.01
N ARG Q 147 109.22 4.90 38.25
CA ARG Q 147 109.07 3.72 39.09
C ARG Q 147 108.07 2.74 38.48
N TRP Q 148 106.94 3.25 37.97
CA TRP Q 148 105.91 2.38 37.42
C TRP Q 148 106.41 1.63 36.19
N ILE Q 149 107.11 2.33 35.29
CA ILE Q 149 107.65 1.65 34.12
C ILE Q 149 108.77 0.70 34.52
N ALA Q 150 109.47 1.00 35.61
CA ALA Q 150 110.48 0.08 36.11
C ALA Q 150 109.87 -1.19 36.69
N LYS Q 151 108.60 -1.15 37.09
CA LYS Q 151 107.92 -2.35 37.56
C LYS Q 151 107.73 -3.39 36.46
N ASN Q 152 107.76 -2.97 35.20
CA ASN Q 152 107.60 -3.89 34.09
C ASN Q 152 108.79 -4.85 34.03
N LYS Q 153 108.50 -6.14 33.87
CA LYS Q 153 109.53 -7.18 33.82
C LYS Q 153 109.15 -8.18 32.72
N SER Q 154 109.63 -7.91 31.51
CA SER Q 154 109.39 -8.79 30.37
C SER Q 154 110.35 -8.41 29.26
N MET Q 155 110.46 -9.28 28.27
CA MET Q 155 111.33 -9.05 27.11
C MET Q 155 110.58 -8.54 25.89
N MET Q 156 109.33 -8.97 25.68
CA MET Q 156 108.56 -8.48 24.54
C MET Q 156 108.31 -6.99 24.65
N MET Q 157 107.97 -6.52 25.85
CA MET Q 157 107.75 -5.09 26.09
C MET Q 157 109.04 -4.44 26.61
N MET Q 158 110.05 -4.43 25.72
CA MET Q 158 111.36 -3.87 26.04
C MET Q 158 111.25 -2.34 26.02
N GLY Q 159 110.78 -1.80 27.13
CA GLY Q 159 110.51 -0.38 27.23
C GLY Q 159 109.17 0.04 26.66
N ARG Q 160 108.28 -0.90 26.39
CA ARG Q 160 106.99 -0.59 25.78
C ARG Q 160 106.01 -0.17 26.88
N TRP Q 161 105.71 1.13 26.93
CA TRP Q 161 104.75 1.68 27.88
C TRP Q 161 103.48 2.07 27.14
N GLU Q 162 102.34 1.62 27.65
CA GLU Q 162 101.03 1.93 27.07
C GLU Q 162 100.17 2.52 28.18
N VAL Q 163 100.23 3.84 28.34
CA VAL Q 163 99.47 4.55 29.37
C VAL Q 163 98.47 5.48 28.68
N TYR Q 164 97.34 5.67 29.35
CA TYR Q 164 96.27 6.53 28.86
C TYR Q 164 96.15 7.74 29.77
N MET Q 165 96.06 8.93 29.17
CA MET Q 165 95.91 10.18 29.90
C MET Q 165 94.52 10.73 29.67
N ILE Q 166 93.86 11.14 30.76
CA ILE Q 166 92.53 11.72 30.65
C ILE Q 166 92.64 13.09 30.02
N THR Q 167 91.99 13.27 28.86
CA THR Q 167 92.07 14.52 28.11
C THR Q 167 90.77 15.32 28.12
N GLY Q 168 89.62 14.66 28.15
CA GLY Q 168 88.36 15.36 28.16
C GLY Q 168 87.36 14.66 29.06
N ILE Q 169 86.47 15.45 29.63
CA ILE Q 169 85.42 14.95 30.52
C ILE Q 169 84.11 15.62 30.16
N ILE Q 170 83.03 14.84 30.12
CA ILE Q 170 81.68 15.37 29.94
C ILE Q 170 80.86 15.00 31.17
N VAL Q 171 80.18 15.98 31.73
CA VAL Q 171 79.50 15.85 33.02
C VAL Q 171 78.01 16.03 32.82
N ALA Q 172 77.23 15.09 33.35
CA ALA Q 172 75.78 15.22 33.34
C ALA Q 172 75.32 16.09 34.49
N ARG Q 173 74.41 17.02 34.21
CA ARG Q 173 73.91 17.98 35.20
C ARG Q 173 72.40 17.81 35.29
N GLY Q 174 71.96 16.93 36.18
CA GLY Q 174 70.54 16.71 36.37
C GLY Q 174 70.14 15.25 36.30
N GLY Q 175 71.13 14.36 36.24
CA GLY Q 175 70.84 12.94 36.17
C GLY Q 175 70.20 12.56 34.85
N GLY Q 176 69.40 11.50 34.89
CA GLY Q 176 68.73 11.02 33.70
C GLY Q 176 67.96 9.76 33.98
N ARG Q 177 67.17 9.35 32.99
CA ARG Q 177 66.34 8.17 33.08
C ARG Q 177 66.94 7.05 32.26
N LYS Q 178 67.14 5.89 32.89
CA LYS Q 178 67.75 4.74 32.25
C LYS Q 178 66.79 3.55 32.29
N LYS Q 179 66.71 2.82 31.17
CA LYS Q 179 65.95 1.59 31.10
C LYS Q 179 66.81 0.53 30.42
N LYS Q 180 66.94 -0.63 31.06
CA LYS Q 180 67.71 -1.74 30.50
C LYS Q 180 66.87 -3.00 30.57
N GLU Q 181 66.83 -3.75 29.48
CA GLU Q 181 66.09 -5.01 29.40
C GLU Q 181 67.01 -6.07 28.81
N LYS Q 182 67.02 -7.24 29.43
CA LYS Q 182 67.87 -8.35 29.01
C LYS Q 182 67.01 -9.61 28.89
N THR Q 183 66.95 -10.17 27.69
CA THR Q 183 66.23 -11.41 27.43
C THR Q 183 67.23 -12.49 27.03
N THR Q 184 67.16 -13.63 27.70
CA THR Q 184 68.04 -14.76 27.41
C THR Q 184 67.20 -16.01 27.24
N GLY Q 185 67.24 -16.58 26.04
CA GLY Q 185 66.52 -17.82 25.77
C GLY Q 185 67.44 -18.92 25.33
N LYS Q 186 67.52 -19.99 26.12
CA LYS Q 186 68.40 -21.14 25.83
C LYS Q 186 67.52 -22.37 25.68
N GLU Q 187 67.47 -22.91 24.46
CA GLU Q 187 66.72 -24.13 24.18
C GLU Q 187 67.71 -25.23 23.80
N PHE Q 188 67.71 -26.31 24.57
CA PHE Q 188 68.64 -27.41 24.39
C PHE Q 188 67.83 -28.70 24.27
N SER Q 189 67.85 -29.31 23.10
CA SER Q 189 67.09 -30.52 22.83
C SER Q 189 68.01 -31.62 22.32
N VAL Q 190 67.85 -32.82 22.86
CA VAL Q 190 68.61 -34.00 22.43
C VAL Q 190 67.62 -35.12 22.13
N GLU Q 191 67.65 -35.61 20.89
CA GLU Q 191 66.81 -36.71 20.47
C GLU Q 191 67.69 -37.95 20.28
N VAL Q 192 67.38 -39.01 21.02
CA VAL Q 192 68.16 -40.24 20.93
C VAL Q 192 67.31 -41.37 20.37
N PRO Q 204 63.95 -42.41 23.17
CA PRO Q 204 64.56 -41.59 24.21
C PRO Q 204 64.87 -40.17 23.75
N GLY Q 205 64.73 -39.19 24.63
CA GLY Q 205 65.01 -37.81 24.28
C GLY Q 205 64.67 -36.83 25.38
N GLY Q 206 65.55 -35.85 25.59
CA GLY Q 206 65.33 -34.83 26.59
C GLY Q 206 65.52 -33.43 26.07
N LYS Q 207 64.54 -32.56 26.32
CA LYS Q 207 64.58 -31.17 25.88
C LYS Q 207 64.28 -30.26 27.07
N ARG Q 208 65.00 -29.14 27.15
CA ARG Q 208 64.84 -28.20 28.24
C ARG Q 208 64.97 -26.77 27.71
N ASN Q 209 64.03 -25.91 28.11
CA ASN Q 209 64.03 -24.51 27.71
C ASN Q 209 64.19 -23.65 28.95
N THR Q 210 65.15 -22.72 28.89
CA THR Q 210 65.40 -21.78 29.99
C THR Q 210 65.25 -20.36 29.44
N ALA Q 211 64.17 -19.70 29.84
CA ALA Q 211 63.87 -18.34 29.39
C ALA Q 211 63.94 -17.40 30.58
N ARG Q 212 64.79 -16.38 30.49
CA ARG Q 212 64.94 -15.38 31.53
C ARG Q 212 64.77 -14.00 30.94
N GLN Q 213 64.09 -13.12 31.68
CA GLN Q 213 63.79 -11.77 31.22
C GLN Q 213 63.98 -10.83 32.41
N LYS Q 214 65.08 -10.09 32.41
CA LYS Q 214 65.41 -9.17 33.49
C LYS Q 214 65.16 -7.73 33.06
N THR Q 215 64.66 -6.92 33.99
CA THR Q 215 64.36 -5.52 33.73
C THR Q 215 64.97 -4.66 34.82
N TRP Q 216 65.37 -3.45 34.44
CA TRP Q 216 65.96 -2.51 35.39
C TRP Q 216 65.67 -1.09 34.92
N GLY Q 217 64.73 -0.43 35.58
CA GLY Q 217 64.40 0.96 35.31
C GLY Q 217 64.88 1.85 36.44
N THR Q 218 65.47 2.98 36.09
CA THR Q 218 66.09 3.84 37.08
C THR Q 218 65.93 5.29 36.66
N SER Q 219 65.91 6.19 37.66
CA SER Q 219 65.90 7.63 37.44
C SER Q 219 67.02 8.22 38.30
N GLN Q 220 68.22 8.28 37.73
CA GLN Q 220 69.36 8.86 38.43
C GLN Q 220 69.16 10.36 38.63
N THR Q 221 69.49 10.84 39.81
CA THR Q 221 69.37 12.25 40.15
C THR Q 221 70.68 12.74 40.74
N GLY Q 222 71.17 13.87 40.24
CA GLY Q 222 72.40 14.46 40.76
C GLY Q 222 73.42 14.76 39.68
N ASP Q 223 74.41 15.59 40.03
CA ASP Q 223 75.48 15.95 39.11
C ASP Q 223 76.64 14.97 39.27
N PHE Q 224 77.13 14.45 38.14
CA PHE Q 224 78.19 13.45 38.16
C PHE Q 224 78.83 13.38 36.78
N VAL Q 225 80.10 12.97 36.74
CA VAL Q 225 80.79 12.81 35.48
C VAL Q 225 80.14 11.69 34.68
N TRP Q 226 80.02 11.89 33.38
CA TRP Q 226 79.29 10.98 32.51
C TRP Q 226 80.20 10.14 31.62
N ALA Q 227 81.19 10.75 30.97
CA ALA Q 227 82.11 10.01 30.11
C ALA Q 227 83.42 10.77 30.03
N VAL Q 228 84.46 10.08 29.57
CA VAL Q 228 85.80 10.63 29.49
C VAL Q 228 86.40 10.27 28.14
N ARG Q 229 87.27 11.16 27.65
CA ARG Q 229 88.03 10.93 26.43
C ARG Q 229 89.50 10.81 26.78
N LEU Q 230 90.14 9.74 26.31
CA LEU Q 230 91.53 9.45 26.63
C LEU Q 230 92.38 9.47 25.37
N ALA Q 231 93.63 9.86 25.52
CA ALA Q 231 94.61 9.86 24.44
C ALA Q 231 95.68 8.83 24.76
N LYS Q 232 95.85 7.85 23.88
CA LYS Q 232 96.81 6.77 24.10
C LYS Q 232 98.23 7.26 23.85
N ILE Q 233 99.13 6.95 24.78
CA ILE Q 233 100.55 7.27 24.65
C ILE Q 233 101.32 5.97 24.63
N THR Q 234 102.10 5.76 23.57
CA THR Q 234 102.86 4.53 23.39
C THR Q 234 104.30 4.84 23.04
N LYS Q 235 105.19 3.90 23.39
CA LYS Q 235 106.61 4.06 23.12
C LYS Q 235 107.22 2.66 23.06
N SER Q 236 107.59 2.22 21.86
CA SER Q 236 108.12 0.87 21.69
C SER Q 236 109.43 0.69 22.45
N GLY Q 237 110.30 1.68 22.40
CA GLY Q 237 111.56 1.58 23.11
C GLY Q 237 112.24 2.94 23.15
N LEU Q 238 113.40 2.97 23.82
CA LEU Q 238 114.17 4.21 23.92
C LEU Q 238 114.71 4.64 22.57
N HIS Q 239 114.97 3.70 21.67
CA HIS Q 239 115.44 4.06 20.33
C HIS Q 239 114.38 4.84 19.56
N SER Q 240 113.12 4.43 19.67
CA SER Q 240 112.02 5.11 19.00
C SER Q 240 111.51 6.26 19.86
N ASP Q 241 110.76 7.16 19.22
CA ASP Q 241 110.17 8.30 19.90
C ASP Q 241 108.77 7.96 20.39
N TRP Q 242 108.45 8.44 21.58
CA TRP Q 242 107.13 8.18 22.15
C TRP Q 242 106.07 8.98 21.40
N LYS Q 243 104.98 8.31 21.03
CA LYS Q 243 103.91 8.90 20.26
C LYS Q 243 102.62 8.94 21.07
N MET Q 244 101.75 9.88 20.70
CA MET Q 244 100.45 10.02 21.34
C MET Q 244 99.39 10.23 20.26
N GLU Q 245 98.20 9.70 20.52
CA GLU Q 245 97.08 9.83 19.59
C GLU Q 245 95.78 9.59 20.33
N THR Q 246 94.75 10.35 19.96
CA THR Q 246 93.43 10.15 20.54
C THR Q 246 92.84 8.83 20.08
N VAL Q 247 92.24 8.09 21.01
CA VAL Q 247 91.69 6.77 20.71
C VAL Q 247 90.35 6.93 20.01
N PHE Q 248 90.19 6.27 18.86
CA PHE Q 248 88.94 6.27 18.12
C PHE Q 248 88.39 4.85 18.04
N GLY Q 249 87.07 4.74 17.98
CA GLY Q 249 86.42 3.45 17.92
C GLY Q 249 86.29 2.78 19.27
N LYS Q 250 87.08 1.74 19.51
CA LYS Q 250 87.09 1.02 20.77
C LYS Q 250 88.50 1.02 21.35
N THR Q 251 88.57 0.90 22.68
CA THR Q 251 89.87 0.89 23.35
C THR Q 251 90.59 -0.43 23.09
N SER Q 252 91.90 -0.42 23.35
CA SER Q 252 92.73 -1.59 23.12
C SER Q 252 92.48 -2.71 24.13
N SER Q 253 91.73 -2.44 25.19
CA SER Q 253 91.46 -3.46 26.19
C SER Q 253 90.56 -4.55 25.62
N PHE Q 254 90.55 -5.70 26.31
CA PHE Q 254 89.74 -6.83 25.86
C PHE Q 254 88.26 -6.51 25.93
N ARG Q 255 87.55 -6.76 24.83
CA ARG Q 255 86.12 -6.51 24.73
C ARG Q 255 85.79 -5.06 25.10
N GLY Q 256 86.64 -4.14 24.67
CA GLY Q 256 86.43 -2.73 24.94
C GLY Q 256 85.15 -2.17 24.36
N GLN Q 257 84.40 -1.43 25.17
CA GLN Q 257 83.15 -0.86 24.70
C GLN Q 257 83.42 0.23 23.67
N LYS Q 258 82.59 0.25 22.62
CA LYS Q 258 82.74 1.23 21.56
C LYS Q 258 82.26 2.60 22.02
N ALA Q 259 82.80 3.64 21.41
CA ALA Q 259 82.41 4.99 21.75
C ALA Q 259 80.94 5.23 21.43
N ILE Q 260 80.23 5.87 22.37
CA ILE Q 260 78.81 6.13 22.18
C ILE Q 260 78.59 7.23 21.15
N PHE Q 261 79.27 8.36 21.32
CA PHE Q 261 79.11 9.48 20.40
C PHE Q 261 80.30 10.43 20.46
CA GLU R 8 85.12 18.81 -2.44
C GLU R 8 85.65 20.13 -1.91
N GLU R 9 84.77 21.13 -1.84
CA GLU R 9 85.18 22.46 -1.40
C GLU R 9 85.59 22.47 0.07
N TRP R 10 84.87 21.73 0.92
CA TRP R 10 85.10 21.74 2.35
C TRP R 10 85.08 20.33 2.91
N PHE R 11 85.78 20.13 4.02
CA PHE R 11 85.80 18.87 4.73
C PHE R 11 85.02 19.00 6.02
N PRO R 12 83.84 18.39 6.15
CA PRO R 12 83.07 18.51 7.38
C PRO R 12 83.70 17.71 8.51
N LEU R 13 83.73 18.32 9.70
CA LEU R 13 84.25 17.67 10.90
C LEU R 13 83.09 17.06 11.68
N LYS R 14 83.20 15.77 12.00
CA LYS R 14 82.19 15.10 12.82
C LYS R 14 82.57 15.17 14.30
N GLN R 15 82.88 16.37 14.77
CA GLN R 15 83.28 16.61 16.16
C GLN R 15 82.67 17.92 16.61
N THR R 16 82.30 18.00 17.89
CA THR R 16 81.66 19.23 18.43
C THR R 16 82.35 19.62 19.74
N HIS R 17 83.57 19.11 19.97
CA HIS R 17 84.32 19.45 21.21
C HIS R 17 85.35 20.54 20.90
N TYR R 18 85.14 21.28 19.82
CA TYR R 18 86.07 22.37 19.43
C TYR R 18 85.33 23.71 19.45
N PRO R 19 85.53 24.56 20.48
CA PRO R 19 84.89 25.87 20.54
C PRO R 19 85.44 26.80 19.47
N PRO R 20 84.67 27.79 19.04
CA PRO R 20 85.13 28.68 17.99
C PRO R 20 86.08 29.74 18.53
N PRO R 21 87.07 30.15 17.75
CA PRO R 21 87.93 31.26 18.16
C PRO R 21 87.17 32.58 18.14
N THR R 22 87.61 33.51 18.98
CA THR R 22 87.00 34.83 18.99
C THR R 22 87.56 35.69 17.85
N ILE R 23 86.78 36.70 17.46
CA ILE R 23 87.18 37.55 16.33
C ILE R 23 88.47 38.32 16.62
N PRO R 24 88.64 38.98 17.77
CA PRO R 24 89.91 39.72 17.98
C PRO R 24 91.15 38.84 17.92
N SER R 25 91.06 37.60 18.39
CA SER R 25 92.20 36.69 18.37
C SER R 25 92.32 35.90 17.07
N MET R 26 91.42 36.13 16.11
CA MET R 26 91.48 35.38 14.85
C MET R 26 92.74 35.71 14.07
N LYS R 27 93.12 36.99 14.02
CA LYS R 27 94.23 37.44 13.18
C LYS R 27 95.34 38.11 13.98
N THR R 28 95.40 37.88 15.29
CA THR R 28 96.44 38.46 16.12
C THR R 28 97.71 37.61 16.18
N GLY R 29 97.70 36.41 15.61
CA GLY R 29 98.84 35.52 15.65
C GLY R 29 98.83 34.54 16.80
N HIS R 30 98.00 34.75 17.82
CA HIS R 30 97.88 33.86 18.97
C HIS R 30 96.41 33.48 19.12
N PRO R 31 95.98 32.40 18.46
CA PRO R 31 94.57 32.00 18.53
C PRO R 31 94.17 31.55 19.92
N THR R 32 92.89 31.75 20.24
CA THR R 32 92.32 31.35 21.51
C THR R 32 91.47 30.08 21.41
N GLY R 33 91.53 29.39 20.28
CA GLY R 33 90.75 28.19 20.08
C GLY R 33 91.59 27.01 19.64
N PRO R 34 91.04 25.80 19.78
CA PRO R 34 91.81 24.61 19.37
C PRO R 34 92.17 24.60 17.89
N ILE R 35 91.30 25.11 17.02
CA ILE R 35 91.54 25.15 15.59
C ILE R 35 91.28 26.56 15.10
N SER R 36 92.25 27.14 14.39
CA SER R 36 92.13 28.48 13.85
C SER R 36 92.98 28.58 12.60
N ILE R 37 92.74 29.64 11.81
CA ILE R 37 93.50 29.85 10.59
C ILE R 37 94.95 30.16 10.94
N GLY R 38 95.86 29.40 10.35
CA GLY R 38 97.29 29.56 10.62
C GLY R 38 97.95 28.35 11.27
N HIS R 39 97.22 27.28 11.52
CA HIS R 39 97.79 26.09 12.14
C HIS R 39 98.28 25.12 11.08
N ILE R 40 99.22 24.26 11.48
CA ILE R 40 99.77 23.21 10.62
C ILE R 40 99.57 21.88 11.31
N ILE R 41 98.97 20.93 10.60
CA ILE R 41 98.71 19.60 11.15
C ILE R 41 99.41 18.56 10.29
N PRO R 42 99.97 17.49 10.88
CA PRO R 42 100.59 16.45 10.06
C PRO R 42 99.63 15.75 9.11
N ASP R 43 98.37 15.58 9.52
CA ASP R 43 97.39 14.88 8.71
C ASP R 43 96.01 15.25 9.20
N LEU R 44 95.00 14.91 8.39
CA LEU R 44 93.61 15.18 8.77
C LEU R 44 93.22 14.39 10.01
N ARG R 45 93.64 13.11 10.09
CA ARG R 45 93.32 12.31 11.25
C ARG R 45 93.96 12.85 12.51
N HIS R 46 95.23 13.26 12.41
CA HIS R 46 95.92 13.86 13.55
C HIS R 46 95.62 15.36 13.62
N LEU R 47 94.33 15.70 13.67
CA LEU R 47 93.92 17.10 13.67
C LEU R 47 94.23 17.81 14.98
N ASP R 48 94.35 17.08 16.08
CA ASP R 48 94.61 17.67 17.38
C ASP R 48 96.09 17.90 17.66
N ASN R 49 96.97 17.49 16.74
CA ASN R 49 98.41 17.65 16.91
C ASN R 49 98.86 18.89 16.14
N VAL R 50 98.62 20.05 16.74
CA VAL R 50 99.01 21.32 16.13
C VAL R 50 100.52 21.49 16.27
N ILE R 51 101.21 21.59 15.12
CA ILE R 51 102.66 21.74 15.14
C ILE R 51 103.06 23.09 15.70
N ASN R 52 102.41 24.16 15.23
CA ASN R 52 102.69 25.51 15.70
C ASN R 52 101.78 25.88 16.88
N CYS R 53 101.95 25.13 17.97
CA CYS R 53 101.14 25.35 19.15
C CYS R 53 101.41 26.71 19.79
N LYS R 54 102.68 27.14 19.77
CA LYS R 54 103.03 28.42 20.39
C LYS R 54 102.35 29.58 19.69
N GLY R 55 102.32 29.57 18.37
CA GLY R 55 101.68 30.63 17.61
C GLY R 55 102.28 30.74 16.23
N PHE R 56 102.01 31.87 15.59
CA PHE R 56 102.48 32.13 14.24
C PHE R 56 102.54 33.64 14.04
N GLU R 57 103.19 34.04 12.94
CA GLU R 57 103.35 35.45 12.65
C GLU R 57 102.00 36.10 12.37
N PRO R 58 101.80 37.35 12.81
CA PRO R 58 100.54 38.03 12.51
C PRO R 58 100.36 38.25 11.01
N PHE R 59 99.10 38.32 10.59
CA PHE R 59 98.80 38.49 9.17
C PHE R 59 99.29 39.85 8.69
N PRO R 60 99.97 39.92 7.55
CA PRO R 60 100.37 41.22 7.00
C PRO R 60 99.16 42.04 6.59
N PRO R 61 99.31 43.36 6.45
CA PRO R 61 98.17 44.18 6.05
C PRO R 61 97.57 43.78 4.71
N ASN R 62 98.37 43.23 3.79
CA ASN R 62 97.83 42.73 2.54
C ASN R 62 96.85 41.58 2.79
N MET R 63 97.18 40.70 3.72
CA MET R 63 96.29 39.59 4.07
C MET R 63 94.99 40.13 4.68
N ASP R 64 93.88 39.49 4.31
CA ASP R 64 92.58 39.84 4.86
C ASP R 64 91.70 38.60 4.85
N VAL R 65 90.68 38.61 5.71
CA VAL R 65 89.75 37.50 5.86
C VAL R 65 88.43 37.88 5.22
N PHE R 66 87.90 36.98 4.39
CA PHE R 66 86.61 37.18 3.74
C PHE R 66 85.54 36.38 4.47
N THR R 67 84.41 37.01 4.75
CA THR R 67 83.35 36.41 5.55
C THR R 67 82.10 36.22 4.70
N ALA R 68 81.38 35.14 4.98
CA ALA R 68 80.11 34.84 4.34
C ALA R 68 79.10 34.42 5.39
N HIS R 69 77.82 34.64 5.11
CA HIS R 69 76.75 34.36 6.06
C HIS R 69 75.71 33.44 5.40
N TYR R 70 75.17 32.53 6.20
CA TYR R 70 74.17 31.59 5.75
C TYR R 70 73.10 31.43 6.84
N GLU R 71 71.85 31.28 6.41
CA GLU R 71 70.74 31.11 7.33
C GLU R 71 69.87 29.96 6.87
N GLN R 72 69.22 29.30 7.84
CA GLN R 72 68.34 28.16 7.58
C GLN R 72 69.06 27.06 6.78
N CYS R 73 70.34 26.85 7.09
CA CYS R 73 71.12 25.84 6.40
C CYS R 73 70.90 24.47 7.05
N HIS R 74 70.56 23.48 6.22
CA HIS R 74 70.35 22.12 6.70
C HIS R 74 71.05 21.15 5.76
N PHE R 75 71.42 19.99 6.28
CA PHE R 75 72.17 19.00 5.54
C PHE R 75 71.72 17.61 5.96
N GLY R 76 71.15 16.86 5.03
CA GLY R 76 70.71 15.50 5.31
C GLY R 76 71.17 14.54 4.23
N ASP R 77 71.61 13.37 4.66
CA ASP R 77 72.11 12.36 3.74
C ASP R 77 71.73 10.96 4.24
N HIS R 78 71.72 10.01 3.31
CA HIS R 78 71.39 8.63 3.60
C HIS R 78 72.43 7.72 2.95
N LEU R 79 72.45 6.47 3.40
CA LEU R 79 73.39 5.49 2.85
C LEU R 79 72.80 4.09 3.04
N ASN R 80 72.81 3.31 1.97
CA ASN R 80 72.38 1.92 2.01
C ASN R 80 73.48 1.05 1.41
N SER R 81 73.90 0.03 2.17
CA SER R 81 74.91 -0.90 1.71
C SER R 81 74.42 -2.32 1.95
N GLU R 82 74.23 -3.07 0.88
CA GLU R 82 73.70 -4.43 0.93
C GLU R 82 74.73 -5.38 0.32
N PHE R 83 75.63 -5.89 1.14
CA PHE R 83 76.62 -6.87 0.71
C PHE R 83 76.02 -8.26 0.87
N VAL R 84 75.63 -8.87 -0.25
CA VAL R 84 74.94 -10.16 -0.27
C VAL R 84 75.79 -11.17 -1.02
N VAL R 85 76.03 -12.32 -0.39
CA VAL R 85 76.75 -13.43 -1.01
C VAL R 85 75.88 -14.67 -0.90
N GLN R 86 75.54 -15.25 -2.06
CA GLN R 86 74.71 -16.45 -2.11
C GLN R 86 75.50 -17.57 -2.79
N ALA R 87 75.52 -18.74 -2.16
CA ALA R 87 76.23 -19.89 -2.70
C ALA R 87 75.46 -21.18 -2.44
N SER R 105 78.90 -23.38 0.13
CA SER R 105 77.63 -23.62 0.81
C SER R 105 77.47 -22.70 2.00
N ALA R 106 77.39 -21.38 1.74
CA ALA R 106 77.24 -20.40 2.80
C ALA R 106 76.46 -19.21 2.26
N GLY R 107 75.81 -18.49 3.17
CA GLY R 107 75.05 -17.31 2.81
C GLY R 107 75.33 -16.13 3.73
N LEU R 108 75.74 -15.00 3.15
CA LEU R 108 76.09 -13.81 3.90
C LEU R 108 75.20 -12.66 3.48
N HIS R 109 74.68 -11.93 4.47
CA HIS R 109 73.83 -10.77 4.21
C HIS R 109 74.23 -9.67 5.20
N HIS R 110 74.93 -8.66 4.69
CA HIS R 110 75.34 -7.51 5.49
C HIS R 110 74.59 -6.28 4.98
N THR R 111 73.65 -5.80 5.79
CA THR R 111 72.82 -4.65 5.42
C THR R 111 73.13 -3.50 6.36
N ASN R 112 73.62 -2.39 5.80
CA ASN R 112 73.91 -1.18 6.56
C ASN R 112 73.01 -0.06 6.06
N ILE R 113 72.26 0.54 6.98
CA ILE R 113 71.39 1.67 6.68
C ILE R 113 71.75 2.80 7.63
N THR R 114 72.21 3.93 7.07
CA THR R 114 72.64 5.07 7.85
C THR R 114 71.87 6.32 7.41
N SER R 115 71.43 7.10 8.38
CA SER R 115 70.71 8.34 8.11
C SER R 115 71.23 9.44 9.03
N ASP R 116 71.60 10.57 8.44
CA ASP R 116 72.12 11.70 9.19
C ASP R 116 71.37 12.96 8.76
N ARG R 117 71.02 13.80 9.75
CA ARG R 117 70.34 15.05 9.49
C ARG R 117 70.89 16.13 10.40
N TRP R 118 71.32 17.25 9.82
CA TRP R 118 71.76 18.41 10.56
C TRP R 118 70.91 19.61 10.15
N GLU R 119 70.33 20.29 11.14
CA GLU R 119 69.52 21.48 10.91
C GLU R 119 70.11 22.62 11.71
N TYR R 120 70.83 23.51 11.04
CA TYR R 120 71.46 24.65 11.69
C TYR R 120 70.48 25.81 11.77
N ASP R 121 70.96 26.93 12.30
CA ASP R 121 70.14 28.13 12.38
C ASP R 121 70.87 29.33 11.77
N SER R 122 72.20 29.36 11.94
CA SER R 122 73.01 30.42 11.37
C SER R 122 74.44 29.93 11.25
N VAL R 123 75.05 30.18 10.10
CA VAL R 123 76.41 29.72 9.81
C VAL R 123 77.22 30.88 9.25
N VAL R 124 78.46 30.99 9.71
CA VAL R 124 79.40 32.01 9.23
C VAL R 124 80.64 31.29 8.69
N GLU R 125 81.19 31.82 7.60
CA GLU R 125 82.33 31.21 6.93
C GLU R 125 83.44 32.24 6.78
N TYR R 126 84.64 31.88 7.22
CA TYR R 126 85.82 32.73 7.12
C TYR R 126 86.83 32.06 6.19
N ALA R 127 87.37 32.81 5.24
CA ALA R 127 88.34 32.28 4.29
C ALA R 127 89.49 33.26 4.12
N VAL R 128 90.64 32.73 3.71
CA VAL R 128 91.86 33.50 3.47
C VAL R 128 92.59 32.87 2.30
N TYR R 129 93.57 33.61 1.76
CA TYR R 129 94.40 33.12 0.66
C TYR R 129 95.86 33.28 1.03
N PRO R 130 96.69 32.24 0.87
CA PRO R 130 98.09 32.33 1.27
C PRO R 130 98.94 33.04 0.23
N THR R 131 100.19 33.27 0.61
CA THR R 131 101.18 33.89 -0.26
C THR R 131 102.50 33.13 -0.13
N ARG R 132 103.29 33.15 -1.21
CA ARG R 132 104.54 32.40 -1.23
C ARG R 132 105.49 32.86 -0.13
N GLN R 133 105.65 34.17 0.04
CA GLN R 133 106.56 34.67 1.06
C GLN R 133 106.05 34.39 2.46
N TYR R 134 104.72 34.47 2.66
CA TYR R 134 104.17 34.22 3.99
C TYR R 134 104.35 32.77 4.41
N ILE R 135 104.18 31.83 3.48
CA ILE R 135 104.40 30.42 3.80
C ILE R 135 105.88 30.17 4.05
N ASP R 136 106.75 30.81 3.27
CA ASP R 136 108.19 30.63 3.46
C ASP R 136 108.63 31.12 4.83
N ARG R 137 108.14 32.28 5.26
CA ARG R 137 108.49 32.78 6.59
C ARG R 137 107.81 31.97 7.69
N LEU R 138 106.68 31.35 7.38
CA LEU R 138 106.03 30.45 8.35
C LEU R 138 106.85 29.19 8.56
N LEU R 139 107.47 28.67 7.49
CA LEU R 139 108.31 27.49 7.59
C LEU R 139 109.57 27.73 8.42
N GLU R 140 109.92 28.98 8.68
CA GLU R 140 111.10 29.33 9.48
C GLU R 140 110.81 29.32 10.98
N SER R 141 109.58 29.03 11.38
CA SER R 141 109.24 28.99 12.80
C SER R 141 109.96 27.84 13.48
N LYS R 142 110.20 28.00 14.79
CA LYS R 142 110.97 27.01 15.53
C LYS R 142 110.32 25.64 15.51
N GLU R 143 109.04 25.57 15.86
CA GLU R 143 108.34 24.29 15.86
C GLU R 143 108.22 23.73 14.44
N VAL R 144 107.94 24.59 13.47
CA VAL R 144 107.79 24.14 12.09
C VAL R 144 109.12 23.63 11.55
N ARG R 145 110.22 24.34 11.82
CA ARG R 145 111.51 23.91 11.31
C ARG R 145 111.97 22.62 12.00
N GLN R 146 111.64 22.46 13.28
CA GLN R 146 111.97 21.21 13.96
C GLN R 146 111.24 20.03 13.34
N TYR R 147 109.96 20.20 13.04
CA TYR R 147 109.18 19.11 12.46
C TYR R 147 109.68 18.74 11.07
N ILE R 148 109.97 19.74 10.24
CA ILE R 148 110.39 19.46 8.87
C ILE R 148 111.76 18.78 8.85
N GLN R 149 112.64 19.15 9.79
CA GLN R 149 113.93 18.46 9.90
C GLN R 149 113.73 17.01 10.31
N LYS R 150 112.84 16.76 11.28
CA LYS R 150 112.57 15.38 11.69
C LYS R 150 111.93 14.59 10.56
N SER R 151 111.00 15.19 9.82
CA SER R 151 110.37 14.49 8.71
C SER R 151 111.37 14.20 7.60
N LYS R 152 112.24 15.16 7.29
CA LYS R 152 113.27 14.94 6.27
C LYS R 152 114.25 13.86 6.71
N LYS R 153 114.63 13.85 7.99
CA LYS R 153 115.54 12.83 8.50
C LYS R 153 114.89 11.45 8.43
N LEU R 154 113.59 11.36 8.76
CA LEU R 154 112.91 10.08 8.77
C LEU R 154 112.41 9.70 7.38
N LEU R 155 111.63 10.57 6.75
CA LEU R 155 111.04 10.30 5.45
C LEU R 155 111.81 11.03 4.35
N GLY R 156 111.81 10.44 3.16
CA GLY R 156 112.51 11.05 2.04
C GLY R 156 111.89 12.37 1.61
N GLY R 157 110.57 12.43 1.56
CA GLY R 157 109.88 13.66 1.21
C GLY R 157 108.83 14.04 2.23
N TRP R 158 108.89 15.27 2.73
CA TRP R 158 107.99 15.73 3.76
C TRP R 158 106.72 16.31 3.15
N CYS R 159 105.63 16.24 3.89
CA CYS R 159 104.36 16.80 3.46
C CYS R 159 103.54 17.16 4.68
N VAL R 160 102.98 18.37 4.69
CA VAL R 160 102.17 18.87 5.79
C VAL R 160 100.91 19.51 5.22
N TYR R 161 99.99 19.86 6.12
CA TYR R 161 98.74 20.51 5.76
C TYR R 161 98.56 21.76 6.60
N MET R 162 97.90 22.75 6.02
CA MET R 162 97.61 24.01 6.69
C MET R 162 96.14 24.33 6.57
N VAL R 163 95.53 24.72 7.69
CA VAL R 163 94.13 25.11 7.70
C VAL R 163 93.99 26.50 7.09
N THR R 164 93.08 26.63 6.12
CA THR R 164 92.87 27.87 5.40
C THR R 164 91.62 28.61 5.83
N GLY R 165 90.47 27.93 5.85
CA GLY R 165 89.24 28.55 6.28
C GLY R 165 88.51 27.66 7.27
N ILE R 166 87.59 28.29 8.01
CA ILE R 166 86.78 27.60 9.01
C ILE R 166 85.35 28.07 8.87
N MET R 167 84.41 27.13 9.01
CA MET R 167 82.99 27.43 9.00
C MET R 167 82.43 27.20 10.39
N VAL R 168 81.81 28.23 10.96
CA VAL R 168 81.39 28.23 12.36
C VAL R 168 79.88 28.38 12.42
N ALA R 169 79.23 27.47 13.17
CA ALA R 169 77.80 27.59 13.41
C ALA R 169 77.54 28.57 14.54
N ARG R 170 76.29 29.04 14.62
CA ARG R 170 75.86 29.97 15.66
C ARG R 170 74.65 29.39 16.36
N GLY R 171 74.76 29.21 17.68
CA GLY R 171 73.66 28.67 18.46
C GLY R 171 73.45 27.17 18.31
N GLY R 172 74.35 26.46 17.64
CA GLY R 172 74.20 25.04 17.46
C GLY R 172 73.10 24.69 16.47
N GLY R 173 72.78 23.41 16.45
CA GLY R 173 71.73 22.91 15.57
C GLY R 173 71.33 21.50 15.93
N ARG R 174 70.10 21.16 15.58
CA ARG R 174 69.57 19.83 15.88
C ARG R 174 70.27 18.78 15.03
N ASN R 175 70.50 17.61 15.63
CA ASN R 175 71.13 16.49 14.95
C ASN R 175 70.33 15.22 15.22
N VAL R 176 70.07 14.46 14.15
CA VAL R 176 69.39 13.18 14.24
C VAL R 176 70.22 12.14 13.50
N THR R 177 70.55 11.05 14.17
CA THR R 177 71.34 9.98 13.58
C THR R 177 70.61 8.66 13.78
N SER R 178 70.51 7.88 12.70
CA SER R 178 69.84 6.58 12.73
C SER R 178 70.74 5.57 12.02
N GLU R 179 71.24 4.59 12.76
CA GLU R 179 72.11 3.56 12.22
C GLU R 179 71.47 2.18 12.44
N GLU R 180 71.51 1.36 11.40
CA GLU R 180 70.95 0.01 11.46
C GLU R 180 71.90 -0.93 10.75
N LYS R 181 72.49 -1.87 11.49
CA LYS R 181 73.43 -2.83 10.96
C LYS R 181 72.92 -4.24 11.22
N GLY R 182 72.64 -4.96 10.14
CA GLY R 182 72.20 -6.35 10.25
C GLY R 182 73.12 -7.30 9.53
N ALA R 183 73.73 -8.23 10.26
CA ALA R 183 74.64 -9.20 9.69
C ALA R 183 74.08 -10.60 9.91
N GLY R 184 73.87 -11.33 8.81
CA GLY R 184 73.38 -12.68 8.89
C GLY R 184 74.24 -13.65 8.10
N VAL R 185 74.87 -14.59 8.81
CA VAL R 185 75.74 -15.59 8.18
C VAL R 185 75.17 -16.96 8.50
N SER R 186 74.92 -17.75 7.46
CA SER R 186 74.40 -19.11 7.59
C SER R 186 75.36 -20.04 6.86
N GLY R 187 76.05 -20.90 7.62
CA GLY R 187 77.01 -21.83 7.08
C GLY R 187 76.51 -23.27 7.21
N ASN R 188 76.58 -24.00 6.11
CA ASN R 188 76.17 -25.40 6.06
C ASN R 188 77.39 -26.27 5.84
N VAL R 189 77.57 -27.25 6.71
CA VAL R 189 78.71 -28.17 6.65
C VAL R 189 78.18 -29.57 6.39
N GLY R 190 78.73 -30.23 5.38
CA GLY R 190 78.31 -31.58 5.03
C GLY R 190 79.46 -32.46 4.56
N PHE R 199 77.01 -36.69 10.11
CA PHE R 199 77.45 -35.50 10.82
C PHE R 199 77.45 -34.29 9.89
N ALA R 200 76.36 -33.51 9.93
CA ALA R 200 76.20 -32.34 9.08
C ALA R 200 75.80 -31.15 9.94
N PRO R 201 76.75 -30.56 10.66
CA PRO R 201 76.43 -29.41 11.50
C PRO R 201 76.08 -28.19 10.66
N GLU R 202 75.25 -27.32 11.24
CA GLU R 202 74.84 -26.07 10.61
C GLU R 202 74.99 -24.95 11.63
N VAL R 203 75.56 -23.83 11.20
CA VAL R 203 75.80 -22.68 12.06
C VAL R 203 75.01 -21.49 11.50
N GLY R 204 74.16 -20.90 12.33
CA GLY R 204 73.40 -19.75 11.93
C GLY R 204 73.53 -18.58 12.88
N TRP R 205 74.13 -17.48 12.43
CA TRP R 205 74.32 -16.29 13.24
C TRP R 205 73.53 -15.15 12.63
N ASP R 206 72.68 -14.52 13.45
CA ASP R 206 71.82 -13.43 12.99
C ASP R 206 71.87 -12.33 14.04
N THR R 207 72.65 -11.30 13.78
CA THR R 207 72.80 -10.17 14.69
C THR R 207 72.24 -8.90 14.07
N LYS R 208 71.63 -8.06 14.91
CA LYS R 208 71.05 -6.80 14.47
C LYS R 208 71.40 -5.72 15.50
N THR R 209 71.68 -4.52 15.00
CA THR R 209 72.03 -3.39 15.86
C THR R 209 71.28 -2.15 15.38
N LYS R 210 70.59 -1.49 16.31
CA LYS R 210 69.89 -0.25 16.03
C LYS R 210 70.39 0.84 16.96
N THR R 211 70.51 2.06 16.44
CA THR R 211 70.98 3.19 17.23
C THR R 211 70.33 4.46 16.69
N LYS R 212 69.53 5.12 17.52
CA LYS R 212 68.88 6.38 17.18
C LYS R 212 69.28 7.41 18.21
N VAL R 213 70.01 8.44 17.78
CA VAL R 213 70.54 9.47 18.67
C VAL R 213 69.95 10.81 18.27
N ASN R 214 69.35 11.50 19.23
CA ASN R 214 68.83 12.84 19.05
C ASN R 214 69.61 13.80 19.93
N ALA R 215 70.11 14.89 19.33
CA ALA R 215 70.91 15.86 20.05
C ALA R 215 70.45 17.27 19.69
N HIS R 216 70.49 18.16 20.68
CA HIS R 216 70.11 19.57 20.51
C HIS R 216 71.24 20.42 21.10
N HIS R 217 72.24 20.73 20.29
CA HIS R 217 73.32 21.59 20.72
C HIS R 217 72.85 23.03 20.84
N THR R 218 73.42 23.75 21.81
CA THR R 218 73.06 25.14 22.08
C THR R 218 74.31 25.98 22.30
N THR R 219 75.37 25.70 21.53
CA THR R 219 76.59 26.47 21.61
C THR R 219 77.31 26.42 20.28
N ASP R 220 78.19 27.39 20.06
CA ASP R 220 78.90 27.50 18.81
C ASP R 220 80.03 26.48 18.73
N PHE R 221 80.30 26.00 17.52
CA PHE R 221 81.36 25.03 17.29
C PHE R 221 81.79 25.09 15.83
N VAL R 222 82.97 24.56 15.56
CA VAL R 222 83.54 24.56 14.22
C VAL R 222 82.92 23.43 13.40
N CYS R 223 82.44 23.76 12.20
CA CYS R 223 81.78 22.80 11.34
C CYS R 223 82.73 22.14 10.35
N ALA R 224 83.38 22.95 9.50
CA ALA R 224 84.22 22.41 8.44
C ALA R 224 85.42 23.31 8.24
N ILE R 225 86.48 22.74 7.64
CA ILE R 225 87.72 23.45 7.38
C ILE R 225 88.20 23.14 5.97
N ARG R 226 89.08 23.99 5.46
CA ARG R 226 89.75 23.77 4.18
C ARG R 226 91.24 23.58 4.43
N LEU R 227 91.81 22.59 3.76
CA LEU R 227 93.20 22.20 3.95
C LEU R 227 94.00 22.46 2.69
N VAL R 228 95.18 23.05 2.86
CA VAL R 228 96.13 23.27 1.77
C VAL R 228 97.34 22.39 2.02
N LYS R 229 97.71 21.59 1.02
CA LYS R 229 98.78 20.61 1.14
C LYS R 229 100.10 21.21 0.67
N ILE R 230 101.10 21.16 1.54
CA ILE R 230 102.45 21.61 1.23
C ILE R 230 103.38 20.42 1.29
N ALA R 231 103.99 20.08 0.16
CA ALA R 231 104.87 18.92 0.06
C ALA R 231 106.13 19.27 -0.71
N LYS R 232 107.20 18.54 -0.44
CA LYS R 232 108.46 18.69 -1.16
C LYS R 232 109.22 17.37 -1.11
N SER R 233 109.66 16.90 -2.28
CA SER R 233 110.39 15.65 -2.38
C SER R 233 111.27 15.69 -3.61
N GLY R 234 112.28 14.82 -3.62
CA GLY R 234 113.21 14.77 -4.74
C GLY R 234 114.17 15.93 -4.81
N LEU R 235 114.46 16.56 -3.67
CA LEU R 235 115.38 17.71 -3.61
C LEU R 235 114.90 18.83 -4.53
N ARG R 236 113.62 19.16 -4.44
CA ARG R 236 113.06 20.24 -5.24
C ARG R 236 113.59 21.59 -4.76
N SER R 237 113.74 22.51 -5.70
CA SER R 237 114.24 23.85 -5.37
C SER R 237 113.27 24.57 -4.43
N SER R 238 111.97 24.45 -4.68
CA SER R 238 110.95 25.06 -3.85
C SER R 238 109.83 24.06 -3.60
N TRP R 239 109.14 24.24 -2.48
CA TRP R 239 108.04 23.35 -2.12
C TRP R 239 106.84 23.58 -3.04
N THR R 240 105.93 22.62 -3.03
CA THR R 240 104.75 22.63 -3.89
C THR R 240 103.50 22.79 -3.03
N MET R 241 102.60 23.68 -3.45
CA MET R 241 101.35 23.94 -2.76
C MET R 241 100.18 23.48 -3.63
N LYS R 242 99.29 22.68 -3.05
CA LYS R 242 98.17 22.12 -3.77
C LYS R 242 96.92 22.18 -2.89
N LYS R 243 95.77 21.96 -3.52
CA LYS R 243 94.48 21.92 -2.84
C LYS R 243 93.98 20.48 -2.78
N VAL R 244 93.21 20.17 -1.74
CA VAL R 244 92.71 18.84 -1.50
C VAL R 244 91.18 18.88 -1.50
N THR R 245 90.57 17.97 -2.26
CA THR R 245 89.12 17.88 -2.36
C THR R 245 88.69 16.43 -2.11
N ARG R 246 87.50 16.28 -1.54
CA ARG R 246 86.95 14.96 -1.26
C ARG R 246 86.24 14.40 -2.50
CA MET S 5 77.01 30.06 -28.34
C MET S 5 76.47 31.48 -28.17
N ASP S 6 75.52 31.65 -27.26
CA ASP S 6 74.90 32.94 -27.01
C ASP S 6 75.20 33.49 -25.62
N LYS S 7 75.25 32.62 -24.61
CA LYS S 7 75.47 33.04 -23.23
C LYS S 7 76.96 33.08 -22.94
N CYS S 8 77.41 34.16 -22.28
CA CYS S 8 78.83 34.37 -22.01
C CYS S 8 79.03 34.89 -20.59
N TRP S 9 78.33 34.31 -19.62
CA TRP S 9 78.47 34.68 -18.22
C TRP S 9 78.80 33.44 -17.41
N PHE S 10 79.96 33.45 -16.75
CA PHE S 10 80.43 32.33 -15.95
C PHE S 10 80.26 32.64 -14.47
N THR S 11 79.59 31.75 -13.76
CA THR S 11 79.31 31.95 -12.34
C THR S 11 80.48 31.49 -11.49
N LEU S 12 80.67 32.17 -10.36
CA LEU S 12 81.75 31.85 -9.44
C LEU S 12 81.31 30.81 -8.42
N ASP S 13 82.27 30.04 -7.93
CA ASP S 13 82.02 29.03 -6.91
C ASP S 13 82.29 29.54 -5.49
N ASN S 14 82.72 30.79 -5.35
CA ASN S 14 83.00 31.38 -4.05
C ASN S 14 82.19 32.66 -3.90
N ALA S 15 81.51 32.80 -2.75
CA ALA S 15 80.60 33.90 -2.53
C ALA S 15 81.08 34.86 -1.43
N HIS S 16 82.32 34.74 -0.98
CA HIS S 16 82.83 35.59 0.09
C HIS S 16 83.54 36.84 -0.42
N TYR S 17 83.61 37.04 -1.73
CA TYR S 17 84.23 38.26 -2.27
C TYR S 17 83.32 39.45 -2.04
N PRO S 18 83.77 40.51 -1.36
CA PRO S 18 82.92 41.68 -1.18
C PRO S 18 82.68 42.40 -2.50
N PRO S 19 81.53 43.05 -2.65
CA PRO S 19 81.25 43.75 -3.91
C PRO S 19 82.01 45.06 -4.00
N PRO S 20 82.66 45.32 -5.12
CA PRO S 20 83.38 46.59 -5.28
C PRO S 20 82.42 47.78 -5.33
N SER S 21 82.91 48.93 -4.89
CA SER S 21 82.14 50.16 -4.93
C SER S 21 82.37 50.89 -6.24
N LEU S 22 81.43 51.78 -6.58
CA LEU S 22 81.49 52.49 -7.86
C LEU S 22 82.72 53.38 -7.93
N ASP S 23 83.02 54.10 -6.84
CA ASP S 23 84.21 54.95 -6.84
C ASP S 23 85.49 54.11 -6.85
N SER S 24 85.49 52.99 -6.13
CA SER S 24 86.68 52.13 -6.09
C SER S 24 86.95 51.51 -7.46
N MET S 25 85.90 51.03 -8.13
CA MET S 25 86.11 50.40 -9.44
C MET S 25 86.50 51.42 -10.50
N ARG S 26 86.01 52.66 -10.39
CA ARG S 26 86.47 53.72 -11.28
C ARG S 26 87.94 54.02 -11.05
N SER S 27 88.37 54.05 -9.78
CA SER S 27 89.77 54.25 -9.44
C SER S 27 90.62 52.99 -9.61
N GLY S 28 89.99 51.86 -9.91
CA GLY S 28 90.72 50.61 -10.09
C GLY S 28 91.34 50.07 -8.82
N HIS S 29 90.64 50.18 -7.70
CA HIS S 29 91.14 49.63 -6.45
C HIS S 29 90.83 48.15 -6.38
N PRO S 30 91.84 47.27 -6.28
CA PRO S 30 91.58 45.82 -6.21
C PRO S 30 91.22 45.38 -4.79
N ILE S 31 90.06 45.83 -4.32
CA ILE S 31 89.57 45.42 -3.01
C ILE S 31 89.31 43.92 -2.98
N SER S 32 88.68 43.40 -4.04
CA SER S 32 88.43 41.97 -4.16
C SER S 32 89.27 41.37 -5.28
N PRO S 33 89.61 40.08 -5.18
CA PRO S 33 90.35 39.44 -6.28
C PRO S 33 89.59 39.48 -7.60
N ALA S 34 88.27 39.42 -7.58
CA ALA S 34 87.46 39.48 -8.80
C ALA S 34 87.04 40.92 -9.03
N SER S 35 87.74 41.61 -9.93
CA SER S 35 87.43 42.99 -10.25
C SER S 35 87.90 43.28 -11.68
N LEU S 36 87.37 44.36 -12.24
CA LEU S 36 87.71 44.74 -13.60
C LEU S 36 89.17 45.17 -13.69
N GLY S 37 89.83 44.77 -14.77
CA GLY S 37 91.21 45.09 -15.01
C GLY S 37 92.21 44.02 -14.60
N HIS S 38 91.76 43.01 -13.87
CA HIS S 38 92.64 41.94 -13.44
C HIS S 38 92.90 40.95 -14.58
N LEU S 39 94.04 40.29 -14.51
CA LEU S 39 94.42 39.26 -15.47
C LEU S 39 94.64 37.95 -14.71
N ILE S 40 94.01 36.89 -15.19
CA ILE S 40 94.13 35.58 -14.55
C ILE S 40 94.50 34.54 -15.61
N PRO S 41 95.34 33.56 -15.28
CA PRO S 41 95.62 32.49 -16.25
C PRO S 41 94.39 31.69 -16.64
N SER S 42 93.45 31.49 -15.72
CA SER S 42 92.25 30.73 -15.98
C SER S 42 91.19 31.11 -14.96
N LEU S 43 89.95 30.71 -15.25
CA LEU S 43 88.84 31.00 -14.33
C LEU S 43 89.03 30.30 -13.00
N ALA S 44 89.50 29.04 -13.02
CA ALA S 44 89.72 28.30 -11.79
C ALA S 44 90.88 28.83 -10.96
N HIS S 45 91.70 29.72 -11.52
CA HIS S 45 92.84 30.31 -10.83
C HIS S 45 92.64 31.80 -10.66
N LEU S 46 91.44 32.20 -10.23
CA LEU S 46 91.13 33.62 -10.05
C LEU S 46 92.00 34.26 -8.99
N ASP S 47 92.35 33.51 -7.93
CA ASP S 47 93.19 34.06 -6.88
C ASP S 47 94.61 34.35 -7.35
N GLN S 48 95.03 33.77 -8.47
CA GLN S 48 96.37 34.01 -9.02
C GLN S 48 96.31 35.19 -10.01
N ILE S 49 96.18 36.38 -9.42
CA ILE S 49 96.12 37.60 -10.23
C ILE S 49 97.51 37.94 -10.75
N ILE S 50 97.62 38.12 -12.07
CA ILE S 50 98.91 38.47 -12.66
C ILE S 50 99.32 39.89 -12.26
N ASN S 51 98.37 40.81 -12.24
CA ASN S 51 98.65 42.20 -11.89
C ASN S 51 99.02 42.31 -10.41
N ALA S 52 100.11 43.03 -10.13
CA ALA S 52 100.57 43.22 -8.76
C ALA S 52 100.07 44.57 -8.21
N LYS S 53 98.75 44.67 -8.10
CA LYS S 53 98.09 45.88 -7.58
C LYS S 53 98.50 47.13 -8.35
N ALA S 54 98.64 47.00 -9.67
CA ALA S 54 98.98 48.11 -10.55
C ALA S 54 97.99 48.11 -11.71
N ILE S 55 96.86 48.76 -11.51
CA ILE S 55 95.81 48.82 -12.52
C ILE S 55 96.06 50.03 -13.41
N GLU S 56 96.06 49.81 -14.72
CA GLU S 56 96.24 50.91 -15.67
C GLU S 56 95.08 51.89 -15.52
N PRO S 57 95.37 53.20 -15.43
CA PRO S 57 94.28 54.17 -15.29
C PRO S 57 93.34 54.15 -16.49
N PHE S 58 92.05 54.30 -16.20
CA PHE S 58 91.05 54.30 -17.26
C PHE S 58 91.06 55.64 -17.98
N PRO S 59 91.25 55.67 -19.30
CA PRO S 59 91.19 56.94 -20.02
C PRO S 59 89.75 57.44 -20.10
N ALA S 60 89.61 58.65 -20.67
CA ALA S 60 88.30 59.26 -20.81
C ALA S 60 87.39 58.49 -21.75
N THR S 61 87.96 57.65 -22.63
CA THR S 61 87.15 56.86 -23.55
C THR S 61 86.62 55.57 -22.93
N MET S 62 87.03 55.24 -21.71
CA MET S 62 86.60 54.02 -21.04
C MET S 62 85.46 54.33 -20.08
N ASP S 63 84.35 53.61 -20.24
CA ASP S 63 83.17 53.77 -19.40
C ASP S 63 82.74 52.43 -18.86
N ILE S 64 82.05 52.46 -17.72
CA ILE S 64 81.57 51.25 -17.07
C ILE S 64 80.14 51.00 -17.52
N HIS S 65 79.66 51.82 -18.46
CA HIS S 65 78.32 51.73 -19.04
C HIS S 65 77.31 51.93 -17.90
N GLY S 66 76.28 51.11 -17.78
CA GLY S 66 75.27 51.31 -16.76
C GLY S 66 74.95 50.06 -15.97
N PRO S 67 74.35 50.24 -14.79
CA PRO S 67 73.97 49.10 -13.93
C PRO S 67 72.68 48.41 -14.39
N THR S 68 72.83 47.48 -15.32
CA THR S 68 71.68 46.71 -15.81
C THR S 68 71.16 45.82 -14.70
N ILE S 69 69.91 46.05 -14.28
CA ILE S 69 69.32 45.38 -13.13
C ILE S 69 68.39 44.28 -13.59
N ILE S 70 68.48 43.12 -12.93
CA ILE S 70 67.63 41.97 -13.20
C ILE S 70 66.89 41.62 -11.91
N GLU S 71 65.57 41.49 -11.99
CA GLU S 71 64.75 41.20 -10.82
C GLU S 71 64.03 39.87 -11.00
N ASP S 72 63.76 39.22 -9.87
CA ASP S 72 63.01 37.95 -9.82
C ASP S 72 63.64 36.91 -10.74
N PHE S 73 64.90 36.60 -10.46
CA PHE S 73 65.67 35.63 -11.24
C PHE S 73 65.57 34.26 -10.57
N LYS S 74 64.74 33.39 -11.13
CA LYS S 74 64.55 32.03 -10.64
C LYS S 74 64.81 31.07 -11.79
N TRP S 75 65.75 30.15 -11.58
CA TRP S 75 66.07 29.16 -12.61
C TRP S 75 66.23 27.79 -11.98
N ASP S 76 65.72 26.77 -12.66
CA ASP S 76 65.77 25.39 -12.21
C ASP S 76 66.51 24.55 -13.24
N HIS S 77 67.39 23.67 -12.76
CA HIS S 77 68.20 22.83 -13.64
C HIS S 77 68.32 21.45 -13.02
N SER S 78 67.75 20.44 -13.67
CA SER S 78 67.88 19.05 -13.28
C SER S 78 68.69 18.32 -14.35
N HIS S 79 69.87 17.83 -13.95
CA HIS S 79 70.75 17.09 -14.85
C HIS S 79 70.90 15.68 -14.31
N GLU S 80 70.23 14.72 -14.94
CA GLU S 80 70.25 13.34 -14.52
C GLU S 80 70.62 12.44 -15.68
N TYR S 81 71.44 11.43 -15.40
CA TYR S 81 71.83 10.46 -16.42
C TYR S 81 72.00 9.10 -15.76
N SER S 82 71.95 8.06 -16.57
CA SER S 82 72.06 6.70 -16.08
C SER S 82 72.76 5.85 -17.13
N LEU S 83 73.90 5.26 -16.77
CA LEU S 83 74.62 4.36 -17.64
C LEU S 83 74.59 2.95 -17.07
N SER S 84 74.58 1.96 -17.96
CA SER S 84 74.60 0.56 -17.57
C SER S 84 75.41 -0.23 -18.58
N LEU S 85 76.00 -1.33 -18.13
CA LEU S 85 76.81 -2.19 -18.97
C LEU S 85 76.74 -3.62 -18.45
N GLY S 86 76.88 -4.57 -19.36
CA GLY S 86 76.88 -5.97 -18.99
C GLY S 86 78.00 -6.75 -19.63
N GLY S 87 78.93 -7.25 -18.82
CA GLY S 87 80.03 -8.04 -19.35
C GLY S 87 79.94 -9.49 -18.95
N LYS S 88 79.63 -10.36 -19.91
CA LYS S 88 79.47 -11.79 -19.66
C LYS S 88 80.55 -12.55 -20.41
N VAL S 89 81.35 -13.34 -19.68
CA VAL S 89 82.42 -14.13 -20.26
C VAL S 89 82.16 -15.59 -19.90
N PRO S 90 82.33 -16.53 -20.83
CA PRO S 90 82.13 -17.95 -20.54
C PRO S 90 83.30 -18.55 -19.75
N LEU S 103 81.80 -23.10 -18.23
CA LEU S 103 81.95 -21.90 -17.41
C LEU S 103 81.06 -20.77 -17.95
N ASN S 104 80.49 -19.98 -17.05
CA ASN S 104 79.69 -18.83 -17.43
C ASN S 104 79.67 -17.84 -16.27
N VAL S 105 80.10 -16.61 -16.54
CA VAL S 105 80.13 -15.56 -15.53
C VAL S 105 79.54 -14.29 -16.14
N GLY S 106 78.58 -13.70 -15.45
CA GLY S 106 77.94 -12.47 -15.90
C GLY S 106 78.14 -11.35 -14.91
N LEU S 107 78.35 -10.14 -15.41
CA LEU S 107 78.56 -8.96 -14.58
C LEU S 107 77.60 -7.87 -15.04
N GLY S 108 76.86 -7.31 -14.08
CA GLY S 108 75.97 -6.21 -14.37
C GLY S 108 76.28 -4.96 -13.58
N GLY S 109 76.69 -3.89 -14.26
CA GLY S 109 77.05 -2.67 -13.59
C GLY S 109 76.22 -1.48 -14.03
N ALA S 110 75.51 -0.88 -13.09
CA ALA S 110 74.66 0.28 -13.35
C ALA S 110 75.09 1.45 -12.47
N PHE S 111 75.14 2.64 -13.05
CA PHE S 111 75.52 3.85 -12.34
C PHE S 111 74.56 4.96 -12.72
N SER S 112 73.81 5.44 -11.74
CA SER S 112 72.85 6.52 -11.95
C SER S 112 73.22 7.71 -11.08
N ARG S 113 73.36 8.88 -11.70
CA ARG S 113 73.67 10.11 -11.00
C ARG S 113 72.68 11.19 -11.41
N SER S 114 72.04 11.81 -10.42
CA SER S 114 71.09 12.88 -10.64
C SER S 114 71.49 14.08 -9.80
N VAL S 115 71.59 15.25 -10.43
CA VAL S 115 71.94 16.49 -9.75
C VAL S 115 70.87 17.51 -10.08
N ALA S 116 70.14 17.96 -9.07
CA ALA S 116 69.05 18.92 -9.23
C ALA S 116 69.41 20.19 -8.50
N ASN S 117 69.47 21.31 -9.24
CA ASN S 117 69.76 22.61 -8.69
C ASN S 117 68.55 23.52 -8.81
N TYR S 118 68.35 24.36 -7.80
CA TYR S 118 67.23 25.30 -7.79
C TYR S 118 67.69 26.57 -7.10
N TRP S 119 67.81 27.66 -7.85
CA TRP S 119 68.29 28.94 -7.34
C TRP S 119 67.21 29.99 -7.50
N GLU S 120 67.11 30.87 -6.51
CA GLU S 120 66.21 32.03 -6.59
C GLU S 120 66.96 33.26 -6.09
N PHE S 121 66.89 34.34 -6.86
CA PHE S 121 67.54 35.60 -6.49
C PHE S 121 66.57 36.75 -6.74
N ASP S 122 66.72 37.81 -5.95
CA ASP S 122 65.80 38.93 -6.02
C ASP S 122 66.32 40.06 -6.91
N ARG S 123 67.60 40.43 -6.77
CA ARG S 123 68.16 41.53 -7.53
C ARG S 123 69.59 41.20 -7.95
N LEU S 124 69.87 41.35 -9.24
CA LEU S 124 71.21 41.23 -9.79
C LEU S 124 71.55 42.50 -10.55
N GLU S 125 72.81 42.92 -10.46
CA GLU S 125 73.25 44.18 -11.04
C GLU S 125 74.47 43.95 -11.92
N ARG S 126 74.41 44.44 -13.15
CA ARG S 126 75.41 44.16 -14.17
C ARG S 126 76.28 45.39 -14.41
N TYR S 127 77.59 45.19 -14.46
CA TYR S 127 78.54 46.21 -14.87
C TYR S 127 79.45 45.64 -15.95
N ILE S 128 79.73 46.43 -16.98
CA ILE S 128 80.46 45.94 -18.15
C ILE S 128 81.26 47.10 -18.75
N MET S 129 82.45 46.76 -19.25
CA MET S 129 83.29 47.72 -19.95
C MET S 129 83.85 47.07 -21.22
N GLN S 130 84.17 47.89 -22.20
CA GLN S 130 84.66 47.42 -23.49
C GLN S 130 86.15 47.71 -23.63
N PRO S 131 87.02 46.70 -23.61
CA PRO S 131 88.45 46.95 -23.78
C PRO S 131 88.77 47.47 -25.18
N THR S 132 89.85 48.26 -25.25
CA THR S 132 90.32 48.83 -26.50
C THR S 132 91.72 48.30 -26.81
N ARG S 133 92.13 48.45 -28.07
CA ARG S 133 93.44 47.97 -28.51
C ARG S 133 94.57 48.66 -27.76
N SER S 134 94.46 49.99 -27.60
CA SER S 134 95.52 50.73 -26.92
C SER S 134 95.64 50.33 -25.46
N TYR S 135 94.50 50.17 -24.77
CA TYR S 135 94.53 49.85 -23.34
C TYR S 135 95.13 48.47 -23.10
N VAL S 136 94.76 47.48 -23.91
CA VAL S 136 95.31 46.14 -23.74
C VAL S 136 96.80 46.13 -24.06
N GLN S 137 97.21 46.86 -25.08
CA GLN S 137 98.63 46.95 -25.42
C GLN S 137 99.43 47.58 -24.28
N LYS S 138 98.86 48.61 -23.65
CA LYS S 138 99.52 49.21 -22.49
C LYS S 138 99.63 48.21 -21.34
N CYS S 139 98.58 47.43 -21.11
CA CYS S 139 98.62 46.44 -20.04
C CYS S 139 99.63 45.34 -20.33
N ILE S 140 99.71 44.88 -21.58
CA ILE S 140 100.61 43.78 -21.93
C ILE S 140 102.07 44.18 -21.90
N GLU S 141 102.36 45.48 -21.88
CA GLU S 141 103.74 45.96 -21.83
C GLU S 141 104.25 46.17 -20.42
N ARG S 142 103.45 45.84 -19.40
CA ARG S 142 103.90 45.99 -18.03
C ARG S 142 105.02 45.01 -17.71
N ASP S 143 105.88 45.39 -16.77
CA ASP S 143 107.01 44.55 -16.40
C ASP S 143 106.55 43.25 -15.74
N GLU S 144 105.49 43.31 -14.94
CA GLU S 144 104.98 42.11 -14.28
C GLU S 144 104.50 41.08 -15.30
N VAL S 145 103.79 41.54 -16.34
CA VAL S 145 103.32 40.62 -17.38
C VAL S 145 104.50 40.07 -18.17
N LYS S 146 105.50 40.92 -18.44
CA LYS S 146 106.69 40.45 -19.14
C LYS S 146 107.42 39.40 -18.32
N ARG S 147 107.51 39.59 -17.01
CA ARG S 147 108.10 38.58 -16.14
C ARG S 147 107.30 37.29 -16.17
N TRP S 148 105.97 37.39 -16.12
CA TRP S 148 105.13 36.21 -16.09
C TRP S 148 105.26 35.40 -17.38
N ILE S 149 105.25 36.08 -18.53
CA ILE S 149 105.42 35.36 -19.79
C ILE S 149 106.83 34.81 -19.91
N ALA S 150 107.81 35.47 -19.29
CA ALA S 150 109.17 34.94 -19.27
C ALA S 150 109.29 33.69 -18.42
N LYS S 151 108.36 33.48 -17.48
CA LYS S 151 108.36 32.25 -16.69
C LYS S 151 108.06 31.02 -17.54
N ASN S 152 107.41 31.20 -18.69
CA ASN S 152 107.09 30.08 -19.55
C ASN S 152 108.37 29.46 -20.11
N LYS S 153 108.46 28.13 -20.06
CA LYS S 153 109.64 27.40 -20.54
C LYS S 153 109.15 26.16 -21.29
N SER S 154 108.95 26.31 -22.60
CA SER S 154 108.53 25.21 -23.46
C SER S 154 108.76 25.62 -24.90
N MET S 155 108.69 24.64 -25.79
CA MET S 155 108.86 24.87 -27.23
C MET S 155 107.55 24.95 -27.99
N MET S 156 106.54 24.18 -27.58
CA MET S 156 105.24 24.23 -28.24
C MET S 156 104.61 25.61 -28.10
N MET S 157 104.68 26.18 -26.90
CA MET S 157 104.16 27.53 -26.65
C MET S 157 105.27 28.57 -26.82
N MET S 158 105.75 28.67 -28.06
CA MET S 158 106.82 29.60 -28.42
C MET S 158 106.24 31.01 -28.45
N GLY S 159 106.15 31.61 -27.27
CA GLY S 159 105.52 32.91 -27.13
C GLY S 159 104.02 32.87 -27.03
N ARG S 160 103.43 31.69 -26.81
CA ARG S 160 101.98 31.54 -26.76
C ARG S 160 101.49 31.90 -25.36
N TRP S 161 100.85 33.06 -25.23
CA TRP S 161 100.27 33.51 -23.97
C TRP S 161 98.76 33.42 -24.05
N GLU S 162 98.15 32.79 -23.05
CA GLU S 162 96.69 32.64 -22.97
C GLU S 162 96.26 33.19 -21.62
N VAL S 163 95.96 34.48 -21.56
CA VAL S 163 95.54 35.15 -20.34
C VAL S 163 94.11 35.65 -20.51
N TYR S 164 93.38 35.66 -19.41
CA TYR S 164 91.99 36.12 -19.39
C TYR S 164 91.90 37.40 -18.58
N MET S 165 91.20 38.39 -19.12
CA MET S 165 91.00 39.68 -18.46
C MET S 165 89.55 39.81 -18.04
N ILE S 166 89.33 40.22 -16.79
CA ILE S 166 87.98 40.41 -16.29
C ILE S 166 87.37 41.63 -16.96
N THR S 167 86.27 41.41 -17.69
CA THR S 167 85.62 42.48 -18.44
C THR S 167 84.28 42.92 -17.88
N GLY S 168 83.52 42.00 -17.29
CA GLY S 168 82.23 42.34 -16.72
C GLY S 168 81.99 41.59 -15.43
N ILE S 169 81.23 42.21 -14.55
CA ILE S 169 80.89 41.63 -13.25
C ILE S 169 79.40 41.87 -13.00
N ILE S 170 78.71 40.84 -12.49
CA ILE S 170 77.33 40.97 -12.06
C ILE S 170 77.29 40.63 -10.57
N VAL S 171 76.64 41.49 -9.80
CA VAL S 171 76.66 41.42 -8.33
C VAL S 171 75.25 41.17 -7.83
N ALA S 172 75.11 40.18 -6.95
CA ALA S 172 73.83 39.93 -6.30
C ALA S 172 73.67 40.85 -5.11
N ARG S 173 72.49 41.45 -4.98
CA ARG S 173 72.19 42.41 -3.92
C ARG S 173 71.00 41.88 -3.13
N GLY S 174 71.28 41.09 -2.09
CA GLY S 174 70.24 40.54 -1.25
C GLY S 174 70.31 39.04 -1.07
N GLY S 175 71.40 38.44 -1.54
CA GLY S 175 71.57 37.01 -1.41
C GLY S 175 70.57 36.25 -2.27
N GLY S 176 70.24 35.04 -1.81
CA GLY S 176 69.31 34.20 -2.53
C GLY S 176 69.17 32.85 -1.87
N ARG S 177 68.21 32.09 -2.36
CA ARG S 177 67.91 30.76 -1.84
C ARG S 177 68.42 29.71 -2.80
N LYS S 178 69.21 28.77 -2.29
CA LYS S 178 69.81 27.72 -3.08
C LYS S 178 69.39 26.36 -2.56
N LYS S 179 69.07 25.44 -3.47
CA LYS S 179 68.78 24.06 -3.13
C LYS S 179 69.54 23.15 -4.09
N LYS S 180 70.28 22.20 -3.53
CA LYS S 180 71.04 21.24 -4.33
C LYS S 180 70.75 19.83 -3.82
N GLU S 181 70.49 18.92 -4.74
CA GLU S 181 70.22 17.52 -4.42
C GLU S 181 71.07 16.65 -5.31
N LYS S 182 71.71 15.64 -4.71
CA LYS S 182 72.59 14.73 -5.43
C LYS S 182 72.21 13.30 -5.09
N THR S 183 71.81 12.53 -6.09
CA THR S 183 71.48 11.12 -5.93
C THR S 183 72.48 10.28 -6.70
N THR S 184 73.07 9.30 -6.03
CA THR S 184 74.05 8.40 -6.64
C THR S 184 73.65 6.97 -6.35
N GLY S 185 73.35 6.22 -7.40
CA GLY S 185 73.01 4.82 -7.26
C GLY S 185 73.94 3.92 -8.03
N LYS S 186 74.69 3.07 -7.31
CA LYS S 186 75.65 2.15 -7.93
C LYS S 186 75.23 0.73 -7.60
N GLU S 187 74.83 -0.02 -8.63
CA GLU S 187 74.46 -1.41 -8.49
C GLU S 187 75.49 -2.27 -9.23
N PHE S 188 76.14 -3.16 -8.50
CA PHE S 188 77.19 -4.01 -9.04
C PHE S 188 76.86 -5.45 -8.71
N SER S 189 76.57 -6.24 -9.73
CA SER S 189 76.18 -7.63 -9.57
C SER S 189 77.08 -8.54 -10.40
N VAL S 190 77.55 -9.62 -9.79
CA VAL S 190 78.38 -10.62 -10.46
C VAL S 190 77.76 -11.99 -10.23
N GLU S 191 77.41 -12.67 -11.31
CA GLU S 191 76.86 -14.01 -11.25
C GLU S 191 77.90 -15.00 -11.77
N VAL S 192 78.29 -15.95 -10.94
CA VAL S 192 79.30 -16.93 -11.32
C VAL S 192 78.69 -18.33 -11.36
N PRO S 204 77.35 -19.66 -7.29
CA PRO S 204 78.07 -18.54 -6.68
C PRO S 204 77.70 -17.20 -7.30
N GLY S 205 77.64 -16.15 -6.49
CA GLY S 205 77.29 -14.83 -6.99
C GLY S 205 77.19 -13.77 -5.91
N GLY S 206 77.71 -12.59 -6.18
CA GLY S 206 77.65 -11.49 -5.23
C GLY S 206 77.13 -10.21 -5.85
N LYS S 207 76.15 -9.59 -5.21
CA LYS S 207 75.56 -8.34 -5.67
C LYS S 207 75.53 -7.33 -4.52
N ARG S 208 75.83 -6.08 -4.84
CA ARG S 208 75.87 -5.02 -3.83
C ARG S 208 75.31 -3.73 -4.43
N ASN S 209 74.42 -3.08 -3.68
CA ASN S 209 73.80 -1.83 -4.09
C ASN S 209 74.21 -0.74 -3.11
N THR S 210 74.71 0.38 -3.64
CA THR S 210 75.10 1.53 -2.84
C THR S 210 74.30 2.74 -3.30
N ALA S 211 73.34 3.16 -2.49
CA ALA S 211 72.48 4.30 -2.81
C ALA S 211 72.76 5.43 -1.82
N ARG S 212 73.11 6.59 -2.34
CA ARG S 212 73.39 7.77 -1.53
C ARG S 212 72.56 8.93 -2.04
N GLN S 213 72.01 9.72 -1.10
CA GLN S 213 71.15 10.84 -1.43
C GLN S 213 71.53 12.00 -0.51
N LYS S 214 72.23 12.98 -1.05
CA LYS S 214 72.69 14.14 -0.29
C LYS S 214 71.84 15.36 -0.62
N THR S 215 71.56 16.17 0.40
CA THR S 215 70.76 17.37 0.25
C THR S 215 71.48 18.55 0.89
N TRP S 216 71.28 19.73 0.32
CA TRP S 216 71.91 20.96 0.84
C TRP S 216 71.00 22.13 0.50
N GLY S 217 70.29 22.64 1.49
CA GLY S 217 69.46 23.83 1.34
C GLY S 217 70.08 25.00 2.09
N THR S 218 70.08 26.16 1.45
CA THR S 218 70.76 27.32 2.00
C THR S 218 69.99 28.58 1.64
N SER S 219 70.12 29.61 2.49
CA SER S 219 69.57 30.94 2.24
C SER S 219 70.71 31.94 2.45
N GLN S 220 71.46 32.20 1.39
CA GLN S 220 72.55 33.17 1.46
C GLN S 220 71.99 34.57 1.66
N THR S 221 72.64 35.33 2.54
CA THR S 221 72.24 36.70 2.83
C THR S 221 73.46 37.61 2.72
N GLY S 222 73.30 38.72 2.00
CA GLY S 222 74.38 39.69 1.86
C GLY S 222 74.70 40.04 0.43
N ASP S 223 75.42 41.14 0.24
CA ASP S 223 75.83 41.59 -1.09
C ASP S 223 77.18 40.98 -1.45
N PHE S 224 77.28 40.41 -2.64
CA PHE S 224 78.49 39.75 -3.08
C PHE S 224 78.46 39.59 -4.60
N VAL S 225 79.66 39.51 -5.19
CA VAL S 225 79.76 39.32 -6.63
C VAL S 225 79.21 37.93 -6.98
N TRP S 226 78.48 37.86 -8.09
CA TRP S 226 77.78 36.65 -8.48
C TRP S 226 78.43 35.92 -9.65
N ALA S 227 78.80 36.64 -10.71
CA ALA S 227 79.43 36.02 -11.87
C ALA S 227 80.28 37.06 -12.58
N VAL S 228 81.18 36.58 -13.42
CA VAL S 228 82.11 37.44 -14.15
C VAL S 228 82.16 37.01 -15.62
N ARG S 229 82.40 37.99 -16.49
CA ARG S 229 82.59 37.74 -17.91
C ARG S 229 84.03 38.07 -18.27
N LEU S 230 84.70 37.12 -18.94
CA LEU S 230 86.10 37.26 -19.29
C LEU S 230 86.27 37.27 -20.79
N ALA S 231 87.29 37.99 -21.26
CA ALA S 231 87.65 38.05 -22.67
C ALA S 231 89.02 37.41 -22.83
N LYS S 232 89.10 36.36 -23.65
CA LYS S 232 90.34 35.62 -23.85
C LYS S 232 91.28 36.41 -24.75
N ILE S 233 92.54 36.51 -24.34
CA ILE S 233 93.59 37.16 -25.13
C ILE S 233 94.64 36.11 -25.44
N THR S 234 94.91 35.92 -26.73
CA THR S 234 95.85 34.91 -27.19
C THR S 234 96.84 35.51 -28.19
N LYS S 235 98.03 34.92 -28.25
CA LYS S 235 99.08 35.38 -29.15
C LYS S 235 99.99 34.20 -29.43
N SER S 236 99.92 33.66 -30.64
CA SER S 236 100.73 32.48 -30.98
C SER S 236 102.22 32.77 -30.89
N GLY S 237 102.63 33.94 -31.40
CA GLY S 237 104.04 34.30 -31.35
C GLY S 237 104.21 35.77 -31.69
N LEU S 238 105.47 36.21 -31.63
CA LEU S 238 105.78 37.60 -31.94
C LEU S 238 105.52 37.92 -33.42
N HIS S 239 105.65 36.92 -34.29
CA HIS S 239 105.37 37.14 -35.71
C HIS S 239 103.89 37.47 -35.93
N SER S 240 103.00 36.77 -35.23
CA SER S 240 101.58 37.02 -35.34
C SER S 240 101.14 38.14 -34.40
N ASP S 241 99.96 38.68 -34.66
CA ASP S 241 99.39 39.74 -33.84
C ASP S 241 98.52 39.15 -32.75
N TRP S 242 98.60 39.73 -31.56
CA TRP S 242 97.81 39.25 -30.43
C TRP S 242 96.34 39.60 -30.64
N LYS S 243 95.47 38.62 -30.43
CA LYS S 243 94.04 38.76 -30.64
C LYS S 243 93.29 38.63 -29.33
N MET S 244 92.10 39.22 -29.29
CA MET S 244 91.23 39.14 -28.13
C MET S 244 89.80 38.87 -28.60
N GLU S 245 89.06 38.11 -27.79
CA GLU S 245 87.67 37.78 -28.11
C GLU S 245 86.97 37.35 -26.84
N THR S 246 85.70 37.74 -26.71
CA THR S 246 84.89 37.31 -25.59
C THR S 246 84.61 35.83 -25.67
N VAL S 247 84.73 35.14 -24.54
CA VAL S 247 84.54 33.69 -24.49
C VAL S 247 83.05 33.38 -24.49
N PHE S 248 82.64 32.50 -25.40
CA PHE S 248 81.26 32.04 -25.48
C PHE S 248 81.20 30.54 -25.24
N GLY S 249 80.09 30.09 -24.66
CA GLY S 249 79.90 28.69 -24.37
C GLY S 249 80.58 28.26 -23.08
N LYS S 250 81.67 27.51 -23.19
CA LYS S 250 82.45 27.07 -22.04
C LYS S 250 83.89 27.53 -22.19
N THR S 251 84.57 27.68 -21.05
CA THR S 251 85.95 28.12 -21.05
C THR S 251 86.87 27.01 -21.56
N SER S 252 88.09 27.40 -21.93
CA SER S 252 89.06 26.46 -22.47
C SER S 252 89.63 25.52 -21.41
N SER S 253 89.36 25.77 -20.13
CA SER S 253 89.88 24.91 -19.07
C SER S 253 89.21 23.54 -19.11
N PHE S 254 89.85 22.58 -18.45
CA PHE S 254 89.33 21.22 -18.43
C PHE S 254 88.01 21.16 -17.69
N ARG S 255 87.01 20.53 -18.32
CA ARG S 255 85.67 20.38 -17.76
C ARG S 255 85.09 21.74 -17.34
N GLY S 256 85.33 22.76 -18.16
CA GLY S 256 84.85 24.10 -17.89
C GLY S 256 83.34 24.19 -17.83
N GLN S 257 82.83 24.84 -16.80
CA GLN S 257 81.38 24.98 -16.65
C GLN S 257 80.82 25.89 -17.74
N LYS S 258 79.67 25.51 -18.28
CA LYS S 258 79.05 26.29 -19.34
C LYS S 258 78.40 27.55 -18.76
N ALA S 259 78.27 28.57 -19.60
CA ALA S 259 77.67 29.82 -19.18
C ALA S 259 76.21 29.60 -18.79
N ILE S 260 75.81 30.20 -17.66
CA ILE S 260 74.44 30.05 -17.18
C ILE S 260 73.48 30.85 -18.04
N PHE S 261 73.77 32.12 -18.26
CA PHE S 261 72.89 32.98 -19.04
C PHE S 261 73.64 34.20 -19.58
CA GLU T 8 65.30 39.24 -42.46
C GLU T 8 65.56 40.73 -42.29
N GLU T 9 64.52 41.46 -41.86
CA GLU T 9 64.66 42.91 -41.72
C GLU T 9 65.63 43.29 -40.61
N TRP T 10 65.61 42.56 -39.50
CA TRP T 10 66.42 42.89 -38.33
C TRP T 10 67.07 41.64 -37.77
N PHE T 11 68.21 41.84 -37.10
CA PHE T 11 68.92 40.77 -36.43
C PHE T 11 68.78 40.93 -34.93
N PRO T 12 68.02 40.07 -34.25
CA PRO T 12 67.87 40.22 -32.80
C PRO T 12 69.13 39.82 -32.05
N LEU T 13 69.48 40.62 -31.04
CA LEU T 13 70.63 40.35 -30.20
C LEU T 13 70.18 39.62 -28.94
N LYS T 14 70.80 38.48 -28.65
CA LYS T 14 70.51 37.74 -27.43
C LYS T 14 71.44 38.16 -26.30
N GLN T 15 71.53 39.47 -26.08
CA GLN T 15 72.39 40.05 -25.05
C GLN T 15 71.66 41.23 -24.42
N THR T 16 71.88 41.43 -23.11
CA THR T 16 71.17 42.53 -22.39
C THR T 16 72.20 43.32 -21.58
N HIS T 17 73.49 43.19 -21.91
CA HIS T 17 74.55 43.93 -21.18
C HIS T 17 74.96 45.18 -21.98
N TYR T 18 74.08 45.63 -22.87
CA TYR T 18 74.37 46.83 -23.70
C TYR T 18 73.34 47.92 -23.39
N PRO T 19 73.69 48.96 -22.61
CA PRO T 19 72.76 50.06 -22.32
C PRO T 19 72.48 50.89 -23.56
N PRO T 20 71.34 51.55 -23.63
CA PRO T 20 70.99 52.33 -24.82
C PRO T 20 71.70 53.67 -24.82
N PRO T 21 72.08 54.17 -25.99
CA PRO T 21 72.63 55.52 -26.07
C PRO T 21 71.57 56.57 -25.79
N THR T 22 72.02 57.72 -25.30
CA THR T 22 71.09 58.82 -25.07
C THR T 22 70.82 59.57 -26.37
N ILE T 23 69.67 60.26 -26.40
CA ILE T 23 69.26 60.96 -27.62
C ILE T 23 70.24 62.08 -27.99
N PRO T 24 70.68 62.96 -27.09
CA PRO T 24 71.61 64.02 -27.51
C PRO T 24 72.91 63.50 -28.10
N SER T 25 73.42 62.38 -27.61
CA SER T 25 74.67 61.80 -28.11
C SER T 25 74.45 60.85 -29.28
N MET T 26 73.21 60.67 -29.72
CA MET T 26 72.95 59.74 -30.83
C MET T 26 73.58 60.24 -32.12
N LYS T 27 73.49 61.54 -32.39
CA LYS T 27 73.92 62.10 -33.67
C LYS T 27 75.01 63.16 -33.51
N THR T 28 75.69 63.19 -32.37
CA THR T 28 76.75 64.16 -32.14
C THR T 28 78.10 63.70 -32.64
N GLY T 29 78.23 62.45 -33.09
CA GLY T 29 79.48 61.90 -33.54
C GLY T 29 80.29 61.17 -32.48
N HIS T 30 79.94 61.35 -31.20
CA HIS T 30 80.61 60.68 -30.09
C HIS T 30 79.55 59.97 -29.25
N PRO T 31 79.24 58.72 -29.59
CA PRO T 31 78.19 58.00 -28.86
C PRO T 31 78.60 57.71 -27.42
N THR T 32 77.58 57.63 -26.55
CA THR T 32 77.78 57.33 -25.15
C THR T 32 77.41 55.90 -24.79
N GLY T 33 77.18 55.05 -25.78
CA GLY T 33 76.81 53.67 -25.54
C GLY T 33 77.71 52.69 -26.27
N PRO T 34 77.67 51.42 -25.84
CA PRO T 34 78.51 50.41 -26.51
C PRO T 34 78.19 50.23 -27.98
N ILE T 35 76.93 50.34 -28.37
CA ILE T 35 76.50 50.18 -29.75
C ILE T 35 75.62 51.36 -30.13
N SER T 36 75.97 52.02 -31.23
CA SER T 36 75.22 53.17 -31.71
C SER T 36 75.38 53.26 -33.22
N ILE T 37 74.51 54.06 -33.85
CA ILE T 37 74.55 54.23 -35.29
C ILE T 37 75.84 54.96 -35.67
N GLY T 38 76.59 54.37 -36.59
CA GLY T 38 77.86 54.93 -37.01
C GLY T 38 79.08 54.08 -36.69
N HIS T 39 78.91 52.91 -36.07
CA HIS T 39 80.02 52.04 -35.74
C HIS T 39 80.29 51.06 -36.87
N ILE T 40 81.52 50.55 -36.91
CA ILE T 40 81.95 49.55 -37.88
C ILE T 40 82.49 48.35 -37.12
N ILE T 41 81.97 47.17 -37.43
CA ILE T 41 82.40 45.94 -36.77
C ILE T 41 82.95 44.97 -37.80
N PRO T 42 84.00 44.21 -37.49
CA PRO T 42 84.51 43.23 -38.46
C PRO T 42 83.50 42.15 -38.82
N ASP T 43 82.67 41.74 -37.88
CA ASP T 43 81.70 40.68 -38.11
C ASP T 43 80.62 40.76 -37.05
N LEU T 44 79.53 40.03 -37.28
CA LEU T 44 78.44 40.01 -36.31
C LEU T 44 78.87 39.38 -35.00
N ARG T 45 79.66 38.29 -35.07
CA ARG T 45 80.14 37.65 -33.85
C ARG T 45 81.06 38.57 -33.06
N HIS T 46 81.97 39.26 -33.76
CA HIS T 46 82.85 40.22 -33.10
C HIS T 46 82.16 41.56 -32.96
N LEU T 47 80.99 41.57 -32.32
CA LEU T 47 80.20 42.79 -32.20
C LEU T 47 80.81 43.79 -31.22
N ASP T 48 81.60 43.32 -30.27
CA ASP T 48 82.20 44.19 -29.26
C ASP T 48 83.50 44.83 -29.71
N ASN T 49 83.99 44.50 -30.91
CA ASN T 49 85.23 45.06 -31.44
C ASN T 49 84.88 46.21 -32.38
N VAL T 50 84.59 47.36 -31.79
CA VAL T 50 84.26 48.56 -32.57
C VAL T 50 85.55 49.13 -33.16
N ILE T 51 85.60 49.19 -34.49
CA ILE T 51 86.80 49.70 -35.15
C ILE T 51 86.96 51.20 -34.90
N ASN T 52 85.87 51.96 -35.06
CA ASN T 52 85.89 53.40 -34.85
C ASN T 52 85.51 53.72 -33.39
N CYS T 53 86.36 53.25 -32.47
CA CYS T 53 86.11 53.47 -31.06
C CYS T 53 86.19 54.95 -30.69
N LYS T 54 87.13 55.68 -31.31
CA LYS T 54 87.29 57.09 -30.97
C LYS T 54 86.05 57.90 -31.33
N GLY T 55 85.46 57.64 -32.48
CA GLY T 55 84.27 58.34 -32.90
C GLY T 55 84.15 58.35 -34.41
N PHE T 56 83.29 59.24 -34.90
CA PHE T 56 83.03 59.36 -36.33
C PHE T 56 82.51 60.77 -36.60
N GLU T 57 82.48 61.12 -37.88
CA GLU T 57 82.06 62.46 -38.28
C GLU T 57 80.59 62.67 -37.93
N PRO T 58 80.22 63.89 -37.52
CA PRO T 58 78.81 64.16 -37.22
C PRO T 58 77.94 64.04 -38.47
N PHE T 59 76.68 63.71 -38.26
CA PHE T 59 75.76 63.53 -39.37
C PHE T 59 75.54 64.87 -40.09
N PRO T 60 75.62 64.90 -41.42
CA PRO T 60 75.31 66.14 -42.15
C PRO T 60 73.85 66.53 -41.99
N PRO T 61 73.51 67.79 -42.24
CA PRO T 61 72.10 68.21 -42.11
C PRO T 61 71.16 67.43 -42.99
N ASN T 62 71.61 66.95 -44.15
CA ASN T 62 70.77 66.10 -44.98
C ASN T 62 70.40 64.82 -44.26
N MET T 63 71.36 64.23 -43.54
CA MET T 63 71.09 63.02 -42.78
C MET T 63 70.09 63.30 -41.66
N ASP T 64 69.19 62.34 -41.45
CA ASP T 64 68.21 62.44 -40.37
C ASP T 64 67.86 61.03 -39.92
N VAL T 65 67.35 60.94 -38.69
CA VAL T 65 66.98 59.68 -38.08
C VAL T 65 65.45 59.58 -38.05
N PHE T 66 64.93 58.45 -38.49
CA PHE T 66 63.49 58.18 -38.48
C PHE T 66 63.16 57.28 -37.30
N THR T 67 62.12 57.65 -36.56
CA THR T 67 61.74 56.94 -35.34
C THR T 67 60.38 56.29 -35.50
N ALA T 68 60.22 55.13 -34.88
CA ALA T 68 58.96 54.40 -34.83
C ALA T 68 58.70 53.93 -33.41
N HIS T 69 57.42 53.77 -33.08
CA HIS T 69 57.00 53.40 -31.74
C HIS T 69 56.14 52.15 -31.79
N TYR T 70 56.29 51.29 -30.79
CA TYR T 70 55.54 50.05 -30.69
C TYR T 70 55.16 49.82 -29.23
N GLU T 71 53.96 49.29 -29.02
CA GLU T 71 53.46 49.00 -27.68
C GLU T 71 52.88 47.60 -27.63
N GLN T 72 52.96 46.99 -26.44
CA GLN T 72 52.46 45.63 -26.22
C GLN T 72 53.06 44.63 -27.20
N CYS T 73 54.34 44.81 -27.53
CA CYS T 73 55.03 43.92 -28.44
C CYS T 73 55.54 42.69 -27.71
N HIS T 74 55.21 41.51 -28.24
CA HIS T 74 55.66 40.26 -27.67
C HIS T 74 56.15 39.35 -28.78
N PHE T 75 57.05 38.43 -28.43
CA PHE T 75 57.67 37.54 -29.40
C PHE T 75 57.91 36.19 -28.76
N GLY T 76 57.25 35.16 -29.28
CA GLY T 76 57.42 33.81 -28.77
C GLY T 76 57.65 32.83 -29.90
N ASP T 77 58.58 31.90 -29.67
CA ASP T 77 58.91 30.90 -30.67
C ASP T 77 59.24 29.57 -29.99
N HIS T 78 59.13 28.49 -30.77
CA HIS T 78 59.40 27.15 -30.29
C HIS T 78 60.29 26.43 -31.31
N LEU T 79 60.89 25.33 -30.87
CA LEU T 79 61.76 24.54 -31.74
C LEU T 79 61.78 23.11 -31.25
N ASN T 80 61.57 22.17 -32.16
CA ASN T 80 61.65 20.75 -31.87
C ASN T 80 62.60 20.09 -32.86
N SER T 81 63.59 19.37 -32.35
CA SER T 81 64.55 18.66 -33.18
C SER T 81 64.67 17.23 -32.67
N GLU T 82 64.29 16.28 -33.51
CA GLU T 82 64.28 14.86 -33.15
C GLU T 82 65.19 14.11 -34.13
N PHE T 83 66.47 14.00 -33.80
CA PHE T 83 67.43 13.25 -34.59
C PHE T 83 67.41 11.80 -34.12
N VAL T 84 66.80 10.93 -34.91
CA VAL T 84 66.61 9.52 -34.54
C VAL T 84 67.31 8.64 -35.55
N VAL T 85 68.14 7.73 -35.07
CA VAL T 85 68.84 6.75 -35.90
C VAL T 85 68.52 5.36 -35.35
N GLN T 86 67.93 4.52 -36.18
CA GLN T 86 67.57 3.15 -35.79
C GLN T 86 68.30 2.17 -36.70
N ALA T 87 68.94 1.18 -36.10
CA ALA T 87 69.67 0.17 -36.86
C ALA T 87 69.53 -1.21 -36.21
N SER T 105 74.25 -1.94 -35.45
CA SER T 105 73.53 -2.37 -34.25
C SER T 105 73.62 -1.32 -33.15
N ALA T 106 73.03 -0.15 -33.41
CA ALA T 106 73.05 0.95 -32.45
C ALA T 106 71.78 1.77 -32.61
N GLY T 107 71.40 2.46 -31.54
CA GLY T 107 70.24 3.32 -31.56
C GLY T 107 70.51 4.68 -30.92
N LEU T 108 70.25 5.75 -31.68
CA LEU T 108 70.50 7.11 -31.22
C LEU T 108 69.21 7.89 -31.24
N HIS T 109 68.96 8.63 -30.15
CA HIS T 109 67.77 9.47 -30.03
C HIS T 109 68.19 10.79 -29.40
N HIS T 110 68.25 11.85 -30.21
CA HIS T 110 68.59 13.18 -29.74
C HIS T 110 67.35 14.06 -29.90
N THR T 111 66.74 14.43 -28.78
CA THR T 111 65.53 15.24 -28.77
C THR T 111 65.84 16.59 -28.13
N ASN T 112 65.67 17.66 -28.90
CA ASN T 112 65.86 19.02 -28.42
C ASN T 112 64.54 19.76 -28.48
N ILE T 113 64.11 20.31 -27.36
CA ILE T 113 62.89 21.10 -27.27
C ILE T 113 63.25 22.44 -26.65
N THR T 114 63.05 23.52 -27.40
CA THR T 114 63.39 24.86 -26.96
C THR T 114 62.17 25.77 -27.05
N SER T 115 61.97 26.58 -26.02
CA SER T 115 60.86 27.52 -25.97
C SER T 115 61.35 28.86 -25.45
N ASP T 116 61.06 29.93 -26.19
CA ASP T 116 61.47 31.27 -25.82
C ASP T 116 60.27 32.20 -25.91
N ARG T 117 60.13 33.08 -24.91
CA ARG T 117 59.04 34.04 -24.88
C ARG T 117 59.56 35.38 -24.37
N TRP T 118 59.32 36.44 -25.14
CA TRP T 118 59.66 37.79 -24.73
C TRP T 118 58.39 38.64 -24.76
N GLU T 119 58.12 39.31 -23.64
CA GLU T 119 56.95 40.19 -23.52
C GLU T 119 57.45 41.57 -23.14
N TYR T 120 57.49 42.48 -24.11
CA TYR T 120 57.96 43.84 -23.87
C TYR T 120 56.79 44.71 -23.39
N ASP T 121 57.07 45.99 -23.20
CA ASP T 121 56.04 46.94 -22.80
C ASP T 121 56.03 48.15 -23.73
N SER T 122 57.21 48.55 -24.21
CA SER T 122 57.33 49.67 -25.13
C SER T 122 58.65 49.54 -25.87
N VAL T 123 58.60 49.74 -27.19
CA VAL T 123 59.76 49.58 -28.06
C VAL T 123 59.85 50.80 -28.98
N VAL T 124 61.07 51.30 -29.15
CA VAL T 124 61.34 52.41 -30.05
C VAL T 124 62.39 51.96 -31.07
N GLU T 125 62.22 52.41 -32.32
CA GLU T 125 63.09 52.00 -33.41
C GLU T 125 63.65 53.24 -34.10
N TYR T 126 64.96 53.28 -34.26
CA TYR T 126 65.66 54.37 -34.93
C TYR T 126 66.33 53.82 -36.19
N ALA T 127 66.14 54.50 -37.31
CA ALA T 127 66.73 54.07 -38.58
C ALA T 127 67.31 55.27 -39.31
N VAL T 128 68.29 54.98 -40.18
CA VAL T 128 68.97 55.99 -40.99
C VAL T 128 69.30 55.36 -42.34
N TYR T 129 69.66 56.22 -43.30
CA TYR T 129 70.05 55.76 -44.63
C TYR T 129 71.40 56.36 -45.00
N PRO T 130 72.34 55.56 -45.47
CA PRO T 130 73.68 56.07 -45.77
C PRO T 130 73.74 56.78 -47.12
N THR T 131 74.90 57.39 -47.38
CA THR T 131 75.16 58.08 -48.64
C THR T 131 76.57 57.72 -49.09
N ARG T 132 76.77 57.73 -50.42
CA ARG T 132 78.06 57.34 -50.98
C ARG T 132 79.19 58.22 -50.46
N GLN T 133 78.99 59.53 -50.45
CA GLN T 133 80.05 60.43 -50.00
C GLN T 133 80.30 60.28 -48.49
N TYR T 134 79.24 60.06 -47.72
CA TYR T 134 79.41 59.92 -46.27
C TYR T 134 80.20 58.66 -45.92
N ILE T 135 79.95 57.56 -46.62
CA ILE T 135 80.71 56.34 -46.37
C ILE T 135 82.15 56.52 -46.83
N ASP T 136 82.36 57.21 -47.95
CA ASP T 136 83.72 57.44 -48.44
C ASP T 136 84.53 58.27 -47.46
N ARG T 137 83.93 59.33 -46.90
CA ARG T 137 84.65 60.13 -45.92
C ARG T 137 84.79 59.39 -44.59
N LEU T 138 83.89 58.44 -44.30
CA LEU T 138 84.03 57.62 -43.12
C LEU T 138 85.20 56.66 -43.25
N LEU T 139 85.44 56.13 -44.45
CA LEU T 139 86.57 55.25 -44.70
C LEU T 139 87.91 55.95 -44.57
N GLU T 140 87.93 57.28 -44.56
CA GLU T 140 89.17 58.05 -44.40
C GLU T 140 89.57 58.24 -42.95
N SER T 141 88.78 57.72 -42.01
CA SER T 141 89.13 57.86 -40.59
C SER T 141 90.38 57.06 -40.27
N LYS T 142 91.10 57.52 -39.24
CA LYS T 142 92.38 56.92 -38.89
C LYS T 142 92.24 55.44 -38.55
N GLU T 143 91.32 55.10 -37.64
CA GLU T 143 91.13 53.72 -37.27
C GLU T 143 90.60 52.89 -38.44
N VAL T 144 89.67 53.47 -39.21
CA VAL T 144 89.09 52.75 -40.34
C VAL T 144 90.15 52.51 -41.41
N ARG T 145 90.97 53.51 -41.72
CA ARG T 145 91.99 53.34 -42.74
C ARG T 145 93.07 52.36 -42.29
N GLN T 146 93.40 52.35 -40.99
CA GLN T 146 94.36 51.38 -40.49
C GLN T 146 93.84 49.96 -40.65
N TYR T 147 92.57 49.73 -40.33
CA TYR T 147 92.00 48.39 -40.44
C TYR T 147 91.94 47.92 -41.88
N ILE T 148 91.52 48.80 -42.79
CA ILE T 148 91.38 48.39 -44.19
C ILE T 148 92.74 48.08 -44.81
N GLN T 149 93.77 48.84 -44.41
CA GLN T 149 95.12 48.53 -44.87
C GLN T 149 95.59 47.18 -44.35
N LYS T 150 95.33 46.89 -43.08
CA LYS T 150 95.70 45.59 -42.52
C LYS T 150 94.92 44.46 -43.20
N SER T 151 93.63 44.66 -43.43
CA SER T 151 92.83 43.64 -44.11
C SER T 151 93.30 43.42 -45.53
N LYS T 152 93.61 44.50 -46.26
CA LYS T 152 94.11 44.36 -47.63
C LYS T 152 95.46 43.67 -47.65
N LYS T 153 96.34 44.00 -46.69
CA LYS T 153 97.64 43.34 -46.60
C LYS T 153 97.50 41.85 -46.30
N LEU T 154 96.56 41.50 -45.42
CA LEU T 154 96.38 40.11 -45.03
C LEU T 154 95.48 39.37 -46.01
N LEU T 155 94.29 39.88 -46.25
CA LEU T 155 93.31 39.24 -47.12
C LEU T 155 93.27 39.93 -48.48
N GLY T 156 92.93 39.15 -49.51
CA GLY T 156 92.86 39.71 -50.85
C GLY T 156 91.74 40.73 -51.00
N GLY T 157 90.57 40.44 -50.43
CA GLY T 157 89.45 41.36 -50.47
C GLY T 157 88.88 41.64 -49.10
N TRP T 158 88.78 42.91 -48.74
CA TRP T 158 88.30 43.30 -47.43
C TRP T 158 86.78 43.42 -47.42
N CYS T 159 86.21 43.20 -46.24
CA CYS T 159 84.76 43.33 -46.05
C CYS T 159 84.49 43.68 -44.61
N VAL T 160 83.64 44.69 -44.40
CA VAL T 160 83.27 45.16 -43.08
C VAL T 160 81.76 45.34 -43.02
N TYR T 161 81.26 45.60 -41.81
CA TYR T 161 79.84 45.83 -41.59
C TYR T 161 79.66 47.13 -40.82
N MET T 162 78.53 47.79 -41.07
CA MET T 162 78.19 49.03 -40.40
C MET T 162 76.78 48.93 -39.82
N VAL T 163 76.63 49.36 -38.58
CA VAL T 163 75.32 49.37 -37.93
C VAL T 163 74.51 50.54 -38.47
N THR T 164 73.29 50.25 -38.90
CA THR T 164 72.41 51.25 -39.51
C THR T 164 71.31 51.71 -38.58
N GLY T 165 70.55 50.78 -37.99
CA GLY T 165 69.50 51.12 -37.07
C GLY T 165 69.58 50.27 -35.82
N ILE T 166 68.93 50.78 -34.77
CA ILE T 166 68.88 50.09 -33.48
C ILE T 166 67.45 50.14 -32.96
N MET T 167 67.02 49.03 -32.35
CA MET T 167 65.71 48.94 -31.72
C MET T 167 65.91 48.84 -30.22
N VAL T 168 65.30 49.76 -29.46
CA VAL T 168 65.56 49.91 -28.04
C VAL T 168 64.25 49.67 -27.28
N ALA T 169 64.29 48.79 -26.30
CA ALA T 169 63.15 48.57 -25.42
C ALA T 169 63.11 49.64 -24.34
N ARG T 170 61.94 49.78 -23.71
CA ARG T 170 61.73 50.74 -22.63
C ARG T 170 61.19 50.01 -21.42
N GLY T 171 61.90 50.10 -20.30
CA GLY T 171 61.47 49.45 -19.08
C GLY T 171 61.69 47.96 -19.05
N GLY T 172 62.40 47.39 -20.03
CA GLY T 172 62.63 45.97 -20.06
C GLY T 172 61.38 45.17 -20.41
N GLY T 173 61.50 43.86 -20.21
CA GLY T 173 60.38 42.97 -20.49
C GLY T 173 60.64 41.59 -19.92
N ARG T 174 59.55 40.89 -19.65
CA ARG T 174 59.64 39.55 -19.08
C ARG T 174 60.19 38.57 -20.10
N ASN T 175 61.02 37.63 -19.63
CA ASN T 175 61.61 36.60 -20.47
C ASN T 175 61.44 35.25 -19.81
N VAL T 176 61.00 34.26 -20.60
CA VAL T 176 60.86 32.89 -20.15
C VAL T 176 61.56 31.98 -21.15
N THR T 177 62.47 31.14 -20.65
CA THR T 177 63.23 30.22 -21.49
C THR T 177 63.09 28.82 -20.93
N SER T 178 62.80 27.87 -21.80
CA SER T 178 62.65 26.47 -21.41
C SER T 178 63.41 25.61 -22.41
N GLU T 179 64.46 24.93 -21.94
CA GLU T 179 65.29 24.08 -22.77
C GLU T 179 65.27 22.66 -22.24
N GLU T 180 65.11 21.69 -23.13
CA GLU T 180 65.08 20.28 -22.76
C GLU T 180 65.88 19.50 -23.79
N LYS T 181 66.98 18.90 -23.36
CA LYS T 181 67.86 18.13 -24.23
C LYS T 181 67.97 16.71 -23.70
N GLY T 182 67.49 15.75 -24.49
CA GLY T 182 67.60 14.35 -24.13
C GLY T 182 68.37 13.54 -25.15
N ALA T 183 69.48 12.95 -24.74
CA ALA T 183 70.33 12.16 -25.63
C ALA T 183 70.38 10.73 -25.12
N GLY T 184 69.94 9.78 -25.95
CA GLY T 184 69.99 8.38 -25.60
C GLY T 184 70.68 7.54 -26.65
N VAL T 185 71.82 6.94 -26.29
CA VAL T 185 72.59 6.10 -27.19
C VAL T 185 72.67 4.71 -26.59
N SER T 186 72.25 3.71 -27.36
CA SER T 186 72.29 2.31 -26.94
C SER T 186 73.09 1.54 -27.99
N GLY T 187 74.26 1.04 -27.60
CA GLY T 187 75.13 0.30 -28.49
C GLY T 187 75.23 -1.16 -28.07
N ASN T 188 75.03 -2.04 -29.04
CA ASN T 188 75.09 -3.49 -28.84
C ASN T 188 76.30 -4.04 -29.56
N VAL T 189 77.15 -4.76 -28.83
CA VAL T 189 78.37 -5.36 -29.37
C VAL T 189 78.23 -6.87 -29.30
N GLY T 190 78.48 -7.54 -30.41
CA GLY T 190 78.39 -8.99 -30.47
C GLY T 190 79.44 -9.62 -31.38
N PHE T 199 81.05 -13.26 -25.14
CA PHE T 199 81.37 -11.88 -24.78
C PHE T 199 80.59 -10.91 -25.66
N ALA T 200 79.44 -10.44 -25.16
CA ALA T 200 78.56 -9.52 -25.88
C ALA T 200 78.23 -8.34 -24.98
N PRO T 201 79.17 -7.40 -24.81
CA PRO T 201 78.89 -6.24 -23.97
C PRO T 201 77.86 -5.32 -24.61
N GLU T 202 77.13 -4.61 -23.74
CA GLU T 202 76.13 -3.64 -24.17
C GLU T 202 76.34 -2.35 -23.38
N VAL T 203 76.30 -1.21 -24.08
CA VAL T 203 76.50 0.09 -23.48
C VAL T 203 75.23 0.91 -23.66
N GLY T 204 74.69 1.41 -22.56
CA GLY T 204 73.51 2.24 -22.62
C GLY T 204 73.66 3.55 -21.87
N TRP T 205 73.64 4.66 -22.61
CA TRP T 205 73.78 5.99 -22.03
C TRP T 205 72.48 6.77 -22.25
N ASP T 206 71.92 7.29 -21.17
CA ASP T 206 70.65 8.02 -21.21
C ASP T 206 70.81 9.27 -20.36
N THR T 207 71.04 10.41 -21.01
CA THR T 207 71.20 11.67 -20.30
C THR T 207 70.07 12.63 -20.66
N LYS T 208 69.64 13.42 -19.67
CA LYS T 208 68.59 14.39 -19.84
C LYS T 208 68.98 15.69 -19.14
N THR T 209 68.63 16.81 -19.77
CA THR T 209 68.94 18.13 -19.22
C THR T 209 67.73 19.03 -19.35
N LYS T 210 67.32 19.64 -18.23
CA LYS T 210 66.22 20.59 -18.21
C LYS T 210 66.71 21.92 -17.67
N THR T 211 66.20 23.02 -18.24
CA THR T 211 66.59 24.35 -17.80
C THR T 211 65.43 25.30 -18.04
N LYS T 212 64.89 25.86 -16.96
CA LYS T 212 63.80 26.83 -17.02
C LYS T 212 64.26 28.10 -16.33
N VAL T 213 64.37 29.18 -17.10
CA VAL T 213 64.88 30.46 -16.59
C VAL T 213 63.80 31.51 -16.74
N ASN T 214 63.49 32.19 -15.64
CA ASN T 214 62.55 33.30 -15.62
C ASN T 214 63.29 34.57 -15.25
N ALA T 215 63.12 35.62 -16.06
CA ALA T 215 63.80 36.88 -15.84
C ALA T 215 62.83 38.04 -16.01
N HIS T 216 63.00 39.07 -15.18
CA HIS T 216 62.17 40.28 -15.22
C HIS T 216 63.11 41.48 -15.25
N HIS T 217 63.51 41.88 -16.45
CA HIS T 217 64.36 43.06 -16.61
C HIS T 217 63.56 44.32 -16.34
N THR T 218 64.24 45.32 -15.78
CA THR T 218 63.61 46.61 -15.44
C THR T 218 64.50 47.76 -15.87
N THR T 219 65.15 47.63 -17.02
CA THR T 219 66.00 48.68 -17.55
C THR T 219 66.05 48.58 -19.07
N ASP T 220 66.39 49.69 -19.70
CA ASP T 220 66.43 49.75 -21.15
C ASP T 220 67.68 49.05 -21.69
N PHE T 221 67.52 48.44 -22.87
CA PHE T 221 68.63 47.76 -23.53
C PHE T 221 68.36 47.67 -25.02
N VAL T 222 69.41 47.41 -25.78
CA VAL T 222 69.31 47.32 -27.23
C VAL T 222 68.79 45.94 -27.62
N CYS T 223 67.77 45.91 -28.48
CA CYS T 223 67.13 44.66 -28.88
C CYS T 223 67.71 44.11 -30.18
N ALA T 224 67.65 44.89 -31.26
CA ALA T 224 68.07 44.40 -32.56
C ALA T 224 68.73 45.53 -33.35
N ILE T 225 69.53 45.15 -34.33
CA ILE T 225 70.27 46.10 -35.17
C ILE T 225 70.16 45.66 -36.62
N ARG T 226 70.42 46.60 -37.53
CA ARG T 226 70.51 46.34 -38.96
C ARG T 226 71.94 46.58 -39.42
N LEU T 227 72.46 45.67 -40.23
CA LEU T 227 73.84 45.69 -40.69
C LEU T 227 73.89 45.92 -42.19
N VAL T 228 74.79 46.81 -42.62
CA VAL T 228 75.05 47.06 -44.03
C VAL T 228 76.46 46.58 -44.33
N LYS T 229 76.59 45.74 -45.36
CA LYS T 229 77.85 45.10 -45.70
C LYS T 229 78.59 45.92 -46.75
N ILE T 230 79.83 46.29 -46.45
CA ILE T 230 80.69 47.01 -47.36
C ILE T 230 81.88 46.12 -47.68
N ALA T 231 82.02 45.75 -48.96
CA ALA T 231 83.09 44.86 -49.40
C ALA T 231 83.71 45.37 -50.69
N LYS T 232 84.96 45.00 -50.90
CA LYS T 232 85.67 45.33 -52.14
C LYS T 232 86.74 44.28 -52.38
N SER T 233 86.77 43.75 -53.60
CA SER T 233 87.74 42.73 -53.97
C SER T 233 87.95 42.78 -55.47
N GLY T 234 89.06 42.19 -55.91
CA GLY T 234 89.38 42.19 -57.33
C GLY T 234 89.81 43.52 -57.89
N LEU T 235 90.35 44.40 -57.05
CA LEU T 235 90.79 45.74 -57.46
C LEU T 235 89.65 46.52 -58.11
N ARG T 236 88.50 46.52 -57.45
CA ARG T 236 87.34 47.26 -57.94
C ARG T 236 87.58 48.76 -57.82
N SER T 237 87.02 49.50 -58.78
CA SER T 237 87.16 50.95 -58.76
C SER T 237 86.52 51.57 -57.52
N SER T 238 85.36 51.07 -57.13
CA SER T 238 84.66 51.54 -55.95
C SER T 238 84.13 50.35 -55.16
N TRP T 239 83.96 50.54 -53.86
CA TRP T 239 83.46 49.48 -53.00
C TRP T 239 81.98 49.23 -53.26
N THR T 240 81.51 48.08 -52.79
CA THR T 240 80.13 47.64 -53.00
C THR T 240 79.40 47.63 -51.67
N MET T 241 78.17 48.16 -51.67
CA MET T 241 77.33 48.22 -50.49
C MET T 241 76.11 47.33 -50.70
N LYS T 242 75.85 46.44 -49.73
CA LYS T 242 74.76 45.49 -49.83
C LYS T 242 74.06 45.38 -48.47
N LYS T 243 72.88 44.77 -48.49
CA LYS T 243 72.10 44.52 -47.29
C LYS T 243 72.15 43.04 -46.94
N VAL T 244 72.03 42.73 -45.65
CA VAL T 244 72.12 41.38 -45.14
C VAL T 244 70.82 41.03 -44.43
N THR T 245 70.25 39.87 -44.79
CA THR T 245 69.02 39.39 -44.20
C THR T 245 69.20 37.96 -43.71
N ARG T 246 68.48 37.61 -42.65
CA ARG T 246 68.54 36.26 -42.10
C ARG T 246 67.59 35.32 -42.82
CA MET U 5 43.82 43.13 -62.08
C MET U 5 42.99 44.37 -61.76
N ASP U 6 42.52 44.46 -60.52
CA ASP U 6 41.71 45.57 -60.06
C ASP U 6 42.37 46.42 -58.99
N LYS U 7 43.12 45.79 -58.08
CA LYS U 7 43.78 46.49 -56.99
C LYS U 7 45.15 46.97 -57.42
N CYS U 8 45.48 48.23 -57.09
CA CYS U 8 46.74 48.84 -57.51
C CYS U 8 47.35 49.64 -56.38
N TRP U 9 47.35 49.09 -55.17
CA TRP U 9 47.96 49.73 -54.01
C TRP U 9 48.97 48.78 -53.40
N PHE U 10 50.24 49.21 -53.35
CA PHE U 10 51.33 48.41 -52.81
C PHE U 10 51.72 48.93 -51.44
N THR U 11 51.73 48.04 -50.45
CA THR U 11 52.04 48.42 -49.09
C THR U 11 53.55 48.44 -48.85
N LEU U 12 53.98 49.34 -47.98
CA LEU U 12 55.39 49.48 -47.64
C LEU U 12 55.77 48.56 -46.48
N ASP U 13 57.04 48.17 -46.46
CA ASP U 13 57.58 47.33 -45.40
C ASP U 13 58.25 48.14 -44.30
N ASN U 14 58.29 49.46 -44.42
CA ASN U 14 58.90 50.33 -43.43
C ASN U 14 57.88 51.36 -42.97
N ALA U 15 57.76 51.53 -41.65
CA ALA U 15 56.74 52.39 -41.08
C ALA U 15 57.31 53.62 -40.36
N HIS U 16 58.60 53.90 -40.54
CA HIS U 16 59.22 55.03 -39.87
C HIS U 16 59.22 56.31 -40.70
N TYR U 17 58.65 56.28 -41.91
CA TYR U 17 58.57 57.50 -42.73
C TYR U 17 57.52 58.43 -42.14
N PRO U 18 57.87 59.68 -41.81
CA PRO U 18 56.87 60.61 -41.30
C PRO U 18 55.88 60.98 -42.38
N PRO U 19 54.63 61.29 -42.02
CA PRO U 19 53.63 61.65 -43.03
C PRO U 19 53.83 63.07 -43.52
N PRO U 20 53.82 63.29 -44.84
CA PRO U 20 53.96 64.64 -45.36
C PRO U 20 52.76 65.51 -45.01
N SER U 21 53.01 66.81 -44.90
CA SER U 21 51.96 67.78 -44.63
C SER U 21 51.35 68.29 -45.93
N LEU U 22 50.14 68.84 -45.83
CA LEU U 22 49.43 69.29 -47.02
C LEU U 22 50.16 70.44 -47.70
N ASP U 23 50.66 71.40 -46.91
CA ASP U 23 51.41 72.51 -47.50
C ASP U 23 52.74 72.04 -48.06
N SER U 24 53.41 71.11 -47.38
CA SER U 24 54.69 70.61 -47.85
C SER U 24 54.53 69.83 -49.16
N MET U 25 53.50 68.99 -49.26
CA MET U 25 53.31 68.20 -50.47
C MET U 25 52.87 69.09 -51.64
N ARG U 26 52.12 70.15 -51.36
CA ARG U 26 51.80 71.11 -52.41
C ARG U 26 53.06 71.82 -52.90
N SER U 27 53.95 72.18 -51.98
CA SER U 27 55.22 72.80 -52.35
C SER U 27 56.26 71.79 -52.83
N GLY U 28 55.94 70.50 -52.76
CA GLY U 28 56.88 69.47 -53.20
C GLY U 28 58.12 69.34 -52.34
N HIS U 29 57.98 69.48 -51.03
CA HIS U 29 59.11 69.31 -50.13
C HIS U 29 59.34 67.83 -49.86
N PRO U 30 60.50 67.28 -50.20
CA PRO U 30 60.77 65.85 -49.95
C PRO U 30 61.21 65.59 -48.50
N ILE U 31 60.28 65.80 -47.57
CA ILE U 31 60.56 65.53 -46.17
C ILE U 31 60.82 64.04 -45.96
N SER U 32 60.00 63.20 -46.58
CA SER U 32 60.16 61.75 -46.50
C SER U 32 60.59 61.20 -47.86
N PRO U 33 61.32 60.08 -47.88
CA PRO U 33 61.66 59.46 -49.16
C PRO U 33 60.46 59.06 -49.99
N ALA U 34 59.36 58.67 -49.35
CA ALA U 34 58.14 58.30 -50.05
C ALA U 34 57.22 59.52 -50.12
N SER U 35 57.23 60.19 -51.27
CA SER U 35 56.39 61.36 -51.48
C SER U 35 56.09 61.50 -52.96
N LEU U 36 55.06 62.28 -53.27
CA LEU U 36 54.65 62.49 -54.65
C LEU U 36 55.72 63.25 -55.42
N GLY U 37 55.92 62.85 -56.67
CA GLY U 37 56.91 63.46 -57.54
C GLY U 37 58.25 62.77 -57.58
N HIS U 38 58.50 61.83 -56.68
CA HIS U 38 59.77 61.12 -56.67
C HIS U 38 59.81 60.04 -57.75
N LEU U 39 61.02 59.72 -58.20
CA LEU U 39 61.25 58.67 -59.17
C LEU U 39 62.16 57.62 -58.55
N ILE U 40 61.76 56.36 -58.63
CA ILE U 40 62.54 55.26 -58.07
C ILE U 40 62.72 54.18 -59.13
N PRO U 41 63.88 53.52 -59.18
CA PRO U 41 64.03 52.40 -60.13
C PRO U 41 63.06 51.26 -59.87
N SER U 42 62.73 51.00 -58.60
CA SER U 42 61.83 49.91 -58.25
C SER U 42 61.26 50.19 -56.87
N LEU U 43 60.21 49.44 -56.52
CA LEU U 43 59.57 49.60 -55.22
C LEU U 43 60.52 49.22 -54.09
N ALA U 44 61.30 48.15 -54.27
CA ALA U 44 62.25 47.72 -53.26
C ALA U 44 63.41 48.68 -53.09
N HIS U 45 63.59 49.63 -54.01
CA HIS U 45 64.68 50.60 -53.95
C HIS U 45 64.11 52.00 -53.76
N LEU U 46 63.16 52.14 -52.84
CA LEU U 46 62.52 53.45 -52.61
C LEU U 46 63.53 54.47 -52.09
N ASP U 47 64.50 54.05 -51.30
CA ASP U 47 65.50 54.97 -50.78
C ASP U 47 66.41 55.53 -51.86
N GLN U 48 66.46 54.88 -53.03
CA GLN U 48 67.29 55.35 -54.14
C GLN U 48 66.45 56.27 -55.03
N ILE U 49 66.22 57.48 -54.51
CA ILE U 49 65.45 58.47 -55.25
C ILE U 49 66.30 59.06 -56.37
N ILE U 50 65.77 59.02 -57.60
CA ILE U 50 66.49 59.58 -58.73
C ILE U 50 66.57 61.10 -58.63
N ASN U 51 65.48 61.74 -58.22
CA ASN U 51 65.46 63.20 -58.11
C ASN U 51 66.37 63.66 -56.97
N ALA U 52 67.17 64.67 -57.25
CA ALA U 52 68.10 65.22 -56.26
C ALA U 52 67.50 66.47 -55.61
N LYS U 53 66.38 66.25 -54.90
CA LYS U 53 65.68 67.32 -54.18
C LYS U 53 65.31 68.47 -55.11
N ALA U 54 64.91 68.14 -56.33
CA ALA U 54 64.48 69.13 -57.33
C ALA U 54 63.13 68.66 -57.90
N ILE U 55 62.05 69.03 -57.22
CA ILE U 55 60.71 68.63 -57.63
C ILE U 55 60.17 69.69 -58.59
N GLU U 56 59.67 69.24 -59.73
CA GLU U 56 59.07 70.15 -60.70
C GLU U 56 57.85 70.82 -60.09
N PRO U 57 57.72 72.15 -60.19
CA PRO U 57 56.56 72.82 -59.60
C PRO U 57 55.26 72.34 -60.23
N PHE U 58 54.24 72.20 -59.38
CA PHE U 58 52.93 71.76 -59.85
C PHE U 58 52.22 72.90 -60.56
N PRO U 59 51.82 72.74 -61.81
CA PRO U 59 51.04 73.80 -62.48
C PRO U 59 49.64 73.89 -61.91
N ALA U 60 48.90 74.90 -62.40
CA ALA U 60 47.54 75.12 -61.95
C ALA U 60 46.60 73.98 -62.32
N THR U 61 46.97 73.17 -63.32
CA THR U 61 46.13 72.04 -63.73
C THR U 61 46.36 70.79 -62.88
N MET U 62 47.33 70.81 -61.97
CA MET U 62 47.63 69.66 -61.13
C MET U 62 46.97 69.84 -59.76
N ASP U 63 46.19 68.84 -59.36
CA ASP U 63 45.50 68.85 -58.08
C ASP U 63 45.79 67.56 -57.34
N ILE U 64 45.69 67.62 -56.01
CA ILE U 64 45.93 66.46 -55.16
C ILE U 64 44.59 65.77 -54.88
N HIS U 65 43.54 66.27 -55.54
CA HIS U 65 42.17 65.73 -55.41
C HIS U 65 41.75 65.87 -53.95
N GLY U 66 41.18 64.85 -53.33
CA GLY U 66 40.70 64.97 -51.97
C GLY U 66 41.15 63.84 -51.07
N PRO U 67 41.10 64.07 -49.75
CA PRO U 67 41.49 63.04 -48.76
C PRO U 67 40.42 61.97 -48.53
N THR U 68 40.44 60.96 -49.39
CA THR U 68 39.49 59.85 -49.26
C THR U 68 39.81 59.06 -47.99
N ILE U 69 38.85 59.04 -47.06
CA ILE U 69 39.06 58.47 -45.74
C ILE U 69 38.41 57.09 -45.66
N ILE U 70 39.13 56.14 -45.07
CA ILE U 70 38.65 54.78 -44.86
C ILE U 70 38.69 54.49 -43.37
N GLU U 71 37.57 54.02 -42.82
CA GLU U 71 37.46 53.74 -41.40
C GLU U 71 37.19 52.26 -41.16
N ASP U 72 37.65 51.78 -40.01
CA ASP U 72 37.43 50.40 -39.56
C ASP U 72 37.90 49.40 -40.62
N PHE U 73 39.18 49.48 -40.94
CA PHE U 73 39.80 48.61 -41.95
C PHE U 73 40.43 47.41 -41.24
N LYS U 74 39.75 46.27 -41.31
CA LYS U 74 40.23 45.02 -40.74
C LYS U 74 40.26 43.97 -41.83
N TRP U 75 41.43 43.36 -42.03
CA TRP U 75 41.57 42.33 -43.05
C TRP U 75 42.40 41.18 -42.50
N ASP U 76 41.99 39.96 -42.84
CA ASP U 76 42.65 38.74 -42.39
C ASP U 76 43.10 37.95 -43.62
N HIS U 77 44.32 37.43 -43.56
CA HIS U 77 44.90 36.68 -44.68
C HIS U 77 45.69 35.51 -44.12
N SER U 78 45.23 34.28 -44.39
CA SER U 78 45.95 33.07 -44.04
C SER U 78 46.42 32.40 -45.33
N HIS U 79 47.73 32.29 -45.50
CA HIS U 79 48.33 31.66 -46.67
C HIS U 79 49.12 30.46 -46.20
N GLU U 80 48.58 29.26 -46.42
CA GLU U 80 49.21 28.03 -45.98
C GLU U 80 49.31 27.07 -47.16
N TYR U 81 50.43 26.36 -47.24
CA TYR U 81 50.63 25.36 -48.28
C TYR U 81 51.49 24.24 -47.71
N SER U 82 51.41 23.08 -48.36
CA SER U 82 52.14 21.90 -47.92
C SER U 82 52.55 21.08 -49.13
N LEU U 83 53.85 20.89 -49.31
CA LEU U 83 54.38 20.06 -50.38
C LEU U 83 55.04 18.81 -49.79
N SER U 84 54.95 17.72 -50.54
CA SER U 84 55.57 16.46 -50.15
C SER U 84 56.06 15.73 -51.38
N LEU U 85 57.10 14.92 -51.20
CA LEU U 85 57.69 14.17 -52.29
C LEU U 85 58.31 12.89 -51.74
N GLY U 86 58.32 11.85 -52.56
CA GLY U 86 58.92 10.59 -52.16
C GLY U 86 59.83 10.02 -53.23
N GLY U 87 61.12 9.93 -52.91
CA GLY U 87 62.07 9.37 -53.86
C GLY U 87 62.63 8.04 -53.40
N LYS U 88 62.22 6.96 -54.07
CA LYS U 88 62.64 5.61 -53.71
C LYS U 88 63.47 5.02 -54.84
N VAL U 89 64.70 4.62 -54.54
CA VAL U 89 65.62 4.04 -55.51
C VAL U 89 65.99 2.65 -55.00
N PRO U 90 66.04 1.63 -55.86
CA PRO U 90 66.44 0.28 -55.45
C PRO U 90 67.95 0.15 -55.27
N LEU U 103 68.75 -4.28 -53.02
CA LEU U 103 68.85 -2.95 -52.42
C LEU U 103 67.52 -2.20 -52.54
N ASN U 104 67.17 -1.43 -51.51
CA ASN U 104 65.97 -0.61 -51.54
C ASN U 104 66.14 0.52 -50.54
N VAL U 105 66.01 1.76 -51.02
CA VAL U 105 66.15 2.95 -50.20
C VAL U 105 64.98 3.89 -50.51
N GLY U 106 64.29 4.33 -49.49
CA GLY U 106 63.16 5.25 -49.65
C GLY U 106 63.42 6.54 -48.91
N LEU U 107 62.99 7.65 -49.51
CA LEU U 107 63.16 8.99 -48.93
C LEU U 107 61.82 9.68 -48.92
N GLY U 108 61.43 10.21 -47.76
CA GLY U 108 60.20 10.96 -47.64
C GLY U 108 60.43 12.37 -47.15
N GLY U 109 60.14 13.37 -47.98
CA GLY U 109 60.35 14.75 -47.62
C GLY U 109 59.09 15.58 -47.68
N ALA U 110 58.70 16.14 -46.53
CA ALA U 110 57.52 16.97 -46.43
C ALA U 110 57.90 18.36 -45.90
N PHE U 111 57.31 19.39 -46.49
CA PHE U 111 57.57 20.77 -46.09
C PHE U 111 56.24 21.51 -46.03
N SER U 112 55.87 21.96 -44.84
CA SER U 112 54.63 22.69 -44.62
C SER U 112 54.96 24.08 -44.08
N ARG U 113 54.45 25.11 -44.74
CA ARG U 113 54.63 26.49 -44.32
C ARG U 113 53.28 27.17 -44.26
N SER U 114 52.96 27.77 -43.12
CA SER U 114 51.73 28.52 -42.93
C SER U 114 52.06 29.91 -42.41
N VAL U 115 51.52 30.93 -43.07
CA VAL U 115 51.72 32.33 -42.70
C VAL U 115 50.34 32.95 -42.53
N ALA U 116 50.02 33.38 -41.31
CA ALA U 116 48.73 33.98 -40.99
C ALA U 116 48.95 35.42 -40.58
N ASN U 117 48.33 36.35 -41.30
CA ASN U 117 48.41 37.77 -41.02
C ASN U 117 47.06 38.30 -40.60
N TYR U 118 47.05 39.23 -39.64
CA TYR U 118 45.81 39.83 -39.16
C TYR U 118 46.11 41.29 -38.81
N TRP U 119 45.54 42.21 -39.58
CA TRP U 119 45.77 43.64 -39.41
C TRP U 119 44.46 44.33 -39.10
N GLU U 120 44.52 45.33 -38.22
CA GLU U 120 43.38 46.18 -37.92
C GLU U 120 43.84 47.63 -37.88
N PHE U 121 43.12 48.50 -38.58
CA PHE U 121 43.43 49.93 -38.60
C PHE U 121 42.15 50.72 -38.42
N ASP U 122 42.28 51.91 -37.84
CA ASP U 122 41.13 52.73 -37.53
C ASP U 122 40.84 53.78 -38.60
N ARG U 123 41.86 54.48 -39.09
CA ARG U 123 41.68 55.53 -40.08
C ARG U 123 42.80 55.51 -41.09
N LEU U 124 42.44 55.48 -42.37
CA LEU U 124 43.38 55.61 -43.47
C LEU U 124 42.95 56.77 -44.36
N GLU U 125 43.92 57.51 -44.89
CA GLU U 125 43.66 58.71 -45.65
C GLU U 125 44.39 58.64 -46.98
N ARG U 126 43.65 58.87 -48.07
CA ARG U 126 44.15 58.69 -49.43
C ARG U 126 44.41 60.03 -50.09
N TYR U 127 45.56 60.16 -50.74
CA TYR U 127 45.86 61.31 -51.59
C TYR U 127 46.36 60.80 -52.94
N ILE U 128 45.91 61.44 -54.02
CA ILE U 128 46.17 60.95 -55.37
C ILE U 128 46.24 62.14 -56.32
N MET U 129 47.14 62.03 -57.30
CA MET U 129 47.25 63.04 -58.36
C MET U 129 47.38 62.32 -59.70
N GLN U 130 46.98 63.02 -60.76
CA GLN U 130 46.99 62.45 -62.10
C GLN U 130 48.10 63.09 -62.92
N PRO U 131 49.16 62.35 -63.27
CA PRO U 131 50.22 62.93 -64.10
C PRO U 131 49.74 63.25 -65.51
N THR U 132 50.36 64.26 -66.10
CA THR U 132 50.05 64.70 -67.46
C THR U 132 51.28 64.49 -68.35
N ARG U 133 51.03 64.52 -69.67
CA ARG U 133 52.11 64.31 -70.64
C ARG U 133 53.17 65.40 -70.53
N SER U 134 52.74 66.66 -70.40
CA SER U 134 53.70 67.76 -70.32
C SER U 134 54.55 67.67 -69.05
N TYR U 135 53.92 67.36 -67.92
CA TYR U 135 54.66 67.32 -66.65
C TYR U 135 55.71 66.20 -66.66
N VAL U 136 55.35 65.03 -67.16
CA VAL U 136 56.30 63.92 -67.21
C VAL U 136 57.44 64.24 -68.18
N GLN U 137 57.11 64.85 -69.31
CA GLN U 137 58.15 65.24 -70.26
C GLN U 137 59.12 66.25 -69.66
N LYS U 138 58.59 67.20 -68.88
CA LYS U 138 59.46 68.15 -68.19
C LYS U 138 60.36 67.44 -67.18
N CYS U 139 59.81 66.47 -66.45
CA CYS U 139 60.61 65.73 -65.48
C CYS U 139 61.69 64.89 -66.16
N ILE U 140 61.36 64.25 -67.28
CA ILE U 140 62.31 63.37 -67.95
C ILE U 140 63.44 64.13 -68.63
N GLU U 141 63.29 65.44 -68.81
CA GLU U 141 64.33 66.26 -69.42
C GLU U 141 65.30 66.85 -68.41
N ARG U 142 65.17 66.52 -67.13
CA ARG U 142 66.10 67.02 -66.12
C ARG U 142 67.48 66.43 -66.33
N ASP U 143 68.50 67.19 -65.91
CA ASP U 143 69.88 66.74 -66.07
C ASP U 143 70.17 65.51 -65.22
N GLU U 144 69.59 65.44 -64.02
CA GLU U 144 69.82 64.29 -63.15
C GLU U 144 69.29 63.01 -63.78
N VAL U 145 68.10 63.07 -64.39
CA VAL U 145 67.54 61.89 -65.05
C VAL U 145 68.38 61.53 -66.27
N LYS U 146 68.85 62.54 -67.01
CA LYS U 146 69.70 62.28 -68.16
C LYS U 146 71.01 61.62 -67.73
N ARG U 147 71.58 62.06 -66.62
CA ARG U 147 72.77 61.41 -66.08
C ARG U 147 72.48 59.97 -65.69
N TRP U 148 71.34 59.74 -65.03
CA TRP U 148 71.01 58.40 -64.56
C TRP U 148 70.81 57.43 -65.72
N ILE U 149 70.10 57.87 -66.77
CA ILE U 149 69.92 57.00 -67.93
C ILE U 149 71.24 56.82 -68.67
N ALA U 150 72.13 57.81 -68.60
CA ALA U 150 73.46 57.66 -69.19
C ALA U 150 74.31 56.66 -68.43
N LYS U 151 74.00 56.39 -67.16
CA LYS U 151 74.72 55.37 -66.41
C LYS U 151 74.49 53.96 -66.96
N ASN U 152 73.38 53.76 -67.69
CA ASN U 152 73.10 52.45 -68.25
C ASN U 152 74.12 52.10 -69.32
N LYS U 153 74.64 50.87 -69.26
CA LYS U 153 75.66 50.39 -70.19
C LYS U 153 75.31 48.95 -70.58
N SER U 154 74.54 48.81 -71.66
CA SER U 154 74.15 47.49 -72.17
C SER U 154 73.59 47.68 -73.57
N MET U 155 73.46 46.57 -74.28
CA MET U 155 72.93 46.57 -75.64
C MET U 155 71.45 46.17 -75.71
N MET U 156 71.02 45.25 -74.84
CA MET U 156 69.61 44.86 -74.84
C MET U 156 68.71 46.02 -74.47
N MET U 157 69.11 46.81 -73.47
CA MET U 157 68.35 48.00 -73.07
C MET U 157 68.90 49.24 -73.78
N MET U 158 68.74 49.23 -75.10
CA MET U 158 69.20 50.33 -75.96
C MET U 158 68.26 51.51 -75.78
N GLY U 159 68.51 52.27 -74.72
CA GLY U 159 67.63 53.37 -74.36
C GLY U 159 66.41 52.96 -73.57
N ARG U 160 66.37 51.74 -73.06
CA ARG U 160 65.21 51.23 -72.33
C ARG U 160 65.28 51.69 -70.88
N TRP U 161 64.44 52.65 -70.52
CA TRP U 161 64.35 53.16 -69.16
C TRP U 161 63.05 52.68 -68.53
N GLU U 162 63.16 52.11 -67.32
CA GLU U 162 62.01 51.61 -66.58
C GLU U 162 62.05 52.25 -65.19
N VAL U 163 61.42 53.42 -65.07
CA VAL U 163 61.38 54.17 -63.82
C VAL U 163 59.94 54.25 -63.33
N TYR U 164 59.78 54.27 -62.02
CA TYR U 164 58.47 54.35 -61.38
C TYR U 164 58.35 55.69 -60.68
N MET U 165 57.22 56.36 -60.88
CA MET U 165 56.93 57.65 -60.26
C MET U 165 55.84 57.47 -59.22
N ILE U 166 56.05 58.03 -58.02
CA ILE U 166 55.06 57.95 -56.96
C ILE U 166 53.88 58.83 -57.33
N THR U 167 52.70 58.22 -57.46
CA THR U 167 51.50 58.93 -57.87
C THR U 167 50.47 59.10 -56.76
N GLY U 168 50.36 58.14 -55.85
CA GLY U 168 49.40 58.24 -54.76
C GLY U 168 49.99 57.70 -53.48
N ILE U 169 49.54 58.26 -52.37
CA ILE U 169 49.98 57.85 -51.05
C ILE U 169 48.75 57.74 -50.13
N ILE U 170 48.70 56.69 -49.34
CA ILE U 170 47.69 56.53 -48.31
C ILE U 170 48.38 56.46 -46.96
N VAL U 171 47.90 57.25 -46.01
CA VAL U 171 48.57 57.46 -44.72
C VAL U 171 47.66 56.95 -43.61
N ALA U 172 48.23 56.13 -42.72
CA ALA U 172 47.50 55.68 -41.54
C ALA U 172 47.59 56.73 -40.46
N ARG U 173 46.46 57.02 -39.81
CA ARG U 173 46.37 58.05 -38.78
C ARG U 173 45.86 57.39 -37.50
N GLY U 174 46.79 56.90 -36.68
CA GLY U 174 46.43 56.26 -35.43
C GLY U 174 47.04 54.89 -35.24
N GLY U 175 47.95 54.52 -36.14
CA GLY U 175 48.58 53.22 -36.04
C GLY U 175 47.62 52.09 -36.30
N GLY U 176 47.90 50.94 -35.69
CA GLY U 176 47.07 49.77 -35.87
C GLY U 176 47.65 48.58 -35.15
N ARG U 177 46.86 47.52 -35.11
CA ARG U 177 47.24 46.27 -34.45
C ARG U 177 47.59 45.23 -35.49
N LYS U 178 48.78 44.64 -35.36
CA LYS U 178 49.27 43.64 -36.29
C LYS U 178 49.56 42.34 -35.58
N LYS U 179 49.18 41.22 -36.20
CA LYS U 179 49.51 39.90 -35.70
C LYS U 179 50.03 39.06 -36.86
N LYS U 180 51.20 38.44 -36.67
CA LYS U 180 51.80 37.58 -37.68
C LYS U 180 52.21 36.27 -37.03
N GLU U 181 51.87 35.17 -37.69
CA GLU U 181 52.22 33.83 -37.22
C GLU U 181 52.83 33.05 -38.37
N LYS U 182 53.94 32.37 -38.09
CA LYS U 182 54.66 31.61 -39.10
C LYS U 182 54.93 30.21 -38.55
N THR U 183 54.39 29.20 -39.22
CA THR U 183 54.62 27.80 -38.87
C THR U 183 55.41 27.12 -39.98
N THR U 184 56.50 26.46 -39.61
CA THR U 184 57.35 25.75 -40.56
C THR U 184 57.58 24.33 -40.05
N GLY U 185 57.11 23.36 -40.81
CA GLY U 185 57.32 21.97 -40.47
C GLY U 185 58.05 21.21 -41.54
N LYS U 186 59.26 20.73 -41.22
CA LYS U 186 60.10 19.99 -42.17
C LYS U 186 60.33 18.60 -41.63
N GLU U 187 59.78 17.59 -42.31
CA GLU U 187 59.96 16.20 -41.95
C GLU U 187 60.77 15.51 -43.05
N PHE U 188 61.92 14.97 -42.67
CA PHE U 188 62.85 14.34 -43.60
C PHE U 188 63.15 12.94 -43.09
N SER U 189 62.71 11.93 -43.82
CA SER U 189 62.89 10.54 -43.43
C SER U 189 63.58 9.76 -44.55
N VAL U 190 64.57 8.96 -44.18
CA VAL U 190 65.29 8.11 -45.12
C VAL U 190 65.30 6.69 -44.56
N GLU U 191 64.74 5.75 -45.33
CA GLU U 191 64.72 4.35 -44.96
C GLU U 191 65.69 3.59 -45.86
N VAL U 192 66.67 2.94 -45.26
CA VAL U 192 67.67 2.19 -46.02
C VAL U 192 67.57 0.70 -45.72
N PRO U 204 68.61 -0.17 -41.44
CA PRO U 204 69.12 1.19 -41.28
C PRO U 204 68.12 2.26 -41.71
N GLY U 205 68.09 3.39 -41.02
CA GLY U 205 67.18 4.46 -41.36
C GLY U 205 67.22 5.63 -40.39
N GLY U 206 67.18 6.84 -40.93
CA GLY U 206 67.19 8.04 -40.10
C GLY U 206 66.10 9.02 -40.47
N LYS U 207 65.34 9.46 -39.47
CA LYS U 207 64.25 10.41 -39.67
C LYS U 207 64.40 11.57 -38.68
N ARG U 208 64.13 12.78 -39.15
CA ARG U 208 64.26 13.98 -38.33
C ARG U 208 63.14 14.95 -38.65
N ASN U 209 62.49 15.47 -37.61
CA ASN U 209 61.42 16.44 -37.75
C ASN U 209 61.84 17.75 -37.11
N THR U 210 61.69 18.84 -37.86
CA THR U 210 62.01 20.18 -37.38
C THR U 210 60.75 21.04 -37.48
N ALA U 211 60.16 21.35 -36.33
CA ALA U 211 58.94 22.15 -36.26
C ALA U 211 59.25 23.47 -35.56
N ARG U 212 58.96 24.57 -36.25
CA ARG U 212 59.17 25.90 -35.70
C ARG U 212 57.89 26.70 -35.82
N GLN U 213 57.59 27.48 -34.78
CA GLN U 213 56.37 28.27 -34.72
C GLN U 213 56.72 29.63 -34.12
N LYS U 214 56.77 30.65 -34.98
CA LYS U 214 57.13 32.00 -34.56
C LYS U 214 55.89 32.88 -34.52
N THR U 215 55.84 33.77 -33.53
CA THR U 215 54.73 34.67 -33.33
C THR U 215 55.24 36.09 -33.15
N TRP U 216 54.46 37.06 -33.62
CA TRP U 216 54.84 38.47 -33.49
C TRP U 216 53.55 39.30 -33.43
N GLY U 217 53.22 39.78 -32.25
CA GLY U 217 52.08 40.66 -32.05
C GLY U 217 52.57 42.07 -31.72
N THR U 218 51.93 43.06 -32.34
CA THR U 218 52.38 44.43 -32.22
C THR U 218 51.18 45.36 -32.24
N SER U 219 51.34 46.53 -31.58
CA SER U 219 50.35 47.61 -31.62
C SER U 219 51.09 48.89 -32.00
N GLN U 220 51.20 49.13 -33.30
CA GLN U 220 51.85 50.35 -33.79
C GLN U 220 51.02 51.57 -33.42
N THR U 221 51.72 52.61 -32.97
CA THR U 221 51.07 53.87 -32.59
C THR U 221 51.77 55.02 -33.29
N GLY U 222 50.98 55.91 -33.90
CA GLY U 222 51.54 57.07 -34.56
C GLY U 222 51.09 57.23 -36.00
N ASP U 223 51.28 58.43 -36.55
CA ASP U 223 50.91 58.72 -37.93
C ASP U 223 52.10 58.42 -38.85
N PHE U 224 51.84 57.69 -39.93
CA PHE U 224 52.90 57.29 -40.84
C PHE U 224 52.27 56.86 -42.16
N VAL U 225 53.05 56.99 -43.25
CA VAL U 225 52.58 56.56 -44.55
C VAL U 225 52.39 55.05 -44.56
N TRP U 226 51.32 54.59 -45.19
CA TRP U 226 50.93 53.19 -45.16
C TRP U 226 51.21 52.46 -46.47
N ALA U 227 50.85 53.04 -47.60
CA ALA U 227 51.08 52.40 -48.89
C ALA U 227 51.17 53.48 -49.96
N VAL U 228 51.72 53.10 -51.11
CA VAL U 228 51.93 54.02 -52.23
C VAL U 228 51.48 53.36 -53.52
N ARG U 229 51.00 54.19 -54.45
CA ARG U 229 50.63 53.75 -55.79
C ARG U 229 51.60 54.36 -56.79
N LEU U 230 52.17 53.52 -57.65
CA LEU U 230 53.17 53.94 -58.61
C LEU U 230 52.66 53.72 -60.03
N ALA U 231 53.11 54.58 -60.94
CA ALA U 231 52.79 54.47 -62.35
C ALA U 231 54.08 54.18 -63.11
N LYS U 232 54.11 53.06 -63.82
CA LYS U 232 55.31 52.65 -64.55
C LYS U 232 55.48 53.47 -65.81
N ILE U 233 56.70 53.97 -66.03
CA ILE U 233 57.05 54.70 -67.24
C ILE U 233 58.13 53.92 -67.97
N THR U 234 57.87 53.58 -69.23
CA THR U 234 58.78 52.78 -70.02
C THR U 234 59.00 53.42 -71.38
N LYS U 235 60.18 53.15 -71.96
CA LYS U 235 60.53 53.69 -73.27
C LYS U 235 61.56 52.76 -73.89
N SER U 236 61.14 52.01 -74.91
CA SER U 236 62.04 51.03 -75.53
C SER U 236 63.25 51.71 -76.15
N GLY U 237 63.03 52.83 -76.84
CA GLY U 237 64.13 53.54 -77.47
C GLY U 237 63.67 54.92 -77.91
N LEU U 238 64.63 55.67 -78.46
CA LEU U 238 64.33 57.02 -78.95
C LEU U 238 63.38 56.98 -80.14
N HIS U 239 63.42 55.91 -80.94
CA HIS U 239 62.50 55.79 -82.07
C HIS U 239 61.05 55.67 -81.59
N SER U 240 60.81 54.92 -80.53
CA SER U 240 59.48 54.76 -79.98
C SER U 240 59.17 55.89 -79.00
N ASP U 241 57.89 56.05 -78.69
CA ASP U 241 57.42 57.06 -77.76
C ASP U 241 57.34 56.48 -76.35
N TRP U 242 57.74 57.27 -75.36
CA TRP U 242 57.71 56.82 -73.99
C TRP U 242 56.26 56.73 -73.51
N LYS U 243 55.92 55.61 -72.87
CA LYS U 243 54.57 55.35 -72.41
C LYS U 243 54.54 55.26 -70.88
N MET U 244 53.35 55.53 -70.33
CA MET U 244 53.14 55.43 -68.90
C MET U 244 51.81 54.73 -68.64
N GLU U 245 51.77 53.96 -67.54
CA GLU U 245 50.56 53.24 -67.17
C GLU U 245 50.64 52.88 -65.69
N THR U 246 49.49 52.95 -65.02
CA THR U 246 49.42 52.54 -63.62
C THR U 246 49.61 51.04 -63.50
N VAL U 247 50.41 50.62 -62.52
CA VAL U 247 50.72 49.21 -62.33
C VAL U 247 49.56 48.53 -61.63
N PHE U 248 49.09 47.42 -62.20
CA PHE U 248 48.02 46.62 -61.62
C PHE U 248 48.55 45.22 -61.30
N GLY U 249 47.99 44.62 -60.27
CA GLY U 249 48.41 43.29 -59.85
C GLY U 249 49.66 43.29 -59.00
N LYS U 250 50.77 42.85 -59.58
CA LYS U 250 52.06 42.83 -58.91
C LYS U 250 53.08 43.61 -59.72
N THR U 251 54.09 44.13 -59.03
CA THR U 251 55.13 44.90 -59.69
C THR U 251 56.03 44.00 -60.52
N SER U 252 56.78 44.61 -61.44
CA SER U 252 57.67 43.87 -62.32
C SER U 252 58.90 43.31 -61.61
N SER U 253 59.14 43.71 -60.37
CA SER U 253 60.30 43.22 -59.63
C SER U 253 60.15 41.75 -59.29
N PHE U 254 61.27 41.11 -58.96
CA PHE U 254 61.27 39.70 -58.64
C PHE U 254 60.48 39.43 -57.37
N ARG U 255 59.55 38.47 -57.44
CA ARG U 255 58.71 38.08 -56.31
C ARG U 255 57.98 39.30 -55.73
N GLY U 256 57.51 40.18 -56.62
CA GLY U 256 56.81 41.38 -56.21
C GLY U 256 55.52 41.08 -55.46
N GLN U 257 55.32 41.76 -54.34
CA GLN U 257 54.11 41.55 -53.55
C GLN U 257 52.89 42.08 -54.29
N LYS U 258 51.80 41.32 -54.22
CA LYS U 258 50.57 41.71 -54.90
C LYS U 258 49.88 42.84 -54.15
N ALA U 259 49.09 43.62 -54.88
CA ALA U 259 48.38 44.73 -54.28
C ALA U 259 47.38 44.23 -53.25
N ILE U 260 47.33 44.90 -52.09
CA ILE U 260 46.44 44.49 -51.03
C ILE U 260 44.99 44.84 -51.37
N PHE U 261 44.75 46.09 -51.75
CA PHE U 261 43.40 46.54 -52.08
C PHE U 261 43.42 47.79 -52.95
CA GLU V 8 24.97 46.28 -69.55
C GLU V 8 24.80 47.79 -69.59
N GLU V 9 23.89 48.31 -68.77
CA GLU V 9 23.61 49.74 -68.76
C GLU V 9 24.79 50.54 -68.25
N TRP V 10 25.47 50.05 -67.22
CA TRP V 10 26.56 50.78 -66.59
C TRP V 10 27.75 49.87 -66.34
N PHE V 11 28.93 50.47 -66.28
CA PHE V 11 30.16 49.76 -65.97
C PHE V 11 30.63 50.15 -64.58
N PRO V 12 30.55 49.26 -63.59
CA PRO V 12 30.98 49.62 -62.24
C PRO V 12 32.50 49.71 -62.15
N LEU V 13 32.98 50.74 -61.46
CA LEU V 13 34.40 50.93 -61.22
C LEU V 13 34.79 50.35 -59.87
N LYS V 14 35.80 49.48 -59.85
CA LYS V 14 36.31 48.92 -58.60
C LYS V 14 37.45 49.77 -58.06
N GLN V 15 37.22 51.08 -57.96
CA GLN V 15 38.20 52.03 -57.47
C GLN V 15 37.49 53.07 -56.63
N THR V 16 38.17 53.56 -55.58
CA THR V 16 37.54 54.56 -54.67
C THR V 16 38.52 55.72 -54.45
N HIS V 17 39.50 55.87 -55.34
CA HIS V 17 40.50 56.97 -55.22
C HIS V 17 40.11 58.11 -56.17
N TYR V 18 38.84 58.16 -56.58
CA TYR V 18 38.36 59.23 -57.50
C TYR V 18 37.27 60.04 -56.79
N PRO V 19 37.58 61.27 -56.31
CA PRO V 19 36.58 62.12 -55.67
C PRO V 19 35.55 62.61 -56.67
N PRO V 20 34.34 62.93 -56.23
CA PRO V 20 33.30 63.37 -57.16
C PRO V 20 33.48 64.83 -57.55
N PRO V 21 33.14 65.18 -58.78
CA PRO V 21 33.16 66.60 -59.17
C PRO V 21 32.05 67.37 -58.48
N THR V 22 32.29 68.67 -58.29
CA THR V 22 31.25 69.51 -57.71
C THR V 22 30.23 69.92 -58.77
N ILE V 23 29.04 70.27 -58.29
CA ILE V 23 27.95 70.62 -59.22
C ILE V 23 28.27 71.86 -60.05
N PRO V 24 28.76 72.97 -59.49
CA PRO V 24 29.04 74.14 -60.34
C PRO V 24 30.04 73.87 -61.45
N SER V 25 31.04 73.03 -61.19
CA SER V 25 32.06 72.71 -62.18
C SER V 25 31.68 71.54 -63.08
N MET V 26 30.49 70.97 -62.89
CA MET V 26 30.08 69.82 -63.71
C MET V 26 29.90 70.22 -65.17
N LYS V 27 29.30 71.38 -65.42
CA LYS V 27 28.95 71.79 -66.78
C LYS V 27 29.61 73.11 -67.18
N THR V 28 30.66 73.52 -66.49
CA THR V 28 31.36 74.75 -66.83
C THR V 28 32.45 74.57 -67.88
N GLY V 29 32.75 73.33 -68.27
CA GLY V 29 33.79 73.05 -69.23
C GLY V 29 35.14 72.76 -68.62
N HIS V 30 35.34 73.07 -67.35
CA HIS V 30 36.60 72.81 -66.64
C HIS V 30 36.28 72.01 -65.39
N PRO V 31 36.26 70.69 -65.48
CA PRO V 31 35.92 69.87 -64.32
C PRO V 31 36.96 69.96 -63.22
N THR V 32 36.49 69.78 -61.98
CA THR V 32 37.35 69.80 -60.81
C THR V 32 37.64 68.41 -60.27
N GLY V 33 37.29 67.36 -61.00
CA GLY V 33 37.50 66.01 -60.55
C GLY V 33 38.25 65.17 -61.57
N PRO V 34 38.80 64.04 -61.12
CA PRO V 34 39.54 63.17 -62.06
C PRO V 34 38.70 62.65 -63.21
N ILE V 35 37.43 62.36 -62.96
CA ILE V 35 36.52 61.84 -63.98
C ILE V 35 35.24 62.67 -63.96
N SER V 36 34.87 63.19 -65.13
CA SER V 36 33.67 64.00 -65.26
C SER V 36 33.13 63.86 -66.67
N ILE V 37 31.87 64.27 -66.85
CA ILE V 37 31.23 64.19 -68.15
C ILE V 37 31.93 65.14 -69.12
N GLY V 38 32.37 64.62 -70.26
CA GLY V 38 33.09 65.39 -71.25
C GLY V 38 34.52 64.95 -71.49
N HIS V 39 35.00 63.91 -70.81
CA HIS V 39 36.36 63.43 -71.00
C HIS V 39 36.41 62.36 -72.08
N ILE V 40 37.59 62.19 -72.66
CA ILE V 40 37.85 61.17 -73.68
C ILE V 40 39.01 60.31 -73.20
N ILE V 41 38.80 59.00 -73.18
CA ILE V 41 39.84 58.06 -72.74
C ILE V 41 40.16 57.10 -73.88
N PRO V 42 41.42 56.70 -74.05
CA PRO V 42 41.74 55.73 -75.10
C PRO V 42 41.06 54.37 -74.90
N ASP V 43 40.90 53.94 -73.66
CA ASP V 43 40.30 52.64 -73.38
C ASP V 43 39.82 52.64 -71.94
N LEU V 44 39.02 51.63 -71.60
CA LEU V 44 38.51 51.49 -70.24
C LEU V 44 39.65 51.25 -69.25
N ARG V 45 40.62 50.40 -69.63
CA ARG V 45 41.75 50.14 -68.75
C ARG V 45 42.57 51.39 -68.52
N HIS V 46 42.84 52.16 -69.58
CA HIS V 46 43.57 53.41 -69.45
C HIS V 46 42.63 54.54 -69.07
N LEU V 47 41.90 54.35 -67.97
CA LEU V 47 40.90 55.33 -67.53
C LEU V 47 41.53 56.62 -67.00
N ASP V 48 42.76 56.55 -66.50
CA ASP V 48 43.43 57.71 -65.92
C ASP V 48 44.14 58.57 -66.96
N ASN V 49 44.14 58.17 -68.23
CA ASN V 49 44.80 58.91 -69.30
C ASN V 49 43.74 59.75 -70.02
N VAL V 50 43.38 60.88 -69.42
CA VAL V 50 42.40 61.78 -70.00
C VAL V 50 43.06 62.55 -71.15
N ILE V 51 42.52 62.38 -72.36
CA ILE V 51 43.09 63.06 -73.52
C ILE V 51 42.87 64.56 -73.44
N ASN V 52 41.64 64.97 -73.10
CA ASN V 52 41.30 66.38 -72.98
C ASN V 52 41.50 66.86 -71.54
N CYS V 53 42.75 66.80 -71.10
CA CYS V 53 43.09 67.19 -69.73
C CYS V 53 42.86 68.69 -69.51
N LYS V 54 43.15 69.51 -70.53
CA LYS V 54 43.01 70.96 -70.37
C LYS V 54 41.55 71.34 -70.15
N GLY V 55 40.63 70.73 -70.88
CA GLY V 55 39.22 71.02 -70.73
C GLY V 55 38.47 70.72 -72.01
N PHE V 56 37.25 71.26 -72.08
CA PHE V 56 36.38 71.05 -73.24
C PHE V 56 35.39 72.21 -73.30
N GLU V 57 34.70 72.29 -74.44
CA GLU V 57 33.76 73.38 -74.65
C GLU V 57 32.60 73.27 -73.66
N PRO V 58 32.08 74.40 -73.17
CA PRO V 58 30.93 74.35 -72.27
C PRO V 58 29.70 73.80 -72.98
N PHE V 59 28.82 73.19 -72.19
CA PHE V 59 27.61 72.59 -72.75
C PHE V 59 26.71 73.67 -73.33
N PRO V 60 26.19 73.48 -74.55
CA PRO V 60 25.23 74.45 -75.10
C PRO V 60 23.94 74.47 -74.30
N PRO V 61 23.15 75.54 -74.42
CA PRO V 61 21.89 75.60 -73.67
C PRO V 61 20.94 74.45 -73.98
N ASN V 62 20.99 73.90 -75.20
CA ASN V 62 20.18 72.73 -75.50
C ASN V 62 20.57 71.54 -74.64
N MET V 63 21.88 71.36 -74.42
CA MET V 63 22.36 70.29 -73.57
C MET V 63 21.89 70.50 -72.13
N ASP V 64 21.52 69.40 -71.48
CA ASP V 64 21.13 69.44 -70.08
C ASP V 64 21.45 68.09 -69.44
N VAL V 65 21.58 68.09 -68.12
CA VAL V 65 21.92 66.91 -67.35
C VAL V 65 20.68 66.43 -66.62
N PHE V 66 20.39 65.14 -66.71
CA PHE V 66 19.25 64.53 -66.03
C PHE V 66 19.76 63.79 -64.79
N THR V 67 19.08 64.01 -63.67
CA THR V 67 19.52 63.48 -62.38
C THR V 67 18.49 62.47 -61.86
N ALA V 68 18.98 61.44 -61.18
CA ALA V 68 18.15 60.44 -60.54
C ALA V 68 18.68 60.18 -59.13
N HIS V 69 17.79 59.76 -58.25
CA HIS V 69 18.13 59.54 -56.84
C HIS V 69 17.76 58.12 -56.43
N TYR V 70 18.60 57.53 -55.59
CA TYR V 70 18.38 56.18 -55.09
C TYR V 70 18.76 56.13 -53.61
N GLU V 71 17.99 55.35 -52.84
CA GLU V 71 18.23 55.20 -51.42
C GLU V 71 18.20 53.73 -51.04
N GLN V 72 18.96 53.38 -50.00
CA GLN V 72 19.06 52.00 -49.51
C GLN V 72 19.47 51.03 -50.61
N CYS V 73 20.36 51.47 -51.50
CA CYS V 73 20.81 50.64 -52.60
C CYS V 73 21.95 49.74 -52.14
N HIS V 74 21.81 48.44 -52.40
CA HIS V 74 22.83 47.46 -52.04
C HIS V 74 23.04 46.52 -53.22
N PHE V 75 24.25 45.94 -53.28
CA PHE V 75 24.63 45.09 -54.39
C PHE V 75 25.54 43.98 -53.87
N GLY V 76 25.07 42.74 -53.98
CA GLY V 76 25.86 41.59 -53.56
C GLY V 76 25.87 40.51 -54.61
N ASP V 77 27.04 39.91 -54.80
CA ASP V 77 27.21 38.87 -55.80
C ASP V 77 28.19 37.81 -55.29
N HIS V 78 28.10 36.62 -55.88
CA HIS V 78 28.94 35.50 -55.53
C HIS V 78 29.48 34.86 -56.80
N LEU V 79 30.53 34.05 -56.64
CA LEU V 79 31.13 33.37 -57.79
C LEU V 79 31.82 32.10 -57.29
N ASN V 80 31.54 30.99 -57.97
CA ASN V 80 32.17 29.71 -57.68
C ASN V 80 32.75 29.15 -58.97
N SER V 81 34.03 28.81 -58.94
CA SER V 81 34.72 28.24 -60.10
C SER V 81 35.48 27.00 -59.64
N GLU V 82 35.09 25.84 -60.16
CA GLU V 82 35.69 24.57 -59.78
C GLU V 82 36.26 23.91 -61.03
N PHE V 83 37.53 24.20 -61.33
CA PHE V 83 38.23 23.58 -62.44
C PHE V 83 38.87 22.29 -61.95
N VAL V 84 38.29 21.15 -62.32
CA VAL V 84 38.72 19.83 -61.84
C VAL V 84 39.16 19.01 -63.04
N VAL V 85 40.35 18.44 -62.95
CA VAL V 85 40.89 17.54 -63.96
C VAL V 85 41.30 16.24 -63.27
N GLN V 86 40.69 15.13 -63.68
CA GLN V 86 40.97 13.81 -63.12
C GLN V 86 41.51 12.91 -64.23
N ALA V 87 42.62 12.24 -63.95
CA ALA V 87 43.24 11.33 -64.91
C ALA V 87 43.82 10.10 -64.22
N SER V 105 48.38 10.75 -65.69
CA SER V 105 48.42 10.38 -64.28
C SER V 105 48.63 11.60 -63.40
N ALA V 106 47.66 12.52 -63.40
CA ALA V 106 47.75 13.73 -62.61
C ALA V 106 46.35 14.16 -62.20
N GLY V 107 46.27 14.91 -61.10
CA GLY V 107 45.01 15.42 -60.62
C GLY V 107 45.08 16.90 -60.24
N LEU V 108 44.22 17.71 -60.84
CA LEU V 108 44.20 19.15 -60.61
C LEU V 108 42.85 19.56 -60.06
N HIS V 109 42.88 20.39 -59.02
CA HIS V 109 41.66 20.91 -58.40
C HIS V 109 41.87 22.38 -58.08
N HIS V 110 41.25 23.25 -58.88
CA HIS V 110 41.32 24.70 -58.68
C HIS V 110 39.93 25.19 -58.29
N THR V 111 39.78 25.59 -57.03
CA THR V 111 38.51 26.04 -56.49
C THR V 111 38.63 27.52 -56.13
N ASN V 112 37.82 28.34 -56.78
CA ASN V 112 37.76 29.78 -56.50
C ASN V 112 36.38 30.13 -55.98
N ILE V 113 36.33 30.75 -54.81
CA ILE V 113 35.09 31.20 -54.20
C ILE V 113 35.25 32.68 -53.87
N THR V 114 34.42 33.52 -54.49
CA THR V 114 34.48 34.95 -54.32
C THR V 114 33.12 35.49 -53.87
N SER V 115 33.14 36.39 -52.91
CA SER V 115 31.92 37.00 -52.39
C SER V 115 32.15 38.50 -52.22
N ASP V 116 31.25 39.30 -52.78
CA ASP V 116 31.34 40.75 -52.71
C ASP V 116 29.99 41.31 -52.26
N ARG V 117 30.02 42.29 -51.36
CA ARG V 117 28.82 42.94 -50.87
C ARG V 117 29.07 44.43 -50.72
N TRP V 118 28.21 45.24 -51.34
CA TRP V 118 28.24 46.68 -51.20
C TRP V 118 26.90 47.16 -50.66
N GLU V 119 26.92 47.92 -49.57
CA GLU V 119 25.72 48.48 -48.97
C GLU V 119 25.87 49.99 -48.92
N TYR V 120 25.22 50.69 -49.84
CA TYR V 120 25.29 52.14 -49.91
C TYR V 120 24.24 52.76 -48.98
N ASP V 121 24.16 54.08 -49.00
CA ASP V 121 23.17 54.79 -48.21
C ASP V 121 22.38 55.76 -49.08
N SER V 122 23.05 56.36 -50.06
CA SER V 122 22.41 57.28 -50.98
C SER V 122 23.24 57.36 -52.24
N VAL V 123 22.58 57.30 -53.40
CA VAL V 123 23.24 57.30 -54.69
C VAL V 123 22.55 58.31 -55.61
N VAL V 124 23.34 59.07 -56.35
CA VAL V 124 22.84 60.03 -57.33
C VAL V 124 23.43 59.68 -58.68
N GLU V 125 22.62 59.83 -59.73
CA GLU V 125 23.00 59.47 -61.08
C GLU V 125 22.80 60.66 -62.01
N TYR V 126 23.84 61.01 -62.76
CA TYR V 126 23.80 62.10 -63.72
C TYR V 126 24.01 61.53 -65.12
N ALA V 127 23.14 61.92 -66.07
CA ALA V 127 23.23 61.43 -67.43
C ALA V 127 23.05 62.59 -68.41
N VAL V 128 23.59 62.41 -69.61
CA VAL V 128 23.51 63.39 -70.69
C VAL V 128 23.41 62.64 -72.01
N TYR V 129 23.04 63.37 -73.07
CA TYR V 129 22.93 62.79 -74.40
C TYR V 129 23.74 63.64 -75.38
N PRO V 130 24.58 63.04 -76.21
CA PRO V 130 25.43 63.82 -77.11
C PRO V 130 24.68 64.25 -78.36
N THR V 131 25.36 65.08 -79.15
CA THR V 131 24.83 65.57 -80.42
C THR V 131 25.94 65.51 -81.46
N ARG V 132 25.54 65.34 -82.73
CA ARG V 132 26.50 65.19 -83.81
C ARG V 132 27.43 66.41 -83.91
N GLN V 133 26.85 67.61 -83.87
CA GLN V 133 27.66 68.81 -83.99
C GLN V 133 28.55 69.01 -82.78
N TYR V 134 28.06 68.67 -81.59
CA TYR V 134 28.87 68.84 -80.37
C TYR V 134 30.09 67.92 -80.39
N ILE V 135 29.91 66.68 -80.83
CA ILE V 135 31.05 65.76 -80.91
C ILE V 135 32.01 66.22 -81.99
N ASP V 136 31.49 66.72 -83.11
CA ASP V 136 32.37 67.20 -84.18
C ASP V 136 33.22 68.38 -83.73
N ARG V 137 32.63 69.33 -83.00
CA ARG V 137 33.40 70.45 -82.50
C ARG V 137 34.32 70.02 -81.36
N LEU V 138 33.97 68.95 -80.65
CA LEU V 138 34.86 68.41 -79.62
C LEU V 138 36.10 67.78 -80.24
N LEU V 139 35.95 67.13 -81.40
CA LEU V 139 37.08 66.52 -82.11
C LEU V 139 38.06 67.56 -82.64
N GLU V 140 37.66 68.83 -82.70
CA GLU V 140 38.53 69.91 -83.17
C GLU V 140 39.44 70.45 -82.07
N SER V 141 39.34 69.94 -80.86
CA SER V 141 40.19 70.40 -79.77
C SER V 141 41.64 70.03 -80.04
N LYS V 142 42.55 70.83 -79.46
CA LYS V 142 43.97 70.66 -79.73
C LYS V 142 44.46 69.28 -79.30
N GLU V 143 44.18 68.89 -78.06
CA GLU V 143 44.61 67.59 -77.57
C GLU V 143 43.91 66.46 -78.32
N VAL V 144 42.61 66.63 -78.60
CA VAL V 144 41.86 65.59 -79.30
C VAL V 144 42.38 65.44 -80.73
N ARG V 145 42.63 66.55 -81.42
CA ARG V 145 43.11 66.46 -82.80
C ARG V 145 44.52 65.89 -82.86
N GLN V 146 45.35 66.21 -81.86
CA GLN V 146 46.69 65.62 -81.82
C GLN V 146 46.62 64.11 -81.66
N TYR V 147 45.75 63.63 -80.77
CA TYR V 147 45.65 62.18 -80.55
C TYR V 147 45.11 61.46 -81.77
N ILE V 148 44.09 62.02 -82.43
CA ILE V 148 43.50 61.34 -83.57
C ILE V 148 44.48 61.29 -84.75
N GLN V 149 45.30 62.35 -84.90
CA GLN V 149 46.34 62.32 -85.93
C GLN V 149 47.38 61.25 -85.63
N LYS V 150 47.79 61.13 -84.36
CA LYS V 150 48.75 60.09 -83.98
C LYS V 150 48.15 58.70 -84.17
N SER V 151 46.89 58.52 -83.79
CA SER V 151 46.25 57.22 -83.97
C SER V 151 46.10 56.88 -85.45
N LYS V 152 45.72 57.85 -86.28
CA LYS V 152 45.60 57.59 -87.71
C LYS V 152 46.95 57.28 -88.33
N LYS V 153 48.01 57.99 -87.90
CA LYS V 153 49.34 57.72 -88.40
C LYS V 153 49.82 56.32 -88.00
N LEU V 154 49.51 55.91 -86.77
CA LEU V 154 49.96 54.61 -86.28
C LEU V 154 49.00 53.49 -86.70
N LEU V 155 47.73 53.63 -86.37
CA LEU V 155 46.73 52.62 -86.66
C LEU V 155 45.90 53.01 -87.88
N GLY V 156 45.42 52.01 -88.61
CA GLY V 156 44.61 52.27 -89.78
C GLY V 156 43.28 52.93 -89.43
N GLY V 157 42.62 52.45 -88.38
CA GLY V 157 41.37 53.03 -87.94
C GLY V 157 41.38 53.40 -86.47
N TRP V 158 41.06 54.65 -86.16
CA TRP V 158 41.09 55.14 -84.80
C TRP V 158 39.77 54.86 -84.10
N CYS V 159 39.84 54.72 -82.77
CA CYS V 159 38.67 54.50 -81.94
C CYS V 159 38.94 55.03 -80.55
N VAL V 160 38.00 55.81 -80.02
CA VAL V 160 38.10 56.40 -78.69
C VAL V 160 36.79 56.19 -77.95
N TYR V 161 36.81 56.53 -76.66
CA TYR V 161 35.64 56.43 -75.81
C TYR V 161 35.40 57.75 -75.10
N MET V 162 34.13 58.05 -74.84
CA MET V 162 33.74 59.26 -74.14
C MET V 162 32.83 58.91 -72.98
N VAL V 163 33.10 59.50 -71.82
CA VAL V 163 32.27 59.30 -70.64
C VAL V 163 30.98 60.10 -70.79
N THR V 164 29.85 59.43 -70.59
CA THR V 164 28.54 60.05 -70.77
C THR V 164 27.85 60.37 -69.45
N GLY V 165 27.76 59.40 -68.55
CA GLY V 165 27.15 59.62 -67.25
C GLY V 165 28.02 59.06 -66.15
N ILE V 166 27.76 59.56 -64.93
CA ILE V 166 28.49 59.13 -63.74
C ILE V 166 27.48 58.90 -62.63
N MET V 167 27.72 57.85 -61.83
CA MET V 167 26.91 57.55 -60.67
C MET V 167 27.76 57.78 -59.42
N VAL V 168 27.27 58.63 -58.52
CA VAL V 168 28.06 59.10 -57.38
C VAL V 168 27.34 58.67 -56.10
N ALA V 169 28.09 58.02 -55.20
CA ALA V 169 27.57 57.68 -53.89
C ALA V 169 27.66 58.88 -52.95
N ARG V 170 26.89 58.83 -51.87
CA ARG V 170 26.87 59.89 -50.87
C ARG V 170 27.16 59.27 -49.50
N GLY V 171 28.22 59.74 -48.85
CA GLY V 171 28.58 59.23 -47.54
C GLY V 171 29.25 57.88 -47.54
N GLY V 172 29.60 57.35 -48.72
CA GLY V 172 30.23 56.05 -48.79
C GLY V 172 29.27 54.91 -48.49
N GLY V 173 29.85 53.73 -48.31
CA GLY V 173 29.07 52.55 -48.00
C GLY V 173 29.97 51.42 -47.55
N ARG V 174 29.37 50.51 -46.77
CA ARG V 174 30.10 49.37 -46.26
C ARG V 174 30.44 48.40 -47.38
N ASN V 175 31.64 47.80 -47.30
CA ASN V 175 32.09 46.83 -48.28
C ASN V 175 32.66 45.61 -47.55
N VAL V 176 32.25 44.42 -48.00
CA VAL V 176 32.75 43.16 -47.47
C VAL V 176 33.20 42.30 -48.64
N THR V 177 34.44 41.83 -48.59
CA THR V 177 35.02 41.00 -49.65
C THR V 177 35.59 39.74 -49.02
N SER V 178 35.25 38.59 -49.61
CA SER V 178 35.72 37.29 -49.14
C SER V 178 36.21 36.50 -50.35
N GLU V 179 37.51 36.21 -50.38
CA GLU V 179 38.12 35.47 -51.47
C GLU V 179 38.78 34.20 -50.91
N GLU V 180 38.56 33.08 -51.59
CA GLU V 180 39.13 31.80 -51.19
C GLU V 180 39.61 31.08 -52.44
N LYS V 181 40.92 30.86 -52.53
CA LYS V 181 41.53 30.21 -53.68
C LYS V 181 42.29 28.98 -53.20
N GLY V 182 41.85 27.80 -53.64
CA GLY V 182 42.53 26.57 -53.31
C GLY V 182 42.98 25.81 -54.54
N ALA V 183 44.30 25.60 -54.66
CA ALA V 183 44.88 24.91 -55.80
C ALA V 183 45.59 23.66 -55.31
N GLY V 184 45.15 22.50 -55.81
CA GLY V 184 45.78 21.25 -55.46
C GLY V 184 46.18 20.44 -56.67
N VAL V 185 47.48 20.22 -56.84
CA VAL V 185 48.01 19.46 -57.97
C VAL V 185 48.77 18.27 -57.41
N SER V 186 48.39 17.07 -57.85
CA SER V 186 49.05 15.83 -57.45
C SER V 186 49.51 15.11 -58.71
N GLY V 187 50.82 15.01 -58.88
CA GLY V 187 51.42 14.37 -60.04
C GLY V 187 52.12 13.08 -59.65
N ASN V 188 51.82 12.02 -60.38
CA ASN V 188 52.41 10.70 -60.17
C ASN V 188 53.30 10.36 -61.35
N VAL V 189 54.55 10.01 -61.05
CA VAL V 189 55.54 9.67 -62.08
C VAL V 189 55.93 8.21 -61.88
N GLY V 190 55.87 7.44 -62.96
CA GLY V 190 56.22 6.03 -62.91
C GLY V 190 56.91 5.53 -64.16
N PHE V 199 62.09 3.62 -59.23
CA PHE V 199 62.08 5.07 -59.11
C PHE V 199 60.74 5.64 -59.57
N ALA V 200 59.85 5.89 -58.62
CA ALA V 200 58.50 6.40 -58.89
C ALA V 200 58.24 7.60 -58.00
N PRO V 201 58.81 8.76 -58.32
CA PRO V 201 58.58 9.95 -57.50
C PRO V 201 57.15 10.44 -57.62
N GLU V 202 56.67 11.08 -56.55
CA GLU V 202 55.34 11.68 -56.51
C GLU V 202 55.45 13.09 -55.96
N VAL V 203 54.76 14.03 -56.62
CA VAL V 203 54.80 15.43 -56.23
C VAL V 203 53.38 15.86 -55.84
N GLY V 204 53.23 16.38 -54.64
CA GLY V 204 51.95 16.86 -54.17
C GLY V 204 51.99 18.28 -53.65
N TRP V 205 51.31 19.20 -54.34
CA TRP V 205 51.27 20.60 -53.95
C TRP V 205 49.84 20.96 -53.58
N ASP V 206 49.66 21.51 -52.38
CA ASP V 206 48.33 21.86 -51.86
C ASP V 206 48.44 23.25 -51.24
N THR V 207 48.01 24.27 -51.96
CA THR V 207 48.06 25.65 -51.48
C THR V 207 46.64 26.20 -51.31
N LYS V 208 46.46 27.02 -50.27
CA LYS V 208 45.19 27.64 -49.98
C LYS V 208 45.41 29.10 -49.59
N THR V 209 44.51 29.96 -50.04
CA THR V 209 44.59 31.39 -49.75
C THR V 209 43.24 31.91 -49.34
N LYS V 210 43.18 32.59 -48.20
CA LYS V 210 41.95 33.22 -47.71
C LYS V 210 42.19 34.71 -47.51
N THR V 211 41.18 35.51 -47.83
CA THR V 211 41.28 36.96 -47.69
C THR V 211 39.88 37.51 -47.39
N LYS V 212 39.72 38.10 -46.22
CA LYS V 212 38.47 38.74 -45.81
C LYS V 212 38.76 40.18 -45.46
N VAL V 213 38.20 41.10 -46.24
CA VAL V 213 38.45 42.54 -46.09
C VAL V 213 37.14 43.23 -45.76
N ASN V 214 37.14 43.99 -44.67
CA ASN V 214 36.00 44.80 -44.27
C ASN V 214 36.39 46.27 -44.34
N ALA V 215 35.58 47.08 -45.02
CA ALA V 215 35.86 48.49 -45.20
C ALA V 215 34.59 49.30 -44.94
N HIS V 216 34.78 50.48 -44.34
CA HIS V 216 33.68 51.41 -44.05
C HIS V 216 34.09 52.78 -44.56
N HIS V 217 33.79 53.05 -45.83
CA HIS V 217 34.08 54.36 -46.41
C HIS V 217 33.11 55.40 -45.87
N THR V 218 33.61 56.63 -45.72
CA THR V 218 32.83 57.75 -45.19
C THR V 218 33.05 58.99 -46.03
N THR V 219 33.15 58.82 -47.34
CA THR V 219 33.32 59.95 -48.25
C THR V 219 32.73 59.59 -49.61
N ASP V 220 32.41 60.62 -50.39
CA ASP V 220 31.80 60.42 -51.69
C ASP V 220 32.84 59.98 -52.72
N PHE V 221 32.40 59.15 -53.66
CA PHE V 221 33.27 58.66 -54.72
C PHE V 221 32.42 58.23 -55.91
N VAL V 222 33.07 58.12 -57.06
CA VAL V 222 32.39 57.74 -58.30
C VAL V 222 32.21 56.23 -58.34
N CYS V 223 30.99 55.79 -58.62
CA CYS V 223 30.67 54.37 -58.63
C CYS V 223 30.78 53.76 -60.03
N ALA V 224 30.02 54.28 -60.98
CA ALA V 224 29.97 53.69 -62.31
C ALA V 224 29.83 54.78 -63.35
N ILE V 225 30.22 54.46 -64.59
CA ILE V 225 30.18 55.39 -65.71
C ILE V 225 29.61 54.69 -66.93
N ARG V 226 29.15 55.49 -67.89
CA ARG V 226 28.70 55.00 -69.19
C ARG V 226 29.63 55.51 -70.27
N LEU V 227 29.99 54.62 -71.19
CA LEU V 227 30.97 54.92 -72.23
C LEU V 227 30.30 54.87 -73.60
N VAL V 228 30.60 55.87 -74.42
CA VAL V 228 30.14 55.93 -75.81
C VAL V 228 31.36 55.78 -76.72
N LYS V 229 31.29 54.82 -77.64
CA LYS V 229 32.41 54.47 -78.50
C LYS V 229 32.32 55.25 -79.81
N ILE V 230 33.40 55.98 -80.12
CA ILE V 230 33.51 56.72 -81.38
C ILE V 230 34.66 56.12 -82.17
N ALA V 231 34.35 55.57 -83.35
CA ALA V 231 35.33 54.92 -84.19
C ALA V 231 35.15 55.33 -85.64
N LYS V 232 36.23 55.26 -86.39
CA LYS V 232 36.20 55.54 -87.83
C LYS V 232 37.33 54.77 -88.50
N SER V 233 36.99 54.04 -89.57
CA SER V 233 37.98 53.26 -90.30
C SER V 233 37.50 53.08 -91.73
N GLY V 234 38.43 52.74 -92.61
CA GLY V 234 38.10 52.55 -94.01
C GLY V 234 37.82 53.83 -94.76
N LEU V 235 38.35 54.96 -94.30
CA LEU V 235 38.14 56.27 -94.94
C LEU V 235 36.64 56.59 -95.02
N ARG V 236 35.96 56.42 -93.90
CA ARG V 236 34.54 56.74 -93.83
C ARG V 236 34.32 58.25 -93.91
N SER V 237 33.20 58.63 -94.51
CA SER V 237 32.88 60.06 -94.64
C SER V 237 32.69 60.70 -93.27
N SER V 238 32.01 60.00 -92.35
CA SER V 238 31.78 60.48 -91.01
C SER V 238 32.04 59.35 -90.02
N TRP V 239 32.39 59.73 -88.79
CA TRP V 239 32.67 58.75 -87.75
C TRP V 239 31.38 58.08 -87.29
N THR V 240 31.54 56.96 -86.60
CA THR V 240 30.42 56.14 -86.12
C THR V 240 30.37 56.18 -84.61
N MET V 241 29.17 56.38 -84.06
CA MET V 241 28.94 56.43 -82.63
C MET V 241 28.10 55.24 -82.21
N LYS V 242 28.56 54.50 -81.19
CA LYS V 242 27.89 53.30 -80.73
C LYS V 242 27.92 53.27 -79.21
N LYS V 243 27.10 52.38 -78.64
CA LYS V 243 27.03 52.16 -77.21
C LYS V 243 27.67 50.83 -76.86
N VAL V 244 28.23 50.75 -75.65
CA VAL V 244 28.95 49.58 -75.18
C VAL V 244 28.25 49.04 -73.95
N THR V 245 27.97 47.73 -73.94
CA THR V 245 27.33 47.07 -72.82
C THR V 245 28.15 45.84 -72.42
N ARG V 246 28.10 45.52 -71.13
CA ARG V 246 28.81 44.36 -70.61
C ARG V 246 27.97 43.09 -70.77
#